data_4A34
#
_entry.id   4A34
#
_cell.length_a   64.319
_cell.length_b   144.158
_cell.length_c   165.460
_cell.angle_alpha   90.00
_cell.angle_beta   97.51
_cell.angle_gamma   90.00
#
_symmetry.space_group_name_H-M   'P 1 21 1'
#
loop_
_entity.id
_entity.type
_entity.pdbx_description
1 polymer 'RBSD/FUCU TRANSPORT PROTEIN FAMILY PROTEIN'
2 non-polymer beta-L-fucopyranose
3 non-polymer 'POTASSIUM ION'
4 water water
#
_entity_poly.entity_id   1
_entity_poly.type   'polypeptide(L)'
_entity_poly.pdbx_seq_one_letter_code
;MLKHIPKNISPDLLKTLMEMGHGDEIVLADANYPSASCANKLIRCDGVNIPELLDSILYLMPLDSYVDSSIQFMNVVSGD
DIPKIWGTYRQMIEGHGTDLKTITYLRREDFYERSKKAYAIVATGETSLYANIILKKGVVVERENVQ
;
_entity_poly.pdbx_strand_id   A,B,C,D,E,F,G,H,I,J,K,L,M,N,O,P,Q,R,S,T
#
# COMPACT_ATOMS: atom_id res chain seq x y z
N LEU A 2 13.29 -24.27 -33.55
CA LEU A 2 12.96 -22.82 -33.60
C LEU A 2 14.09 -21.97 -34.17
N LYS A 3 13.75 -20.79 -34.68
CA LYS A 3 14.71 -19.84 -35.24
C LYS A 3 15.68 -19.33 -34.18
N HIS A 4 16.91 -19.06 -34.61
CA HIS A 4 17.93 -18.40 -33.76
C HIS A 4 18.36 -19.20 -32.52
N ILE A 5 17.95 -20.47 -32.46
CA ILE A 5 18.47 -21.41 -31.47
C ILE A 5 19.26 -22.48 -32.24
N PRO A 6 20.47 -22.82 -31.77
CA PRO A 6 21.22 -23.93 -32.39
C PRO A 6 20.37 -25.19 -32.55
N LYS A 7 20.58 -25.90 -33.65
CA LYS A 7 19.74 -27.06 -34.00
C LYS A 7 20.14 -28.39 -33.34
N ASN A 8 21.27 -28.40 -32.62
CA ASN A 8 21.77 -29.64 -31.99
C ASN A 8 21.69 -29.68 -30.44
N ILE A 9 21.01 -28.71 -29.84
CA ILE A 9 20.64 -28.80 -28.44
C ILE A 9 19.14 -29.05 -28.30
N SER A 10 18.81 -30.12 -27.57
CA SER A 10 17.45 -30.63 -27.44
C SER A 10 16.55 -29.78 -26.54
N PRO A 11 15.21 -29.98 -26.66
CA PRO A 11 14.22 -29.31 -25.83
C PRO A 11 14.52 -29.36 -24.34
N ASP A 12 14.77 -30.55 -23.80
CA ASP A 12 15.02 -30.64 -22.37
C ASP A 12 16.40 -30.10 -22.03
N LEU A 13 17.32 -30.15 -23.00
CA LEU A 13 18.65 -29.57 -22.77
C LEU A 13 18.53 -28.07 -22.57
N LEU A 14 17.78 -27.40 -23.43
CA LEU A 14 17.63 -25.95 -23.32
C LEU A 14 17.02 -25.54 -21.99
N LYS A 15 15.90 -26.16 -21.64
CA LYS A 15 15.26 -25.92 -20.36
C LYS A 15 16.28 -26.05 -19.22
N THR A 16 17.16 -27.05 -19.33
CA THR A 16 18.15 -27.32 -18.30
C THR A 16 19.18 -26.20 -18.19
N LEU A 17 19.72 -25.77 -19.33
CA LEU A 17 20.70 -24.69 -19.37
C LEU A 17 20.08 -23.40 -18.86
N MET A 18 18.84 -23.14 -19.29
CA MET A 18 18.04 -22.01 -18.80
C MET A 18 17.81 -22.01 -17.29
N GLU A 19 17.46 -23.17 -16.72
CA GLU A 19 17.12 -23.25 -15.29
C GLU A 19 18.34 -23.31 -14.37
N MET A 20 19.49 -23.73 -14.91
CA MET A 20 20.76 -23.61 -14.19
C MET A 20 21.00 -22.13 -13.89
N GLY A 21 21.77 -21.87 -12.84
CA GLY A 21 22.08 -20.51 -12.46
C GLY A 21 23.55 -20.41 -12.14
N HIS A 22 23.92 -19.33 -11.46
CA HIS A 22 25.34 -19.10 -11.22
C HIS A 22 25.91 -20.16 -10.31
N GLY A 23 26.87 -20.91 -10.84
CA GLY A 23 27.66 -21.85 -10.06
C GLY A 23 27.39 -23.30 -10.40
N ASP A 24 26.23 -23.56 -11.00
CA ASP A 24 25.80 -24.91 -11.37
C ASP A 24 26.70 -25.48 -12.46
N GLU A 25 26.91 -26.79 -12.39
CA GLU A 25 27.78 -27.45 -13.34
C GLU A 25 26.99 -28.40 -14.22
N ILE A 26 27.46 -28.60 -15.44
CA ILE A 26 26.87 -29.54 -16.37
C ILE A 26 27.97 -30.37 -17.01
N VAL A 27 27.76 -31.67 -17.05
CA VAL A 27 28.73 -32.60 -17.62
C VAL A 27 28.29 -33.00 -19.02
N LEU A 28 29.22 -32.88 -19.97
CA LEU A 28 29.01 -33.38 -21.31
C LEU A 28 29.86 -34.61 -21.37
N ALA A 29 29.22 -35.78 -21.48
CA ALA A 29 29.89 -37.05 -21.25
C ALA A 29 30.01 -37.84 -22.54
N ASP A 30 31.14 -38.51 -22.71
CA ASP A 30 31.38 -39.25 -23.94
C ASP A 30 30.62 -40.57 -23.92
N ALA A 31 30.60 -41.26 -25.06
CA ALA A 31 29.81 -42.49 -25.19
C ALA A 31 30.19 -43.60 -24.21
N ASN A 32 31.32 -43.46 -23.52
CA ASN A 32 31.75 -44.48 -22.57
C ASN A 32 31.53 -44.12 -21.10
N TYR A 33 31.00 -42.92 -20.86
CA TYR A 33 30.78 -42.45 -19.50
C TYR A 33 29.60 -43.15 -18.80
N PRO A 34 29.74 -43.43 -17.49
CA PRO A 34 28.62 -43.90 -16.67
C PRO A 34 27.63 -42.76 -16.36
N SER A 35 26.98 -42.25 -17.40
CA SER A 35 26.15 -41.07 -17.27
C SER A 35 24.88 -41.37 -16.49
N ALA A 36 24.16 -42.39 -16.94
CA ALA A 36 22.93 -42.82 -16.29
C ALA A 36 23.14 -43.08 -14.79
N SER A 37 24.19 -43.82 -14.43
CA SER A 37 24.44 -44.19 -13.03
C SER A 37 24.94 -43.06 -12.14
N CYS A 38 25.54 -42.04 -12.73
CA CYS A 38 26.00 -40.85 -11.99
C CYS A 38 25.01 -39.67 -11.92
N ALA A 39 24.15 -39.52 -12.93
CA ALA A 39 23.34 -38.31 -13.06
C ALA A 39 22.30 -38.03 -11.98
N ASN A 40 22.42 -36.87 -11.35
CA ASN A 40 21.33 -36.25 -10.62
C ASN A 40 20.15 -36.00 -11.58
N LYS A 41 20.46 -35.55 -12.78
CA LYS A 41 19.47 -35.31 -13.81
C LYS A 41 20.11 -35.74 -15.14
N LEU A 42 19.46 -36.65 -15.84
CA LEU A 42 19.99 -37.23 -17.07
C LEU A 42 19.29 -36.75 -18.34
N ILE A 43 20.08 -36.20 -19.25
CA ILE A 43 19.60 -35.79 -20.56
C ILE A 43 20.35 -36.67 -21.52
N ARG A 44 19.63 -37.34 -22.41
CA ARG A 44 20.29 -38.23 -23.35
C ARG A 44 20.38 -37.55 -24.71
N CYS A 45 21.58 -37.51 -25.29
CA CYS A 45 21.79 -36.98 -26.63
C CYS A 45 22.72 -37.89 -27.41
N ASP A 46 22.33 -39.16 -27.47
CA ASP A 46 23.17 -40.25 -27.98
C ASP A 46 23.64 -40.09 -29.41
N GLY A 47 22.98 -39.23 -30.19
CA GLY A 47 23.39 -38.97 -31.55
C GLY A 47 24.37 -37.83 -31.73
N VAL A 48 24.65 -37.07 -30.66
CA VAL A 48 25.45 -35.84 -30.79
C VAL A 48 26.90 -36.06 -30.36
N ASN A 49 27.84 -35.41 -31.04
CA ASN A 49 29.24 -35.41 -30.58
C ASN A 49 29.52 -34.18 -29.71
N ILE A 50 30.61 -34.23 -28.95
CA ILE A 50 30.85 -33.16 -27.97
C ILE A 50 31.32 -31.84 -28.55
N PRO A 51 32.22 -31.84 -29.55
CA PRO A 51 32.69 -30.55 -30.03
C PRO A 51 31.57 -29.65 -30.56
N GLU A 52 30.63 -30.21 -31.32
CA GLU A 52 29.48 -29.43 -31.79
C GLU A 52 28.60 -28.98 -30.63
N LEU A 53 28.43 -29.85 -29.63
CA LEU A 53 27.61 -29.54 -28.47
C LEU A 53 28.24 -28.45 -27.62
N LEU A 54 29.56 -28.56 -27.38
CA LEU A 54 30.30 -27.56 -26.61
C LEU A 54 30.21 -26.18 -27.29
N ASP A 55 30.17 -26.19 -28.62
CA ASP A 55 30.08 -24.96 -29.38
C ASP A 55 28.73 -24.27 -29.17
N SER A 56 27.65 -25.05 -29.17
CA SER A 56 26.32 -24.50 -28.97
C SER A 56 26.10 -24.01 -27.54
N ILE A 57 26.70 -24.71 -26.57
CA ILE A 57 26.47 -24.36 -25.19
C ILE A 57 27.18 -23.08 -24.84
N LEU A 58 28.45 -22.99 -25.20
CA LEU A 58 29.23 -21.79 -24.96
C LEU A 58 28.59 -20.55 -25.60
N TYR A 59 27.98 -20.72 -26.76
CA TYR A 59 27.22 -19.65 -27.43
C TYR A 59 26.10 -19.09 -26.54
N LEU A 60 25.43 -19.99 -25.81
CA LEU A 60 24.28 -19.61 -24.97
C LEU A 60 24.65 -19.33 -23.51
N MET A 61 25.63 -20.07 -23.00
CA MET A 61 25.91 -20.06 -21.57
C MET A 61 27.28 -19.47 -21.25
N PRO A 62 27.33 -18.38 -20.46
CA PRO A 62 28.60 -17.86 -20.01
C PRO A 62 29.22 -18.78 -18.96
N LEU A 63 30.54 -18.71 -18.84
CA LEU A 63 31.25 -19.54 -17.89
C LEU A 63 31.59 -18.76 -16.64
N ASP A 64 31.73 -19.47 -15.53
CA ASP A 64 31.94 -18.83 -14.24
C ASP A 64 33.31 -18.16 -14.15
N SER A 65 33.29 -16.85 -14.01
CA SER A 65 34.51 -16.06 -13.81
C SER A 65 34.95 -16.07 -12.33
N TYR A 66 34.02 -16.41 -11.45
CA TYR A 66 34.22 -16.25 -10.00
C TYR A 66 35.05 -17.38 -9.37
N VAL A 67 35.42 -18.36 -10.19
CA VAL A 67 36.34 -19.42 -9.78
C VAL A 67 37.51 -19.44 -10.75
N ASP A 68 38.62 -20.07 -10.36
CA ASP A 68 39.82 -20.12 -11.21
C ASP A 68 39.74 -21.24 -12.24
N SER A 69 38.96 -22.26 -11.94
CA SER A 69 38.67 -23.30 -12.93
C SER A 69 37.16 -23.47 -13.21
N SER A 70 36.73 -23.01 -14.39
CA SER A 70 35.33 -23.17 -14.81
C SER A 70 35.12 -24.33 -15.78
N ILE A 71 36.21 -25.00 -16.15
CA ILE A 71 36.16 -26.16 -17.04
C ILE A 71 37.09 -27.23 -16.48
N GLN A 72 36.66 -28.48 -16.55
CA GLN A 72 37.49 -29.62 -16.17
C GLN A 72 37.45 -30.66 -17.25
N PHE A 73 38.59 -31.28 -17.55
CA PHE A 73 38.62 -32.50 -18.37
C PHE A 73 38.91 -33.69 -17.47
N MET A 74 38.85 -34.90 -18.03
CA MET A 74 39.25 -36.10 -17.32
C MET A 74 40.67 -36.49 -17.74
N ASN A 75 41.55 -36.61 -16.76
CA ASN A 75 42.94 -36.97 -17.00
C ASN A 75 43.08 -38.43 -17.38
N VAL A 76 44.14 -38.74 -18.11
CA VAL A 76 44.38 -40.12 -18.53
C VAL A 76 45.05 -40.91 -17.41
N VAL A 77 44.87 -42.23 -17.43
CA VAL A 77 45.68 -43.14 -16.61
C VAL A 77 46.83 -43.62 -17.51
N SER A 78 48.05 -43.63 -16.99
CA SER A 78 49.20 -44.12 -17.76
C SER A 78 49.16 -45.64 -17.93
N GLY A 79 49.38 -46.15 -19.14
CA GLY A 79 49.66 -45.33 -20.31
C GLY A 79 48.53 -45.40 -21.32
N ASP A 80 47.65 -44.41 -21.28
CA ASP A 80 46.68 -44.21 -22.32
C ASP A 80 47.13 -43.02 -23.12
N ASP A 81 46.64 -42.91 -24.35
CA ASP A 81 46.95 -41.75 -25.18
C ASP A 81 46.19 -40.53 -24.68
N ILE A 82 46.88 -39.39 -24.66
CA ILE A 82 46.22 -38.11 -24.54
C ILE A 82 45.38 -37.96 -25.81
N PRO A 83 44.05 -37.83 -25.66
CA PRO A 83 43.19 -37.79 -26.85
C PRO A 83 43.36 -36.50 -27.66
N LYS A 84 43.31 -36.63 -28.99
CA LYS A 84 43.42 -35.48 -29.89
C LYS A 84 42.28 -34.47 -29.70
N ILE A 85 41.12 -34.95 -29.23
CA ILE A 85 39.92 -34.12 -29.13
C ILE A 85 40.09 -32.93 -28.19
N TRP A 86 40.97 -33.06 -27.21
CA TRP A 86 41.28 -31.95 -26.31
C TRP A 86 41.68 -30.72 -27.10
N GLY A 87 42.48 -30.95 -28.15
CA GLY A 87 42.94 -29.88 -29.03
C GLY A 87 41.81 -29.16 -29.71
N THR A 88 40.84 -29.92 -30.21
CA THR A 88 39.60 -29.34 -30.75
C THR A 88 38.87 -28.52 -29.68
N TYR A 89 38.75 -29.08 -28.48
CA TYR A 89 38.10 -28.40 -27.36
C TYR A 89 38.79 -27.07 -27.05
N ARG A 90 40.10 -27.11 -26.83
CA ARG A 90 40.87 -25.91 -26.49
C ARG A 90 40.68 -24.82 -27.55
N GLN A 91 40.93 -25.20 -28.79
CA GLN A 91 40.74 -24.34 -29.97
C GLN A 91 39.35 -23.70 -30.01
N MET A 92 38.37 -24.39 -29.43
CA MET A 92 36.99 -23.92 -29.44
C MET A 92 36.62 -23.11 -28.21
N ILE A 93 37.28 -23.39 -27.10
CA ILE A 93 37.03 -22.68 -25.87
C ILE A 93 37.58 -21.25 -25.93
N GLU A 94 38.81 -21.10 -26.41
CA GLU A 94 39.25 -19.79 -26.92
C GLU A 94 38.59 -19.67 -28.28
N GLY A 95 38.16 -18.48 -28.66
CA GLY A 95 37.27 -18.36 -29.82
C GLY A 95 35.86 -18.14 -29.33
N HIS A 96 35.61 -18.50 -28.07
CA HIS A 96 34.47 -17.99 -27.35
C HIS A 96 34.97 -16.93 -26.36
N GLY A 97 36.29 -16.87 -26.21
CA GLY A 97 36.94 -15.82 -25.44
C GLY A 97 37.41 -16.23 -24.07
N THR A 98 37.20 -17.50 -23.74
CA THR A 98 37.58 -18.00 -22.42
C THR A 98 39.07 -18.35 -22.37
N ASP A 99 39.72 -17.90 -21.30
CA ASP A 99 41.14 -18.11 -21.07
C ASP A 99 41.42 -19.59 -20.83
N LEU A 100 42.23 -20.20 -21.69
CA LEU A 100 42.60 -21.62 -21.56
C LEU A 100 43.20 -22.00 -20.20
N LYS A 101 43.57 -21.00 -19.41
CA LYS A 101 44.03 -21.24 -18.03
C LYS A 101 42.91 -21.77 -17.12
N THR A 102 41.66 -21.60 -17.56
CA THR A 102 40.50 -22.04 -16.77
C THR A 102 40.34 -23.56 -16.76
N ILE A 103 40.99 -24.26 -17.68
CA ILE A 103 40.89 -25.71 -17.77
C ILE A 103 41.79 -26.39 -16.75
N THR A 104 41.19 -27.27 -15.95
CA THR A 104 41.91 -28.12 -15.01
C THR A 104 41.62 -29.58 -15.36
N TYR A 105 42.38 -30.49 -14.75
CA TYR A 105 42.37 -31.88 -15.14
C TYR A 105 42.19 -32.76 -13.94
N LEU A 106 41.02 -33.37 -13.82
CA LEU A 106 40.71 -34.21 -12.70
C LEU A 106 40.93 -35.66 -13.07
N ARG A 107 41.45 -36.44 -12.13
CA ARG A 107 41.61 -37.88 -12.37
C ARG A 107 40.26 -38.60 -12.32
N ARG A 108 40.20 -39.74 -12.99
CA ARG A 108 38.99 -40.52 -13.18
C ARG A 108 38.00 -40.47 -12.00
N GLU A 109 38.45 -40.92 -10.83
CA GLU A 109 37.59 -41.06 -9.66
C GLU A 109 37.12 -39.69 -9.14
N ASP A 110 38.00 -38.70 -9.18
CA ASP A 110 37.65 -37.33 -8.83
C ASP A 110 36.60 -36.76 -9.80
N PHE A 111 36.74 -37.08 -11.09
CA PHE A 111 35.79 -36.63 -12.11
C PHE A 111 34.40 -37.19 -11.88
N TYR A 112 34.30 -38.51 -11.65
CA TYR A 112 33.03 -39.19 -11.37
C TYR A 112 32.30 -38.52 -10.21
N GLU A 113 33.00 -38.33 -9.10
CA GLU A 113 32.40 -37.75 -7.90
C GLU A 113 31.91 -36.33 -8.12
N ARG A 114 32.55 -35.59 -9.03
CA ARG A 114 32.13 -34.24 -9.30
C ARG A 114 30.88 -34.25 -10.16
N SER A 115 30.87 -35.12 -11.17
CA SER A 115 29.71 -35.30 -12.03
C SER A 115 28.46 -35.67 -11.23
N LYS A 116 28.65 -36.25 -10.04
CA LYS A 116 27.54 -36.67 -9.21
C LYS A 116 26.85 -35.48 -8.53
N LYS A 117 27.64 -34.45 -8.24
CA LYS A 117 27.14 -33.22 -7.60
C LYS A 117 26.82 -32.15 -8.63
N ALA A 118 26.87 -32.54 -9.90
CA ALA A 118 26.54 -31.66 -11.01
C ALA A 118 25.04 -31.62 -11.17
N TYR A 119 24.52 -30.45 -11.58
CA TYR A 119 23.09 -30.33 -11.78
C TYR A 119 22.58 -31.32 -12.82
N ALA A 120 23.35 -31.54 -13.89
CA ALA A 120 22.90 -32.36 -15.00
C ALA A 120 24.06 -32.99 -15.77
N ILE A 121 23.79 -34.16 -16.34
CA ILE A 121 24.76 -34.84 -17.20
C ILE A 121 24.07 -35.13 -18.52
N VAL A 122 24.74 -34.78 -19.63
CA VAL A 122 24.25 -35.17 -20.94
C VAL A 122 25.12 -36.26 -21.54
N ALA A 123 24.49 -37.40 -21.77
CA ALA A 123 25.13 -38.54 -22.38
C ALA A 123 25.21 -38.31 -23.87
N THR A 124 26.41 -38.22 -24.41
CA THR A 124 26.58 -37.97 -25.84
C THR A 124 26.94 -39.24 -26.58
N GLY A 125 27.14 -39.10 -27.90
CA GLY A 125 27.53 -40.20 -28.76
C GLY A 125 29.02 -40.21 -29.05
N GLU A 126 29.75 -39.30 -28.41
CA GLU A 126 31.18 -39.13 -28.65
C GLU A 126 31.97 -40.43 -28.48
N THR A 127 32.68 -40.85 -29.53
CA THR A 127 33.41 -42.12 -29.47
C THR A 127 34.81 -41.95 -28.94
N SER A 128 35.37 -40.76 -29.09
CA SER A 128 36.68 -40.45 -28.51
C SER A 128 36.72 -40.73 -27.01
N LEU A 129 37.82 -41.32 -26.57
CA LEU A 129 38.04 -41.59 -25.16
C LEU A 129 38.45 -40.32 -24.42
N TYR A 130 38.20 -40.30 -23.11
CA TYR A 130 38.53 -39.16 -22.23
C TYR A 130 38.05 -37.85 -22.80
N ALA A 131 36.86 -37.87 -23.40
CA ALA A 131 36.32 -36.70 -24.06
C ALA A 131 35.31 -35.94 -23.19
N ASN A 132 35.19 -36.38 -21.93
CA ASN A 132 34.27 -35.79 -20.96
C ASN A 132 34.65 -34.36 -20.59
N ILE A 133 33.64 -33.50 -20.42
CA ILE A 133 33.85 -32.11 -20.04
C ILE A 133 32.86 -31.74 -18.94
N ILE A 134 33.29 -30.93 -17.97
CA ILE A 134 32.38 -30.32 -17.00
C ILE A 134 32.43 -28.80 -17.23
N LEU A 135 31.26 -28.18 -17.31
CA LEU A 135 31.17 -26.74 -17.48
C LEU A 135 30.46 -26.11 -16.29
N LYS A 136 31.01 -25.01 -15.78
CA LYS A 136 30.41 -24.28 -14.68
C LYS A 136 29.76 -22.99 -15.18
N LYS A 137 28.45 -22.86 -14.95
CA LYS A 137 27.67 -21.72 -15.44
C LYS A 137 28.10 -20.37 -14.84
N GLY A 138 28.20 -19.36 -15.70
CA GLY A 138 28.60 -18.01 -15.30
C GLY A 138 27.46 -17.04 -15.02
N VAL A 139 27.79 -15.76 -14.98
CA VAL A 139 26.81 -14.71 -14.73
C VAL A 139 26.38 -14.07 -16.04
N VAL A 140 25.10 -13.74 -16.13
CA VAL A 140 24.53 -13.12 -17.33
C VAL A 140 24.24 -11.65 -17.06
N VAL A 141 24.86 -10.79 -17.88
CA VAL A 141 24.55 -9.34 -18.05
C VAL A 141 25.57 -8.68 -18.97
N LEU B 2 -8.14 -12.50 -8.84
CA LEU B 2 -8.96 -12.36 -7.60
C LEU B 2 -8.98 -10.94 -7.07
N LYS B 3 -10.12 -10.57 -6.47
CA LYS B 3 -10.26 -9.30 -5.76
C LYS B 3 -9.53 -9.37 -4.40
N HIS B 4 -8.91 -8.25 -4.02
CA HIS B 4 -8.28 -8.05 -2.70
C HIS B 4 -7.05 -8.94 -2.46
N ILE B 5 -6.37 -9.29 -3.55
CA ILE B 5 -5.15 -10.08 -3.51
C ILE B 5 -4.17 -9.47 -4.51
N PRO B 6 -2.96 -9.11 -4.05
CA PRO B 6 -1.95 -8.53 -4.94
C PRO B 6 -1.87 -9.30 -6.25
N LYS B 7 -1.92 -8.58 -7.36
CA LYS B 7 -1.98 -9.19 -8.69
C LYS B 7 -0.71 -9.96 -9.05
N ASN B 8 0.42 -9.56 -8.44
CA ASN B 8 1.71 -10.16 -8.77
C ASN B 8 2.12 -11.37 -7.90
N ILE B 9 1.14 -11.96 -7.21
CA ILE B 9 1.34 -13.24 -6.51
C ILE B 9 0.65 -14.37 -7.29
N SER B 10 1.44 -15.30 -7.82
CA SER B 10 0.92 -16.42 -8.59
C SER B 10 0.08 -17.36 -7.73
N PRO B 11 -0.82 -18.16 -8.36
CA PRO B 11 -1.62 -19.14 -7.64
C PRO B 11 -0.80 -19.98 -6.67
N ASP B 12 0.32 -20.52 -7.15
CA ASP B 12 1.11 -21.45 -6.35
C ASP B 12 1.98 -20.77 -5.28
N LEU B 13 2.35 -19.51 -5.49
CA LEU B 13 3.15 -18.75 -4.51
C LEU B 13 2.30 -18.42 -3.28
N LEU B 14 1.07 -17.98 -3.51
CA LEU B 14 0.14 -17.69 -2.43
C LEU B 14 -0.01 -18.89 -1.49
N LYS B 15 -0.29 -20.06 -2.08
CA LYS B 15 -0.44 -21.32 -1.34
C LYS B 15 0.82 -21.64 -0.54
N THR B 16 2.00 -21.51 -1.16
CA THR B 16 3.22 -21.73 -0.37
C THR B 16 3.34 -20.74 0.80
N LEU B 17 3.22 -19.44 0.52
CA LEU B 17 3.24 -18.42 1.59
C LEU B 17 2.29 -18.73 2.72
N MET B 18 1.09 -19.21 2.37
CA MET B 18 0.06 -19.60 3.33
C MET B 18 0.35 -20.84 4.16
N GLU B 19 0.94 -21.87 3.54
CA GLU B 19 1.23 -23.10 4.26
C GLU B 19 2.56 -23.00 5.05
N MET B 20 3.30 -21.91 4.82
CA MET B 20 4.47 -21.62 5.63
C MET B 20 4.00 -21.26 7.04
N GLY B 21 4.71 -21.80 8.03
CA GLY B 21 4.43 -21.48 9.41
C GLY B 21 5.49 -20.57 9.99
N HIS B 22 5.30 -20.17 11.24
CA HIS B 22 6.25 -19.33 11.97
C HIS B 22 7.66 -19.94 12.00
N GLY B 23 8.62 -19.24 11.40
CA GLY B 23 10.01 -19.69 11.33
C GLY B 23 10.44 -20.24 9.98
N ASP B 24 9.47 -20.55 9.11
CA ASP B 24 9.77 -21.01 7.75
C ASP B 24 10.35 -19.85 6.93
N GLU B 25 11.28 -20.18 6.05
CA GLU B 25 11.92 -19.17 5.20
C GLU B 25 11.58 -19.36 3.73
N ILE B 26 11.45 -18.25 3.02
CA ILE B 26 11.26 -18.24 1.58
C ILE B 26 12.27 -17.29 0.95
N VAL B 27 12.86 -17.74 -0.14
CA VAL B 27 13.94 -17.02 -0.78
C VAL B 27 13.41 -16.38 -2.05
N LEU B 28 13.63 -15.07 -2.18
CA LEU B 28 13.32 -14.33 -3.40
C LEU B 28 14.60 -14.20 -4.22
N ALA B 29 14.69 -14.97 -5.29
CA ALA B 29 15.96 -15.13 -5.98
C ALA B 29 15.99 -14.38 -7.30
N ASP B 30 17.10 -13.71 -7.58
CA ASP B 30 17.29 -12.96 -8.83
C ASP B 30 17.47 -13.91 -9.99
N ALA B 31 17.52 -13.36 -11.20
CA ALA B 31 17.58 -14.20 -12.41
C ALA B 31 18.85 -15.02 -12.56
N ASN B 32 19.91 -14.64 -11.86
CA ASN B 32 21.20 -15.34 -11.95
C ASN B 32 21.39 -16.43 -10.90
N TYR B 33 20.47 -16.51 -9.94
CA TYR B 33 20.58 -17.44 -8.82
C TYR B 33 20.35 -18.89 -9.27
N PRO B 34 21.01 -19.87 -8.61
CA PRO B 34 20.73 -21.25 -8.94
C PRO B 34 19.53 -21.80 -8.12
N SER B 35 18.35 -21.32 -8.48
CA SER B 35 17.10 -21.66 -7.78
C SER B 35 16.73 -23.11 -7.98
N ALA B 36 16.70 -23.56 -9.23
CA ALA B 36 16.26 -24.92 -9.52
C ALA B 36 17.09 -25.92 -8.74
N SER B 37 18.39 -25.66 -8.64
CA SER B 37 19.30 -26.65 -8.06
C SER B 37 19.32 -26.65 -6.53
N CYS B 38 18.98 -25.51 -5.92
CA CYS B 38 19.03 -25.38 -4.46
C CYS B 38 17.70 -25.68 -3.81
N ALA B 39 16.62 -25.45 -4.54
CA ALA B 39 15.26 -25.48 -3.99
C ALA B 39 14.75 -26.84 -3.46
N ASN B 40 14.19 -26.80 -2.26
CA ASN B 40 13.39 -27.90 -1.72
C ASN B 40 12.02 -27.86 -2.39
N LYS B 41 11.56 -26.64 -2.66
CA LYS B 41 10.30 -26.37 -3.35
C LYS B 41 10.52 -25.16 -4.23
N LEU B 42 10.29 -25.32 -5.52
CA LEU B 42 10.55 -24.29 -6.51
C LEU B 42 9.26 -23.62 -7.00
N ILE B 43 9.23 -22.30 -6.94
CA ILE B 43 8.20 -21.52 -7.61
C ILE B 43 8.89 -20.62 -8.64
N ARG B 44 8.40 -20.65 -9.87
CA ARG B 44 8.97 -19.82 -10.93
C ARG B 44 8.11 -18.59 -11.15
N CYS B 45 8.72 -17.43 -11.04
CA CYS B 45 8.05 -16.19 -11.42
C CYS B 45 9.00 -15.40 -12.32
N ASP B 46 9.40 -16.05 -13.42
CA ASP B 46 10.40 -15.51 -14.35
C ASP B 46 10.14 -14.11 -14.90
N GLY B 47 8.88 -13.69 -14.91
CA GLY B 47 8.53 -12.38 -15.47
C GLY B 47 8.31 -11.27 -14.46
N VAL B 48 8.78 -11.49 -13.23
CA VAL B 48 8.53 -10.57 -12.12
C VAL B 48 9.86 -10.18 -11.48
N ASN B 49 10.00 -8.89 -11.14
CA ASN B 49 11.20 -8.41 -10.47
C ASN B 49 11.00 -8.45 -8.96
N ILE B 50 12.09 -8.42 -8.21
CA ILE B 50 11.99 -8.63 -6.76
C ILE B 50 11.29 -7.47 -6.02
N PRO B 51 11.69 -6.20 -6.29
CA PRO B 51 11.02 -5.06 -5.63
C PRO B 51 9.50 -5.20 -5.54
N GLU B 52 8.83 -5.34 -6.69
CA GLU B 52 7.38 -5.48 -6.71
C GLU B 52 6.94 -6.62 -5.78
N LEU B 53 7.55 -7.79 -5.97
CA LEU B 53 7.20 -9.00 -5.24
C LEU B 53 7.37 -8.87 -3.73
N LEU B 54 8.50 -8.30 -3.32
CA LEU B 54 8.80 -8.10 -1.90
C LEU B 54 7.70 -7.31 -1.23
N ASP B 55 7.22 -6.27 -1.92
CA ASP B 55 6.15 -5.38 -1.43
C ASP B 55 4.89 -6.20 -1.13
N SER B 56 4.47 -7.01 -2.11
CA SER B 56 3.28 -7.85 -1.97
C SER B 56 3.42 -8.85 -0.84
N ILE B 57 4.58 -9.49 -0.77
CA ILE B 57 4.83 -10.49 0.28
C ILE B 57 4.83 -9.85 1.68
N LEU B 58 5.38 -8.64 1.79
CA LEU B 58 5.42 -7.95 3.08
C LEU B 58 4.05 -7.40 3.50
N TYR B 59 3.20 -7.16 2.51
CA TYR B 59 1.79 -6.85 2.73
C TYR B 59 1.02 -8.05 3.33
N LEU B 60 1.36 -9.25 2.87
CA LEU B 60 0.67 -10.48 3.28
C LEU B 60 1.31 -11.23 4.46
N MET B 61 2.64 -11.30 4.48
CA MET B 61 3.31 -12.16 5.44
C MET B 61 4.08 -11.41 6.53
N PRO B 62 3.68 -11.58 7.79
CA PRO B 62 4.43 -10.97 8.87
C PRO B 62 5.81 -11.59 8.99
N LEU B 63 6.77 -10.83 9.53
CA LEU B 63 8.14 -11.31 9.67
C LEU B 63 8.45 -11.80 11.08
N ASP B 64 9.37 -12.76 11.17
CA ASP B 64 9.70 -13.39 12.45
C ASP B 64 10.38 -12.41 13.40
N SER B 65 9.69 -12.08 14.50
CA SER B 65 10.20 -11.16 15.52
C SER B 65 10.95 -11.89 16.63
N TYR B 66 11.07 -13.21 16.49
CA TYR B 66 11.62 -14.05 17.56
C TYR B 66 13.10 -14.34 17.33
N VAL B 67 13.63 -13.84 16.22
CA VAL B 67 15.06 -13.95 15.95
C VAL B 67 15.67 -12.56 15.81
N ASP B 68 17.00 -12.49 15.83
CA ASP B 68 17.71 -11.23 15.62
C ASP B 68 17.48 -10.71 14.19
N SER B 69 17.53 -11.62 13.21
CA SER B 69 17.47 -11.23 11.81
C SER B 69 16.42 -12.00 11.00
N SER B 70 15.41 -11.29 10.50
CA SER B 70 14.37 -11.92 9.67
C SER B 70 14.54 -11.66 8.17
N ILE B 71 15.65 -11.03 7.79
CA ILE B 71 15.93 -10.75 6.39
C ILE B 71 17.43 -10.88 6.12
N GLN B 72 17.78 -11.66 5.10
CA GLN B 72 19.18 -11.75 4.70
C GLN B 72 19.34 -11.40 3.24
N PHE B 73 20.29 -10.51 2.96
CA PHE B 73 20.71 -10.23 1.59
C PHE B 73 21.97 -11.04 1.30
N MET B 74 22.36 -11.13 0.03
CA MET B 74 23.63 -11.75 -0.32
C MET B 74 24.69 -10.68 -0.42
N ASN B 75 25.69 -10.75 0.44
CA ASN B 75 26.79 -9.79 0.38
C ASN B 75 27.72 -10.03 -0.79
N VAL B 76 28.38 -8.96 -1.24
CA VAL B 76 29.24 -8.98 -2.41
C VAL B 76 30.63 -9.51 -2.11
N VAL B 77 31.29 -10.00 -3.15
CA VAL B 77 32.71 -10.35 -3.08
C VAL B 77 33.48 -9.22 -3.73
N SER B 78 34.58 -8.81 -3.09
CA SER B 78 35.48 -7.77 -3.64
C SER B 78 36.05 -8.22 -5.00
N GLY B 79 36.17 -7.30 -5.95
CA GLY B 79 35.72 -5.92 -5.81
C GLY B 79 34.50 -5.67 -6.67
N ASP B 80 33.35 -6.12 -6.19
CA ASP B 80 32.06 -5.82 -6.81
C ASP B 80 31.41 -4.65 -6.08
N ASP B 81 30.38 -4.08 -6.70
CA ASP B 81 29.71 -2.90 -6.15
C ASP B 81 28.49 -3.27 -5.33
N ILE B 82 28.39 -2.68 -4.14
CA ILE B 82 27.19 -2.74 -3.32
C ILE B 82 26.02 -2.20 -4.15
N PRO B 83 25.09 -3.08 -4.57
CA PRO B 83 24.07 -2.76 -5.58
C PRO B 83 23.01 -1.77 -5.10
N LYS B 84 22.53 -0.94 -6.02
CA LYS B 84 21.59 0.12 -5.69
C LYS B 84 20.23 -0.39 -5.24
N ILE B 85 19.93 -1.64 -5.57
CA ILE B 85 18.63 -2.24 -5.28
C ILE B 85 18.39 -2.42 -3.76
N TRP B 86 19.48 -2.55 -3.01
CA TRP B 86 19.38 -2.63 -1.56
C TRP B 86 18.69 -1.40 -0.99
N GLY B 87 18.89 -0.26 -1.64
CA GLY B 87 18.21 1.00 -1.31
C GLY B 87 16.71 0.89 -1.50
N THR B 88 16.29 0.40 -2.66
CA THR B 88 14.88 0.15 -2.96
C THR B 88 14.22 -0.82 -1.97
N TYR B 89 14.96 -1.85 -1.55
CA TYR B 89 14.46 -2.84 -0.58
C TYR B 89 14.06 -2.20 0.76
N ARG B 90 14.99 -1.45 1.36
CA ARG B 90 14.72 -0.67 2.59
C ARG B 90 13.68 0.42 2.33
N GLN B 91 12.52 0.30 2.98
CA GLN B 91 11.29 0.95 2.52
C GLN B 91 11.20 0.81 1.01
N MET B 92 10.58 -0.27 0.50
CA MET B 92 9.59 -1.15 1.15
C MET B 92 9.74 -1.65 2.60
N ILE B 93 10.88 -2.22 2.98
CA ILE B 93 11.04 -2.85 4.30
C ILE B 93 10.65 -1.94 5.48
N GLU B 94 11.28 -0.77 5.57
CA GLU B 94 10.90 0.26 6.55
C GLU B 94 9.44 0.68 6.42
N GLY B 95 9.01 0.90 5.17
CA GLY B 95 7.65 1.33 4.85
C GLY B 95 6.55 0.37 5.29
N HIS B 96 6.89 -0.91 5.45
CA HIS B 96 5.96 -1.89 6.00
C HIS B 96 6.13 -2.03 7.52
N GLY B 97 7.05 -1.26 8.08
CA GLY B 97 7.19 -1.14 9.53
C GLY B 97 8.26 -1.96 10.21
N THR B 98 9.11 -2.63 9.43
CA THR B 98 10.16 -3.48 10.00
C THR B 98 11.44 -2.69 10.30
N ASP B 99 12.02 -2.93 11.47
CA ASP B 99 13.30 -2.31 11.86
C ASP B 99 14.45 -2.89 11.05
N LEU B 100 14.99 -2.05 10.15
CA LEU B 100 16.11 -2.40 9.26
C LEU B 100 17.32 -3.06 9.92
N LYS B 101 17.43 -2.93 11.24
CA LYS B 101 18.54 -3.60 11.95
C LYS B 101 18.38 -5.12 11.83
N THR B 102 17.20 -5.56 11.37
CA THR B 102 16.93 -6.98 11.16
C THR B 102 17.60 -7.55 9.90
N ILE B 103 18.05 -6.67 9.00
CA ILE B 103 18.78 -7.12 7.80
C ILE B 103 20.19 -7.52 8.17
N THR B 104 20.49 -8.80 7.97
CA THR B 104 21.84 -9.33 8.15
C THR B 104 22.39 -9.80 6.78
N TYR B 105 23.70 -9.69 6.59
CA TYR B 105 24.30 -9.98 5.27
C TYR B 105 25.10 -11.28 5.26
N LEU B 106 24.74 -12.18 4.35
CA LEU B 106 25.41 -13.48 4.22
C LEU B 106 26.26 -13.52 2.96
N ARG B 107 27.46 -14.09 3.10
CA ARG B 107 28.34 -14.29 1.96
C ARG B 107 27.75 -15.37 1.04
N ARG B 108 28.36 -15.55 -0.14
CA ARG B 108 27.78 -16.41 -1.18
C ARG B 108 27.49 -17.84 -0.76
N GLU B 109 28.51 -18.57 -0.30
CA GLU B 109 28.32 -19.98 0.08
C GLU B 109 27.38 -20.14 1.27
N ASP B 110 27.36 -19.17 2.17
CA ASP B 110 26.47 -19.24 3.32
C ASP B 110 25.03 -18.98 2.91
N PHE B 111 24.86 -18.19 1.85
CA PHE B 111 23.54 -17.91 1.30
C PHE B 111 22.96 -19.14 0.60
N TYR B 112 23.77 -19.81 -0.23
CA TYR B 112 23.30 -21.01 -0.94
C TYR B 112 22.87 -22.08 0.06
N GLU B 113 23.66 -22.24 1.12
CA GLU B 113 23.40 -23.27 2.12
C GLU B 113 22.13 -22.98 2.92
N ARG B 114 21.93 -21.72 3.31
CA ARG B 114 20.71 -21.35 4.02
C ARG B 114 19.49 -21.52 3.12
N SER B 115 19.63 -21.16 1.83
CA SER B 115 18.52 -21.31 0.86
C SER B 115 18.13 -22.76 0.59
N LYS B 116 19.10 -23.67 0.67
CA LYS B 116 18.81 -25.10 0.57
C LYS B 116 17.93 -25.57 1.73
N LYS B 117 17.97 -24.84 2.85
CA LYS B 117 17.22 -25.19 4.04
C LYS B 117 15.88 -24.46 4.11
N ALA B 118 15.67 -23.51 3.20
CA ALA B 118 14.42 -22.75 3.10
C ALA B 118 13.28 -23.62 2.55
N TYR B 119 12.07 -23.37 3.04
CA TYR B 119 10.88 -24.11 2.58
C TYR B 119 10.65 -23.94 1.09
N ALA B 120 11.01 -22.78 0.55
CA ALA B 120 10.85 -22.53 -0.88
C ALA B 120 11.77 -21.45 -1.41
N ILE B 121 12.06 -21.55 -2.71
CA ILE B 121 12.77 -20.50 -3.41
C ILE B 121 11.89 -20.11 -4.58
N VAL B 122 11.76 -18.81 -4.80
CA VAL B 122 11.09 -18.30 -5.98
C VAL B 122 12.09 -17.64 -6.94
N ALA B 123 12.12 -18.17 -8.16
CA ALA B 123 12.98 -17.70 -9.20
C ALA B 123 12.32 -16.54 -9.93
N THR B 124 12.91 -15.35 -9.80
CA THR B 124 12.36 -14.12 -10.39
C THR B 124 13.12 -13.74 -11.67
N GLY B 125 12.74 -12.63 -12.28
CA GLY B 125 13.39 -12.12 -13.47
C GLY B 125 14.38 -11.00 -13.21
N GLU B 126 14.61 -10.72 -11.91
CA GLU B 126 15.49 -9.64 -11.49
C GLU B 126 16.87 -9.72 -12.10
N THR B 127 17.14 -8.89 -13.12
CA THR B 127 18.44 -8.91 -13.80
C THR B 127 19.55 -8.26 -12.99
N SER B 128 19.17 -7.47 -11.99
CA SER B 128 20.12 -6.87 -11.06
C SER B 128 20.87 -7.94 -10.26
N LEU B 129 22.12 -7.64 -9.90
CA LEU B 129 22.98 -8.61 -9.21
C LEU B 129 22.85 -8.51 -7.70
N TYR B 130 23.23 -9.56 -6.98
CA TYR B 130 23.11 -9.61 -5.52
C TYR B 130 21.78 -9.02 -5.04
N ALA B 131 20.69 -9.42 -5.69
CA ALA B 131 19.35 -8.97 -5.35
C ALA B 131 18.54 -10.01 -4.56
N ASN B 132 19.15 -11.16 -4.28
CA ASN B 132 18.49 -12.22 -3.53
C ASN B 132 18.09 -11.80 -2.13
N ILE B 133 16.96 -12.33 -1.64
CA ILE B 133 16.49 -12.01 -0.28
C ILE B 133 15.92 -13.25 0.39
N ILE B 134 16.30 -13.49 1.64
CA ILE B 134 15.66 -14.52 2.46
C ILE B 134 14.75 -13.87 3.50
N LEU B 135 13.49 -14.31 3.53
CA LEU B 135 12.49 -13.81 4.49
C LEU B 135 12.05 -14.90 5.46
N LYS B 136 11.86 -14.52 6.72
CA LYS B 136 11.47 -15.48 7.75
C LYS B 136 10.10 -15.10 8.33
N LYS B 137 9.13 -15.99 8.12
CA LYS B 137 7.74 -15.72 8.49
C LYS B 137 7.53 -15.68 9.99
N GLY B 138 6.81 -14.66 10.45
CA GLY B 138 6.46 -14.54 11.85
C GLY B 138 5.12 -15.15 12.22
N VAL B 139 4.51 -14.56 13.25
CA VAL B 139 3.27 -15.03 13.81
C VAL B 139 2.13 -14.14 13.32
N VAL B 140 0.99 -14.73 12.99
CA VAL B 140 -0.21 -13.96 12.64
C VAL B 140 -1.09 -13.79 13.88
N VAL B 141 -1.24 -12.54 14.31
CA VAL B 141 -2.13 -12.13 15.43
C VAL B 141 -2.04 -12.99 16.68
N LEU C 2 -20.56 -40.57 8.53
CA LEU C 2 -20.78 -41.86 9.24
C LEU C 2 -21.26 -41.71 10.67
N LYS C 3 -22.05 -42.70 11.11
CA LYS C 3 -22.60 -42.74 12.46
C LYS C 3 -21.57 -43.24 13.46
N HIS C 4 -21.74 -42.84 14.72
CA HIS C 4 -20.90 -43.30 15.85
C HIS C 4 -19.43 -42.90 15.71
N ILE C 5 -19.17 -41.90 14.88
CA ILE C 5 -17.82 -41.41 14.65
C ILE C 5 -17.82 -39.90 14.87
N PRO C 6 -16.91 -39.40 15.72
CA PRO C 6 -16.83 -37.96 15.98
C PRO C 6 -16.80 -37.19 14.67
N LYS C 7 -17.64 -36.16 14.59
CA LYS C 7 -17.94 -35.47 13.34
C LYS C 7 -16.78 -34.63 12.78
N ASN C 8 -15.77 -34.41 13.61
CA ASN C 8 -14.66 -33.51 13.28
C ASN C 8 -13.37 -34.27 12.95
N ILE C 9 -13.52 -35.54 12.61
CA ILE C 9 -12.41 -36.37 12.19
C ILE C 9 -12.50 -36.57 10.68
N SER C 10 -11.55 -35.99 9.95
CA SER C 10 -11.50 -36.11 8.49
C SER C 10 -11.23 -37.56 8.04
N PRO C 11 -11.72 -37.94 6.84
CA PRO C 11 -11.45 -39.28 6.31
C PRO C 11 -9.99 -39.73 6.41
N ASP C 12 -9.02 -38.90 5.99
CA ASP C 12 -7.62 -39.34 6.07
C ASP C 12 -7.06 -39.30 7.49
N LEU C 13 -7.60 -38.43 8.34
CA LEU C 13 -7.21 -38.40 9.76
C LEU C 13 -7.59 -39.70 10.47
N LEU C 14 -8.81 -40.19 10.20
CA LEU C 14 -9.25 -41.45 10.80
C LEU C 14 -8.37 -42.59 10.33
N LYS C 15 -8.07 -42.62 9.02
CA LYS C 15 -7.16 -43.61 8.45
C LYS C 15 -5.84 -43.57 9.20
N THR C 16 -5.27 -42.36 9.29
CA THR C 16 -3.98 -42.14 9.94
C THR C 16 -3.97 -42.69 11.36
N LEU C 17 -5.01 -42.34 12.13
CA LEU C 17 -5.12 -42.78 13.51
C LEU C 17 -5.18 -44.30 13.61
N MET C 18 -5.83 -44.92 12.62
CA MET C 18 -5.97 -46.37 12.57
C MET C 18 -4.68 -47.06 12.18
N GLU C 19 -3.98 -46.54 11.17
CA GLU C 19 -2.73 -47.15 10.72
C GLU C 19 -1.58 -46.90 11.71
N MET C 20 -1.75 -45.92 12.59
CA MET C 20 -0.80 -45.72 13.69
C MET C 20 -0.84 -46.91 14.61
N GLY C 21 0.31 -47.22 15.21
CA GLY C 21 0.42 -48.27 16.20
C GLY C 21 1.04 -47.76 17.50
N HIS C 22 1.19 -48.65 18.46
CA HIS C 22 1.76 -48.34 19.75
C HIS C 22 3.12 -47.66 19.63
N GLY C 23 3.22 -46.44 20.14
CA GLY C 23 4.46 -45.68 20.12
C GLY C 23 4.45 -44.55 19.10
N ASP C 24 3.52 -44.59 18.15
CA ASP C 24 3.48 -43.59 17.08
C ASP C 24 2.96 -42.29 17.64
N GLU C 25 3.54 -41.18 17.16
CA GLU C 25 3.14 -39.88 17.62
C GLU C 25 2.41 -39.08 16.55
N ILE C 26 1.53 -38.19 17.00
CA ILE C 26 0.81 -37.31 16.10
C ILE C 26 0.82 -35.89 16.70
N VAL C 27 1.13 -34.92 15.85
CA VAL C 27 1.15 -33.54 16.27
C VAL C 27 -0.17 -32.90 15.91
N LEU C 28 -0.83 -32.34 16.93
CA LEU C 28 -1.93 -31.42 16.71
C LEU C 28 -1.30 -30.04 16.73
N ALA C 29 -1.22 -29.44 15.55
CA ALA C 29 -0.47 -28.20 15.38
C ALA C 29 -1.38 -27.00 15.14
N ASP C 30 -1.03 -25.89 15.79
CA ASP C 30 -1.81 -24.66 15.70
C ASP C 30 -1.53 -23.93 14.40
N ALA C 31 -2.40 -22.99 14.07
CA ALA C 31 -2.36 -22.24 12.82
C ALA C 31 -1.02 -21.60 12.51
N ASN C 32 -0.24 -21.31 13.55
CA ASN C 32 1.07 -20.69 13.38
C ASN C 32 2.24 -21.68 13.18
N TYR C 33 1.99 -22.98 13.40
CA TYR C 33 3.04 -24.00 13.30
C TYR C 33 3.51 -24.26 11.86
N PRO C 34 4.81 -24.53 11.69
CA PRO C 34 5.32 -24.96 10.38
C PRO C 34 4.97 -26.42 10.10
N SER C 35 3.69 -26.72 9.95
CA SER C 35 3.25 -28.08 9.71
C SER C 35 3.82 -28.61 8.38
N ALA C 36 3.48 -27.94 7.29
CA ALA C 36 3.89 -28.37 5.96
C ALA C 36 5.38 -28.74 5.86
N SER C 37 6.24 -27.97 6.52
CA SER C 37 7.69 -28.12 6.37
C SER C 37 8.29 -29.15 7.29
N CYS C 38 7.60 -29.40 8.40
CA CYS C 38 8.04 -30.38 9.38
C CYS C 38 7.47 -31.76 9.10
N ALA C 39 6.29 -31.80 8.49
CA ALA C 39 5.48 -33.02 8.38
C ALA C 39 6.09 -34.15 7.55
N ASN C 40 6.28 -35.29 8.19
CA ASN C 40 6.57 -36.52 7.46
C ASN C 40 5.33 -36.89 6.63
N LYS C 41 4.16 -36.66 7.21
CA LYS C 41 2.87 -36.92 6.58
C LYS C 41 1.92 -35.83 7.06
N LEU C 42 1.38 -35.06 6.11
CA LEU C 42 0.52 -33.92 6.44
C LEU C 42 -0.97 -34.19 6.24
N ILE C 43 -1.74 -33.99 7.31
CA ILE C 43 -3.18 -33.92 7.24
C ILE C 43 -3.60 -32.49 7.56
N ARG C 44 -4.31 -31.86 6.64
CA ARG C 44 -4.74 -30.48 6.82
C ARG C 44 -6.15 -30.41 7.35
N CYS C 45 -6.33 -29.74 8.49
CA CYS C 45 -7.67 -29.50 9.04
C CYS C 45 -7.82 -28.03 9.43
N ASP C 46 -7.75 -27.16 8.42
CA ASP C 46 -7.66 -25.73 8.65
C ASP C 46 -8.87 -25.12 9.35
N GLY C 47 -10.03 -25.76 9.18
CA GLY C 47 -11.27 -25.28 9.79
C GLY C 47 -11.50 -25.64 11.24
N VAL C 48 -10.62 -26.46 11.81
CA VAL C 48 -10.88 -27.04 13.14
C VAL C 48 -9.94 -26.49 14.22
N ASN C 49 -10.50 -26.26 15.41
CA ASN C 49 -9.69 -25.87 16.57
C ASN C 49 -9.20 -27.08 17.33
N ILE C 50 -8.24 -26.87 18.24
CA ILE C 50 -7.54 -28.00 18.86
C ILE C 50 -8.28 -28.74 19.98
N PRO C 51 -8.98 -28.01 20.89
CA PRO C 51 -9.73 -28.71 21.94
C PRO C 51 -10.81 -29.68 21.43
N GLU C 52 -11.62 -29.27 20.46
CA GLU C 52 -12.66 -30.15 19.89
C GLU C 52 -12.03 -31.37 19.21
N LEU C 53 -10.88 -31.14 18.57
CA LEU C 53 -10.14 -32.20 17.89
C LEU C 53 -9.44 -33.13 18.88
N LEU C 54 -8.82 -32.57 19.92
CA LEU C 54 -8.14 -33.39 20.94
C LEU C 54 -9.15 -34.32 21.63
N ASP C 55 -10.32 -33.77 21.91
CA ASP C 55 -11.41 -34.47 22.58
C ASP C 55 -11.82 -35.71 21.78
N SER C 56 -12.13 -35.50 20.51
CA SER C 56 -12.52 -36.58 19.62
C SER C 56 -11.45 -37.65 19.51
N ILE C 57 -10.18 -37.23 19.37
CA ILE C 57 -9.06 -38.15 19.21
C ILE C 57 -8.86 -38.95 20.49
N LEU C 58 -9.11 -38.32 21.64
CA LEU C 58 -8.96 -39.03 22.90
C LEU C 58 -10.05 -40.07 23.12
N TYR C 59 -11.22 -39.79 22.57
CA TYR C 59 -12.32 -40.74 22.52
C TYR C 59 -11.90 -42.02 21.78
N LEU C 60 -11.14 -41.85 20.70
CA LEU C 60 -10.80 -42.97 19.81
C LEU C 60 -9.46 -43.62 20.09
N MET C 61 -8.47 -42.82 20.47
CA MET C 61 -7.09 -43.27 20.58
C MET C 61 -6.61 -43.31 22.04
N PRO C 62 -6.22 -44.49 22.52
CA PRO C 62 -5.65 -44.50 23.87
C PRO C 62 -4.22 -43.95 23.86
N LEU C 63 -3.76 -43.45 25.00
CA LEU C 63 -2.41 -42.90 25.11
C LEU C 63 -1.42 -43.91 25.66
N ASP C 64 -0.14 -43.74 25.29
CA ASP C 64 0.91 -44.70 25.63
C ASP C 64 1.18 -44.73 27.12
N SER C 65 0.98 -45.90 27.72
CA SER C 65 1.25 -46.13 29.14
C SER C 65 2.71 -46.53 29.44
N TYR C 66 3.48 -46.84 28.41
CA TYR C 66 4.82 -47.41 28.58
C TYR C 66 5.96 -46.37 28.68
N VAL C 67 5.60 -45.10 28.56
CA VAL C 67 6.57 -44.01 28.76
C VAL C 67 6.09 -43.09 29.89
N ASP C 68 7.02 -42.30 30.45
CA ASP C 68 6.66 -41.38 31.54
C ASP C 68 5.81 -40.19 31.06
N SER C 69 5.85 -39.93 29.75
CA SER C 69 5.16 -38.79 29.16
C SER C 69 4.60 -39.08 27.75
N SER C 70 3.27 -39.03 27.64
CA SER C 70 2.57 -39.34 26.39
C SER C 70 1.97 -38.09 25.76
N ILE C 71 2.16 -36.94 26.41
CA ILE C 71 1.65 -35.66 25.93
C ILE C 71 2.70 -34.58 26.14
N GLN C 72 2.97 -33.79 25.10
CA GLN C 72 3.95 -32.72 25.16
C GLN C 72 3.38 -31.43 24.60
N PHE C 73 3.65 -30.32 25.30
CA PHE C 73 3.29 -29.01 24.80
C PHE C 73 4.55 -28.29 24.38
N MET C 74 4.40 -27.22 23.63
CA MET C 74 5.51 -26.31 23.39
C MET C 74 5.54 -25.26 24.50
N ASN C 75 6.65 -25.24 25.23
CA ASN C 75 6.86 -24.27 26.30
C ASN C 75 7.07 -22.86 25.73
N VAL C 76 6.74 -21.85 26.54
CA VAL C 76 6.88 -20.44 26.13
C VAL C 76 8.31 -19.92 26.30
N VAL C 77 8.67 -18.91 25.48
CA VAL C 77 10.01 -18.30 25.49
C VAL C 77 10.27 -17.39 26.69
N SER C 78 9.29 -17.34 27.60
CA SER C 78 9.31 -16.57 28.87
C SER C 78 10.32 -15.39 29.06
N GLY C 79 10.34 -14.36 28.19
CA GLY C 79 9.55 -14.23 26.95
C GLY C 79 8.08 -13.88 27.09
N ASP C 80 7.24 -14.83 26.68
CA ASP C 80 5.79 -14.68 26.71
C ASP C 80 5.21 -15.34 27.97
N ASP C 81 3.89 -15.26 28.12
CA ASP C 81 3.19 -15.80 29.30
C ASP C 81 2.42 -17.09 29.03
N ILE C 82 2.25 -17.91 30.06
CA ILE C 82 1.53 -19.18 29.98
C ILE C 82 0.18 -18.98 29.31
N PRO C 83 -0.03 -19.62 28.13
CA PRO C 83 -1.29 -19.46 27.41
C PRO C 83 -2.42 -20.20 28.13
N LYS C 84 -3.61 -19.61 28.12
CA LYS C 84 -4.74 -20.16 28.88
C LYS C 84 -5.36 -21.40 28.25
N ILE C 85 -5.06 -21.63 26.97
CA ILE C 85 -5.49 -22.84 26.26
C ILE C 85 -5.00 -24.14 26.96
N TRP C 86 -3.97 -24.01 27.79
CA TRP C 86 -3.40 -25.17 28.50
C TRP C 86 -4.36 -25.82 29.49
N GLY C 87 -5.08 -25.01 30.25
CA GLY C 87 -6.06 -25.48 31.22
C GLY C 87 -7.19 -26.24 30.53
N THR C 88 -7.69 -25.66 29.45
CA THR C 88 -8.71 -26.29 28.60
C THR C 88 -8.28 -27.69 28.16
N TYR C 89 -7.02 -27.82 27.73
CA TYR C 89 -6.48 -29.13 27.38
C TYR C 89 -6.53 -30.09 28.57
N ARG C 90 -6.15 -29.60 29.74
CA ARG C 90 -6.08 -30.43 30.96
C ARG C 90 -7.45 -30.91 31.43
N GLN C 91 -8.44 -30.01 31.41
CA GLN C 91 -9.83 -30.37 31.69
C GLN C 91 -10.25 -31.57 30.84
N MET C 92 -9.76 -31.61 29.61
CA MET C 92 -10.11 -32.65 28.65
C MET C 92 -9.40 -33.96 28.92
N ILE C 93 -8.06 -33.93 28.96
CA ILE C 93 -7.30 -35.18 29.05
C ILE C 93 -7.52 -35.93 30.38
N GLU C 94 -7.88 -35.19 31.43
CA GLU C 94 -8.22 -35.81 32.71
C GLU C 94 -9.59 -36.49 32.60
N GLY C 95 -10.52 -35.83 31.90
CA GLY C 95 -11.86 -36.36 31.63
C GLY C 95 -11.89 -37.63 30.80
N HIS C 96 -10.75 -37.97 30.20
CA HIS C 96 -10.59 -39.21 29.43
C HIS C 96 -9.76 -40.21 30.21
N GLY C 97 -9.70 -40.02 31.53
CA GLY C 97 -9.04 -40.97 32.44
C GLY C 97 -7.51 -40.92 32.55
N THR C 98 -6.88 -39.99 31.83
CA THR C 98 -5.42 -39.92 31.79
C THR C 98 -4.86 -38.92 32.80
N ASP C 99 -3.82 -39.35 33.53
CA ASP C 99 -3.20 -38.58 34.61
C ASP C 99 -2.37 -37.40 34.09
N LEU C 100 -2.61 -36.22 34.64
CA LEU C 100 -1.99 -34.99 34.17
C LEU C 100 -0.47 -34.93 34.38
N LYS C 101 0.08 -35.91 35.10
CA LYS C 101 1.52 -36.02 35.28
C LYS C 101 2.24 -36.63 34.06
N THR C 102 1.50 -36.81 32.96
CA THR C 102 2.09 -37.33 31.73
C THR C 102 2.41 -36.20 30.76
N ILE C 103 1.77 -35.04 30.94
CA ILE C 103 2.12 -33.84 30.20
C ILE C 103 3.53 -33.38 30.57
N THR C 104 4.43 -33.33 29.59
CA THR C 104 5.70 -32.63 29.76
C THR C 104 5.74 -31.37 28.91
N TYR C 105 6.82 -30.60 29.05
CA TYR C 105 6.94 -29.34 28.32
C TYR C 105 8.27 -29.27 27.59
N LEU C 106 8.19 -28.99 26.29
CA LEU C 106 9.35 -29.02 25.41
C LEU C 106 9.67 -27.62 24.91
N ARG C 107 10.96 -27.33 24.81
CA ARG C 107 11.41 -26.08 24.22
C ARG C 107 11.14 -26.09 22.72
N ARG C 108 10.94 -24.89 22.17
CA ARG C 108 10.61 -24.67 20.76
C ARG C 108 11.39 -25.54 19.76
N GLU C 109 12.71 -25.63 19.94
CA GLU C 109 13.55 -26.39 19.01
C GLU C 109 13.38 -27.91 19.18
N ASP C 110 13.25 -28.34 20.44
CA ASP C 110 13.02 -29.75 20.75
C ASP C 110 11.69 -30.27 20.23
N PHE C 111 10.68 -29.40 20.27
CA PHE C 111 9.34 -29.70 19.79
C PHE C 111 9.32 -29.83 18.26
N TYR C 112 10.04 -28.94 17.57
CA TYR C 112 10.18 -28.98 16.13
C TYR C 112 10.79 -30.31 15.71
N GLU C 113 11.85 -30.70 16.41
CA GLU C 113 12.59 -31.91 16.10
C GLU C 113 11.76 -33.16 16.36
N ARG C 114 11.09 -33.18 17.50
CA ARG C 114 10.16 -34.24 17.81
C ARG C 114 9.10 -34.36 16.69
N SER C 115 8.49 -33.22 16.30
CA SER C 115 7.46 -33.22 15.27
C SER C 115 7.91 -33.77 13.90
N LYS C 116 9.19 -33.59 13.56
CA LYS C 116 9.72 -34.11 12.30
C LYS C 116 9.70 -35.64 12.31
N LYS C 117 9.98 -36.21 13.48
CA LYS C 117 9.96 -37.66 13.71
C LYS C 117 8.58 -38.22 14.08
N ALA C 118 7.56 -37.37 14.11
CA ALA C 118 6.19 -37.82 14.37
C ALA C 118 5.64 -38.50 13.12
N TYR C 119 4.70 -39.44 13.31
CA TYR C 119 4.08 -40.12 12.17
C TYR C 119 3.27 -39.17 11.28
N ALA C 120 2.56 -38.23 11.90
CA ALA C 120 1.81 -37.25 11.12
C ALA C 120 1.67 -35.96 11.87
N ILE C 121 1.54 -34.87 11.14
CA ILE C 121 1.21 -33.57 11.71
C ILE C 121 -0.12 -33.12 11.12
N VAL C 122 -1.05 -32.74 11.98
CA VAL C 122 -2.32 -32.21 11.51
C VAL C 122 -2.36 -30.70 11.74
N ALA C 123 -2.44 -29.99 10.63
CA ALA C 123 -2.46 -28.53 10.62
C ALA C 123 -3.85 -28.05 10.97
N THR C 124 -4.00 -27.41 12.11
CA THR C 124 -5.33 -26.93 12.51
C THR C 124 -5.48 -25.45 12.27
N GLY C 125 -6.65 -24.92 12.62
CA GLY C 125 -6.95 -23.48 12.52
C GLY C 125 -6.88 -22.78 13.86
N GLU C 126 -6.43 -23.51 14.89
CA GLU C 126 -6.29 -22.97 16.24
C GLU C 126 -5.54 -21.64 16.21
N THR C 127 -6.17 -20.62 16.77
CA THR C 127 -5.56 -19.28 16.77
C THR C 127 -4.76 -19.00 18.04
N SER C 128 -4.99 -19.81 19.08
CA SER C 128 -4.18 -19.69 20.32
C SER C 128 -2.71 -19.96 20.03
N LEU C 129 -1.85 -19.18 20.67
CA LEU C 129 -0.42 -19.32 20.52
C LEU C 129 0.10 -20.38 21.47
N TYR C 130 1.16 -21.08 21.05
CA TYR C 130 1.76 -22.18 21.81
C TYR C 130 0.72 -23.26 22.16
N ALA C 131 -0.09 -23.64 21.17
CA ALA C 131 -1.25 -24.49 21.41
C ALA C 131 -1.03 -25.91 20.89
N ASN C 132 0.19 -26.19 20.45
CA ASN C 132 0.55 -27.47 19.84
C ASN C 132 0.61 -28.63 20.84
N ILE C 133 0.15 -29.81 20.42
CA ILE C 133 0.14 -31.00 21.28
C ILE C 133 0.70 -32.20 20.51
N ILE C 134 1.55 -32.97 21.18
CA ILE C 134 2.05 -34.23 20.64
C ILE C 134 1.48 -35.39 21.43
N LEU C 135 0.62 -36.18 20.79
CA LEU C 135 0.04 -37.37 21.40
C LEU C 135 0.78 -38.64 21.03
N LYS C 136 0.99 -39.52 22.00
CA LYS C 136 1.63 -40.82 21.77
C LYS C 136 0.67 -41.98 22.03
N LYS C 137 0.41 -42.78 20.99
CA LYS C 137 -0.61 -43.84 21.01
C LYS C 137 -0.26 -45.07 21.85
N GLY C 138 -1.21 -45.49 22.68
CA GLY C 138 -1.03 -46.69 23.49
C GLY C 138 -1.58 -47.94 22.84
N VAL C 139 -1.63 -49.01 23.64
CA VAL C 139 -2.16 -50.30 23.20
C VAL C 139 -3.70 -50.32 23.27
N VAL C 140 -4.31 -51.06 22.34
CA VAL C 140 -5.76 -51.31 22.37
C VAL C 140 -6.04 -52.75 22.86
N VAL C 141 -6.79 -52.90 23.96
CA VAL C 141 -7.16 -54.24 24.47
C VAL C 141 -8.61 -54.58 24.14
N LEU D 2 -6.79 -69.15 -5.99
CA LEU D 2 -6.26 -70.25 -6.84
C LEU D 2 -6.38 -71.62 -6.16
N LYS D 3 -6.17 -72.68 -6.94
CA LYS D 3 -6.07 -74.03 -6.40
C LYS D 3 -4.70 -74.24 -5.78
N HIS D 4 -4.66 -75.03 -4.70
CA HIS D 4 -3.42 -75.47 -4.03
C HIS D 4 -2.62 -74.46 -3.19
N ILE D 5 -2.96 -73.17 -3.30
CA ILE D 5 -2.32 -72.13 -2.48
C ILE D 5 -3.19 -71.82 -1.26
N PRO D 6 -2.58 -71.69 -0.06
CA PRO D 6 -3.33 -71.31 1.15
C PRO D 6 -4.28 -70.15 0.91
N LYS D 7 -5.48 -70.24 1.49
CA LYS D 7 -6.57 -69.31 1.18
C LYS D 7 -6.42 -67.93 1.83
N ASN D 8 -5.58 -67.84 2.87
CA ASN D 8 -5.39 -66.60 3.64
C ASN D 8 -4.10 -65.86 3.29
N ILE D 9 -3.75 -65.87 2.01
CA ILE D 9 -2.55 -65.17 1.53
C ILE D 9 -2.91 -64.25 0.39
N SER D 10 -2.82 -62.94 0.64
CA SER D 10 -3.23 -61.95 -0.35
C SER D 10 -2.37 -62.09 -1.60
N PRO D 11 -2.88 -61.63 -2.77
CA PRO D 11 -2.01 -61.70 -3.94
C PRO D 11 -0.68 -61.03 -3.67
N ASP D 12 -0.72 -59.84 -3.07
CA ASP D 12 0.50 -59.08 -2.81
C ASP D 12 1.45 -59.75 -1.81
N LEU D 13 0.91 -60.35 -0.74
CA LEU D 13 1.73 -61.14 0.18
C LEU D 13 2.50 -62.24 -0.54
N LEU D 14 1.82 -62.98 -1.41
CA LEU D 14 2.47 -64.07 -2.11
C LEU D 14 3.66 -63.58 -2.94
N LYS D 15 3.45 -62.46 -3.63
CA LYS D 15 4.46 -61.87 -4.49
C LYS D 15 5.70 -61.58 -3.65
N THR D 16 5.47 -60.93 -2.50
CA THR D 16 6.58 -60.55 -1.65
C THR D 16 7.27 -61.77 -1.04
N LEU D 17 6.52 -62.83 -0.77
CA LEU D 17 7.11 -64.10 -0.33
C LEU D 17 7.92 -64.75 -1.43
N MET D 18 7.39 -64.69 -2.65
CA MET D 18 8.09 -65.17 -3.85
C MET D 18 9.41 -64.41 -4.12
N GLU D 19 9.33 -63.08 -4.13
CA GLU D 19 10.48 -62.24 -4.50
C GLU D 19 11.51 -62.10 -3.37
N MET D 20 11.10 -62.43 -2.14
CA MET D 20 12.03 -62.54 -1.03
C MET D 20 13.09 -63.59 -1.37
N GLY D 21 14.35 -63.31 -1.02
CA GLY D 21 15.44 -64.25 -1.25
C GLY D 21 15.97 -64.79 0.06
N HIS D 22 16.99 -65.64 0.00
CA HIS D 22 17.62 -66.20 1.21
C HIS D 22 18.18 -65.08 2.05
N GLY D 23 17.72 -65.00 3.29
CA GLY D 23 18.17 -63.96 4.21
C GLY D 23 17.19 -62.82 4.45
N ASP D 24 16.26 -62.62 3.52
CA ASP D 24 15.25 -61.57 3.68
C ASP D 24 14.32 -61.90 4.85
N GLU D 25 13.99 -60.88 5.63
CA GLU D 25 13.12 -61.08 6.77
C GLU D 25 11.75 -60.44 6.54
N ILE D 26 10.73 -61.05 7.12
CA ILE D 26 9.37 -60.54 7.07
C ILE D 26 8.82 -60.53 8.49
N VAL D 27 8.18 -59.42 8.85
CA VAL D 27 7.55 -59.28 10.16
C VAL D 27 6.06 -59.53 10.03
N LEU D 28 5.55 -60.41 10.88
CA LEU D 28 4.11 -60.60 11.06
C LEU D 28 3.72 -59.85 12.32
N ALA D 29 3.18 -58.65 12.15
CA ALA D 29 2.92 -57.75 13.28
C ALA D 29 1.49 -57.86 13.80
N ASP D 30 1.30 -57.68 15.10
CA ASP D 30 -0.03 -57.69 15.68
C ASP D 30 -0.81 -56.39 15.40
N ALA D 31 -2.09 -56.37 15.74
CA ALA D 31 -2.95 -55.22 15.43
C ALA D 31 -2.47 -53.95 16.13
N ASN D 32 -1.57 -54.11 17.09
CA ASN D 32 -1.08 -53.00 17.90
C ASN D 32 0.30 -52.46 17.49
N TYR D 33 1.02 -53.25 16.69
CA TYR D 33 2.34 -52.86 16.20
C TYR D 33 2.32 -51.63 15.27
N PRO D 34 3.32 -50.73 15.42
CA PRO D 34 3.45 -49.58 14.49
C PRO D 34 4.02 -50.03 13.14
N SER D 35 3.18 -50.78 12.41
CA SER D 35 3.50 -51.41 11.13
C SER D 35 3.75 -50.41 10.00
N ALA D 36 2.79 -49.52 9.76
CA ALA D 36 2.90 -48.51 8.70
C ALA D 36 4.14 -47.60 8.85
N SER D 37 4.43 -47.22 10.10
CA SER D 37 5.52 -46.29 10.37
C SER D 37 6.87 -46.97 10.26
N CYS D 38 6.94 -48.26 10.60
CA CYS D 38 8.20 -49.00 10.59
C CYS D 38 8.59 -49.57 9.22
N ALA D 39 7.58 -49.93 8.43
CA ALA D 39 7.77 -50.82 7.28
C ALA D 39 8.49 -50.21 6.08
N ASN D 40 9.44 -50.98 5.53
CA ASN D 40 10.04 -50.69 4.22
C ASN D 40 8.97 -50.91 3.15
N LYS D 41 8.33 -52.07 3.21
CA LYS D 41 7.21 -52.42 2.36
C LYS D 41 6.06 -52.84 3.27
N LEU D 42 4.92 -52.18 3.16
CA LEU D 42 3.76 -52.52 3.99
C LEU D 42 2.83 -53.46 3.24
N ILE D 43 2.32 -54.47 3.94
CA ILE D 43 1.26 -55.34 3.44
C ILE D 43 0.20 -55.40 4.51
N ARG D 44 -1.02 -55.02 4.16
CA ARG D 44 -2.07 -54.98 5.16
C ARG D 44 -2.92 -56.24 5.10
N CYS D 45 -3.12 -56.87 6.26
CA CYS D 45 -3.93 -58.07 6.37
C CYS D 45 -4.74 -58.02 7.66
N ASP D 46 -5.43 -56.89 7.82
CA ASP D 46 -6.16 -56.56 9.04
C ASP D 46 -7.23 -57.57 9.45
N GLY D 47 -7.65 -58.41 8.53
CA GLY D 47 -8.68 -59.40 8.82
C GLY D 47 -8.16 -60.77 9.18
N VAL D 48 -6.84 -60.89 9.38
CA VAL D 48 -6.19 -62.19 9.60
C VAL D 48 -5.40 -62.21 10.92
N ASN D 49 -5.66 -63.22 11.75
CA ASN D 49 -4.85 -63.43 12.95
C ASN D 49 -3.50 -64.08 12.62
N ILE D 50 -2.55 -64.01 13.54
CA ILE D 50 -1.19 -64.47 13.25
C ILE D 50 -1.00 -66.00 13.21
N PRO D 51 -1.63 -66.76 14.14
CA PRO D 51 -1.45 -68.21 14.07
C PRO D 51 -1.75 -68.78 12.67
N GLU D 52 -2.92 -68.46 12.12
N GLU D 52 -2.92 -68.47 12.12
CA GLU D 52 -3.36 -68.98 10.83
CA GLU D 52 -3.33 -69.01 10.81
C GLU D 52 -2.47 -68.53 9.66
C GLU D 52 -2.44 -68.54 9.66
N LEU D 53 -1.95 -67.29 9.76
CA LEU D 53 -1.04 -66.75 8.76
C LEU D 53 0.34 -67.42 8.81
N LEU D 54 0.89 -67.56 10.02
CA LEU D 54 2.18 -68.25 10.21
C LEU D 54 2.17 -69.65 9.60
N ASP D 55 1.08 -70.38 9.84
CA ASP D 55 0.90 -71.73 9.32
C ASP D 55 1.05 -71.76 7.80
N SER D 56 0.36 -70.85 7.13
CA SER D 56 0.42 -70.73 5.67
C SER D 56 1.80 -70.37 5.13
N ILE D 57 2.52 -69.51 5.85
CA ILE D 57 3.84 -69.04 5.39
C ILE D 57 4.87 -70.15 5.60
N LEU D 58 4.75 -70.88 6.69
CA LEU D 58 5.63 -72.01 6.97
C LEU D 58 5.41 -73.11 5.94
N TYR D 59 4.16 -73.23 5.47
CA TYR D 59 3.85 -74.16 4.39
C TYR D 59 4.63 -73.82 3.12
N LEU D 60 4.74 -72.52 2.83
CA LEU D 60 5.32 -72.05 1.57
C LEU D 60 6.80 -71.70 1.64
N MET D 61 7.21 -71.13 2.76
CA MET D 61 8.51 -70.49 2.88
C MET D 61 9.40 -71.23 3.87
N PRO D 62 10.51 -71.80 3.36
CA PRO D 62 11.46 -72.43 4.26
C PRO D 62 12.19 -71.36 5.07
N LEU D 63 12.80 -71.78 6.19
CA LEU D 63 13.47 -70.84 7.08
C LEU D 63 14.97 -70.94 6.96
N ASP D 64 15.64 -69.83 7.26
CA ASP D 64 17.09 -69.75 7.12
C ASP D 64 17.85 -70.63 8.12
N SER D 65 18.34 -71.76 7.62
CA SER D 65 19.11 -72.68 8.44
C SER D 65 20.56 -72.21 8.63
N TYR D 66 21.00 -71.34 7.73
CA TYR D 66 22.35 -70.77 7.73
C TYR D 66 22.68 -69.81 8.91
N VAL D 67 21.68 -69.44 9.69
CA VAL D 67 21.89 -68.65 10.91
C VAL D 67 21.50 -69.47 12.14
N ASP D 68 21.75 -68.93 13.33
CA ASP D 68 21.29 -69.57 14.57
C ASP D 68 19.82 -69.30 14.86
N SER D 69 19.39 -68.06 14.62
CA SER D 69 18.04 -67.61 14.93
C SER D 69 17.29 -67.09 13.70
N SER D 70 16.42 -67.92 13.13
CA SER D 70 15.61 -67.53 11.97
C SER D 70 14.26 -66.94 12.37
N ILE D 71 13.84 -67.22 13.60
CA ILE D 71 12.54 -66.77 14.11
C ILE D 71 12.79 -65.94 15.35
N GLN D 72 12.11 -64.81 15.47
CA GLN D 72 12.21 -63.98 16.66
C GLN D 72 10.86 -63.48 17.14
N PHE D 73 10.66 -63.53 18.46
CA PHE D 73 9.51 -62.91 19.12
C PHE D 73 9.97 -61.66 19.86
N MET D 74 9.00 -60.90 20.36
CA MET D 74 9.28 -59.71 21.17
C MET D 74 9.15 -60.06 22.64
N ASN D 75 10.28 -59.97 23.34
CA ASN D 75 10.34 -60.13 24.78
C ASN D 75 9.45 -59.07 25.43
N VAL D 76 8.82 -59.41 26.55
CA VAL D 76 7.89 -58.49 27.21
C VAL D 76 8.62 -57.45 28.06
N VAL D 77 7.96 -56.33 28.36
CA VAL D 77 8.46 -55.41 29.37
C VAL D 77 8.17 -56.05 30.73
N SER D 78 9.06 -55.88 31.70
CA SER D 78 8.83 -56.39 33.07
C SER D 78 7.50 -55.91 33.65
N GLY D 79 6.76 -56.85 34.25
CA GLY D 79 5.44 -56.56 34.81
C GLY D 79 4.30 -57.04 33.93
N ASP D 80 4.57 -57.16 32.64
CA ASP D 80 3.59 -57.67 31.69
C ASP D 80 3.68 -59.17 31.64
N ASP D 81 2.58 -59.79 31.21
CA ASP D 81 2.49 -61.24 31.14
C ASP D 81 2.93 -61.76 29.79
N ILE D 82 3.46 -62.98 29.80
CA ILE D 82 3.85 -63.68 28.59
C ILE D 82 2.58 -64.08 27.84
N PRO D 83 2.49 -63.75 26.54
CA PRO D 83 1.28 -64.17 25.85
C PRO D 83 1.28 -65.67 25.68
N LYS D 84 0.12 -66.28 25.83
CA LYS D 84 -0.01 -67.73 25.68
C LYS D 84 0.12 -68.14 24.21
N ILE D 85 -0.05 -67.17 23.30
CA ILE D 85 -0.04 -67.42 21.85
C ILE D 85 1.28 -68.01 21.34
N TRP D 86 2.38 -67.76 22.06
CA TRP D 86 3.67 -68.36 21.75
C TRP D 86 3.63 -69.89 21.73
N GLY D 87 2.78 -70.47 22.59
CA GLY D 87 2.56 -71.90 22.62
C GLY D 87 1.94 -72.42 21.33
N THR D 88 1.04 -71.62 20.75
CA THR D 88 0.47 -71.94 19.43
C THR D 88 1.58 -71.84 18.37
N TYR D 89 2.46 -70.85 18.51
CA TYR D 89 3.55 -70.64 17.57
C TYR D 89 4.51 -71.81 17.64
N ARG D 90 4.99 -72.10 18.84
CA ARG D 90 5.85 -73.25 19.07
C ARG D 90 5.23 -74.54 18.51
N GLN D 91 3.95 -74.76 18.80
CA GLN D 91 3.23 -75.94 18.30
C GLN D 91 3.23 -75.98 16.78
N MET D 92 3.00 -74.83 16.15
CA MET D 92 3.01 -74.72 14.69
C MET D 92 4.39 -74.85 14.08
N ILE D 93 5.37 -74.17 14.68
CA ILE D 93 6.75 -74.14 14.18
C ILE D 93 7.35 -75.54 14.15
N GLU D 94 7.09 -76.31 15.20
CA GLU D 94 7.49 -77.71 15.28
C GLU D 94 6.77 -78.56 14.22
N GLY D 95 5.51 -78.22 13.95
CA GLY D 95 4.71 -78.88 12.93
C GLY D 95 5.39 -78.98 11.57
N HIS D 96 5.81 -77.84 11.01
CA HIS D 96 6.56 -77.84 9.75
C HIS D 96 8.06 -78.10 10.02
N GLY D 97 8.31 -79.17 10.77
CA GLY D 97 9.67 -79.66 11.07
C GLY D 97 10.80 -78.68 11.20
N THR D 98 10.61 -77.64 12.02
CA THR D 98 11.68 -76.73 12.40
C THR D 98 12.04 -76.99 13.85
N ASP D 99 13.33 -76.86 14.18
CA ASP D 99 13.77 -76.98 15.56
C ASP D 99 13.48 -75.70 16.33
N LEU D 100 12.66 -75.82 17.37
CA LEU D 100 12.25 -74.69 18.22
C LEU D 100 13.40 -73.88 18.88
N LYS D 101 14.63 -74.38 18.75
CA LYS D 101 15.82 -73.70 19.27
C LYS D 101 16.12 -72.40 18.53
N THR D 102 15.70 -72.33 17.27
CA THR D 102 15.98 -71.18 16.40
C THR D 102 15.17 -69.92 16.75
N ILE D 103 14.22 -70.07 17.68
CA ILE D 103 13.50 -68.91 18.25
C ILE D 103 14.41 -68.23 19.26
N THR D 104 14.54 -66.91 19.15
CA THR D 104 15.19 -66.10 20.19
C THR D 104 14.29 -64.89 20.49
N TYR D 105 14.57 -64.20 21.59
CA TYR D 105 13.71 -63.11 22.04
C TYR D 105 14.46 -61.81 21.99
N LEU D 106 13.85 -60.81 21.38
CA LEU D 106 14.42 -59.47 21.27
C LEU D 106 13.56 -58.53 22.07
N ARG D 107 14.16 -57.55 22.71
CA ARG D 107 13.38 -56.59 23.47
C ARG D 107 12.79 -55.49 22.59
N ARG D 108 11.71 -54.89 23.06
CA ARG D 108 10.89 -53.94 22.31
C ARG D 108 11.68 -53.09 21.30
N GLU D 109 12.66 -52.33 21.78
CA GLU D 109 13.45 -51.43 20.92
C GLU D 109 14.32 -52.20 19.89
N ASP D 110 14.94 -53.30 20.32
CA ASP D 110 15.68 -54.16 19.40
C ASP D 110 14.77 -54.67 18.29
N PHE D 111 13.54 -55.04 18.65
CA PHE D 111 12.55 -55.54 17.72
C PHE D 111 12.15 -54.45 16.74
N TYR D 112 11.78 -53.28 17.26
CA TYR D 112 11.36 -52.15 16.42
C TYR D 112 12.39 -51.89 15.32
N GLU D 113 13.66 -52.04 15.67
CA GLU D 113 14.77 -51.75 14.77
C GLU D 113 15.00 -52.83 13.71
N ARG D 114 14.84 -54.10 14.09
CA ARG D 114 15.00 -55.15 13.10
C ARG D 114 13.87 -55.16 12.07
N SER D 115 12.69 -54.70 12.49
CA SER D 115 11.53 -54.63 11.61
C SER D 115 11.74 -53.58 10.53
N LYS D 116 12.49 -52.54 10.89
CA LYS D 116 12.80 -51.46 9.95
C LYS D 116 13.72 -51.97 8.85
N LYS D 117 14.65 -52.84 9.22
CA LYS D 117 15.57 -53.50 8.28
C LYS D 117 14.94 -54.69 7.51
N ALA D 118 13.76 -55.12 7.93
CA ALA D 118 13.07 -56.24 7.27
C ALA D 118 12.53 -55.78 5.91
N TYR D 119 12.40 -56.73 4.99
CA TYR D 119 11.96 -56.42 3.65
C TYR D 119 10.49 -56.01 3.64
N ALA D 120 9.68 -56.64 4.48
CA ALA D 120 8.25 -56.31 4.57
C ALA D 120 7.62 -56.55 5.97
N ILE D 121 6.65 -55.71 6.31
CA ILE D 121 5.82 -55.94 7.48
C ILE D 121 4.36 -56.14 7.02
N VAL D 122 3.77 -57.24 7.48
CA VAL D 122 2.37 -57.52 7.24
C VAL D 122 1.57 -57.18 8.49
N ALA D 123 0.78 -56.11 8.38
CA ALA D 123 -0.08 -55.66 9.46
C ALA D 123 -1.25 -56.62 9.57
N THR D 124 -1.35 -57.33 10.67
CA THR D 124 -2.44 -58.27 10.87
C THR D 124 -3.53 -57.68 11.76
N GLY D 125 -4.52 -58.49 12.08
CA GLY D 125 -5.62 -58.06 12.95
C GLY D 125 -5.53 -58.71 14.31
N GLU D 126 -4.39 -59.33 14.60
CA GLU D 126 -4.18 -60.12 15.80
C GLU D 126 -4.31 -59.31 17.07
N THR D 127 -5.27 -59.68 17.92
CA THR D 127 -5.56 -58.95 19.14
C THR D 127 -4.59 -59.24 20.26
N SER D 128 -4.00 -60.44 20.26
CA SER D 128 -3.07 -60.82 21.32
C SER D 128 -1.91 -59.82 21.40
N LEU D 129 -1.63 -59.34 22.59
CA LEU D 129 -0.48 -58.48 22.79
C LEU D 129 0.80 -59.30 22.62
N TYR D 130 1.88 -58.63 22.23
CA TYR D 130 3.20 -59.26 22.10
C TYR D 130 3.23 -60.44 21.13
N ALA D 131 2.45 -60.34 20.06
CA ALA D 131 2.31 -61.46 19.12
C ALA D 131 3.22 -61.35 17.88
N ASN D 132 4.01 -60.28 17.81
CA ASN D 132 4.89 -60.01 16.66
C ASN D 132 5.91 -61.11 16.40
N ILE D 133 6.02 -61.52 15.13
CA ILE D 133 6.99 -62.55 14.73
C ILE D 133 7.86 -62.04 13.57
N ILE D 134 9.16 -62.32 13.66
CA ILE D 134 10.11 -62.05 12.57
C ILE D 134 10.55 -63.37 11.95
N LEU D 135 10.36 -63.51 10.64
CA LEU D 135 10.73 -64.73 9.93
C LEU D 135 11.81 -64.47 8.89
N LYS D 136 12.79 -65.36 8.83
CA LYS D 136 13.95 -65.22 7.95
C LYS D 136 13.95 -66.32 6.89
N LYS D 137 13.92 -65.93 5.62
CA LYS D 137 13.81 -66.89 4.53
C LYS D 137 15.13 -67.61 4.30
N GLY D 138 15.02 -68.92 4.07
CA GLY D 138 16.16 -69.76 3.73
C GLY D 138 16.26 -70.05 2.25
N VAL D 139 17.04 -71.08 1.94
CA VAL D 139 17.23 -71.54 0.57
C VAL D 139 16.10 -72.50 0.21
N VAL D 140 15.64 -72.45 -1.03
CA VAL D 140 14.61 -73.38 -1.49
C VAL D 140 15.24 -74.64 -2.12
N VAL D 141 14.77 -75.80 -1.67
CA VAL D 141 15.27 -77.13 -2.11
C VAL D 141 15.47 -77.25 -3.63
N LEU E 2 14.57 -59.34 -31.99
CA LEU E 2 15.25 -58.64 -33.11
C LEU E 2 16.40 -59.48 -33.67
N LYS E 3 16.69 -59.31 -34.95
CA LYS E 3 17.78 -60.03 -35.60
C LYS E 3 19.13 -59.54 -35.08
N HIS E 4 20.12 -60.43 -35.05
CA HIS E 4 21.51 -60.14 -34.60
C HIS E 4 21.67 -59.83 -33.13
N ILE E 5 20.64 -60.08 -32.33
CA ILE E 5 20.68 -59.84 -30.90
C ILE E 5 20.28 -61.12 -30.19
N PRO E 6 21.04 -61.53 -29.16
CA PRO E 6 20.77 -62.76 -28.42
C PRO E 6 19.31 -62.84 -27.95
N LYS E 7 18.71 -64.02 -28.08
CA LYS E 7 17.28 -64.21 -27.81
C LYS E 7 16.93 -64.29 -26.32
N ASN E 8 17.95 -64.45 -25.47
CA ASN E 8 17.74 -64.54 -24.02
C ASN E 8 18.11 -63.25 -23.27
N ILE E 9 18.36 -62.17 -24.01
CA ILE E 9 18.48 -60.83 -23.43
C ILE E 9 17.15 -60.10 -23.57
N SER E 10 16.49 -59.85 -22.43
CA SER E 10 15.20 -59.15 -22.40
C SER E 10 15.32 -57.67 -22.86
N PRO E 11 14.20 -57.06 -23.33
CA PRO E 11 14.22 -55.66 -23.75
C PRO E 11 14.80 -54.76 -22.65
N ASP E 12 14.30 -54.92 -21.43
CA ASP E 12 14.74 -54.02 -20.38
C ASP E 12 16.19 -54.30 -20.00
N LEU E 13 16.61 -55.57 -20.09
CA LEU E 13 18.03 -55.90 -19.82
C LEU E 13 18.96 -55.25 -20.83
N LEU E 14 18.55 -55.21 -22.09
CA LEU E 14 19.40 -54.65 -23.13
C LEU E 14 19.55 -53.13 -22.96
N LYS E 15 18.44 -52.47 -22.67
CA LYS E 15 18.44 -51.06 -22.35
C LYS E 15 19.46 -50.78 -21.24
N THR E 16 19.40 -51.53 -20.15
CA THR E 16 20.27 -51.26 -19.00
C THR E 16 21.74 -51.58 -19.27
N LEU E 17 22.02 -52.64 -20.01
CA LEU E 17 23.37 -52.91 -20.51
C LEU E 17 23.90 -51.77 -21.38
N MET E 18 23.03 -51.20 -22.20
CA MET E 18 23.42 -50.12 -23.11
C MET E 18 23.70 -48.81 -22.40
N GLU E 19 22.86 -48.50 -21.42
CA GLU E 19 23.01 -47.24 -20.69
C GLU E 19 24.13 -47.34 -19.63
N MET E 20 24.50 -48.56 -19.26
CA MET E 20 25.67 -48.73 -18.41
C MET E 20 26.91 -48.09 -19.05
N GLY E 21 27.75 -47.49 -18.22
CA GLY E 21 29.00 -46.90 -18.69
C GLY E 21 30.18 -47.69 -18.14
N HIS E 22 31.37 -47.23 -18.49
CA HIS E 22 32.62 -47.81 -18.00
C HIS E 22 32.67 -47.73 -16.48
N GLY E 23 32.79 -48.88 -15.83
CA GLY E 23 32.85 -48.96 -14.39
C GLY E 23 31.58 -49.43 -13.71
N ASP E 24 30.44 -49.29 -14.37
CA ASP E 24 29.17 -49.74 -13.81
C ASP E 24 29.15 -51.26 -13.63
N GLU E 25 28.56 -51.71 -12.53
CA GLU E 25 28.48 -53.14 -12.24
C GLU E 25 27.06 -53.69 -12.36
N ILE E 26 26.96 -54.92 -12.85
CA ILE E 26 25.67 -55.62 -12.94
C ILE E 26 25.76 -57.01 -12.29
N VAL E 27 24.77 -57.34 -11.47
CA VAL E 27 24.77 -58.61 -10.76
C VAL E 27 23.88 -59.59 -11.50
N LEU E 28 24.37 -60.82 -11.69
CA LEU E 28 23.56 -61.90 -12.18
C LEU E 28 23.29 -62.81 -10.99
N ALA E 29 22.10 -62.66 -10.43
CA ALA E 29 21.74 -63.30 -9.19
C ALA E 29 21.02 -64.63 -9.40
N ASP E 30 21.32 -65.62 -8.56
CA ASP E 30 20.64 -66.91 -8.66
C ASP E 30 19.27 -66.84 -7.99
N ALA E 31 18.51 -67.92 -8.09
CA ALA E 31 17.12 -67.93 -7.66
C ALA E 31 16.96 -67.67 -6.17
N ASN E 32 18.01 -67.99 -5.41
CA ASN E 32 17.96 -67.85 -3.96
C ASN E 32 18.45 -66.50 -3.43
N TYR E 33 19.12 -65.74 -4.28
CA TYR E 33 19.68 -64.44 -3.90
C TYR E 33 18.58 -63.42 -3.54
N PRO E 34 18.84 -62.56 -2.56
CA PRO E 34 17.87 -61.53 -2.25
C PRO E 34 17.94 -60.36 -3.24
N SER E 35 17.54 -60.62 -4.49
CA SER E 35 17.65 -59.64 -5.57
C SER E 35 16.79 -58.40 -5.35
N ALA E 36 15.49 -58.60 -5.11
CA ALA E 36 14.55 -57.50 -4.96
C ALA E 36 14.88 -56.57 -3.79
N SER E 37 15.28 -57.16 -2.66
CA SER E 37 15.66 -56.38 -1.48
C SER E 37 16.94 -55.57 -1.65
N CYS E 38 17.84 -56.03 -2.53
CA CYS E 38 19.15 -55.41 -2.72
C CYS E 38 19.20 -54.47 -3.94
N ALA E 39 18.35 -54.74 -4.92
CA ALA E 39 18.40 -54.03 -6.21
C ALA E 39 18.20 -52.52 -6.09
N ASN E 40 19.10 -51.77 -6.72
CA ASN E 40 18.81 -50.37 -6.95
C ASN E 40 17.88 -50.31 -8.14
N LYS E 41 18.13 -51.19 -9.09
CA LYS E 41 17.35 -51.30 -10.29
C LYS E 41 17.23 -52.79 -10.59
N LEU E 42 15.98 -53.26 -10.69
CA LEU E 42 15.67 -54.69 -10.73
C LEU E 42 15.21 -55.15 -12.10
N ILE E 43 15.89 -56.15 -12.64
CA ILE E 43 15.45 -56.87 -13.84
C ILE E 43 15.17 -58.32 -13.43
N ARG E 44 13.99 -58.81 -13.74
CA ARG E 44 13.70 -60.21 -13.46
C ARG E 44 13.83 -61.02 -14.73
N CYS E 45 14.60 -62.09 -14.67
CA CYS E 45 14.60 -63.08 -15.73
C CYS E 45 14.45 -64.46 -15.08
N ASP E 46 13.29 -64.68 -14.47
CA ASP E 46 13.04 -65.83 -13.61
C ASP E 46 13.05 -67.16 -14.37
N GLY E 47 13.17 -67.10 -15.69
CA GLY E 47 13.15 -68.29 -16.52
C GLY E 47 14.47 -68.59 -17.19
N VAL E 48 15.48 -67.78 -16.89
CA VAL E 48 16.77 -67.87 -17.54
C VAL E 48 17.80 -68.33 -16.52
N ASN E 49 18.75 -69.14 -16.98
CA ASN E 49 19.85 -69.63 -16.15
C ASN E 49 21.11 -68.84 -16.42
N ILE E 50 21.99 -68.76 -15.42
CA ILE E 50 23.13 -67.84 -15.50
C ILE E 50 24.16 -68.14 -16.59
N PRO E 51 24.64 -69.40 -16.71
CA PRO E 51 25.65 -69.62 -17.77
C PRO E 51 25.18 -69.08 -19.13
N GLU E 52 23.94 -69.38 -19.48
CA GLU E 52 23.29 -68.96 -20.71
C GLU E 52 23.23 -67.42 -20.84
N LEU E 53 22.95 -66.75 -19.72
CA LEU E 53 22.83 -65.30 -19.72
C LEU E 53 24.20 -64.64 -19.68
N LEU E 54 25.14 -65.28 -19.00
CA LEU E 54 26.53 -64.80 -18.97
C LEU E 54 27.12 -64.81 -20.39
N ASP E 55 26.84 -65.88 -21.13
CA ASP E 55 27.33 -66.04 -22.49
C ASP E 55 26.87 -64.89 -23.38
N SER E 56 25.57 -64.61 -23.36
CA SER E 56 24.97 -63.51 -24.11
C SER E 56 25.53 -62.16 -23.70
N ILE E 57 25.70 -61.94 -22.40
CA ILE E 57 26.21 -60.66 -21.90
C ILE E 57 27.65 -60.44 -22.32
N LEU E 58 28.45 -61.50 -22.28
CA LEU E 58 29.86 -61.36 -22.64
C LEU E 58 30.03 -61.05 -24.13
N TYR E 59 29.17 -61.62 -24.96
CA TYR E 59 29.12 -61.31 -26.39
C TYR E 59 28.88 -59.81 -26.65
N LEU E 60 28.01 -59.20 -25.85
CA LEU E 60 27.63 -57.80 -26.02
C LEU E 60 28.54 -56.83 -25.28
N MET E 61 28.84 -57.16 -24.02
CA MET E 61 29.49 -56.22 -23.11
C MET E 61 30.94 -56.62 -22.77
N PRO E 62 31.89 -55.69 -23.00
CA PRO E 62 33.27 -55.93 -22.62
C PRO E 62 33.44 -55.77 -21.10
N LEU E 63 34.43 -56.46 -20.55
CA LEU E 63 34.68 -56.40 -19.11
C LEU E 63 35.76 -55.37 -18.80
N ASP E 64 35.76 -54.86 -17.57
CA ASP E 64 36.59 -53.70 -17.22
C ASP E 64 38.05 -54.08 -17.11
N SER E 65 38.86 -53.53 -18.00
CA SER E 65 40.30 -53.81 -18.03
C SER E 65 41.09 -53.00 -17.01
N TYR E 66 40.50 -51.90 -16.53
CA TYR E 66 41.19 -50.97 -15.63
C TYR E 66 41.11 -51.35 -14.15
N VAL E 67 40.62 -52.55 -13.87
CA VAL E 67 40.58 -53.04 -12.50
C VAL E 67 41.28 -54.41 -12.41
N ASP E 68 41.63 -54.83 -11.19
CA ASP E 68 42.24 -56.13 -11.00
C ASP E 68 41.20 -57.23 -11.14
N SER E 69 39.96 -56.93 -10.76
CA SER E 69 38.88 -57.91 -10.77
C SER E 69 37.59 -57.33 -11.35
N SER E 70 37.25 -57.76 -12.57
CA SER E 70 36.00 -57.33 -13.20
C SER E 70 34.87 -58.34 -12.97
N ILE E 71 35.25 -59.53 -12.47
CA ILE E 71 34.29 -60.58 -12.13
C ILE E 71 34.39 -60.94 -10.64
N GLN E 72 33.23 -61.14 -10.00
CA GLN E 72 33.17 -61.64 -8.64
C GLN E 72 32.14 -62.76 -8.46
N PHE E 73 32.53 -63.81 -7.75
CA PHE E 73 31.60 -64.81 -7.24
C PHE E 73 31.41 -64.62 -5.73
N MET E 74 30.30 -65.12 -5.19
CA MET E 74 30.11 -65.16 -3.73
C MET E 74 30.81 -66.40 -3.15
N ASN E 75 31.78 -66.19 -2.28
CA ASN E 75 32.58 -67.28 -1.73
C ASN E 75 31.73 -68.15 -0.80
N VAL E 76 31.96 -69.47 -0.84
CA VAL E 76 31.27 -70.39 0.06
C VAL E 76 31.85 -70.31 1.49
N VAL E 77 31.06 -70.74 2.47
CA VAL E 77 31.53 -70.91 3.85
C VAL E 77 32.56 -72.05 3.87
N SER E 78 33.73 -71.79 4.45
CA SER E 78 34.76 -72.82 4.61
C SER E 78 34.32 -73.94 5.57
N GLY E 79 34.66 -75.19 5.27
CA GLY E 79 35.29 -75.59 4.01
C GLY E 79 34.30 -76.39 3.18
N ASP E 80 33.11 -75.80 3.00
CA ASP E 80 32.01 -76.39 2.21
C ASP E 80 32.42 -76.65 0.77
N ASP E 81 31.60 -77.41 0.05
CA ASP E 81 31.92 -77.79 -1.31
C ASP E 81 31.90 -76.59 -2.25
N ILE E 82 32.94 -76.50 -3.07
CA ILE E 82 33.06 -75.52 -4.14
C ILE E 82 31.98 -75.82 -5.19
N PRO E 83 31.15 -74.82 -5.53
CA PRO E 83 30.06 -75.04 -6.47
C PRO E 83 30.58 -75.51 -7.83
N LYS E 84 29.91 -76.52 -8.38
CA LYS E 84 30.33 -77.15 -9.64
C LYS E 84 30.19 -76.21 -10.84
N ILE E 85 29.11 -75.42 -10.82
CA ILE E 85 28.79 -74.50 -11.92
C ILE E 85 29.89 -73.47 -12.16
N TRP E 86 30.64 -73.13 -11.11
CA TRP E 86 31.79 -72.24 -11.25
C TRP E 86 32.68 -72.64 -12.44
N GLY E 87 32.90 -73.94 -12.61
CA GLY E 87 33.65 -74.46 -13.75
C GLY E 87 33.04 -74.07 -15.08
N THR E 88 31.72 -74.25 -15.19
CA THR E 88 30.97 -73.84 -16.38
C THR E 88 31.22 -72.36 -16.65
N TYR E 89 31.05 -71.53 -15.63
CA TYR E 89 31.25 -70.08 -15.75
C TYR E 89 32.64 -69.78 -16.28
N ARG E 90 33.61 -70.35 -15.60
CA ARG E 90 35.04 -70.18 -15.85
C ARG E 90 35.39 -70.50 -17.31
N GLN E 91 34.91 -71.64 -17.79
CA GLN E 91 35.14 -72.10 -19.16
C GLN E 91 34.43 -71.23 -20.21
N MET E 92 33.56 -70.34 -19.75
CA MET E 92 32.86 -69.45 -20.66
C MET E 92 33.50 -68.07 -20.63
N ILE E 93 33.94 -67.65 -19.44
CA ILE E 93 34.67 -66.40 -19.24
C ILE E 93 35.99 -66.44 -20.04
N GLU E 94 36.74 -67.53 -19.86
CA GLU E 94 37.85 -67.88 -20.76
C GLU E 94 37.19 -68.50 -21.98
N GLY E 95 37.26 -67.80 -23.10
CA GLY E 95 36.46 -68.15 -24.27
C GLY E 95 36.05 -66.86 -24.94
N HIS E 96 35.56 -65.92 -24.14
CA HIS E 96 35.31 -64.58 -24.61
C HIS E 96 36.60 -63.76 -24.54
N GLY E 97 37.70 -64.46 -24.25
CA GLY E 97 39.02 -63.85 -24.18
C GLY E 97 39.30 -63.13 -22.86
N THR E 98 38.68 -63.61 -21.78
CA THR E 98 38.91 -62.99 -20.49
C THR E 98 39.76 -63.86 -19.59
N ASP E 99 40.87 -63.28 -19.13
CA ASP E 99 41.78 -63.94 -18.22
C ASP E 99 41.05 -64.38 -16.95
N LEU E 100 41.18 -65.66 -16.60
CA LEU E 100 40.57 -66.22 -15.40
C LEU E 100 41.08 -65.58 -14.11
N LYS E 101 42.30 -65.06 -14.15
CA LYS E 101 42.90 -64.44 -12.97
C LYS E 101 42.19 -63.14 -12.54
N THR E 102 41.09 -62.80 -13.21
CA THR E 102 40.30 -61.61 -12.83
C THR E 102 39.12 -61.93 -11.90
N ILE E 103 38.77 -63.22 -11.81
CA ILE E 103 37.70 -63.64 -10.93
C ILE E 103 38.13 -63.49 -9.47
N THR E 104 37.18 -63.13 -8.62
CA THR E 104 37.45 -62.82 -7.22
C THR E 104 36.26 -63.25 -6.37
N TYR E 105 36.52 -63.59 -5.11
CA TYR E 105 35.52 -64.21 -4.27
C TYR E 105 35.22 -63.36 -3.03
N LEU E 106 33.94 -63.07 -2.85
CA LEU E 106 33.50 -62.16 -1.82
C LEU E 106 32.72 -62.88 -0.75
N ARG E 107 32.94 -62.47 0.48
CA ARG E 107 32.14 -62.94 1.59
C ARG E 107 30.69 -62.55 1.36
N ARG E 108 29.79 -63.48 1.69
CA ARG E 108 28.34 -63.28 1.57
C ARG E 108 27.95 -61.82 1.84
N GLU E 109 28.43 -61.30 2.97
CA GLU E 109 28.08 -59.96 3.44
C GLU E 109 28.67 -58.90 2.52
N ASP E 110 29.91 -59.10 2.13
CA ASP E 110 30.60 -58.24 1.18
C ASP E 110 29.90 -58.26 -0.19
N PHE E 111 29.54 -59.45 -0.65
CA PHE E 111 28.84 -59.61 -1.91
C PHE E 111 27.53 -58.84 -1.89
N TYR E 112 26.75 -59.01 -0.82
CA TYR E 112 25.49 -58.27 -0.67
C TYR E 112 25.75 -56.80 -0.86
N GLU E 113 26.69 -56.27 -0.08
CA GLU E 113 26.96 -54.83 -0.06
C GLU E 113 27.36 -54.28 -1.42
N ARG E 114 28.13 -55.06 -2.16
CA ARG E 114 28.51 -54.66 -3.50
C ARG E 114 27.34 -54.69 -4.47
N SER E 115 26.43 -55.65 -4.29
CA SER E 115 25.25 -55.74 -5.15
C SER E 115 24.33 -54.52 -5.01
N LYS E 116 24.25 -53.95 -3.82
CA LYS E 116 23.46 -52.73 -3.55
C LYS E 116 24.02 -51.50 -4.29
N LYS E 117 25.34 -51.47 -4.45
CA LYS E 117 26.02 -50.36 -5.14
C LYS E 117 26.03 -50.56 -6.66
N ALA E 118 25.68 -51.77 -7.12
CA ALA E 118 25.69 -52.10 -8.54
C ALA E 118 24.58 -51.33 -9.26
N TYR E 119 24.74 -51.14 -10.56
CA TYR E 119 23.74 -50.41 -11.33
C TYR E 119 22.42 -51.16 -11.41
N ALA E 120 22.50 -52.50 -11.52
CA ALA E 120 21.32 -53.35 -11.60
C ALA E 120 21.61 -54.78 -11.16
N ILE E 121 20.57 -55.47 -10.71
CA ILE E 121 20.60 -56.89 -10.42
C ILE E 121 19.53 -57.62 -11.24
N VAL E 122 19.95 -58.55 -12.08
CA VAL E 122 18.98 -59.44 -12.72
C VAL E 122 18.75 -60.72 -11.89
N ALA E 123 17.48 -61.01 -11.64
CA ALA E 123 17.07 -62.16 -10.88
C ALA E 123 16.72 -63.31 -11.84
N THR E 124 17.54 -64.36 -11.80
CA THR E 124 17.41 -65.47 -12.73
C THR E 124 16.82 -66.66 -12.02
N GLY E 125 16.47 -67.69 -12.79
CA GLY E 125 15.92 -68.92 -12.22
C GLY E 125 16.96 -69.98 -11.91
N GLU E 126 18.23 -69.61 -11.97
CA GLU E 126 19.34 -70.52 -11.70
C GLU E 126 19.19 -71.15 -10.32
N THR E 127 18.90 -72.45 -10.31
CA THR E 127 18.59 -73.23 -9.10
C THR E 127 19.83 -73.63 -8.30
N SER E 128 20.99 -73.57 -8.93
CA SER E 128 22.24 -73.96 -8.28
C SER E 128 22.67 -72.91 -7.25
N LEU E 129 23.28 -73.39 -6.17
CA LEU E 129 23.70 -72.57 -5.03
C LEU E 129 25.03 -71.86 -5.28
N TYR E 130 25.20 -70.71 -4.63
CA TYR E 130 26.37 -69.84 -4.83
C TYR E 130 26.68 -69.58 -6.30
N ALA E 131 25.65 -69.25 -7.08
CA ALA E 131 25.80 -69.16 -8.52
C ALA E 131 25.91 -67.71 -9.03
N ASN E 132 25.98 -66.77 -8.11
CA ASN E 132 25.93 -65.33 -8.40
C ASN E 132 27.19 -64.79 -9.07
N ILE E 133 27.05 -63.70 -9.82
CA ILE E 133 28.20 -63.05 -10.50
C ILE E 133 28.03 -61.55 -10.58
N ILE E 134 29.08 -60.81 -10.27
CA ILE E 134 29.09 -59.38 -10.54
C ILE E 134 30.01 -59.11 -11.73
N LEU E 135 29.54 -58.34 -12.69
CA LEU E 135 30.34 -57.99 -13.88
C LEU E 135 30.54 -56.49 -13.97
N LYS E 136 31.75 -56.07 -14.34
CA LYS E 136 32.03 -54.65 -14.44
C LYS E 136 32.32 -54.23 -15.88
N LYS E 137 31.54 -53.28 -16.39
CA LYS E 137 31.59 -52.91 -17.79
C LYS E 137 32.90 -52.25 -18.19
N GLY E 138 33.46 -52.71 -19.31
CA GLY E 138 34.66 -52.11 -19.87
C GLY E 138 34.37 -51.00 -20.87
N VAL E 139 35.41 -50.57 -21.56
CA VAL E 139 35.32 -49.57 -22.61
C VAL E 139 35.08 -50.24 -23.96
N VAL E 140 34.38 -49.52 -24.85
CA VAL E 140 34.02 -50.04 -26.16
C VAL E 140 34.87 -49.41 -27.28
N LEU F 2 19.79 -17.02 -20.37
CA LEU F 2 20.91 -17.35 -21.29
C LEU F 2 21.14 -16.23 -22.29
N LYS F 3 22.23 -16.34 -23.04
CA LYS F 3 22.54 -15.41 -24.11
C LYS F 3 21.77 -15.80 -25.36
N HIS F 4 21.27 -14.79 -26.07
CA HIS F 4 20.58 -14.92 -27.37
C HIS F 4 19.12 -15.39 -27.32
N ILE F 5 18.62 -15.59 -26.10
CA ILE F 5 17.22 -15.95 -25.91
C ILE F 5 16.50 -14.76 -25.28
N PRO F 6 15.33 -14.41 -25.83
CA PRO F 6 14.58 -13.31 -25.23
C PRO F 6 14.31 -13.56 -23.75
N LYS F 7 14.45 -12.51 -22.94
CA LYS F 7 14.44 -12.59 -21.46
C LYS F 7 13.10 -13.00 -20.81
N ASN F 8 12.02 -12.96 -21.58
CA ASN F 8 10.66 -13.24 -21.06
C ASN F 8 10.08 -14.60 -21.48
N ILE F 9 10.90 -15.44 -22.13
CA ILE F 9 10.55 -16.83 -22.40
C ILE F 9 11.09 -17.68 -21.26
N SER F 10 10.20 -18.27 -20.47
CA SER F 10 10.59 -19.11 -19.33
C SER F 10 11.14 -20.45 -19.81
N PRO F 11 11.91 -21.15 -18.93
CA PRO F 11 12.55 -22.41 -19.33
C PRO F 11 11.55 -23.43 -19.91
N ASP F 12 10.43 -23.61 -19.22
CA ASP F 12 9.43 -24.58 -19.66
C ASP F 12 8.69 -24.14 -20.92
N LEU F 13 8.51 -22.83 -21.12
CA LEU F 13 7.91 -22.33 -22.38
C LEU F 13 8.78 -22.61 -23.60
N LEU F 14 10.07 -22.36 -23.50
CA LEU F 14 10.97 -22.60 -24.62
C LEU F 14 10.98 -24.06 -25.01
N LYS F 15 11.10 -24.93 -24.00
CA LYS F 15 10.97 -26.37 -24.19
C LYS F 15 9.73 -26.70 -25.00
N THR F 16 8.56 -26.28 -24.50
CA THR F 16 7.32 -26.64 -25.18
C THR F 16 7.29 -26.07 -26.60
N LEU F 17 7.78 -24.84 -26.78
CA LEU F 17 7.94 -24.25 -28.11
C LEU F 17 8.78 -25.12 -29.07
N MET F 18 9.86 -25.71 -28.56
CA MET F 18 10.72 -26.58 -29.38
C MET F 18 10.13 -27.98 -29.62
N GLU F 19 9.40 -28.48 -28.62
CA GLU F 19 8.70 -29.76 -28.72
C GLU F 19 7.61 -29.70 -29.75
N MET F 20 7.05 -28.50 -29.94
CA MET F 20 5.97 -28.31 -30.89
C MET F 20 6.48 -28.55 -32.30
N GLY F 21 5.65 -29.22 -33.09
CA GLY F 21 5.95 -29.45 -34.49
C GLY F 21 5.09 -28.57 -35.37
N HIS F 22 5.08 -28.89 -36.66
CA HIS F 22 4.24 -28.24 -37.64
C HIS F 22 2.76 -28.51 -37.35
N GLY F 23 1.95 -27.45 -37.32
CA GLY F 23 0.50 -27.59 -37.08
C GLY F 23 0.07 -27.47 -35.64
N ASP F 24 0.98 -27.75 -34.71
CA ASP F 24 0.73 -27.60 -33.28
C ASP F 24 0.30 -26.17 -32.97
N GLU F 25 -0.67 -26.04 -32.08
CA GLU F 25 -1.12 -24.73 -31.63
C GLU F 25 -0.76 -24.42 -30.18
N ILE F 26 -0.59 -23.14 -29.88
CA ILE F 26 -0.36 -22.66 -28.53
C ILE F 26 -1.24 -21.43 -28.28
N VAL F 27 -1.94 -21.45 -27.15
CA VAL F 27 -2.84 -20.37 -26.74
C VAL F 27 -2.10 -19.44 -25.79
N LEU F 28 -2.09 -18.14 -26.11
CA LEU F 28 -1.64 -17.10 -25.21
C LEU F 28 -2.85 -16.49 -24.48
N ALA F 29 -3.00 -16.83 -23.21
CA ALA F 29 -4.23 -16.60 -22.50
C ALA F 29 -4.10 -15.44 -21.55
N ASP F 30 -5.04 -14.48 -21.66
CA ASP F 30 -5.08 -13.35 -20.75
C ASP F 30 -5.44 -13.82 -19.35
N ALA F 31 -5.30 -12.93 -18.38
CA ALA F 31 -5.45 -13.26 -16.97
C ALA F 31 -6.88 -13.62 -16.55
N ASN F 32 -7.85 -13.47 -17.44
CA ASN F 32 -9.24 -13.88 -17.14
C ASN F 32 -9.64 -15.21 -17.79
N TYR F 33 -8.76 -15.78 -18.60
CA TYR F 33 -9.07 -17.01 -19.32
C TYR F 33 -9.06 -18.20 -18.35
N PRO F 34 -9.93 -19.20 -18.59
CA PRO F 34 -9.84 -20.40 -17.75
C PRO F 34 -8.72 -21.32 -18.27
N SER F 35 -7.47 -20.89 -18.05
CA SER F 35 -6.29 -21.56 -18.61
C SER F 35 -6.10 -22.96 -18.04
N ALA F 36 -6.07 -23.06 -16.71
CA ALA F 36 -5.84 -24.30 -15.99
C ALA F 36 -6.85 -25.41 -16.29
N SER F 37 -8.11 -25.04 -16.51
CA SER F 37 -9.17 -26.02 -16.75
C SER F 37 -9.26 -26.46 -18.21
N CYS F 38 -8.71 -25.68 -19.13
CA CYS F 38 -8.77 -25.99 -20.56
C CYS F 38 -7.53 -26.71 -21.06
N ALA F 39 -6.39 -26.45 -20.39
CA ALA F 39 -5.07 -26.82 -20.89
C ALA F 39 -4.75 -28.32 -20.92
N ASN F 40 -4.42 -28.80 -22.11
CA ASN F 40 -3.80 -30.12 -22.21
C ASN F 40 -2.49 -30.13 -21.44
N LYS F 41 -1.72 -29.06 -21.60
CA LYS F 41 -0.47 -28.82 -20.89
C LYS F 41 -0.45 -27.34 -20.51
N LEU F 42 -0.11 -27.07 -19.25
CA LEU F 42 -0.19 -25.72 -18.72
C LEU F 42 1.18 -25.11 -18.44
N ILE F 43 1.37 -23.88 -18.93
CA ILE F 43 2.54 -23.06 -18.66
C ILE F 43 2.03 -21.76 -18.05
N ARG F 44 2.50 -21.42 -16.85
CA ARG F 44 2.10 -20.19 -16.18
C ARG F 44 3.15 -19.09 -16.30
N CYS F 45 2.76 -17.94 -16.85
CA CYS F 45 3.62 -16.77 -16.89
C CYS F 45 2.82 -15.56 -16.40
N ASP F 46 2.35 -15.68 -15.15
CA ASP F 46 1.45 -14.70 -14.51
C ASP F 46 1.98 -13.27 -14.46
N GLY F 47 3.30 -13.11 -14.63
CA GLY F 47 3.91 -11.80 -14.57
C GLY F 47 4.27 -11.24 -15.94
N VAL F 48 3.72 -11.86 -16.99
CA VAL F 48 4.00 -11.42 -18.35
C VAL F 48 2.71 -10.93 -19.01
N ASN F 49 2.83 -9.88 -19.82
CA ASN F 49 1.73 -9.44 -20.67
C ASN F 49 1.92 -10.01 -22.07
N ILE F 50 0.82 -10.12 -22.82
CA ILE F 50 0.83 -10.84 -24.10
C ILE F 50 1.60 -10.16 -25.23
N PRO F 51 1.48 -8.82 -25.36
CA PRO F 51 2.15 -8.26 -26.54
C PRO F 51 3.66 -8.55 -26.58
N GLU F 52 4.33 -8.46 -25.44
CA GLU F 52 5.77 -8.71 -25.36
C GLU F 52 6.10 -10.18 -25.50
N LEU F 53 5.21 -11.02 -24.97
CA LEU F 53 5.27 -12.46 -25.15
C LEU F 53 5.11 -12.80 -26.63
N LEU F 54 4.06 -12.26 -27.25
CA LEU F 54 3.84 -12.45 -28.68
C LEU F 54 5.07 -12.11 -29.50
N ASP F 55 5.74 -11.01 -29.15
CA ASP F 55 6.93 -10.56 -29.87
C ASP F 55 8.04 -11.63 -29.83
N SER F 56 8.39 -12.08 -28.62
CA SER F 56 9.40 -13.11 -28.43
C SER F 56 9.06 -14.41 -29.16
N ILE F 57 7.80 -14.82 -29.07
CA ILE F 57 7.38 -16.08 -29.67
C ILE F 57 7.45 -15.99 -31.20
N LEU F 58 6.89 -14.94 -31.78
CA LEU F 58 6.94 -14.79 -33.23
C LEU F 58 8.38 -14.61 -33.71
N TYR F 59 9.22 -14.03 -32.86
CA TYR F 59 10.67 -13.97 -33.14
C TYR F 59 11.27 -15.37 -33.28
N LEU F 60 10.93 -16.27 -32.35
CA LEU F 60 11.49 -17.62 -32.31
C LEU F 60 10.73 -18.63 -33.17
N MET F 61 9.43 -18.44 -33.34
CA MET F 61 8.60 -19.46 -33.96
C MET F 61 7.85 -18.97 -35.21
N PRO F 62 8.06 -19.67 -36.35
CA PRO F 62 7.35 -19.42 -37.60
C PRO F 62 5.88 -19.81 -37.48
N LEU F 63 5.02 -19.12 -38.22
CA LEU F 63 3.61 -19.45 -38.23
C LEU F 63 3.27 -20.38 -39.39
N ASP F 64 2.21 -21.16 -39.20
CA ASP F 64 1.79 -22.13 -40.18
C ASP F 64 1.26 -21.42 -41.41
N SER F 65 2.06 -21.45 -42.48
CA SER F 65 1.68 -20.87 -43.77
C SER F 65 1.08 -21.92 -44.70
N TYR F 66 0.52 -22.98 -44.13
CA TYR F 66 -0.04 -24.10 -44.89
C TYR F 66 -1.56 -24.25 -44.71
N VAL F 67 -2.14 -23.40 -43.89
CA VAL F 67 -3.60 -23.40 -43.67
C VAL F 67 -4.14 -21.96 -43.81
N ASP F 68 -5.47 -21.82 -43.78
CA ASP F 68 -6.12 -20.51 -43.96
C ASP F 68 -5.80 -19.50 -42.85
N SER F 69 -5.98 -19.92 -41.60
CA SER F 69 -5.73 -19.06 -40.44
C SER F 69 -4.67 -19.63 -39.49
N SER F 70 -3.53 -18.93 -39.40
CA SER F 70 -2.46 -19.31 -38.46
C SER F 70 -2.58 -18.61 -37.09
N ILE F 71 -3.53 -17.69 -36.98
CA ILE F 71 -3.75 -16.93 -35.75
C ILE F 71 -5.24 -16.76 -35.53
N GLN F 72 -5.67 -16.93 -34.29
CA GLN F 72 -7.07 -16.72 -33.90
C GLN F 72 -7.17 -15.86 -32.65
N PHE F 73 -8.04 -14.85 -32.69
CA PHE F 73 -8.39 -14.10 -31.48
C PHE F 73 -9.77 -14.52 -31.03
N MET F 74 -10.21 -13.99 -29.89
CA MET F 74 -11.56 -14.24 -29.42
C MET F 74 -12.47 -13.05 -29.75
N ASN F 75 -13.44 -13.31 -30.63
CA ASN F 75 -14.47 -12.33 -30.98
C ASN F 75 -15.24 -11.94 -29.73
N VAL F 76 -15.57 -10.66 -29.63
CA VAL F 76 -16.33 -10.16 -28.48
C VAL F 76 -17.79 -10.56 -28.61
N VAL F 77 -18.45 -10.75 -27.46
CA VAL F 77 -19.90 -10.90 -27.44
C VAL F 77 -20.46 -9.57 -27.94
N SER F 78 -21.12 -9.63 -29.09
CA SER F 78 -21.76 -8.47 -29.75
C SER F 78 -22.27 -7.37 -28.80
N GLY F 79 -21.89 -6.13 -29.09
CA GLY F 79 -22.22 -4.99 -28.23
C GLY F 79 -20.97 -4.45 -27.56
N ASP F 80 -20.32 -5.29 -26.75
CA ASP F 80 -19.06 -4.96 -26.05
C ASP F 80 -17.97 -4.46 -27.00
N ASP F 81 -17.07 -3.65 -26.45
CA ASP F 81 -16.10 -2.94 -27.26
C ASP F 81 -15.09 -3.85 -27.93
N ILE F 82 -14.68 -3.45 -29.13
CA ILE F 82 -13.53 -4.02 -29.81
C ILE F 82 -12.29 -3.63 -28.98
N PRO F 83 -11.61 -4.63 -28.38
CA PRO F 83 -10.50 -4.29 -27.51
C PRO F 83 -9.37 -3.64 -28.30
N LYS F 84 -8.74 -2.64 -27.67
CA LYS F 84 -7.66 -1.87 -28.28
C LYS F 84 -6.47 -2.74 -28.62
N ILE F 85 -6.21 -3.72 -27.75
CA ILE F 85 -5.01 -4.58 -27.82
C ILE F 85 -4.86 -5.28 -29.19
N TRP F 86 -5.99 -5.56 -29.83
CA TRP F 86 -6.04 -6.16 -31.16
C TRP F 86 -5.24 -5.31 -32.16
N GLY F 87 -5.30 -3.99 -31.98
CA GLY F 87 -4.47 -3.05 -32.74
C GLY F 87 -3.00 -3.32 -32.51
N THR F 88 -2.59 -3.36 -31.25
CA THR F 88 -1.21 -3.66 -30.88
C THR F 88 -0.72 -5.00 -31.45
N TYR F 89 -1.58 -6.01 -31.41
CA TYR F 89 -1.26 -7.32 -32.00
C TYR F 89 -0.99 -7.24 -33.50
N ARG F 90 -1.84 -6.49 -34.21
CA ARG F 90 -1.68 -6.33 -35.66
C ARG F 90 -0.35 -5.66 -36.02
N GLN F 91 0.05 -4.67 -35.22
CA GLN F 91 1.34 -4.00 -35.38
C GLN F 91 2.50 -4.90 -34.93
N MET F 92 2.18 -5.97 -34.20
CA MET F 92 3.18 -6.96 -33.80
C MET F 92 3.34 -8.03 -34.87
N ILE F 93 2.21 -8.48 -35.41
CA ILE F 93 2.18 -9.54 -36.41
C ILE F 93 2.74 -9.06 -37.75
N GLU F 94 2.31 -7.87 -38.20
CA GLU F 94 3.05 -7.15 -39.23
C GLU F 94 4.33 -6.65 -38.55
N GLY F 95 5.47 -6.95 -39.15
CA GLY F 95 6.73 -6.95 -38.41
C GLY F 95 6.88 -8.39 -37.95
N HIS F 96 7.97 -9.02 -38.36
CA HIS F 96 8.07 -10.49 -38.41
C HIS F 96 7.51 -11.02 -39.73
N GLY F 97 6.88 -10.12 -40.50
CA GLY F 97 6.43 -10.42 -41.86
C GLY F 97 5.36 -11.47 -41.97
N THR F 98 4.24 -11.26 -41.28
CA THR F 98 3.08 -12.14 -41.43
C THR F 98 1.82 -11.33 -41.79
N ASP F 99 1.04 -11.90 -42.70
CA ASP F 99 -0.12 -11.23 -43.29
C ASP F 99 -1.34 -11.33 -42.37
N LEU F 100 -1.90 -10.17 -42.02
CA LEU F 100 -3.06 -10.07 -41.13
C LEU F 100 -4.29 -10.78 -41.68
N LYS F 101 -4.25 -11.17 -42.95
CA LYS F 101 -5.32 -11.95 -43.56
C LYS F 101 -5.52 -13.28 -42.87
N THR F 102 -4.46 -13.74 -42.17
CA THR F 102 -4.48 -15.02 -41.49
C THR F 102 -5.21 -14.97 -40.14
N ILE F 103 -5.47 -13.77 -39.62
CA ILE F 103 -6.23 -13.65 -38.38
C ILE F 103 -7.71 -13.94 -38.62
N THR F 104 -8.21 -14.98 -37.98
CA THR F 104 -9.63 -15.25 -37.94
C THR F 104 -10.13 -14.92 -36.53
N TYR F 105 -11.44 -14.95 -36.31
CA TYR F 105 -12.01 -14.60 -35.00
C TYR F 105 -13.04 -15.65 -34.60
N LEU F 106 -12.85 -16.25 -33.44
CA LEU F 106 -13.74 -17.31 -32.96
C LEU F 106 -14.63 -16.79 -31.83
N ARG F 107 -15.74 -17.47 -31.59
CA ARG F 107 -16.65 -17.07 -30.51
C ARG F 107 -16.43 -17.92 -29.26
N ARG F 108 -16.52 -17.27 -28.09
CA ARG F 108 -16.24 -17.90 -26.78
C ARG F 108 -16.19 -19.43 -26.81
N GLU F 109 -17.34 -20.07 -26.99
CA GLU F 109 -17.43 -21.53 -26.88
C GLU F 109 -16.72 -22.32 -27.99
N ASP F 110 -16.27 -21.62 -29.03
CA ASP F 110 -15.43 -22.22 -30.06
C ASP F 110 -13.96 -21.97 -29.73
N PHE F 111 -13.70 -20.82 -29.10
CA PHE F 111 -12.35 -20.48 -28.68
C PHE F 111 -11.91 -21.39 -27.55
N TYR F 112 -12.84 -21.69 -26.64
CA TYR F 112 -12.62 -22.64 -25.55
C TYR F 112 -12.31 -24.03 -26.10
N GLU F 113 -13.13 -24.45 -27.07
CA GLU F 113 -13.04 -25.78 -27.67
C GLU F 113 -11.68 -26.01 -28.31
N ARG F 114 -11.24 -25.08 -29.13
CA ARG F 114 -9.93 -25.18 -29.78
C ARG F 114 -8.77 -25.16 -28.80
N SER F 115 -8.88 -24.34 -27.74
CA SER F 115 -7.82 -24.25 -26.72
C SER F 115 -7.60 -25.58 -26.00
N LYS F 116 -8.66 -26.38 -25.88
CA LYS F 116 -8.57 -27.71 -25.28
C LYS F 116 -7.74 -28.63 -26.15
N LYS F 117 -7.77 -28.42 -27.46
CA LYS F 117 -7.10 -29.29 -28.43
C LYS F 117 -5.67 -28.82 -28.77
N ALA F 118 -5.31 -27.62 -28.33
CA ALA F 118 -3.96 -27.09 -28.49
C ALA F 118 -2.95 -27.87 -27.64
N TYR F 119 -1.68 -27.77 -28.01
CA TYR F 119 -0.61 -28.46 -27.29
C TYR F 119 -0.35 -27.81 -25.93
N ALA F 120 -0.39 -26.48 -25.89
CA ALA F 120 -0.22 -25.75 -24.63
C ALA F 120 -1.03 -24.45 -24.51
N ILE F 121 -1.44 -24.16 -23.28
CA ILE F 121 -1.93 -22.84 -22.91
C ILE F 121 -0.94 -22.18 -21.95
N VAL F 122 -0.51 -20.97 -22.28
CA VAL F 122 0.24 -20.15 -21.33
C VAL F 122 -0.63 -19.07 -20.68
N ALA F 123 -0.75 -19.18 -19.36
CA ALA F 123 -1.53 -18.25 -18.54
C ALA F 123 -0.68 -17.03 -18.23
N THR F 124 -1.10 -15.87 -18.72
CA THR F 124 -0.31 -14.63 -18.58
C THR F 124 -0.97 -13.68 -17.59
N GLY F 125 -0.32 -12.55 -17.31
CA GLY F 125 -0.88 -11.54 -16.40
C GLY F 125 -1.72 -10.47 -17.09
N GLU F 126 -1.91 -10.63 -18.41
CA GLU F 126 -2.63 -9.65 -19.23
C GLU F 126 -4.01 -9.33 -18.66
N THR F 127 -4.22 -8.05 -18.33
CA THR F 127 -5.42 -7.60 -17.63
C THR F 127 -6.50 -7.12 -18.60
N SER F 128 -6.07 -6.76 -19.80
CA SER F 128 -6.97 -6.35 -20.86
C SER F 128 -7.86 -7.52 -21.27
N LEU F 129 -9.11 -7.21 -21.58
CA LEU F 129 -10.11 -8.20 -21.96
C LEU F 129 -9.84 -8.74 -23.35
N TYR F 130 -10.50 -9.85 -23.68
CA TYR F 130 -10.45 -10.48 -25.02
C TYR F 130 -9.07 -10.39 -25.68
N ALA F 131 -8.02 -10.63 -24.89
CA ALA F 131 -6.63 -10.48 -25.35
C ALA F 131 -5.98 -11.81 -25.73
N ASN F 132 -6.77 -12.87 -25.64
CA ASN F 132 -6.33 -14.21 -26.00
C ASN F 132 -5.93 -14.33 -27.46
N ILE F 133 -4.83 -15.05 -27.73
CA ILE F 133 -4.34 -15.31 -29.10
C ILE F 133 -4.09 -16.81 -29.27
N ILE F 134 -4.48 -17.37 -30.41
CA ILE F 134 -4.09 -18.76 -30.72
C ILE F 134 -3.09 -18.79 -31.85
N LEU F 135 -1.93 -19.40 -31.60
CA LEU F 135 -0.84 -19.46 -32.56
C LEU F 135 -0.64 -20.86 -33.10
N LYS F 136 -0.41 -20.97 -34.41
CA LYS F 136 -0.14 -22.25 -35.04
C LYS F 136 1.28 -22.27 -35.59
N LYS F 137 2.05 -23.30 -35.22
CA LYS F 137 3.46 -23.40 -35.60
C LYS F 137 3.64 -23.76 -37.08
N GLY F 138 4.65 -23.16 -37.71
CA GLY F 138 5.01 -23.41 -39.10
C GLY F 138 6.29 -24.21 -39.23
N VAL F 139 6.77 -24.37 -40.47
CA VAL F 139 7.99 -25.13 -40.74
C VAL F 139 9.21 -24.29 -40.37
N VAL F 140 10.28 -24.97 -39.97
CA VAL F 140 11.55 -24.32 -39.70
C VAL F 140 12.56 -24.78 -40.74
N VAL F 141 13.03 -23.83 -41.55
CA VAL F 141 14.02 -24.10 -42.60
C VAL F 141 15.07 -22.98 -42.64
N LEU G 2 -1.95 -15.75 6.99
CA LEU G 2 -1.59 -14.48 6.29
C LEU G 2 -2.51 -13.30 6.65
N LYS G 3 -1.99 -12.08 6.50
CA LYS G 3 -2.79 -10.85 6.61
C LYS G 3 -3.62 -10.66 5.33
N HIS G 4 -4.75 -9.98 5.46
CA HIS G 4 -5.56 -9.57 4.30
C HIS G 4 -6.01 -10.74 3.42
N ILE G 5 -6.31 -11.86 4.08
CA ILE G 5 -6.85 -13.05 3.45
C ILE G 5 -7.96 -13.56 4.40
N PRO G 6 -9.15 -13.88 3.87
CA PRO G 6 -10.18 -14.46 4.74
C PRO G 6 -9.66 -15.71 5.45
N LYS G 7 -10.04 -15.90 6.71
CA LYS G 7 -9.36 -16.92 7.55
C LYS G 7 -9.82 -18.37 7.33
N ASN G 8 -10.94 -18.56 6.61
CA ASN G 8 -11.52 -19.89 6.39
C ASN G 8 -11.35 -20.41 4.97
N ILE G 9 -10.31 -19.94 4.31
CA ILE G 9 -9.90 -20.49 3.02
C ILE G 9 -8.55 -21.16 3.19
N SER G 10 -8.51 -22.45 2.90
CA SER G 10 -7.30 -23.25 3.03
C SER G 10 -6.30 -22.86 1.94
N PRO G 11 -5.01 -23.20 2.10
CA PRO G 11 -3.99 -22.90 1.09
C PRO G 11 -4.38 -23.41 -0.29
N ASP G 12 -4.84 -24.65 -0.38
CA ASP G 12 -5.22 -25.24 -1.67
C ASP G 12 -6.49 -24.62 -2.28
N LEU G 13 -7.49 -24.30 -1.46
CA LEU G 13 -8.71 -23.63 -1.96
C LEU G 13 -8.37 -22.30 -2.62
N LEU G 14 -7.53 -21.50 -1.97
CA LEU G 14 -7.22 -20.19 -2.49
C LEU G 14 -6.50 -20.32 -3.81
N LYS G 15 -5.58 -21.28 -3.88
CA LYS G 15 -4.88 -21.54 -5.12
C LYS G 15 -5.87 -21.95 -6.22
N THR G 16 -6.78 -22.88 -5.92
CA THR G 16 -7.73 -23.28 -6.93
C THR G 16 -8.68 -22.13 -7.30
N LEU G 17 -9.05 -21.32 -6.31
CA LEU G 17 -9.82 -20.09 -6.56
C LEU G 17 -9.11 -19.08 -7.47
N MET G 18 -7.79 -19.05 -7.37
CA MET G 18 -6.96 -18.17 -8.18
C MET G 18 -6.75 -18.68 -9.60
N GLU G 19 -6.58 -19.99 -9.74
CA GLU G 19 -6.26 -20.56 -11.04
C GLU G 19 -7.49 -20.74 -11.90
N MET G 20 -8.66 -20.65 -11.29
CA MET G 20 -9.91 -20.62 -12.02
C MET G 20 -10.00 -19.35 -12.86
N GLY G 21 -10.63 -19.47 -14.03
CA GLY G 21 -10.81 -18.34 -14.95
C GLY G 21 -12.27 -18.10 -15.25
N HIS G 22 -12.57 -17.00 -15.94
CA HIS G 22 -13.96 -16.69 -16.31
C HIS G 22 -14.69 -17.92 -16.92
N GLY G 23 -15.77 -18.33 -16.26
CA GLY G 23 -16.59 -19.46 -16.73
C GLY G 23 -16.43 -20.74 -15.94
N ASP G 24 -15.36 -20.82 -15.15
CA ASP G 24 -15.10 -22.00 -14.32
C ASP G 24 -16.09 -22.06 -13.15
N GLU G 25 -16.43 -23.27 -12.75
CA GLU G 25 -17.40 -23.46 -11.70
C GLU G 25 -16.77 -24.22 -10.54
N ILE G 26 -17.06 -23.78 -9.33
CA ILE G 26 -16.64 -24.45 -8.11
C ILE G 26 -17.89 -24.79 -7.30
N VAL G 27 -17.89 -26.00 -6.73
CA VAL G 27 -19.02 -26.51 -5.99
C VAL G 27 -18.71 -26.50 -4.49
N LEU G 28 -19.63 -25.97 -3.70
CA LEU G 28 -19.53 -26.05 -2.24
C LEU G 28 -20.50 -27.13 -1.75
N ALA G 29 -19.93 -28.25 -1.30
CA ALA G 29 -20.73 -29.44 -1.02
C ALA G 29 -20.93 -29.72 0.48
N ASP G 30 -22.17 -30.02 0.86
CA ASP G 30 -22.48 -30.31 2.27
C ASP G 30 -21.95 -31.67 2.68
N ALA G 31 -21.88 -31.90 3.99
CA ALA G 31 -21.31 -33.12 4.51
C ALA G 31 -21.80 -34.41 3.81
N ASN G 32 -23.03 -34.39 3.28
CA ASN G 32 -23.68 -35.58 2.72
C ASN G 32 -23.47 -35.80 1.22
N TYR G 33 -22.90 -34.80 0.57
CA TYR G 33 -22.71 -34.84 -0.88
C TYR G 33 -21.57 -35.78 -1.29
N PRO G 34 -21.78 -36.58 -2.37
CA PRO G 34 -20.74 -37.45 -2.93
C PRO G 34 -19.61 -36.63 -3.61
N SER G 35 -18.85 -35.92 -2.78
CA SER G 35 -17.81 -35.04 -3.28
C SER G 35 -16.71 -35.85 -3.95
N ALA G 36 -16.17 -36.83 -3.23
CA ALA G 36 -15.05 -37.62 -3.70
C ALA G 36 -15.32 -38.25 -5.08
N SER G 37 -16.53 -38.77 -5.27
CA SER G 37 -16.84 -39.51 -6.49
C SER G 37 -17.04 -38.60 -7.69
N CYS G 38 -17.66 -37.44 -7.47
CA CYS G 38 -17.99 -36.53 -8.57
C CYS G 38 -16.89 -35.56 -8.94
N ALA G 39 -15.95 -35.33 -8.00
CA ALA G 39 -14.91 -34.30 -8.17
C ALA G 39 -13.91 -34.56 -9.30
N ASN G 40 -13.72 -33.57 -10.17
CA ASN G 40 -12.61 -33.59 -11.11
C ASN G 40 -11.35 -33.23 -10.35
N LYS G 41 -11.50 -32.28 -9.44
CA LYS G 41 -10.47 -31.84 -8.51
C LYS G 41 -11.14 -31.65 -7.16
N LEU G 42 -10.58 -32.27 -6.12
CA LEU G 42 -11.21 -32.29 -4.81
C LEU G 42 -10.42 -31.49 -3.75
N ILE G 43 -11.10 -30.58 -3.07
CA ILE G 43 -10.54 -29.85 -1.95
C ILE G 43 -11.42 -30.19 -0.77
N ARG G 44 -10.81 -30.58 0.34
CA ARG G 44 -11.57 -30.97 1.50
C ARG G 44 -11.54 -29.89 2.55
N CYS G 45 -12.71 -29.47 3.01
CA CYS G 45 -12.83 -28.49 4.10
C CYS G 45 -13.87 -28.99 5.11
N ASP G 46 -13.58 -30.17 5.67
CA ASP G 46 -14.49 -30.92 6.53
C ASP G 46 -14.89 -30.25 7.86
N GLY G 47 -14.12 -29.25 8.27
CA GLY G 47 -14.39 -28.52 9.51
C GLY G 47 -15.04 -27.17 9.28
N VAL G 48 -15.49 -26.92 8.07
CA VAL G 48 -16.00 -25.62 7.65
C VAL G 48 -17.45 -25.73 7.18
N ASN G 49 -18.30 -24.84 7.66
CA ASN G 49 -19.69 -24.77 7.20
C ASN G 49 -19.79 -23.86 5.97
N ILE G 50 -20.88 -23.97 5.21
CA ILE G 50 -20.98 -23.29 3.91
C ILE G 50 -21.20 -21.75 3.93
N PRO G 51 -22.14 -21.23 4.76
CA PRO G 51 -22.34 -19.77 4.79
C PRO G 51 -21.05 -18.93 4.92
N GLU G 52 -20.20 -19.26 5.90
CA GLU G 52 -18.95 -18.52 6.12
C GLU G 52 -17.98 -18.67 4.96
N LEU G 53 -18.00 -19.84 4.31
CA LEU G 53 -17.20 -20.11 3.14
C LEU G 53 -17.74 -19.36 1.93
N LEU G 54 -19.07 -19.24 1.86
CA LEU G 54 -19.74 -18.50 0.81
C LEU G 54 -19.40 -17.01 0.94
N ASP G 55 -19.35 -16.54 2.19
CA ASP G 55 -18.95 -15.18 2.50
C ASP G 55 -17.59 -14.87 1.85
N SER G 56 -16.56 -15.58 2.30
CA SER G 56 -15.18 -15.41 1.84
C SER G 56 -15.01 -15.54 0.32
N ILE G 57 -15.64 -16.54 -0.27
CA ILE G 57 -15.51 -16.75 -1.70
C ILE G 57 -16.19 -15.61 -2.48
N LEU G 58 -17.35 -15.18 -2.02
CA LEU G 58 -18.04 -14.05 -2.65
C LEU G 58 -17.22 -12.76 -2.55
N TYR G 59 -16.47 -12.62 -1.45
CA TYR G 59 -15.57 -11.50 -1.23
C TYR G 59 -14.41 -11.50 -2.26
N LEU G 60 -13.80 -12.68 -2.47
CA LEU G 60 -12.61 -12.80 -3.30
C LEU G 60 -12.92 -13.00 -4.78
N MET G 61 -14.05 -13.67 -5.06
CA MET G 61 -14.32 -14.13 -6.42
C MET G 61 -15.56 -13.47 -7.02
N PRO G 62 -15.37 -12.70 -8.11
CA PRO G 62 -16.52 -12.17 -8.81
C PRO G 62 -17.25 -13.29 -9.54
N LEU G 63 -18.59 -13.15 -9.61
CA LEU G 63 -19.45 -14.13 -10.24
C LEU G 63 -19.67 -13.79 -11.70
N ASP G 64 -20.01 -14.80 -12.50
CA ASP G 64 -20.14 -14.65 -13.94
C ASP G 64 -21.38 -13.86 -14.32
N SER G 65 -21.16 -12.67 -14.90
CA SER G 65 -22.27 -11.82 -15.36
C SER G 65 -22.69 -12.09 -16.80
N TYR G 66 -21.98 -12.99 -17.49
CA TYR G 66 -22.27 -13.30 -18.89
C TYR G 66 -23.33 -14.39 -19.03
N VAL G 67 -23.83 -14.85 -17.89
CA VAL G 67 -24.90 -15.83 -17.84
C VAL G 67 -26.02 -15.33 -16.96
N ASP G 68 -27.23 -15.86 -17.18
CA ASP G 68 -28.38 -15.48 -16.37
C ASP G 68 -28.31 -16.14 -15.01
N SER G 69 -27.56 -17.24 -14.92
CA SER G 69 -27.47 -17.97 -13.66
C SER G 69 -26.03 -18.25 -13.22
N SER G 70 -25.61 -17.57 -12.16
CA SER G 70 -24.26 -17.71 -11.59
C SER G 70 -24.24 -18.67 -10.40
N ILE G 71 -25.41 -18.90 -9.83
CA ILE G 71 -25.54 -19.70 -8.61
C ILE G 71 -26.59 -20.79 -8.82
N GLN G 72 -26.30 -22.00 -8.36
CA GLN G 72 -27.25 -23.09 -8.41
C GLN G 72 -27.32 -23.77 -7.05
N PHE G 73 -28.53 -23.82 -6.46
CA PHE G 73 -28.75 -24.68 -5.29
C PHE G 73 -29.30 -26.03 -5.76
N MET G 74 -29.28 -27.02 -4.88
CA MET G 74 -29.97 -28.27 -5.15
C MET G 74 -31.44 -28.15 -4.69
N ASN G 75 -32.36 -28.33 -5.63
CA ASN G 75 -33.79 -28.35 -5.33
C ASN G 75 -34.13 -29.63 -4.56
N VAL G 76 -35.16 -29.54 -3.74
CA VAL G 76 -35.54 -30.66 -2.88
C VAL G 76 -36.37 -31.70 -3.63
N VAL G 77 -36.34 -32.94 -3.15
CA VAL G 77 -37.14 -34.02 -3.70
C VAL G 77 -38.61 -33.77 -3.31
N SER G 78 -39.51 -33.80 -4.30
CA SER G 78 -40.91 -33.38 -4.13
C SER G 78 -41.63 -34.30 -3.13
N GLY G 79 -41.34 -34.04 -1.86
CA GLY G 79 -41.74 -34.87 -0.73
C GLY G 79 -41.03 -34.29 0.48
N ASP G 80 -39.70 -34.14 0.36
CA ASP G 80 -38.85 -33.52 1.40
C ASP G 80 -39.19 -32.06 1.70
N ASP G 81 -38.64 -31.56 2.80
CA ASP G 81 -38.92 -30.22 3.30
C ASP G 81 -37.89 -29.17 2.88
N ILE G 82 -38.36 -27.94 2.67
CA ILE G 82 -37.54 -26.79 2.28
C ILE G 82 -36.54 -26.44 3.38
N PRO G 83 -35.23 -26.35 3.03
CA PRO G 83 -34.17 -26.08 4.03
C PRO G 83 -34.06 -24.62 4.47
N LYS G 84 -33.92 -24.43 5.78
CA LYS G 84 -33.74 -23.12 6.39
C LYS G 84 -32.53 -22.35 5.80
N ILE G 85 -31.49 -23.11 5.47
CA ILE G 85 -30.20 -22.53 5.05
C ILE G 85 -30.28 -21.65 3.79
N TRP G 86 -31.29 -21.85 2.95
CA TRP G 86 -31.46 -21.06 1.73
C TRP G 86 -31.66 -19.57 2.00
N GLY G 87 -32.33 -19.26 3.11
CA GLY G 87 -32.54 -17.87 3.53
C GLY G 87 -31.22 -17.25 3.91
N THR G 88 -30.42 -17.99 4.67
CA THR G 88 -29.06 -17.59 4.98
C THR G 88 -28.32 -17.28 3.68
N TYR G 89 -28.36 -18.21 2.73
CA TYR G 89 -27.69 -18.04 1.45
C TYR G 89 -28.12 -16.76 0.73
N ARG G 90 -29.44 -16.56 0.63
CA ARG G 90 -29.98 -15.42 -0.11
C ARG G 90 -29.54 -14.11 0.51
N GLN G 91 -29.59 -14.04 1.84
CA GLN G 91 -29.10 -12.87 2.57
C GLN G 91 -27.60 -12.65 2.34
N MET G 92 -26.83 -13.74 2.39
CA MET G 92 -25.39 -13.70 2.11
C MET G 92 -25.13 -13.17 0.70
N ILE G 93 -25.93 -13.61 -0.26
CA ILE G 93 -25.77 -13.26 -1.68
C ILE G 93 -26.08 -11.78 -2.01
N GLU G 94 -27.13 -11.22 -1.40
CA GLU G 94 -27.30 -9.76 -1.41
C GLU G 94 -26.71 -9.15 -0.13
N GLY G 95 -25.52 -8.60 -0.28
CA GLY G 95 -24.69 -8.13 0.83
C GLY G 95 -23.40 -7.78 0.12
N HIS G 96 -22.97 -8.72 -0.72
CA HIS G 96 -22.19 -8.42 -1.90
C HIS G 96 -23.23 -8.07 -2.95
N GLY G 97 -22.87 -7.26 -3.93
CA GLY G 97 -23.88 -6.79 -4.89
C GLY G 97 -24.25 -7.79 -5.96
N THR G 98 -24.96 -8.86 -5.58
CA THR G 98 -25.42 -9.86 -6.54
C THR G 98 -26.93 -10.14 -6.46
N ASP G 99 -27.59 -9.93 -7.59
CA ASP G 99 -29.03 -10.09 -7.72
C ASP G 99 -29.47 -11.54 -7.48
N LEU G 100 -30.42 -11.71 -6.55
CA LEU G 100 -31.00 -13.03 -6.28
C LEU G 100 -31.63 -13.69 -7.51
N LYS G 101 -32.02 -12.89 -8.51
CA LYS G 101 -32.60 -13.41 -9.75
C LYS G 101 -31.60 -14.25 -10.58
N THR G 102 -30.35 -14.30 -10.15
CA THR G 102 -29.35 -15.14 -10.80
C THR G 102 -29.37 -16.58 -10.26
N ILE G 103 -30.01 -16.76 -9.10
CA ILE G 103 -30.10 -18.08 -8.49
C ILE G 103 -31.07 -18.95 -9.29
N THR G 104 -30.68 -20.20 -9.51
CA THR G 104 -31.55 -21.18 -10.12
C THR G 104 -31.55 -22.44 -9.28
N TYR G 105 -32.43 -23.38 -9.62
CA TYR G 105 -32.56 -24.62 -8.87
C TYR G 105 -32.49 -25.84 -9.80
N LEU G 106 -31.63 -26.79 -9.44
CA LEU G 106 -31.45 -28.00 -10.23
C LEU G 106 -31.92 -29.21 -9.44
N ARG G 107 -32.52 -30.18 -10.13
CA ARG G 107 -32.87 -31.46 -9.52
C ARG G 107 -31.60 -32.32 -9.44
N ARG G 108 -31.51 -33.13 -8.36
CA ARG G 108 -30.30 -33.90 -8.03
C ARG G 108 -29.49 -34.40 -9.23
N GLU G 109 -30.18 -34.98 -10.21
CA GLU G 109 -29.55 -35.53 -11.42
C GLU G 109 -28.75 -34.46 -12.13
N ASP G 110 -29.40 -33.32 -12.38
CA ASP G 110 -28.80 -32.20 -13.08
C ASP G 110 -27.66 -31.60 -12.24
N PHE G 111 -27.88 -31.55 -10.92
CA PHE G 111 -26.87 -31.08 -10.00
C PHE G 111 -25.63 -31.98 -10.02
N TYR G 112 -25.83 -33.29 -9.87
CA TYR G 112 -24.70 -34.24 -9.89
C TYR G 112 -23.85 -34.01 -11.14
N GLU G 113 -24.51 -33.89 -12.29
CA GLU G 113 -23.82 -33.82 -13.57
C GLU G 113 -23.04 -32.52 -13.74
N ARG G 114 -23.65 -31.40 -13.37
CA ARG G 114 -22.98 -30.10 -13.48
C ARG G 114 -21.75 -30.07 -12.56
N SER G 115 -21.86 -30.72 -11.41
CA SER G 115 -20.73 -30.82 -10.47
C SER G 115 -19.53 -31.58 -11.05
N LYS G 116 -19.78 -32.67 -11.79
CA LYS G 116 -18.71 -33.43 -12.45
C LYS G 116 -17.94 -32.58 -13.44
N LYS G 117 -18.70 -31.76 -14.20
CA LYS G 117 -18.14 -30.81 -15.18
C LYS G 117 -17.56 -29.55 -14.54
N ALA G 118 -17.64 -29.45 -13.21
CA ALA G 118 -17.11 -28.28 -12.51
C ALA G 118 -15.61 -28.45 -12.23
N TYR G 119 -14.91 -27.32 -12.16
CA TYR G 119 -13.47 -27.36 -11.99
C TYR G 119 -13.07 -27.93 -10.63
N ALA G 120 -13.94 -27.81 -9.64
CA ALA G 120 -13.61 -28.25 -8.29
C ALA G 120 -14.83 -28.39 -7.39
N ILE G 121 -14.72 -29.30 -6.44
CA ILE G 121 -15.75 -29.47 -5.44
C ILE G 121 -15.01 -29.39 -4.12
N VAL G 122 -15.47 -28.51 -3.23
CA VAL G 122 -14.98 -28.52 -1.87
C VAL G 122 -15.98 -29.23 -0.97
N ALA G 123 -15.51 -30.31 -0.36
CA ALA G 123 -16.29 -31.11 0.56
C ALA G 123 -16.28 -30.46 1.93
N THR G 124 -17.41 -29.93 2.36
CA THR G 124 -17.48 -29.18 3.62
C THR G 124 -18.09 -30.01 4.73
N GLY G 125 -18.13 -29.44 5.94
CA GLY G 125 -18.76 -30.07 7.10
C GLY G 125 -20.22 -29.72 7.33
N GLU G 126 -20.82 -28.96 6.41
CA GLU G 126 -22.21 -28.49 6.52
C GLU G 126 -23.23 -29.61 6.78
N THR G 127 -23.92 -29.53 7.91
CA THR G 127 -24.84 -30.57 8.36
C THR G 127 -26.23 -30.46 7.70
N SER G 128 -26.66 -29.22 7.47
CA SER G 128 -27.93 -28.98 6.80
C SER G 128 -27.97 -29.71 5.47
N LEU G 129 -29.07 -30.43 5.26
CA LEU G 129 -29.38 -31.08 4.00
C LEU G 129 -29.66 -30.05 2.91
N TYR G 130 -29.48 -30.47 1.66
CA TYR G 130 -29.71 -29.63 0.47
C TYR G 130 -28.98 -28.30 0.50
N ALA G 131 -27.76 -28.31 1.06
CA ALA G 131 -27.00 -27.08 1.32
C ALA G 131 -26.01 -26.71 0.20
N ASN G 132 -25.95 -27.56 -0.82
CA ASN G 132 -24.97 -27.44 -1.89
C ASN G 132 -25.12 -26.17 -2.73
N ILE G 133 -24.00 -25.60 -3.17
CA ILE G 133 -24.00 -24.41 -4.02
C ILE G 133 -23.00 -24.53 -5.16
N ILE G 134 -23.40 -24.15 -6.35
CA ILE G 134 -22.50 -24.04 -7.48
C ILE G 134 -22.30 -22.56 -7.81
N LEU G 135 -21.04 -22.14 -7.82
CA LEU G 135 -20.67 -20.77 -8.14
C LEU G 135 -19.89 -20.76 -9.43
N LYS G 136 -20.26 -19.86 -10.36
CA LYS G 136 -19.58 -19.70 -11.64
C LYS G 136 -18.82 -18.39 -11.62
N LYS G 137 -17.51 -18.46 -11.86
CA LYS G 137 -16.61 -17.30 -11.74
C LYS G 137 -16.74 -16.36 -12.94
N GLY G 138 -16.71 -15.05 -12.65
CA GLY G 138 -16.74 -14.01 -13.67
C GLY G 138 -15.41 -13.33 -13.90
N VAL G 139 -15.44 -12.14 -14.50
CA VAL G 139 -14.19 -11.47 -14.87
C VAL G 139 -13.81 -10.37 -13.88
N VAL G 140 -12.51 -10.29 -13.57
CA VAL G 140 -11.94 -9.29 -12.66
C VAL G 140 -11.47 -8.05 -13.45
N VAL G 141 -11.99 -6.88 -13.07
CA VAL G 141 -11.51 -5.61 -13.66
C VAL G 141 -11.17 -4.53 -12.61
N LEU H 2 -8.25 -48.82 17.04
CA LEU H 2 -8.88 -47.75 17.87
C LEU H 2 -10.06 -48.26 18.72
N LYS H 3 -10.44 -47.46 19.72
CA LYS H 3 -11.66 -47.69 20.51
C LYS H 3 -12.90 -47.25 19.73
N HIS H 4 -13.99 -47.99 19.89
CA HIS H 4 -15.32 -47.62 19.34
C HIS H 4 -15.54 -47.79 17.81
N ILE H 5 -14.51 -48.23 17.11
CA ILE H 5 -14.62 -48.52 15.69
C ILE H 5 -14.62 -50.03 15.52
N PRO H 6 -15.58 -50.58 14.75
CA PRO H 6 -15.63 -52.04 14.55
C PRO H 6 -14.29 -52.63 14.11
N LYS H 7 -13.89 -53.71 14.77
CA LYS H 7 -12.54 -54.27 14.59
C LYS H 7 -12.20 -54.80 13.19
N ASN H 8 -13.20 -55.13 12.37
CA ASN H 8 -12.93 -55.71 11.04
C ASN H 8 -13.02 -54.71 9.86
N ILE H 9 -12.74 -53.44 10.14
CA ILE H 9 -12.66 -52.43 9.09
C ILE H 9 -11.25 -51.87 8.96
N SER H 10 -10.63 -52.10 7.81
CA SER H 10 -9.29 -51.61 7.52
C SER H 10 -9.27 -50.09 7.49
N PRO H 11 -8.10 -49.48 7.80
CA PRO H 11 -7.97 -48.03 7.77
C PRO H 11 -8.48 -47.42 6.47
N ASP H 12 -8.22 -48.11 5.36
CA ASP H 12 -8.59 -47.61 4.05
C ASP H 12 -10.09 -47.78 3.75
N LEU H 13 -10.69 -48.87 4.23
CA LEU H 13 -12.13 -49.05 4.07
C LEU H 13 -12.89 -47.95 4.82
N LEU H 14 -12.44 -47.64 6.03
CA LEU H 14 -13.10 -46.61 6.83
C LEU H 14 -13.06 -45.28 6.09
N LYS H 15 -11.88 -44.96 5.56
CA LYS H 15 -11.68 -43.74 4.80
C LYS H 15 -12.65 -43.73 3.65
N THR H 16 -12.68 -44.83 2.91
CA THR H 16 -13.58 -44.99 1.79
C THR H 16 -15.02 -44.74 2.21
N LEU H 17 -15.45 -45.39 3.29
CA LEU H 17 -16.79 -45.20 3.82
C LEU H 17 -17.10 -43.77 4.20
N MET H 18 -16.14 -43.09 4.81
CA MET H 18 -16.35 -41.72 5.23
C MET H 18 -16.43 -40.75 4.08
N GLU H 19 -15.62 -40.97 3.05
CA GLU H 19 -15.58 -40.03 1.93
C GLU H 19 -16.70 -40.25 0.92
N MET H 20 -17.35 -41.41 1.00
CA MET H 20 -18.56 -41.68 0.23
C MET H 20 -19.65 -40.81 0.78
N GLY H 21 -20.52 -40.33 -0.10
CA GLY H 21 -21.70 -39.60 0.31
C GLY H 21 -22.96 -40.25 -0.24
N HIS H 22 -24.07 -39.53 -0.10
CA HIS H 22 -25.41 -39.97 -0.50
C HIS H 22 -25.48 -40.43 -1.95
N GLY H 23 -25.80 -41.72 -2.14
CA GLY H 23 -26.00 -42.29 -3.47
C GLY H 23 -24.80 -43.07 -4.01
N ASP H 24 -23.63 -42.82 -3.45
CA ASP H 24 -22.43 -43.57 -3.80
C ASP H 24 -22.66 -45.02 -3.45
N GLU H 25 -22.04 -45.91 -4.21
CA GLU H 25 -22.21 -47.35 -4.02
C GLU H 25 -20.88 -48.06 -3.78
N ILE H 26 -20.92 -49.06 -2.91
CA ILE H 26 -19.75 -49.86 -2.60
C ILE H 26 -20.14 -51.32 -2.79
N VAL H 27 -19.20 -52.12 -3.29
CA VAL H 27 -19.44 -53.52 -3.58
C VAL H 27 -18.64 -54.39 -2.66
N LEU H 28 -19.34 -55.19 -1.85
CA LEU H 28 -18.72 -56.25 -1.08
C LEU H 28 -18.65 -57.46 -1.99
N ALA H 29 -17.44 -57.82 -2.41
CA ALA H 29 -17.24 -58.87 -3.40
C ALA H 29 -16.71 -60.14 -2.78
N ASP H 30 -17.25 -61.28 -3.24
CA ASP H 30 -16.79 -62.59 -2.75
C ASP H 30 -15.42 -62.91 -3.35
N ALA H 31 -14.85 -64.03 -2.93
CA ALA H 31 -13.49 -64.42 -3.30
C ALA H 31 -13.35 -64.89 -4.75
N ASN H 32 -14.47 -64.99 -5.46
CA ASN H 32 -14.44 -65.46 -6.84
C ASN H 32 -14.74 -64.33 -7.80
N TYR H 33 -15.15 -63.19 -7.24
CA TYR H 33 -15.48 -62.01 -8.03
C TYR H 33 -14.26 -61.44 -8.74
N PRO H 34 -14.44 -60.92 -9.98
CA PRO H 34 -13.31 -60.21 -10.61
C PRO H 34 -13.20 -58.78 -10.08
N SER H 35 -12.75 -58.67 -8.84
CA SER H 35 -12.75 -57.41 -8.09
C SER H 35 -11.79 -56.38 -8.65
N ALA H 36 -10.58 -56.81 -8.98
CA ALA H 36 -9.52 -55.91 -9.41
C ALA H 36 -9.76 -55.32 -10.79
N SER H 37 -10.28 -56.13 -11.71
CA SER H 37 -10.53 -55.65 -13.08
C SER H 37 -11.78 -54.77 -13.15
N CYS H 38 -12.73 -55.01 -12.25
CA CYS H 38 -13.96 -54.23 -12.23
C CYS H 38 -13.84 -52.93 -11.44
N ALA H 39 -13.03 -52.89 -10.39
CA ALA H 39 -13.02 -51.76 -9.45
C ALA H 39 -12.47 -50.42 -9.98
N ASN H 40 -13.24 -49.37 -9.73
CA ASN H 40 -12.74 -48.01 -9.90
C ASN H 40 -11.76 -47.70 -8.77
N LYS H 41 -12.15 -48.05 -7.54
CA LYS H 41 -11.26 -48.03 -6.39
C LYS H 41 -11.27 -49.41 -5.72
N LEU H 42 -10.09 -49.95 -5.44
CA LEU H 42 -9.98 -51.29 -4.93
C LEU H 42 -9.46 -51.33 -3.49
N ILE H 43 -10.25 -51.94 -2.60
CA ILE H 43 -9.81 -52.23 -1.25
C ILE H 43 -9.83 -53.74 -1.10
N ARG H 44 -8.67 -54.30 -0.77
CA ARG H 44 -8.55 -55.73 -0.54
C ARG H 44 -8.79 -56.06 0.93
N CYS H 45 -9.71 -56.98 1.19
CA CYS H 45 -9.90 -57.54 2.53
C CYS H 45 -9.95 -59.06 2.45
N ASP H 46 -8.93 -59.65 1.80
CA ASP H 46 -8.87 -61.08 1.53
C ASP H 46 -9.02 -61.99 2.75
N GLY H 47 -9.01 -61.41 3.94
CA GLY H 47 -9.11 -62.20 5.16
C GLY H 47 -10.45 -62.11 5.86
N VAL H 48 -11.38 -61.35 5.29
CA VAL H 48 -12.70 -61.17 5.89
C VAL H 48 -13.77 -61.88 5.08
N ASN H 49 -14.79 -62.38 5.79
CA ASN H 49 -16.02 -62.88 5.15
C ASN H 49 -17.11 -61.80 5.12
N ILE H 50 -18.02 -61.87 4.15
CA ILE H 50 -18.98 -60.78 3.92
C ILE H 50 -20.01 -60.49 5.04
N PRO H 51 -20.54 -61.53 5.71
CA PRO H 51 -21.49 -61.30 6.81
C PRO H 51 -20.94 -60.39 7.91
N GLU H 52 -19.79 -60.74 8.47
CA GLU H 52 -19.17 -59.91 9.49
C GLU H 52 -18.85 -58.49 9.00
N LEU H 53 -18.49 -58.37 7.72
CA LEU H 53 -18.18 -57.08 7.11
C LEU H 53 -19.45 -56.26 6.92
N LEU H 54 -20.48 -56.92 6.40
CA LEU H 54 -21.77 -56.29 6.21
C LEU H 54 -22.29 -55.72 7.51
N ASP H 55 -22.17 -56.51 8.58
CA ASP H 55 -22.72 -56.14 9.88
C ASP H 55 -22.11 -54.84 10.36
N SER H 56 -20.78 -54.78 10.42
CA SER H 56 -20.08 -53.58 10.91
C SER H 56 -20.21 -52.36 9.97
N ILE H 57 -20.42 -52.61 8.68
CA ILE H 57 -20.66 -51.54 7.73
C ILE H 57 -22.05 -50.92 7.94
N LEU H 58 -23.06 -51.76 8.17
CA LEU H 58 -24.42 -51.27 8.39
C LEU H 58 -24.54 -50.50 9.71
N TYR H 59 -23.76 -50.90 10.71
CA TYR H 59 -23.60 -50.14 11.95
C TYR H 59 -23.22 -48.68 11.63
N LEU H 60 -22.20 -48.50 10.79
CA LEU H 60 -21.68 -47.17 10.45
C LEU H 60 -22.48 -46.40 9.39
N MET H 61 -22.97 -47.10 8.37
CA MET H 61 -23.43 -46.44 7.15
C MET H 61 -24.92 -46.63 6.86
N PRO H 62 -25.68 -45.53 6.87
CA PRO H 62 -27.08 -45.59 6.43
C PRO H 62 -27.20 -45.94 4.95
N LEU H 63 -28.33 -46.56 4.60
CA LEU H 63 -28.62 -46.93 3.22
C LEU H 63 -29.51 -45.89 2.56
N ASP H 64 -29.46 -45.78 1.24
CA ASP H 64 -30.21 -44.73 0.54
C ASP H 64 -31.70 -45.05 0.56
N SER H 65 -32.47 -44.17 1.18
CA SER H 65 -33.93 -44.33 1.22
C SER H 65 -34.63 -43.52 0.13
N TYR H 66 -33.85 -42.91 -0.76
CA TYR H 66 -34.38 -42.09 -1.85
C TYR H 66 -34.51 -42.88 -3.16
N VAL H 67 -34.45 -44.20 -3.02
CA VAL H 67 -34.58 -45.15 -4.13
C VAL H 67 -35.34 -46.36 -3.63
N ASP H 68 -35.96 -47.10 -4.56
CA ASP H 68 -36.65 -48.34 -4.22
C ASP H 68 -35.71 -49.43 -3.73
N SER H 69 -34.50 -49.47 -4.31
CA SER H 69 -33.51 -50.50 -3.97
C SER H 69 -32.15 -49.93 -3.54
N SER H 70 -31.82 -50.09 -2.26
CA SER H 70 -30.52 -49.67 -1.73
C SER H 70 -29.51 -50.83 -1.64
N ILE H 71 -30.01 -52.05 -1.84
CA ILE H 71 -29.20 -53.28 -1.75
C ILE H 71 -29.41 -54.11 -3.01
N GLN H 72 -28.31 -54.62 -3.57
CA GLN H 72 -28.35 -55.52 -4.73
C GLN H 72 -27.56 -56.78 -4.48
N PHE H 73 -28.15 -57.92 -4.83
CA PHE H 73 -27.47 -59.21 -4.78
C PHE H 73 -27.27 -59.69 -6.21
N MET H 74 -26.46 -60.72 -6.39
CA MET H 74 -26.28 -61.26 -7.72
C MET H 74 -27.11 -62.51 -7.86
N ASN H 75 -28.12 -62.46 -8.71
CA ASN H 75 -28.95 -63.63 -8.97
C ASN H 75 -28.13 -64.73 -9.64
N VAL H 76 -28.38 -65.97 -9.21
CA VAL H 76 -27.77 -67.15 -9.79
C VAL H 76 -28.13 -67.34 -11.27
N VAL H 77 -27.29 -68.05 -12.01
CA VAL H 77 -27.65 -68.44 -13.38
C VAL H 77 -28.39 -69.77 -13.33
N SER H 78 -29.12 -70.07 -14.41
CA SER H 78 -29.70 -71.41 -14.69
C SER H 78 -30.52 -72.08 -13.54
N GLY H 79 -29.98 -73.06 -12.79
CA GLY H 79 -28.61 -73.58 -12.90
C GLY H 79 -28.08 -74.17 -11.60
N ASP H 80 -27.54 -73.32 -10.73
CA ASP H 80 -27.06 -73.74 -9.42
C ASP H 80 -27.97 -73.22 -8.30
N ASP H 81 -27.67 -73.64 -7.07
CA ASP H 81 -28.54 -73.44 -5.92
C ASP H 81 -28.58 -71.97 -5.48
N ILE H 82 -29.66 -71.60 -4.78
CA ILE H 82 -29.72 -70.32 -4.09
C ILE H 82 -28.83 -70.46 -2.85
N PRO H 83 -27.78 -69.63 -2.75
CA PRO H 83 -26.86 -69.78 -1.63
C PRO H 83 -27.54 -69.42 -0.30
N LYS H 84 -27.24 -70.18 0.75
CA LYS H 84 -27.86 -70.00 2.06
C LYS H 84 -27.47 -68.67 2.73
N ILE H 85 -26.31 -68.14 2.34
CA ILE H 85 -25.79 -66.90 2.90
C ILE H 85 -26.77 -65.74 2.66
N TRP H 86 -27.62 -65.88 1.65
CA TRP H 86 -28.67 -64.91 1.37
C TRP H 86 -29.64 -64.77 2.53
N GLY H 87 -29.87 -65.88 3.23
CA GLY H 87 -30.65 -65.87 4.45
C GLY H 87 -29.94 -65.11 5.56
N THR H 88 -28.62 -65.30 5.64
CA THR H 88 -27.78 -64.63 6.64
C THR H 88 -27.78 -63.12 6.44
N TYR H 89 -27.70 -62.68 5.18
CA TYR H 89 -27.71 -61.26 4.87
C TYR H 89 -29.07 -60.65 5.20
N ARG H 90 -30.12 -61.39 4.86
CA ARG H 90 -31.49 -60.96 5.09
C ARG H 90 -31.80 -60.79 6.59
N GLN H 91 -31.24 -61.65 7.43
CA GLN H 91 -31.43 -61.58 8.88
C GLN H 91 -30.73 -60.36 9.48
N MET H 92 -29.62 -59.93 8.85
CA MET H 92 -28.84 -58.76 9.28
C MET H 92 -29.40 -57.44 8.79
N ILE H 93 -29.81 -57.40 7.53
CA ILE H 93 -30.36 -56.20 6.91
C ILE H 93 -31.62 -55.75 7.67
N GLU H 94 -32.47 -56.71 8.02
CA GLU H 94 -33.53 -56.53 9.00
C GLU H 94 -32.87 -56.65 10.36
N GLY H 95 -33.14 -55.73 11.26
CA GLY H 95 -32.41 -55.68 12.52
C GLY H 95 -31.59 -54.41 12.63
N HIS H 96 -30.90 -54.05 11.54
CA HIS H 96 -30.29 -52.72 11.42
C HIS H 96 -31.36 -51.72 10.97
N GLY H 97 -32.54 -52.26 10.62
CA GLY H 97 -33.72 -51.44 10.38
C GLY H 97 -33.99 -51.14 8.92
N THR H 98 -33.66 -52.08 8.05
CA THR H 98 -33.93 -51.88 6.63
C THR H 98 -35.05 -52.81 6.17
N ASP H 99 -35.94 -52.28 5.36
CA ASP H 99 -37.02 -53.04 4.78
C ASP H 99 -36.47 -53.99 3.71
N LEU H 100 -36.70 -55.29 3.90
CA LEU H 100 -36.15 -56.33 3.03
C LEU H 100 -36.56 -56.19 1.56
N LYS H 101 -37.67 -55.49 1.33
CA LYS H 101 -38.15 -55.22 -0.01
C LYS H 101 -37.17 -54.34 -0.81
N THR H 102 -36.20 -53.75 -0.12
CA THR H 102 -35.22 -52.90 -0.82
C THR H 102 -34.16 -53.72 -1.56
N ILE H 103 -34.07 -55.02 -1.23
CA ILE H 103 -33.18 -55.93 -1.95
C ILE H 103 -33.72 -56.23 -3.36
N THR H 104 -32.90 -55.98 -4.37
CA THR H 104 -33.18 -56.45 -5.71
C THR H 104 -32.06 -57.38 -6.15
N TYR H 105 -32.35 -58.18 -7.18
CA TYR H 105 -31.45 -59.24 -7.61
C TYR H 105 -31.05 -59.00 -9.06
N LEU H 106 -29.75 -58.92 -9.29
CA LEU H 106 -29.20 -58.56 -10.60
C LEU H 106 -28.65 -59.77 -11.37
N ARG H 107 -28.93 -59.82 -12.67
CA ARG H 107 -28.29 -60.78 -13.56
C ARG H 107 -26.79 -60.50 -13.54
N ARG H 108 -26.00 -61.56 -13.67
CA ARG H 108 -24.53 -61.51 -13.61
C ARG H 108 -23.88 -60.34 -14.37
N GLU H 109 -24.30 -60.14 -15.62
CA GLU H 109 -23.69 -59.08 -16.46
C GLU H 109 -24.06 -57.67 -16.00
N ASP H 110 -25.27 -57.54 -15.46
CA ASP H 110 -25.78 -56.24 -15.01
C ASP H 110 -25.11 -55.83 -13.70
N PHE H 111 -24.87 -56.83 -12.84
CA PHE H 111 -24.12 -56.67 -11.60
C PHE H 111 -22.68 -56.23 -11.88
N TYR H 112 -21.98 -56.96 -12.73
CA TYR H 112 -20.64 -56.57 -13.16
C TYR H 112 -20.66 -55.09 -13.57
N GLU H 113 -21.59 -54.74 -14.44
CA GLU H 113 -21.64 -53.39 -14.98
C GLU H 113 -21.89 -52.30 -13.92
N ARG H 114 -22.79 -52.57 -12.98
CA ARG H 114 -23.02 -51.64 -11.89
C ARG H 114 -21.79 -51.49 -10.97
N SER H 115 -20.99 -52.55 -10.87
CA SER H 115 -19.81 -52.53 -9.99
C SER H 115 -18.67 -51.71 -10.60
N LYS H 116 -18.59 -51.70 -11.92
CA LYS H 116 -17.69 -50.80 -12.61
C LYS H 116 -18.05 -49.36 -12.28
N LYS H 117 -19.33 -49.12 -12.02
CA LYS H 117 -19.84 -47.77 -11.72
C LYS H 117 -19.84 -47.44 -10.23
N ALA H 118 -19.57 -48.45 -9.40
CA ALA H 118 -19.52 -48.22 -7.96
C ALA H 118 -18.29 -47.39 -7.59
N TYR H 119 -18.38 -46.69 -6.48
CA TYR H 119 -17.24 -45.93 -5.98
C TYR H 119 -16.07 -46.86 -5.66
N ALA H 120 -16.37 -48.00 -5.07
CA ALA H 120 -15.34 -48.91 -4.59
C ALA H 120 -15.85 -50.34 -4.54
N ILE H 121 -14.91 -51.28 -4.67
CA ILE H 121 -15.17 -52.70 -4.50
C ILE H 121 -14.19 -53.20 -3.47
N VAL H 122 -14.69 -53.94 -2.49
CA VAL H 122 -13.82 -54.61 -1.53
C VAL H 122 -13.76 -56.11 -1.81
N ALA H 123 -12.56 -56.59 -2.06
CA ALA H 123 -12.34 -58.00 -2.31
C ALA H 123 -12.29 -58.74 -0.98
N THR H 124 -13.29 -59.56 -0.72
CA THR H 124 -13.33 -60.35 0.51
C THR H 124 -12.80 -61.76 0.30
N GLY H 125 -12.68 -62.51 1.38
CA GLY H 125 -12.27 -63.91 1.34
C GLY H 125 -13.47 -64.86 1.41
N GLU H 126 -14.66 -64.33 1.18
CA GLU H 126 -15.90 -65.10 1.24
C GLU H 126 -15.95 -66.23 0.19
N THR H 127 -15.91 -67.48 0.65
CA THR H 127 -15.86 -68.63 -0.25
C THR H 127 -17.23 -69.09 -0.76
N SER H 128 -18.31 -68.58 -0.15
CA SER H 128 -19.65 -68.82 -0.66
C SER H 128 -19.78 -68.22 -2.06
N LEU H 129 -20.43 -68.95 -2.95
CA LEU H 129 -20.75 -68.46 -4.27
C LEU H 129 -21.88 -67.44 -4.19
N TYR H 130 -22.01 -66.65 -5.25
CA TYR H 130 -23.06 -65.62 -5.37
C TYR H 130 -23.28 -64.86 -4.06
N ALA H 131 -22.18 -64.45 -3.43
CA ALA H 131 -22.24 -63.83 -2.11
C ALA H 131 -22.08 -62.33 -2.19
N ASN H 132 -21.99 -61.81 -3.41
CA ASN H 132 -21.73 -60.39 -3.66
C ASN H 132 -22.87 -59.47 -3.27
N ILE H 133 -22.55 -58.33 -2.66
CA ILE H 133 -23.52 -57.30 -2.27
C ILE H 133 -23.11 -55.90 -2.73
N ILE H 134 -24.08 -55.12 -3.22
CA ILE H 134 -23.89 -53.68 -3.53
C ILE H 134 -24.75 -52.86 -2.58
N LEU H 135 -24.13 -51.92 -1.88
CA LEU H 135 -24.83 -51.06 -0.94
C LEU H 135 -24.76 -49.61 -1.39
N LYS H 136 -25.90 -48.92 -1.28
CA LYS H 136 -25.97 -47.51 -1.62
C LYS H 136 -26.08 -46.69 -0.34
N LYS H 137 -25.27 -45.62 -0.25
CA LYS H 137 -25.18 -44.80 0.97
C LYS H 137 -26.33 -43.82 1.10
N GLY H 138 -26.85 -43.70 2.33
CA GLY H 138 -27.91 -42.73 2.63
C GLY H 138 -27.41 -41.46 3.28
N VAL H 139 -28.34 -40.63 3.77
CA VAL H 139 -27.98 -39.40 4.46
C VAL H 139 -27.77 -39.68 5.95
N VAL H 140 -26.96 -38.83 6.59
CA VAL H 140 -26.67 -38.99 7.99
C VAL H 140 -27.08 -37.76 8.82
N VAL H 141 -27.88 -38.02 9.86
CA VAL H 141 -28.04 -37.13 11.04
C VAL H 141 -28.30 -35.63 10.75
N LEU I 2 9.38 -70.41 -3.78
CA LEU I 2 8.65 -71.04 -2.66
C LEU I 2 8.30 -72.52 -2.90
N LYS I 3 8.08 -73.26 -1.81
CA LYS I 3 7.66 -74.65 -1.89
C LYS I 3 6.22 -74.75 -2.38
N HIS I 4 5.93 -75.85 -3.08
CA HIS I 4 4.57 -76.23 -3.53
C HIS I 4 3.97 -75.35 -4.63
N ILE I 5 4.80 -74.46 -5.17
CA ILE I 5 4.38 -73.55 -6.22
C ILE I 5 5.26 -73.85 -7.44
N PRO I 6 4.63 -74.01 -8.62
CA PRO I 6 5.38 -74.20 -9.86
C PRO I 6 6.48 -73.17 -9.99
N LYS I 7 7.69 -73.63 -10.31
CA LYS I 7 8.87 -72.77 -10.28
C LYS I 7 9.05 -71.87 -11.51
N ASN I 8 8.14 -71.99 -12.49
CA ASN I 8 8.16 -71.15 -13.69
C ASN I 8 7.05 -70.08 -13.68
N ILE I 9 6.41 -69.92 -12.52
CA ILE I 9 5.46 -68.83 -12.32
C ILE I 9 6.16 -67.73 -11.54
N SER I 10 6.44 -66.63 -12.23
CA SER I 10 7.14 -65.48 -11.68
C SER I 10 6.35 -64.81 -10.56
N PRO I 11 7.02 -64.02 -9.70
CA PRO I 11 6.35 -63.32 -8.60
C PRO I 11 5.17 -62.42 -9.00
N ASP I 12 5.30 -61.66 -10.08
CA ASP I 12 4.20 -60.80 -10.52
C ASP I 12 3.08 -61.60 -11.18
N LEU I 13 3.42 -62.55 -12.04
CA LEU I 13 2.42 -63.45 -12.63
C LEU I 13 1.53 -64.12 -11.57
N LEU I 14 2.14 -64.61 -10.50
CA LEU I 14 1.36 -65.27 -9.45
C LEU I 14 0.39 -64.30 -8.77
N LYS I 15 0.86 -63.10 -8.47
CA LYS I 15 -0.01 -62.05 -7.97
C LYS I 15 -1.22 -61.87 -8.88
N THR I 16 -0.95 -61.72 -10.18
CA THR I 16 -2.02 -61.42 -11.12
C THR I 16 -2.96 -62.62 -11.34
N LEU I 17 -2.41 -63.84 -11.35
CA LEU I 17 -3.24 -65.03 -11.33
C LEU I 17 -4.14 -65.04 -10.10
N MET I 18 -3.58 -64.59 -8.97
CA MET I 18 -4.30 -64.52 -7.70
C MET I 18 -5.42 -63.48 -7.71
N GLU I 19 -5.11 -62.27 -8.18
CA GLU I 19 -6.09 -61.18 -8.14
C GLU I 19 -7.15 -61.29 -9.25
N MET I 20 -6.93 -62.19 -10.19
CA MET I 20 -7.96 -62.52 -11.19
C MET I 20 -9.14 -63.21 -10.52
N GLY I 21 -10.34 -62.83 -10.94
CA GLY I 21 -11.55 -63.53 -10.52
C GLY I 21 -12.20 -64.21 -11.70
N HIS I 22 -13.39 -64.76 -11.45
CA HIS I 22 -14.21 -65.46 -12.44
C HIS I 22 -14.53 -64.56 -13.65
N GLY I 23 -14.30 -65.10 -14.85
CA GLY I 23 -14.58 -64.38 -16.08
C GLY I 23 -13.36 -63.65 -16.65
N ASP I 24 -12.39 -63.37 -15.79
CA ASP I 24 -11.17 -62.68 -16.23
C ASP I 24 -10.41 -63.56 -17.21
N GLU I 25 -9.75 -62.92 -18.17
CA GLU I 25 -8.95 -63.63 -19.16
C GLU I 25 -7.48 -63.22 -19.08
N ILE I 26 -6.60 -64.13 -19.50
CA ILE I 26 -5.16 -63.88 -19.54
C ILE I 26 -4.57 -64.48 -20.80
N VAL I 27 -3.70 -63.71 -21.47
CA VAL I 27 -3.11 -64.11 -22.73
C VAL I 27 -1.69 -64.58 -22.54
N LEU I 28 -1.41 -65.79 -23.03
CA LEU I 28 -0.05 -66.28 -23.05
C LEU I 28 0.47 -65.97 -24.43
N ALA I 29 1.24 -64.90 -24.54
CA ALA I 29 1.68 -64.41 -25.83
C ALA I 29 3.03 -64.99 -26.25
N ASP I 30 3.18 -65.30 -27.53
CA ASP I 30 4.45 -65.81 -28.03
C ASP I 30 5.41 -64.67 -28.39
N ALA I 31 6.67 -65.02 -28.62
CA ALA I 31 7.74 -64.04 -28.78
C ALA I 31 7.48 -62.99 -29.85
N ASN I 32 6.75 -63.39 -30.90
CA ASN I 32 6.48 -62.51 -32.03
C ASN I 32 5.24 -61.63 -31.81
N TYR I 33 4.50 -61.91 -30.74
CA TYR I 33 3.24 -61.23 -30.48
C TYR I 33 3.43 -59.74 -30.09
N PRO I 34 2.44 -58.87 -30.42
CA PRO I 34 2.52 -57.47 -29.95
C PRO I 34 2.08 -57.29 -28.50
N SER I 35 2.73 -58.01 -27.58
CA SER I 35 2.30 -58.06 -26.18
C SER I 35 2.26 -56.68 -25.56
N ALA I 36 3.37 -55.95 -25.70
CA ALA I 36 3.53 -54.67 -25.02
C ALA I 36 2.52 -53.62 -25.49
N SER I 37 2.23 -53.61 -26.78
CA SER I 37 1.27 -52.63 -27.30
C SER I 37 -0.21 -52.97 -27.04
N CYS I 38 -0.54 -54.25 -26.89
CA CYS I 38 -1.93 -54.67 -26.62
C CYS I 38 -2.33 -54.72 -25.12
N ALA I 39 -1.34 -54.79 -24.24
CA ALA I 39 -1.55 -55.17 -22.85
C ALA I 39 -2.21 -54.11 -21.96
N ASN I 40 -3.30 -54.49 -21.31
CA ASN I 40 -3.85 -53.70 -20.20
C ASN I 40 -2.82 -53.73 -19.07
N LYS I 41 -2.37 -54.94 -18.74
CA LYS I 41 -1.37 -55.17 -17.72
C LYS I 41 -0.33 -56.14 -18.29
N LEU I 42 0.94 -55.72 -18.32
CA LEU I 42 2.01 -56.51 -18.93
C LEU I 42 2.88 -57.28 -17.92
N ILE I 43 3.03 -58.57 -18.16
CA ILE I 43 3.98 -59.41 -17.43
C ILE I 43 4.96 -59.96 -18.45
N ARG I 44 6.25 -59.75 -18.23
CA ARG I 44 7.25 -60.28 -19.15
C ARG I 44 7.88 -61.56 -18.62
N CYS I 45 7.72 -62.65 -19.38
CA CYS I 45 8.37 -63.91 -19.08
C CYS I 45 9.19 -64.37 -20.29
N ASP I 46 10.08 -63.48 -20.76
CA ASP I 46 10.84 -63.67 -21.99
C ASP I 46 11.63 -64.98 -22.07
N GLY I 47 11.90 -65.59 -20.90
CA GLY I 47 12.71 -66.80 -20.86
C GLY I 47 11.95 -68.12 -20.81
N VAL I 48 10.62 -68.03 -20.85
CA VAL I 48 9.75 -69.19 -20.71
C VAL I 48 9.01 -69.56 -22.01
N ASN I 49 8.91 -70.87 -22.26
CA ASN I 49 8.14 -71.42 -23.37
C ASN I 49 6.72 -71.69 -22.87
N ILE I 50 5.75 -71.64 -23.77
CA ILE I 50 4.33 -71.64 -23.38
C ILE I 50 3.76 -72.96 -22.84
N PRO I 51 4.09 -74.12 -23.46
CA PRO I 51 3.60 -75.38 -22.90
C PRO I 51 3.97 -75.59 -21.43
N GLU I 52 5.21 -75.25 -21.07
CA GLU I 52 5.65 -75.25 -19.67
C GLU I 52 4.75 -74.35 -18.82
N LEU I 53 4.56 -73.12 -19.27
CA LEU I 53 3.74 -72.15 -18.55
C LEU I 53 2.25 -72.55 -18.49
N LEU I 54 1.75 -73.17 -19.56
CA LEU I 54 0.36 -73.58 -19.66
C LEU I 54 -0.01 -74.66 -18.64
N ASP I 55 0.92 -75.60 -18.43
CA ASP I 55 0.77 -76.67 -17.46
C ASP I 55 0.65 -76.10 -16.03
N SER I 56 1.52 -75.15 -15.71
CA SER I 56 1.57 -74.55 -14.37
C SER I 56 0.32 -73.72 -14.09
N ILE I 57 -0.12 -72.99 -15.10
CA ILE I 57 -1.31 -72.14 -14.97
C ILE I 57 -2.56 -73.00 -14.84
N LEU I 58 -2.67 -74.05 -15.66
CA LEU I 58 -3.82 -74.98 -15.59
C LEU I 58 -3.89 -75.70 -14.24
N TYR I 59 -2.73 -75.98 -13.67
CA TYR I 59 -2.61 -76.56 -12.32
C TYR I 59 -3.27 -75.70 -11.24
N LEU I 60 -3.09 -74.38 -11.34
CA LEU I 60 -3.54 -73.45 -10.30
C LEU I 60 -4.88 -72.79 -10.59
N MET I 61 -5.18 -72.58 -11.87
CA MET I 61 -6.33 -71.79 -12.27
C MET I 61 -7.37 -72.57 -13.09
N PRO I 62 -8.59 -72.73 -12.53
CA PRO I 62 -9.67 -73.43 -13.24
C PRO I 62 -10.17 -72.62 -14.41
N LEU I 63 -10.70 -73.29 -15.42
CA LEU I 63 -11.21 -72.60 -16.59
C LEU I 63 -12.70 -72.37 -16.44
N ASP I 64 -13.16 -71.29 -17.06
CA ASP I 64 -14.55 -70.86 -16.96
C ASP I 64 -15.51 -71.83 -17.65
N SER I 65 -16.36 -72.45 -16.85
CA SER I 65 -17.36 -73.40 -17.33
C SER I 65 -18.64 -72.70 -17.79
N TYR I 66 -18.76 -71.41 -17.46
CA TYR I 66 -20.00 -70.65 -17.67
C TYR I 66 -20.15 -70.09 -19.08
N VAL I 67 -19.21 -70.45 -19.94
CA VAL I 67 -19.23 -70.03 -21.35
C VAL I 67 -18.82 -71.21 -22.21
N ASP I 68 -19.10 -71.13 -23.51
CA ASP I 68 -18.74 -72.18 -24.45
C ASP I 68 -17.23 -72.31 -24.60
N SER I 69 -16.59 -71.19 -24.94
CA SER I 69 -15.15 -71.18 -25.17
C SER I 69 -14.38 -70.49 -24.03
N SER I 70 -13.59 -71.29 -23.32
CA SER I 70 -12.73 -70.76 -22.27
C SER I 70 -11.29 -70.63 -22.77
N ILE I 71 -11.03 -71.20 -23.94
CA ILE I 71 -9.68 -71.18 -24.56
C ILE I 71 -9.76 -70.76 -26.03
N GLN I 72 -8.87 -69.87 -26.44
CA GLN I 72 -8.82 -69.44 -27.84
C GLN I 72 -7.41 -69.51 -28.39
N PHE I 73 -7.27 -70.01 -29.61
CA PHE I 73 -6.00 -69.94 -30.31
C PHE I 73 -6.12 -68.90 -31.42
N MET I 74 -5.00 -68.57 -32.05
CA MET I 74 -5.01 -67.63 -33.16
C MET I 74 -4.90 -68.42 -34.45
N ASN I 75 -5.94 -68.35 -35.28
CA ASN I 75 -5.96 -69.09 -36.54
C ASN I 75 -4.91 -68.61 -37.54
N VAL I 76 -4.46 -69.52 -38.40
CA VAL I 76 -3.48 -69.21 -39.44
C VAL I 76 -4.09 -68.54 -40.68
N VAL I 77 -3.28 -67.75 -41.38
CA VAL I 77 -3.62 -67.25 -42.71
C VAL I 77 -2.91 -68.18 -43.70
N SER I 78 -3.59 -68.58 -44.77
CA SER I 78 -2.94 -69.41 -45.79
C SER I 78 -1.99 -68.57 -46.67
N GLY I 79 -0.82 -69.11 -47.04
CA GLY I 79 -0.41 -70.47 -46.71
C GLY I 79 0.63 -70.60 -45.61
N ASP I 80 0.25 -70.24 -44.39
CA ASP I 80 1.02 -70.62 -43.21
C ASP I 80 0.59 -72.01 -42.82
N ASP I 81 1.46 -72.71 -42.08
CA ASP I 81 1.20 -74.06 -41.64
C ASP I 81 0.46 -74.06 -40.31
N ILE I 82 -0.35 -75.08 -40.08
CA ILE I 82 -0.88 -75.35 -38.75
C ILE I 82 0.33 -75.65 -37.87
N PRO I 83 0.46 -74.94 -36.73
CA PRO I 83 1.63 -75.19 -35.90
C PRO I 83 1.52 -76.52 -35.15
N LYS I 84 2.65 -77.20 -34.96
CA LYS I 84 2.68 -78.48 -34.25
C LYS I 84 2.32 -78.30 -32.78
N ILE I 85 2.70 -77.15 -32.24
CA ILE I 85 2.45 -76.81 -30.84
C ILE I 85 0.97 -76.94 -30.40
N TRP I 86 0.05 -76.85 -31.35
CA TRP I 86 -1.39 -76.98 -31.04
C TRP I 86 -1.73 -78.37 -30.50
N GLY I 87 -1.08 -79.39 -31.04
CA GLY I 87 -1.19 -80.75 -30.50
C GLY I 87 -0.69 -80.79 -29.07
N THR I 88 0.50 -80.26 -28.86
CA THR I 88 1.11 -80.12 -27.54
C THR I 88 0.15 -79.44 -26.55
N TYR I 89 -0.48 -78.35 -26.98
CA TYR I 89 -1.47 -77.64 -26.18
C TYR I 89 -2.69 -78.51 -25.90
N ARG I 90 -3.17 -79.19 -26.95
CA ARG I 90 -4.36 -80.04 -26.84
C ARG I 90 -4.13 -81.20 -25.87
N GLN I 91 -2.97 -81.85 -26.01
CA GLN I 91 -2.49 -82.87 -25.05
C GLN I 91 -2.52 -82.37 -23.59
N MET I 92 -2.02 -81.15 -23.41
CA MET I 92 -1.89 -80.51 -22.11
C MET I 92 -3.28 -80.23 -21.53
N ILE I 93 -4.13 -79.57 -22.31
CA ILE I 93 -5.44 -79.12 -21.86
C ILE I 93 -6.33 -80.27 -21.40
N GLU I 94 -6.47 -81.28 -22.25
CA GLU I 94 -7.08 -82.55 -21.83
C GLU I 94 -6.04 -83.18 -20.91
N GLY I 95 -6.47 -83.76 -19.79
CA GLY I 95 -5.51 -84.24 -18.80
C GLY I 95 -5.48 -83.38 -17.54
N HIS I 96 -5.75 -82.08 -17.71
CA HIS I 96 -6.12 -81.22 -16.59
C HIS I 96 -7.66 -81.22 -16.43
N GLY I 97 -8.32 -81.97 -17.30
CA GLY I 97 -9.75 -82.22 -17.21
C GLY I 97 -10.64 -81.27 -18.00
N THR I 98 -10.09 -80.66 -19.05
CA THR I 98 -10.87 -79.74 -19.88
C THR I 98 -11.21 -80.35 -21.25
N ASP I 99 -12.52 -80.41 -21.53
CA ASP I 99 -13.04 -80.84 -22.83
C ASP I 99 -12.45 -79.96 -23.92
N LEU I 100 -11.84 -80.58 -24.93
CA LEU I 100 -11.25 -79.82 -26.04
C LEU I 100 -12.28 -79.04 -26.85
N LYS I 101 -13.57 -79.33 -26.63
CA LYS I 101 -14.68 -78.63 -27.27
C LYS I 101 -14.71 -77.13 -26.92
N THR I 102 -14.05 -76.75 -25.82
CA THR I 102 -14.01 -75.36 -25.39
C THR I 102 -13.04 -74.49 -26.18
N ILE I 103 -12.10 -75.14 -26.89
CA ILE I 103 -11.15 -74.41 -27.73
C ILE I 103 -11.83 -73.85 -28.98
N THR I 104 -11.69 -72.55 -29.21
CA THR I 104 -12.13 -71.93 -30.46
C THR I 104 -10.95 -71.15 -31.06
N TYR I 105 -11.14 -70.61 -32.26
CA TYR I 105 -10.05 -70.03 -33.02
C TYR I 105 -10.43 -68.66 -33.56
N LEU I 106 -9.55 -67.68 -33.39
CA LEU I 106 -9.86 -66.32 -33.77
C LEU I 106 -8.97 -65.85 -34.90
N ARG I 107 -9.54 -65.03 -35.79
CA ARG I 107 -8.79 -64.31 -36.80
C ARG I 107 -7.77 -63.40 -36.13
N ARG I 108 -6.53 -63.40 -36.63
CA ARG I 108 -5.46 -62.55 -36.09
C ARG I 108 -6.03 -61.24 -35.53
N GLU I 109 -6.83 -60.57 -36.35
CA GLU I 109 -7.43 -59.28 -36.00
C GLU I 109 -8.31 -59.33 -34.75
N ASP I 110 -9.19 -60.32 -34.66
CA ASP I 110 -10.11 -60.50 -33.51
C ASP I 110 -9.35 -60.87 -32.23
N PHE I 111 -8.32 -61.68 -32.40
CA PHE I 111 -7.46 -62.12 -31.32
C PHE I 111 -6.81 -60.92 -30.64
N TYR I 112 -6.34 -59.98 -31.45
CA TYR I 112 -5.71 -58.75 -30.96
C TYR I 112 -6.66 -57.98 -30.06
N GLU I 113 -7.87 -57.73 -30.57
CA GLU I 113 -8.89 -56.99 -29.84
C GLU I 113 -9.32 -57.64 -28.52
N ARG I 114 -9.52 -58.96 -28.50
CA ARG I 114 -9.82 -59.63 -27.24
C ARG I 114 -8.65 -59.56 -26.24
N SER I 115 -7.43 -59.62 -26.75
CA SER I 115 -6.24 -59.48 -25.90
C SER I 115 -6.12 -58.09 -25.23
N LYS I 116 -6.71 -57.06 -25.84
CA LYS I 116 -6.71 -55.72 -25.27
C LYS I 116 -7.68 -55.62 -24.10
N LYS I 117 -8.69 -56.49 -24.11
CA LYS I 117 -9.70 -56.55 -23.06
C LYS I 117 -9.37 -57.57 -21.98
N ALA I 118 -8.28 -58.31 -22.17
CA ALA I 118 -7.85 -59.30 -21.20
C ALA I 118 -7.22 -58.59 -20.01
N TYR I 119 -7.25 -59.26 -18.86
CA TYR I 119 -6.69 -58.68 -17.64
C TYR I 119 -5.19 -58.51 -17.75
N ALA I 120 -4.52 -59.48 -18.37
CA ALA I 120 -3.09 -59.40 -18.55
C ALA I 120 -2.60 -60.22 -19.73
N ILE I 121 -1.52 -59.72 -20.33
CA ILE I 121 -0.78 -60.49 -21.30
C ILE I 121 0.59 -60.78 -20.71
N VAL I 122 0.99 -62.05 -20.79
CA VAL I 122 2.36 -62.43 -20.49
C VAL I 122 3.14 -62.70 -21.79
N ALA I 123 4.21 -61.93 -21.99
CA ALA I 123 5.12 -62.14 -23.10
C ALA I 123 6.08 -63.30 -22.77
N THR I 124 6.05 -64.34 -23.58
CA THR I 124 6.90 -65.50 -23.33
C THR I 124 8.05 -65.53 -24.34
N GLY I 125 8.89 -66.56 -24.24
CA GLY I 125 10.03 -66.71 -25.13
C GLY I 125 9.75 -67.68 -26.26
N GLU I 126 8.49 -68.08 -26.39
CA GLU I 126 8.06 -69.05 -27.39
C GLU I 126 8.34 -68.61 -28.84
N THR I 127 9.21 -69.36 -29.51
CA THR I 127 9.61 -69.03 -30.89
C THR I 127 8.67 -69.64 -31.94
N SER I 128 7.78 -70.53 -31.50
CA SER I 128 6.82 -71.17 -32.40
C SER I 128 5.71 -70.22 -32.82
N LEU I 129 5.30 -70.30 -34.10
CA LEU I 129 4.30 -69.38 -34.65
C LEU I 129 2.87 -69.72 -34.26
N TYR I 130 2.02 -68.70 -34.19
CA TYR I 130 0.60 -68.85 -33.91
C TYR I 130 0.38 -69.67 -32.64
N ALA I 131 1.11 -69.29 -31.59
CA ALA I 131 1.26 -70.10 -30.37
C ALA I 131 0.59 -69.45 -29.19
N ASN I 132 -0.13 -68.38 -29.47
CA ASN I 132 -0.78 -67.57 -28.45
C ASN I 132 -2.02 -68.26 -27.92
N ILE I 133 -2.30 -68.12 -26.63
CA ILE I 133 -3.50 -68.73 -26.04
C ILE I 133 -4.20 -67.68 -25.21
N ILE I 134 -5.53 -67.75 -25.13
CA ILE I 134 -6.28 -66.96 -24.14
C ILE I 134 -7.03 -67.90 -23.24
N LEU I 135 -6.83 -67.73 -21.94
CA LEU I 135 -7.45 -68.56 -20.91
C LEU I 135 -8.37 -67.69 -20.10
N LYS I 136 -9.56 -68.21 -19.80
CA LYS I 136 -10.56 -67.48 -19.02
C LYS I 136 -10.81 -68.14 -17.66
N LYS I 137 -10.51 -67.41 -16.59
CA LYS I 137 -10.56 -67.92 -15.21
C LYS I 137 -11.95 -68.36 -14.74
N GLY I 138 -12.02 -69.57 -14.19
CA GLY I 138 -13.26 -70.15 -13.69
C GLY I 138 -13.40 -70.04 -12.18
N VAL I 139 -14.56 -70.47 -11.67
CA VAL I 139 -14.86 -70.45 -10.24
C VAL I 139 -13.97 -71.40 -9.46
N VAL I 140 -13.56 -70.98 -8.26
CA VAL I 140 -12.83 -71.85 -7.34
C VAL I 140 -13.78 -72.23 -6.19
N VAL I 141 -14.14 -73.51 -6.12
CA VAL I 141 -15.16 -73.97 -5.18
C VAL I 141 -14.53 -74.73 -4.00
N GLU I 142 -14.99 -74.42 -2.79
CA GLU I 142 -14.52 -75.08 -1.57
C GLU I 142 -14.89 -76.56 -1.55
N ARG I 143 -13.87 -77.41 -1.39
CA ARG I 143 -14.03 -78.88 -1.38
C ARG I 143 -15.11 -79.40 -0.44
N LEU J 2 27.45 -50.80 -26.69
CA LEU J 2 27.70 -52.27 -26.74
C LEU J 2 28.23 -52.76 -28.08
N LYS J 3 28.83 -53.94 -28.09
CA LYS J 3 29.33 -54.56 -29.31
C LYS J 3 28.18 -55.15 -30.15
N HIS J 4 28.32 -55.07 -31.47
CA HIS J 4 27.40 -55.68 -32.46
C HIS J 4 26.08 -54.95 -32.67
N ILE J 5 25.86 -53.89 -31.90
CA ILE J 5 24.65 -53.09 -31.97
C ILE J 5 24.98 -51.73 -32.55
N PRO J 6 24.27 -51.32 -33.63
CA PRO J 6 24.53 -50.03 -34.28
C PRO J 6 24.68 -48.89 -33.27
N LYS J 7 25.69 -48.06 -33.46
CA LYS J 7 26.00 -46.97 -32.54
C LYS J 7 24.96 -45.82 -32.53
N ASN J 8 24.07 -45.81 -33.53
CA ASN J 8 23.08 -44.74 -33.70
C ASN J 8 21.67 -45.12 -33.20
N ILE J 9 21.58 -46.25 -32.50
CA ILE J 9 20.34 -46.62 -31.84
C ILE J 9 20.52 -46.46 -30.34
N SER J 10 19.62 -45.69 -29.74
CA SER J 10 19.72 -45.31 -28.34
C SER J 10 19.21 -46.39 -27.40
N PRO J 11 19.53 -46.30 -26.09
CA PRO J 11 19.04 -47.27 -25.12
C PRO J 11 17.52 -47.43 -25.19
N ASP J 12 16.77 -46.33 -25.10
CA ASP J 12 15.32 -46.46 -25.08
C ASP J 12 14.73 -46.95 -26.40
N LEU J 13 15.34 -46.57 -27.52
CA LEU J 13 14.84 -46.96 -28.84
C LEU J 13 15.00 -48.47 -29.08
N LEU J 14 16.15 -49.00 -28.69
CA LEU J 14 16.38 -50.42 -28.80
C LEU J 14 15.39 -51.20 -27.93
N LYS J 15 15.18 -50.75 -26.70
CA LYS J 15 14.18 -51.38 -25.84
C LYS J 15 12.83 -51.47 -26.58
N THR J 16 12.36 -50.33 -27.09
CA THR J 16 11.05 -50.28 -27.72
C THR J 16 10.98 -51.06 -29.03
N LEU J 17 12.06 -51.04 -29.81
CA LEU J 17 12.16 -51.93 -30.98
C LEU J 17 12.00 -53.40 -30.60
N MET J 18 12.61 -53.78 -29.47
CA MET J 18 12.55 -55.16 -28.97
C MET J 18 11.17 -55.56 -28.48
N GLU J 19 10.52 -54.68 -27.74
CA GLU J 19 9.22 -55.00 -27.16
C GLU J 19 8.09 -54.90 -28.20
N MET J 20 8.38 -54.25 -29.32
CA MET J 20 7.48 -54.26 -30.47
C MET J 20 7.31 -55.70 -30.93
N GLY J 21 6.11 -56.03 -31.36
CA GLY J 21 5.79 -57.35 -31.88
C GLY J 21 5.29 -57.18 -33.29
N HIS J 22 4.85 -58.29 -33.89
CA HIS J 22 4.41 -58.28 -35.27
C HIS J 22 3.21 -57.34 -35.47
N GLY J 23 3.37 -56.35 -36.34
CA GLY J 23 2.26 -55.43 -36.66
C GLY J 23 2.38 -54.05 -36.07
N ASP J 24 3.07 -53.96 -34.93
CA ASP J 24 3.35 -52.67 -34.29
C ASP J 24 4.04 -51.73 -35.26
N GLU J 25 3.68 -50.46 -35.18
CA GLU J 25 4.21 -49.48 -36.09
C GLU J 25 5.04 -48.45 -35.34
N ILE J 26 6.18 -48.07 -35.93
CA ILE J 26 7.00 -47.02 -35.37
C ILE J 26 7.17 -45.92 -36.41
N VAL J 27 7.30 -44.69 -35.94
CA VAL J 27 7.35 -43.55 -36.83
C VAL J 27 8.68 -42.83 -36.69
N LEU J 28 9.47 -42.87 -37.76
CA LEU J 28 10.66 -42.07 -37.84
C LEU J 28 10.19 -40.69 -38.29
N ALA J 29 10.21 -39.73 -37.39
CA ALA J 29 9.65 -38.40 -37.66
C ALA J 29 10.74 -37.39 -37.92
N ASP J 30 10.54 -36.54 -38.94
CA ASP J 30 11.51 -35.49 -39.24
C ASP J 30 11.44 -34.37 -38.21
N ALA J 31 12.41 -33.47 -38.26
CA ALA J 31 12.53 -32.43 -37.25
C ALA J 31 11.28 -31.54 -37.14
N ASN J 32 10.54 -31.37 -38.24
CA ASN J 32 9.36 -30.50 -38.27
C ASN J 32 8.06 -31.16 -37.83
N TYR J 33 8.07 -32.50 -37.77
CA TYR J 33 6.90 -33.26 -37.38
C TYR J 33 6.48 -32.97 -35.93
N PRO J 34 5.16 -32.87 -35.67
CA PRO J 34 4.66 -32.75 -34.31
C PRO J 34 4.71 -34.09 -33.56
N SER J 35 5.91 -34.53 -33.20
CA SER J 35 6.12 -35.86 -32.62
C SER J 35 5.50 -35.99 -31.24
N ALA J 36 5.80 -35.04 -30.36
CA ALA J 36 5.34 -35.06 -28.97
C ALA J 36 3.81 -35.09 -28.83
N SER J 37 3.11 -34.32 -29.67
CA SER J 37 1.64 -34.20 -29.54
C SER J 37 0.89 -35.39 -30.14
N CYS J 38 1.48 -36.06 -31.13
CA CYS J 38 0.89 -37.27 -31.70
C CYS J 38 1.30 -38.54 -30.98
N ALA J 39 2.46 -38.52 -30.32
CA ALA J 39 3.05 -39.75 -29.76
C ALA J 39 2.20 -40.45 -28.69
N ASN J 40 2.02 -41.75 -28.88
CA ASN J 40 1.60 -42.64 -27.79
C ASN J 40 2.78 -42.83 -26.85
N LYS J 41 3.93 -43.13 -27.45
CA LYS J 41 5.19 -43.23 -26.74
C LYS J 41 6.25 -42.48 -27.55
N LEU J 42 6.88 -41.48 -26.92
CA LEU J 42 7.87 -40.63 -27.58
C LEU J 42 9.30 -41.04 -27.29
N ILE J 43 10.14 -41.01 -28.33
CA ILE J 43 11.55 -41.29 -28.19
C ILE J 43 12.30 -40.20 -28.92
N ARG J 44 13.12 -39.43 -28.20
CA ARG J 44 13.80 -38.31 -28.80
C ARG J 44 15.18 -38.68 -29.27
N CYS J 45 15.47 -38.42 -30.54
CA CYS J 45 16.81 -38.55 -31.10
C CYS J 45 17.09 -37.33 -31.96
N ASP J 46 17.06 -36.16 -31.32
CA ASP J 46 17.16 -34.86 -31.99
C ASP J 46 18.48 -34.62 -32.72
N GLY J 47 19.50 -35.43 -32.42
CA GLY J 47 20.81 -35.32 -33.07
C GLY J 47 21.07 -36.34 -34.18
N VAL J 48 20.07 -37.16 -34.47
CA VAL J 48 20.15 -38.18 -35.52
C VAL J 48 19.28 -37.84 -36.75
N ASN J 49 19.80 -38.12 -37.94
CA ASN J 49 19.03 -38.02 -39.19
C ASN J 49 18.38 -39.36 -39.55
N ILE J 50 17.37 -39.33 -40.42
CA ILE J 50 16.56 -40.53 -40.72
C ILE J 50 17.23 -41.59 -41.60
N PRO J 51 18.08 -41.20 -42.57
CA PRO J 51 18.78 -42.21 -43.37
C PRO J 51 19.55 -43.19 -42.48
N GLU J 52 20.48 -42.66 -41.69
CA GLU J 52 21.26 -43.43 -40.72
C GLU J 52 20.34 -44.35 -39.91
N LEU J 53 19.31 -43.76 -39.29
CA LEU J 53 18.41 -44.46 -38.40
C LEU J 53 17.61 -45.57 -39.09
N LEU J 54 17.05 -45.25 -40.25
CA LEU J 54 16.29 -46.23 -41.01
C LEU J 54 17.15 -47.45 -41.33
N ASP J 55 18.39 -47.18 -41.71
CA ASP J 55 19.35 -48.23 -42.05
C ASP J 55 19.58 -49.16 -40.87
N SER J 56 19.94 -48.60 -39.73
CA SER J 56 20.19 -49.37 -38.51
C SER J 56 18.98 -50.16 -38.06
N ILE J 57 17.80 -49.53 -38.15
CA ILE J 57 16.56 -50.19 -37.78
C ILE J 57 16.26 -51.35 -38.72
N LEU J 58 16.44 -51.12 -40.02
CA LEU J 58 16.13 -52.16 -41.00
C LEU J 58 17.03 -53.37 -40.79
N TYR J 59 18.27 -53.11 -40.36
CA TYR J 59 19.23 -54.15 -40.04
C TYR J 59 18.75 -55.11 -38.94
N LEU J 60 18.05 -54.56 -37.92
CA LEU J 60 17.62 -55.34 -36.74
C LEU J 60 16.18 -55.85 -36.79
N MET J 61 15.35 -55.20 -37.59
CA MET J 61 13.91 -55.43 -37.54
C MET J 61 13.31 -55.69 -38.93
N PRO J 62 12.87 -56.93 -39.19
CA PRO J 62 12.17 -57.29 -40.43
C PRO J 62 10.83 -56.56 -40.56
N LEU J 63 10.44 -56.27 -41.79
CA LEU J 63 9.18 -55.56 -42.04
C LEU J 63 8.02 -56.54 -42.21
N ASP J 64 6.79 -56.02 -42.11
CA ASP J 64 5.59 -56.85 -42.10
C ASP J 64 5.19 -57.39 -43.49
N SER J 65 5.54 -58.66 -43.73
CA SER J 65 5.21 -59.35 -44.97
C SER J 65 3.71 -59.67 -45.13
N TYR J 66 2.94 -59.52 -44.04
CA TYR J 66 1.52 -59.93 -44.01
C TYR J 66 0.48 -58.87 -44.43
N VAL J 67 0.95 -57.72 -44.90
CA VAL J 67 0.08 -56.69 -45.46
C VAL J 67 0.68 -56.20 -46.78
N ASP J 68 -0.09 -55.41 -47.53
CA ASP J 68 0.41 -54.78 -48.75
C ASP J 68 1.51 -53.77 -48.43
N SER J 69 1.26 -52.93 -47.43
CA SER J 69 2.17 -51.80 -47.15
C SER J 69 2.83 -51.82 -45.77
N SER J 70 4.14 -52.10 -45.76
CA SER J 70 4.98 -52.09 -44.57
C SER J 70 5.53 -50.69 -44.28
N ILE J 71 5.59 -49.87 -45.32
CA ILE J 71 6.23 -48.57 -45.26
C ILE J 71 5.30 -47.48 -45.77
N GLN J 72 5.33 -46.31 -45.11
CA GLN J 72 4.54 -45.16 -45.56
C GLN J 72 5.34 -43.88 -45.45
N PHE J 73 5.50 -43.18 -46.57
CA PHE J 73 6.02 -41.80 -46.52
C PHE J 73 4.82 -40.88 -46.44
N MET J 74 5.03 -39.64 -46.03
CA MET J 74 3.98 -38.64 -46.09
C MET J 74 4.04 -37.91 -47.43
N ASN J 75 2.91 -37.83 -48.11
CA ASN J 75 2.84 -37.23 -49.44
C ASN J 75 2.93 -35.71 -49.42
N VAL J 76 3.42 -35.13 -50.51
CA VAL J 76 3.46 -33.68 -50.67
C VAL J 76 2.08 -33.15 -51.06
N VAL J 77 1.95 -31.83 -51.13
CA VAL J 77 0.67 -31.23 -51.52
C VAL J 77 0.61 -30.90 -53.03
N SER J 78 0.69 -31.98 -53.83
CA SER J 78 0.50 -32.01 -55.30
C SER J 78 0.96 -30.78 -56.12
N GLY J 79 2.18 -30.83 -56.66
CA GLY J 79 3.15 -31.89 -56.40
C GLY J 79 4.53 -31.27 -56.21
N ASP J 80 4.52 -30.06 -55.65
CA ASP J 80 5.69 -29.17 -55.59
C ASP J 80 6.95 -29.76 -54.95
N ASP J 81 8.00 -29.88 -55.77
CA ASP J 81 9.29 -30.44 -55.36
C ASP J 81 9.16 -31.79 -54.63
N ILE J 82 9.13 -32.88 -55.41
CA ILE J 82 9.18 -34.23 -54.88
C ILE J 82 10.52 -34.38 -54.13
N PRO J 83 10.45 -34.60 -52.79
CA PRO J 83 11.62 -34.60 -51.89
C PRO J 83 12.75 -35.53 -52.32
N LYS J 84 13.95 -34.97 -52.43
CA LYS J 84 15.15 -35.71 -52.84
C LYS J 84 15.50 -36.87 -51.90
N ILE J 85 15.19 -36.69 -50.62
CA ILE J 85 15.51 -37.70 -49.59
C ILE J 85 14.74 -39.00 -49.78
N TRP J 86 13.57 -38.95 -50.42
CA TRP J 86 12.81 -40.16 -50.74
C TRP J 86 13.67 -41.14 -51.52
N GLY J 87 14.51 -40.59 -52.41
CA GLY J 87 15.42 -41.37 -53.24
C GLY J 87 16.40 -42.16 -52.40
N THR J 88 16.98 -41.49 -51.40
CA THR J 88 17.89 -42.11 -50.46
C THR J 88 17.18 -43.23 -49.68
N TYR J 89 15.93 -42.99 -49.26
CA TYR J 89 15.12 -44.00 -48.60
C TYR J 89 14.91 -45.23 -49.47
N ARG J 90 14.51 -44.99 -50.72
CA ARG J 90 14.20 -46.08 -51.66
C ARG J 90 15.42 -47.00 -51.89
N GLN J 91 16.60 -46.41 -52.05
CA GLN J 91 17.85 -47.17 -52.18
C GLN J 91 18.08 -48.14 -51.03
N MET J 92 17.84 -47.70 -49.80
CA MET J 92 18.07 -48.51 -48.61
C MET J 92 17.02 -49.60 -48.46
N ILE J 93 15.76 -49.18 -48.54
CA ILE J 93 14.61 -50.06 -48.43
C ILE J 93 14.74 -51.24 -49.41
N GLU J 94 15.26 -50.94 -50.60
CA GLU J 94 15.66 -51.96 -51.57
C GLU J 94 17.09 -52.41 -51.26
N GLY J 95 17.29 -53.72 -51.22
CA GLY J 95 18.59 -54.27 -50.85
C GLY J 95 18.73 -54.24 -49.34
N HIS J 96 17.72 -54.79 -48.67
CA HIS J 96 17.68 -54.93 -47.21
C HIS J 96 16.76 -56.07 -46.73
N GLY J 97 15.95 -56.65 -47.62
CA GLY J 97 15.86 -56.26 -49.03
C GLY J 97 14.41 -56.24 -49.46
N THR J 98 13.67 -55.25 -48.98
CA THR J 98 12.21 -55.25 -49.11
C THR J 98 11.76 -54.68 -50.47
N ASP J 99 10.59 -55.10 -50.93
CA ASP J 99 10.10 -54.67 -52.23
C ASP J 99 9.54 -53.26 -52.22
N LEU J 100 10.19 -52.36 -52.97
CA LEU J 100 9.82 -50.95 -53.06
C LEU J 100 8.31 -50.70 -53.27
N LYS J 101 7.63 -51.70 -53.83
CA LYS J 101 6.19 -51.65 -54.06
C LYS J 101 5.37 -51.65 -52.75
N THR J 102 6.02 -51.93 -51.62
CA THR J 102 5.35 -51.92 -50.33
C THR J 102 5.09 -50.48 -49.83
N ILE J 103 5.82 -49.51 -50.38
CA ILE J 103 5.67 -48.11 -49.97
C ILE J 103 4.39 -47.51 -50.56
N THR J 104 3.48 -47.08 -49.69
CA THR J 104 2.34 -46.27 -50.11
C THR J 104 2.48 -44.88 -49.47
N TYR J 105 1.83 -43.89 -50.08
CA TYR J 105 2.01 -42.50 -49.68
C TYR J 105 0.72 -41.97 -49.08
N LEU J 106 0.81 -41.43 -47.88
CA LEU J 106 -0.37 -41.03 -47.12
C LEU J 106 -0.55 -39.53 -47.13
N ARG J 107 -1.80 -39.09 -47.12
CA ARG J 107 -2.12 -37.67 -46.99
C ARG J 107 -1.70 -37.17 -45.62
N ARG J 108 -1.35 -35.89 -45.55
CA ARG J 108 -0.97 -35.25 -44.30
C ARG J 108 -1.81 -35.71 -43.10
N GLU J 109 -3.12 -35.48 -43.16
CA GLU J 109 -4.01 -35.76 -42.04
C GLU J 109 -4.20 -37.25 -41.79
N ASP J 110 -3.98 -38.08 -42.82
CA ASP J 110 -4.00 -39.54 -42.70
C ASP J 110 -2.76 -39.97 -41.93
N PHE J 111 -1.62 -39.39 -42.28
CA PHE J 111 -0.34 -39.68 -41.63
C PHE J 111 -0.38 -39.32 -40.15
N TYR J 112 -0.81 -38.09 -39.86
CA TYR J 112 -1.01 -37.63 -38.49
C TYR J 112 -1.81 -38.64 -37.68
N GLU J 113 -2.92 -39.08 -38.26
CA GLU J 113 -3.85 -39.96 -37.58
C GLU J 113 -3.26 -41.35 -37.34
N ARG J 114 -2.55 -41.87 -38.34
CA ARG J 114 -1.91 -43.18 -38.22
C ARG J 114 -0.78 -43.12 -37.18
N SER J 115 -0.04 -42.02 -37.18
CA SER J 115 1.10 -41.84 -36.28
C SER J 115 0.67 -41.83 -34.83
N LYS J 116 -0.55 -41.38 -34.56
CA LYS J 116 -1.14 -41.48 -33.22
C LYS J 116 -1.47 -42.93 -32.84
N LYS J 117 -1.82 -43.76 -33.82
CA LYS J 117 -2.16 -45.16 -33.56
C LYS J 117 -0.92 -46.06 -33.53
N ALA J 118 0.21 -45.52 -34.00
CA ALA J 118 1.49 -46.21 -33.92
C ALA J 118 1.93 -46.49 -32.47
N TYR J 119 2.84 -47.45 -32.30
CA TYR J 119 3.35 -47.79 -31.00
C TYR J 119 4.22 -46.68 -30.40
N ALA J 120 5.07 -46.10 -31.23
CA ALA J 120 6.00 -45.09 -30.78
C ALA J 120 6.38 -44.20 -31.95
N ILE J 121 6.72 -42.96 -31.63
CA ILE J 121 7.28 -42.05 -32.61
C ILE J 121 8.70 -41.72 -32.19
N VAL J 122 9.57 -41.57 -33.17
CA VAL J 122 10.94 -41.12 -32.94
C VAL J 122 11.14 -39.71 -33.52
N ALA J 123 11.34 -38.74 -32.63
CA ALA J 123 11.64 -37.38 -33.02
C ALA J 123 13.10 -37.28 -33.44
N THR J 124 13.38 -36.98 -34.71
CA THR J 124 14.76 -36.90 -35.15
C THR J 124 15.21 -35.45 -35.37
N GLY J 125 16.39 -35.29 -35.95
CA GLY J 125 16.90 -33.96 -36.31
C GLY J 125 16.93 -33.79 -37.83
N GLU J 126 16.21 -34.66 -38.53
CA GLU J 126 16.11 -34.61 -39.97
C GLU J 126 15.52 -33.29 -40.45
N THR J 127 16.36 -32.44 -41.04
CA THR J 127 15.93 -31.10 -41.50
C THR J 127 15.20 -31.11 -42.85
N SER J 128 15.34 -32.21 -43.60
CA SER J 128 14.58 -32.41 -44.84
C SER J 128 13.07 -32.37 -44.60
N LEU J 129 12.32 -32.01 -45.64
CA LEU J 129 10.86 -31.87 -45.53
C LEU J 129 10.15 -33.08 -46.09
N TYR J 130 8.95 -33.34 -45.58
CA TYR J 130 8.17 -34.55 -45.88
C TYR J 130 9.07 -35.80 -45.84
N ALA J 131 9.86 -35.91 -44.77
CA ALA J 131 10.90 -36.94 -44.64
C ALA J 131 10.48 -38.07 -43.71
N ASN J 132 9.31 -37.93 -43.12
CA ASN J 132 8.78 -38.88 -42.16
C ASN J 132 8.60 -40.28 -42.76
N ILE J 133 8.70 -41.31 -41.93
CA ILE J 133 8.49 -42.71 -42.35
C ILE J 133 7.73 -43.46 -41.27
N ILE J 134 6.84 -44.37 -41.67
CA ILE J 134 6.22 -45.34 -40.77
C ILE J 134 6.62 -46.75 -41.20
N LEU J 135 7.18 -47.51 -40.26
CA LEU J 135 7.62 -48.87 -40.50
C LEU J 135 6.77 -49.82 -39.69
N LYS J 136 6.47 -50.98 -40.27
CA LYS J 136 5.64 -51.97 -39.63
C LYS J 136 6.46 -53.23 -39.36
N LYS J 137 6.56 -53.63 -38.08
CA LYS J 137 7.36 -54.80 -37.66
C LYS J 137 6.80 -56.12 -38.19
N GLY J 138 7.71 -56.95 -38.71
CA GLY J 138 7.37 -58.28 -39.18
C GLY J 138 7.67 -59.37 -38.17
N VAL J 139 7.67 -60.61 -38.65
CA VAL J 139 7.85 -61.76 -37.79
C VAL J 139 9.31 -62.18 -37.80
N VAL J 140 9.88 -62.28 -36.60
CA VAL J 140 11.28 -62.68 -36.44
C VAL J 140 11.40 -64.21 -36.36
N VAL J 141 12.14 -64.78 -37.32
CA VAL J 141 12.46 -66.21 -37.31
C VAL J 141 13.79 -66.47 -38.03
N LEU K 2 5.78 57.04 -15.00
CA LEU K 2 5.47 58.46 -14.68
C LEU K 2 6.57 59.38 -15.20
N LYS K 3 6.17 60.55 -15.71
CA LYS K 3 7.13 61.49 -16.27
C LYS K 3 8.03 62.12 -15.19
N HIS K 4 9.27 62.42 -15.56
CA HIS K 4 10.23 63.15 -14.70
C HIS K 4 10.76 62.32 -13.52
N ILE K 5 10.37 61.05 -13.47
CA ILE K 5 10.82 60.12 -12.44
C ILE K 5 11.75 59.09 -13.09
N PRO K 6 12.92 58.83 -12.47
CA PRO K 6 13.86 57.83 -13.01
C PRO K 6 13.20 56.46 -13.15
N LYS K 7 13.56 55.75 -14.23
CA LYS K 7 12.89 54.51 -14.59
C LYS K 7 13.19 53.36 -13.63
N ASN K 8 14.32 53.44 -12.93
CA ASN K 8 14.74 52.32 -12.06
C ASN K 8 14.40 52.48 -10.57
N ILE K 9 13.39 53.31 -10.28
CA ILE K 9 12.88 53.49 -8.92
C ILE K 9 11.49 52.88 -8.91
N SER K 10 11.28 51.86 -8.08
CA SER K 10 10.01 51.15 -8.03
C SER K 10 8.96 51.93 -7.21
N PRO K 11 7.68 51.60 -7.39
CA PRO K 11 6.65 52.35 -6.64
C PRO K 11 6.94 52.39 -5.13
N ASP K 12 7.22 51.24 -4.53
CA ASP K 12 7.40 51.17 -3.10
C ASP K 12 8.72 51.75 -2.62
N LEU K 13 9.74 51.80 -3.47
CA LEU K 13 11.00 52.49 -3.10
C LEU K 13 10.84 54.01 -3.16
N LEU K 14 10.08 54.50 -4.14
CA LEU K 14 9.81 55.95 -4.22
C LEU K 14 9.04 56.44 -2.98
N LYS K 15 8.01 55.71 -2.58
CA LYS K 15 7.28 56.01 -1.36
C LYS K 15 8.20 56.06 -0.14
N THR K 16 9.02 55.03 0.04
CA THR K 16 9.91 55.01 1.20
C THR K 16 10.90 56.16 1.17
N LEU K 17 11.50 56.41 0.01
CA LEU K 17 12.34 57.61 -0.19
C LEU K 17 11.60 58.91 0.19
N MET K 18 10.32 58.96 -0.15
CA MET K 18 9.50 60.16 0.07
C MET K 18 9.12 60.41 1.51
N GLU K 19 8.85 59.34 2.24
CA GLU K 19 8.40 59.43 3.63
C GLU K 19 9.57 59.47 4.61
N MET K 20 10.77 59.13 4.12
CA MET K 20 11.99 59.33 4.91
C MET K 20 12.15 60.81 5.20
N GLY K 21 12.73 61.13 6.35
CA GLY K 21 12.94 62.52 6.70
C GLY K 21 14.41 62.78 6.95
N HIS K 22 14.71 64.00 7.40
CA HIS K 22 16.08 64.41 7.69
C HIS K 22 16.72 63.48 8.72
N GLY K 23 17.78 62.78 8.29
CA GLY K 23 18.56 61.92 9.17
C GLY K 23 18.28 60.43 9.01
N ASP K 24 17.19 60.10 8.31
CA ASP K 24 16.87 58.69 8.05
C ASP K 24 17.93 58.10 7.13
N GLU K 25 18.21 56.82 7.31
CA GLU K 25 19.22 56.15 6.49
C GLU K 25 18.58 55.03 5.68
N ILE K 26 19.04 54.88 4.44
CA ILE K 26 18.62 53.78 3.61
C ILE K 26 19.86 52.98 3.18
N VAL K 27 19.74 51.66 3.21
CA VAL K 27 20.86 50.80 2.82
C VAL K 27 20.63 50.28 1.42
N LEU K 28 21.62 50.46 0.55
CA LEU K 28 21.59 49.80 -0.75
C LEU K 28 22.45 48.55 -0.63
N ALA K 29 21.82 47.39 -0.71
CA ALA K 29 22.48 46.14 -0.37
C ALA K 29 22.80 45.27 -1.59
N ASP K 30 23.99 44.70 -1.60
CA ASP K 30 24.36 43.81 -2.70
C ASP K 30 23.61 42.51 -2.57
N ALA K 31 23.63 41.71 -3.62
CA ALA K 31 22.87 40.47 -3.66
C ALA K 31 23.25 39.51 -2.53
N ASN K 32 24.50 39.59 -2.06
CA ASN K 32 25.03 38.68 -1.03
C ASN K 32 24.72 39.13 0.42
N TYR K 33 24.27 40.37 0.58
CA TYR K 33 23.93 40.91 1.89
C TYR K 33 22.74 40.20 2.55
N PRO K 34 22.71 40.11 3.89
CA PRO K 34 21.52 39.58 4.53
C PRO K 34 20.45 40.66 4.73
N SER K 35 19.89 41.15 3.62
CA SER K 35 18.89 42.23 3.64
C SER K 35 17.65 41.82 4.44
N ALA K 36 17.11 40.64 4.10
CA ALA K 36 15.92 40.10 4.75
C ALA K 36 16.00 39.97 6.27
N SER K 37 17.12 39.49 6.80
CA SER K 37 17.20 39.29 8.27
C SER K 37 17.48 40.59 9.04
N CYS K 38 18.00 41.59 8.32
CA CYS K 38 18.41 42.87 8.93
C CYS K 38 17.36 43.99 8.84
N ALA K 39 16.52 43.94 7.80
CA ALA K 39 15.69 45.09 7.50
C ALA K 39 14.55 45.30 8.48
N ASN K 40 14.39 46.55 8.90
CA ASN K 40 13.18 46.96 9.60
C ASN K 40 12.08 47.09 8.56
N LYS K 41 12.48 47.50 7.36
CA LYS K 41 11.58 47.68 6.24
C LYS K 41 12.31 47.18 5.00
N LEU K 42 11.72 46.22 4.31
CA LEU K 42 12.39 45.57 3.18
C LEU K 42 11.82 46.00 1.84
N ILE K 43 12.62 46.68 1.05
CA ILE K 43 12.29 46.86 -0.37
C ILE K 43 13.23 45.99 -1.19
N ARG K 44 12.66 45.28 -2.14
CA ARG K 44 13.39 44.34 -2.93
C ARG K 44 13.46 44.81 -4.37
N CYS K 45 14.67 45.02 -4.87
CA CYS K 45 14.90 45.37 -6.27
C CYS K 45 15.92 44.40 -6.88
N ASP K 46 15.56 43.12 -6.89
CA ASP K 46 16.47 42.03 -7.30
C ASP K 46 17.00 42.11 -8.70
N GLY K 47 16.46 43.01 -9.52
CA GLY K 47 16.85 43.12 -10.92
C GLY K 47 17.78 44.27 -11.21
N VAL K 48 17.95 45.15 -10.22
CA VAL K 48 18.70 46.39 -10.39
C VAL K 48 20.07 46.26 -9.74
N ASN K 49 21.05 46.97 -10.30
CA ASN K 49 22.39 47.07 -9.74
C ASN K 49 22.59 48.35 -8.96
N ILE K 50 23.56 48.37 -8.06
CA ILE K 50 23.69 49.49 -7.14
C ILE K 50 24.08 50.84 -7.77
N PRO K 51 25.06 50.87 -8.71
CA PRO K 51 25.45 52.18 -9.29
C PRO K 51 24.30 52.92 -9.98
N GLU K 52 23.48 52.17 -10.73
CA GLU K 52 22.29 52.69 -11.37
C GLU K 52 21.32 53.25 -10.34
N LEU K 53 21.08 52.44 -9.30
CA LEU K 53 20.19 52.82 -8.22
C LEU K 53 20.70 54.09 -7.51
N LEU K 54 21.99 54.09 -7.18
CA LEU K 54 22.62 55.22 -6.54
C LEU K 54 22.47 56.49 -7.36
N ASP K 55 22.65 56.36 -8.68
CA ASP K 55 22.55 57.49 -9.59
C ASP K 55 21.19 58.17 -9.46
N SER K 56 20.13 57.38 -9.46
CA SER K 56 18.76 57.91 -9.34
C SER K 56 18.46 58.46 -7.96
N ILE K 57 18.98 57.81 -6.92
CA ILE K 57 18.69 58.24 -5.56
C ILE K 57 19.35 59.58 -5.25
N LEU K 58 20.64 59.69 -5.58
CA LEU K 58 21.40 60.92 -5.37
C LEU K 58 20.77 62.10 -6.10
N TYR K 59 20.13 61.79 -7.22
CA TYR K 59 19.41 62.74 -8.06
C TYR K 59 18.12 63.26 -7.40
N LEU K 60 17.37 62.38 -6.74
CA LEU K 60 16.14 62.75 -6.04
C LEU K 60 16.39 63.27 -4.62
N MET K 61 17.41 62.71 -3.96
CA MET K 61 17.55 62.87 -2.51
C MET K 61 18.85 63.55 -2.10
N PRO K 62 18.74 64.67 -1.36
CA PRO K 62 19.92 65.33 -0.81
C PRO K 62 20.52 64.51 0.33
N LEU K 63 21.83 64.63 0.51
CA LEU K 63 22.51 63.94 1.60
C LEU K 63 22.62 64.84 2.83
N ASP K 64 22.80 64.21 3.99
CA ASP K 64 22.79 64.93 5.25
C ASP K 64 24.09 65.71 5.49
N SER K 65 23.96 67.04 5.61
CA SER K 65 25.10 67.93 5.72
C SER K 65 25.49 68.20 7.18
N TYR K 66 24.61 67.83 8.09
CA TYR K 66 24.77 68.14 9.51
C TYR K 66 25.63 67.12 10.22
N VAL K 67 26.12 66.12 9.49
CA VAL K 67 27.04 65.14 10.02
C VAL K 67 28.28 65.05 9.13
N ASP K 68 29.37 64.54 9.70
CA ASP K 68 30.64 64.39 8.99
C ASP K 68 30.58 63.38 7.86
N SER K 69 29.87 62.28 8.10
CA SER K 69 29.77 61.16 7.15
C SER K 69 28.31 60.82 6.85
N SER K 70 27.93 60.98 5.58
CA SER K 70 26.57 60.66 5.15
C SER K 70 26.53 59.42 4.27
N ILE K 71 27.71 58.85 4.01
CA ILE K 71 27.83 57.66 3.19
C ILE K 71 28.79 56.65 3.84
N GLN K 72 28.38 55.39 3.87
CA GLN K 72 29.20 54.31 4.42
C GLN K 72 29.26 53.13 3.48
N PHE K 73 30.47 52.68 3.18
CA PHE K 73 30.70 51.45 2.45
C PHE K 73 31.08 50.38 3.47
N MET K 74 31.13 49.12 3.05
CA MET K 74 31.61 48.04 3.90
C MET K 74 33.10 47.83 3.62
N ASN K 75 33.95 48.11 4.61
CA ASN K 75 35.37 47.82 4.51
C ASN K 75 35.58 46.31 4.42
N VAL K 76 36.55 45.91 3.60
CA VAL K 76 36.82 44.50 3.34
C VAL K 76 37.35 43.75 4.55
N VAL K 77 37.03 42.45 4.62
CA VAL K 77 37.63 41.53 5.60
C VAL K 77 39.10 41.41 5.20
N SER K 78 39.99 41.46 6.19
CA SER K 78 41.45 41.49 5.98
C SER K 78 41.85 40.73 4.73
N GLY K 79 42.02 41.48 3.65
CA GLY K 79 42.30 41.00 2.28
C GLY K 79 42.20 39.53 1.96
N ASP K 80 41.22 39.09 1.15
CA ASP K 80 40.13 39.89 0.50
C ASP K 80 40.50 41.12 -0.34
N ASP K 81 40.22 41.01 -1.63
CA ASP K 81 40.49 42.08 -2.59
C ASP K 81 39.63 43.30 -2.34
N ILE K 82 40.23 44.47 -2.54
CA ILE K 82 39.50 45.73 -2.50
C ILE K 82 38.77 45.90 -3.84
N PRO K 83 37.42 45.99 -3.79
CA PRO K 83 36.58 45.85 -4.98
C PRO K 83 36.65 47.02 -5.97
N LYS K 84 36.56 46.70 -7.27
CA LYS K 84 36.58 47.72 -8.32
C LYS K 84 35.37 48.67 -8.26
N ILE K 85 34.23 48.20 -7.74
CA ILE K 85 32.97 48.96 -7.74
C ILE K 85 33.05 50.24 -6.91
N TRP K 86 33.97 50.25 -5.95
CA TRP K 86 34.22 51.40 -5.11
C TRP K 86 34.59 52.62 -5.95
N GLY K 87 35.38 52.39 -7.00
CA GLY K 87 35.77 53.43 -7.95
C GLY K 87 34.57 54.01 -8.68
N THR K 88 33.64 53.14 -9.10
CA THR K 88 32.43 53.58 -9.80
C THR K 88 31.56 54.50 -8.92
N TYR K 89 31.38 54.09 -7.66
CA TYR K 89 30.57 54.86 -6.73
C TYR K 89 31.13 56.26 -6.52
N ARG K 90 32.44 56.32 -6.25
CA ARG K 90 33.13 57.57 -5.97
C ARG K 90 33.10 58.55 -7.14
N GLN K 91 33.21 58.02 -8.36
CA GLN K 91 33.13 58.86 -9.57
C GLN K 91 31.73 59.45 -9.73
N MET K 92 30.74 58.81 -9.10
CA MET K 92 29.34 59.21 -9.23
C MET K 92 28.82 60.02 -8.05
N ILE K 93 29.25 59.63 -6.85
CA ILE K 93 28.98 60.43 -5.65
C ILE K 93 29.54 61.84 -5.89
N GLU K 94 30.82 61.91 -6.26
CA GLU K 94 31.41 63.14 -6.75
C GLU K 94 30.90 63.36 -8.16
N GLY K 95 30.35 64.53 -8.41
CA GLY K 95 29.72 64.77 -9.71
C GLY K 95 28.22 64.61 -9.61
N HIS K 96 27.76 64.36 -8.38
CA HIS K 96 26.38 64.60 -7.97
C HIS K 96 26.41 65.68 -6.91
N GLY K 97 27.62 66.17 -6.63
CA GLY K 97 27.80 67.36 -5.81
C GLY K 97 28.28 67.10 -4.39
N THR K 98 28.76 65.88 -4.15
CA THR K 98 29.17 65.49 -2.82
C THR K 98 30.68 65.25 -2.70
N ASP K 99 31.22 65.65 -1.56
CA ASP K 99 32.65 65.57 -1.27
C ASP K 99 33.03 64.18 -0.78
N LEU K 100 33.90 63.51 -1.54
CA LEU K 100 34.35 62.14 -1.24
C LEU K 100 34.85 61.89 0.19
N LYS K 101 35.12 62.98 0.92
CA LYS K 101 35.58 62.87 2.32
C LYS K 101 34.45 62.55 3.30
N THR K 102 33.22 62.46 2.79
CA THR K 102 32.08 62.05 3.61
C THR K 102 31.88 60.52 3.59
N ILE K 103 32.62 59.83 2.72
CA ILE K 103 32.58 58.39 2.67
C ILE K 103 33.46 57.81 3.77
N THR K 104 32.83 57.09 4.69
CA THR K 104 33.56 56.38 5.73
C THR K 104 33.40 54.87 5.55
N TYR K 105 34.30 54.11 6.14
CA TYR K 105 34.32 52.68 5.90
C TYR K 105 34.03 51.94 7.19
N LEU K 106 33.05 51.04 7.13
CA LEU K 106 32.59 50.36 8.31
C LEU K 106 32.98 48.91 8.35
N ARG K 107 33.49 48.51 9.52
CA ARG K 107 33.75 47.12 9.83
C ARG K 107 32.46 46.33 9.63
N ARG K 108 32.59 45.17 8.98
CA ARG K 108 31.48 44.30 8.63
C ARG K 108 30.35 44.28 9.67
N GLU K 109 30.70 44.02 10.93
CA GLU K 109 29.73 43.91 12.03
C GLU K 109 29.04 45.24 12.35
N ASP K 110 29.83 46.31 12.34
CA ASP K 110 29.32 47.67 12.56
C ASP K 110 28.33 48.06 11.47
N PHE K 111 28.59 47.58 10.25
CA PHE K 111 27.74 47.83 9.09
C PHE K 111 26.40 47.10 9.25
N TYR K 112 26.46 45.80 9.58
CA TYR K 112 25.26 45.05 9.92
C TYR K 112 24.45 45.82 10.96
N GLU K 113 25.14 46.23 12.03
CA GLU K 113 24.50 46.89 13.15
C GLU K 113 23.82 48.21 12.76
N ARG K 114 24.41 48.97 11.84
CA ARG K 114 23.77 50.22 11.40
C ARG K 114 22.61 49.94 10.43
N SER K 115 22.76 48.90 9.62
CA SER K 115 21.71 48.51 8.68
C SER K 115 20.39 48.16 9.36
N LYS K 116 20.48 47.53 10.54
CA LYS K 116 19.31 47.22 11.36
C LYS K 116 18.57 48.48 11.83
N LYS K 117 19.32 49.54 12.10
CA LYS K 117 18.74 50.82 12.53
C LYS K 117 18.26 51.72 11.41
N ALA K 118 18.61 51.38 10.16
CA ALA K 118 18.18 52.17 9.03
C ALA K 118 16.68 52.02 8.82
N TYR K 119 16.07 53.04 8.22
CA TYR K 119 14.65 52.99 7.96
C TYR K 119 14.29 51.87 6.99
N ALA K 120 15.18 51.57 6.06
CA ALA K 120 14.90 50.59 5.04
C ALA K 120 16.19 50.06 4.43
N ILE K 121 16.10 48.83 3.93
CA ILE K 121 17.18 48.19 3.18
C ILE K 121 16.61 47.79 1.82
N VAL K 122 17.32 48.16 0.76
CA VAL K 122 16.92 47.77 -0.58
C VAL K 122 17.80 46.60 -0.99
N ALA K 123 17.17 45.44 -1.20
CA ALA K 123 17.88 44.27 -1.67
C ALA K 123 18.02 44.38 -3.17
N THR K 124 19.24 44.61 -3.64
CA THR K 124 19.49 44.76 -5.07
C THR K 124 20.02 43.46 -5.68
N GLY K 125 20.40 43.51 -6.96
CA GLY K 125 20.96 42.35 -7.67
C GLY K 125 22.46 42.39 -7.91
N GLU K 126 23.15 43.32 -7.25
CA GLU K 126 24.58 43.55 -7.49
C GLU K 126 25.45 42.33 -7.17
N THR K 127 26.13 41.80 -8.20
CA THR K 127 26.93 40.59 -8.04
C THR K 127 28.31 40.88 -7.45
N SER K 128 28.75 42.13 -7.55
CA SER K 128 29.98 42.57 -6.91
C SER K 128 29.91 42.39 -5.40
N LEU K 129 31.05 42.08 -4.81
CA LEU K 129 31.19 41.89 -3.37
C LEU K 129 31.50 43.25 -2.75
N TYR K 130 31.26 43.37 -1.45
CA TYR K 130 31.45 44.64 -0.71
C TYR K 130 30.86 45.85 -1.42
N ALA K 131 29.70 45.67 -2.04
CA ALA K 131 29.12 46.73 -2.86
C ALA K 131 28.13 47.57 -2.07
N ASN K 132 27.89 47.16 -0.82
CA ASN K 132 26.92 47.82 0.06
C ASN K 132 27.21 49.29 0.36
N ILE K 133 26.15 50.07 0.46
CA ILE K 133 26.21 51.50 0.76
C ILE K 133 25.09 51.87 1.75
N ILE K 134 25.40 52.75 2.70
CA ILE K 134 24.39 53.42 3.54
C ILE K 134 24.33 54.91 3.20
N LEU K 135 23.14 55.42 2.90
CA LEU K 135 22.96 56.84 2.60
C LEU K 135 22.10 57.53 3.64
N LYS K 136 22.52 58.70 4.09
CA LYS K 136 21.76 59.47 5.07
C LYS K 136 21.02 60.62 4.38
N LYS K 137 19.73 60.77 4.68
CA LYS K 137 18.90 61.78 4.02
C LYS K 137 19.08 63.17 4.65
N GLY K 138 19.10 64.20 3.80
CA GLY K 138 19.29 65.60 4.22
C GLY K 138 18.05 66.47 4.07
N VAL K 139 18.23 67.79 4.17
CA VAL K 139 17.10 68.71 4.12
C VAL K 139 16.67 69.02 2.68
N VAL K 140 15.36 69.19 2.50
CA VAL K 140 14.79 69.62 1.24
C VAL K 140 14.30 71.07 1.41
N VAL K 141 14.34 71.84 0.33
CA VAL K 141 13.66 73.16 0.28
C VAL K 141 12.81 73.24 -1.00
N LEU L 2 -18.07 67.99 7.95
CA LEU L 2 -19.03 68.26 9.06
C LEU L 2 -19.17 69.75 9.41
N LYS L 3 -20.38 70.12 9.83
CA LYS L 3 -20.63 71.43 10.45
C LYS L 3 -19.97 71.50 11.82
N HIS L 4 -19.39 72.66 12.13
CA HIS L 4 -18.85 72.97 13.46
C HIS L 4 -17.48 72.33 13.78
N ILE L 5 -16.97 71.53 12.85
CA ILE L 5 -15.62 71.01 12.98
C ILE L 5 -14.72 71.77 12.00
N PRO L 6 -13.57 72.27 12.48
CA PRO L 6 -12.56 72.92 11.65
C PRO L 6 -12.26 72.08 10.41
N LYS L 7 -12.35 72.74 9.25
CA LYS L 7 -12.37 72.03 7.96
C LYS L 7 -11.00 71.47 7.52
N ASN L 8 -9.97 71.66 8.37
CA ASN L 8 -8.63 71.17 8.06
C ASN L 8 -8.08 70.09 9.02
N ILE L 9 -8.98 69.37 9.69
CA ILE L 9 -8.62 68.25 10.55
C ILE L 9 -9.15 66.98 9.89
N SER L 10 -8.24 66.15 9.38
CA SER L 10 -8.64 64.91 8.72
C SER L 10 -9.39 64.03 9.72
N PRO L 11 -10.23 63.10 9.21
CA PRO L 11 -10.99 62.20 10.07
C PRO L 11 -10.11 61.49 11.11
N ASP L 12 -8.91 61.09 10.68
CA ASP L 12 -8.00 60.33 11.52
C ASP L 12 -7.37 61.19 12.60
N LEU L 13 -7.06 62.44 12.27
CA LEU L 13 -6.48 63.37 13.26
C LEU L 13 -7.46 63.71 14.38
N LEU L 14 -8.75 63.77 14.05
CA LEU L 14 -9.77 64.13 15.03
C LEU L 14 -9.94 63.00 16.03
N LYS L 15 -10.09 61.78 15.51
CA LYS L 15 -10.17 60.57 16.34
C LYS L 15 -8.98 60.50 17.28
N THR L 16 -7.79 60.83 16.77
CA THR L 16 -6.57 60.80 17.57
C THR L 16 -6.62 61.84 18.68
N LEU L 17 -7.08 63.04 18.33
CA LEU L 17 -7.20 64.14 19.28
C LEU L 17 -8.20 63.75 20.36
N MET L 18 -9.29 63.14 19.93
CA MET L 18 -10.36 62.71 20.82
C MET L 18 -9.94 61.60 21.80
N GLU L 19 -9.26 60.57 21.32
CA GLU L 19 -8.89 59.43 22.17
C GLU L 19 -7.71 59.75 23.10
N MET L 20 -6.94 60.79 22.75
CA MET L 20 -5.87 61.30 23.60
C MET L 20 -6.46 61.77 24.92
N GLY L 21 -5.70 61.55 25.99
CA GLY L 21 -6.09 61.98 27.32
C GLY L 21 -5.09 62.97 27.89
N HIS L 22 -5.35 63.35 29.13
CA HIS L 22 -4.49 64.27 29.86
C HIS L 22 -3.05 63.79 29.93
N GLY L 23 -2.14 64.63 29.43
CA GLY L 23 -0.71 64.34 29.48
C GLY L 23 -0.15 63.81 28.17
N ASP L 24 -1.04 63.33 27.30
CA ASP L 24 -0.64 62.79 26.01
C ASP L 24 -0.04 63.88 25.15
N GLU L 25 1.00 63.51 24.40
CA GLU L 25 1.66 64.48 23.55
C GLU L 25 1.50 64.15 22.07
N ILE L 26 1.37 65.20 21.26
CA ILE L 26 1.23 65.07 19.82
C ILE L 26 2.23 65.98 19.15
N VAL L 27 2.88 65.47 18.11
CA VAL L 27 3.91 66.19 17.40
C VAL L 27 3.40 66.66 16.05
N LEU L 28 3.52 67.96 15.81
CA LEU L 28 3.23 68.52 14.51
C LEU L 28 4.57 68.68 13.81
N ALA L 29 4.85 67.76 12.89
CA ALA L 29 6.16 67.71 12.24
C ALA L 29 6.14 68.39 10.88
N ASP L 30 7.29 68.91 10.46
CA ASP L 30 7.44 69.53 9.15
C ASP L 30 7.94 68.56 8.08
N ALA L 31 7.86 69.01 6.82
CA ALA L 31 8.20 68.19 5.65
C ALA L 31 9.55 67.47 5.76
N ASN L 32 10.49 68.10 6.48
CA ASN L 32 11.84 67.54 6.64
C ASN L 32 11.97 66.56 7.81
N TYR L 33 10.98 66.55 8.69
CA TYR L 33 11.06 65.71 9.87
C TYR L 33 10.97 64.21 9.55
N PRO L 34 11.74 63.38 10.26
CA PRO L 34 11.66 61.94 10.09
C PRO L 34 10.44 61.35 10.78
N SER L 35 9.26 61.80 10.36
CA SER L 35 7.96 61.42 10.92
C SER L 35 7.71 59.92 10.93
N ALA L 36 7.91 59.26 9.78
CA ALA L 36 7.65 57.83 9.65
C ALA L 36 8.55 56.96 10.54
N SER L 37 9.82 57.35 10.68
CA SER L 37 10.76 56.56 11.46
C SER L 37 10.66 56.76 12.97
N CYS L 38 9.91 57.77 13.41
CA CYS L 38 9.82 58.13 14.82
C CYS L 38 8.45 57.85 15.42
N ALA L 39 7.43 57.83 14.57
CA ALA L 39 6.05 57.74 14.99
C ALA L 39 5.68 56.41 15.65
N ASN L 40 5.13 56.52 16.85
CA ASN L 40 4.42 55.43 17.45
C ASN L 40 3.13 55.23 16.65
N LYS L 41 2.44 56.34 16.39
CA LYS L 41 1.24 56.38 15.58
C LYS L 41 1.43 57.49 14.55
N LEU L 42 1.32 57.14 13.27
CA LEU L 42 1.53 58.10 12.21
C LEU L 42 0.21 58.63 11.63
N ILE L 43 0.12 59.95 11.52
CA ILE L 43 -0.96 60.61 10.76
C ILE L 43 -0.31 61.52 9.71
N ARG L 44 -0.69 61.34 8.45
CA ARG L 44 -0.20 62.20 7.38
C ARG L 44 -1.20 63.29 7.00
N CYS L 45 -0.73 64.54 6.98
CA CYS L 45 -1.51 65.66 6.44
C CYS L 45 -0.55 66.44 5.55
N ASP L 46 -0.13 65.80 4.46
CA ASP L 46 0.98 66.27 3.63
C ASP L 46 0.69 67.58 2.92
N GLY L 47 -0.58 67.90 2.73
CA GLY L 47 -0.94 69.14 2.05
C GLY L 47 -1.39 70.25 2.97
N VAL L 48 -1.01 70.13 4.25
CA VAL L 48 -1.40 71.11 5.26
C VAL L 48 -0.14 71.64 5.92
N ASN L 49 -0.04 72.96 6.06
CA ASN L 49 1.08 73.55 6.81
C ASN L 49 0.72 73.64 8.28
N ILE L 50 1.68 73.97 9.13
CA ILE L 50 1.43 73.94 10.57
C ILE L 50 0.53 75.04 11.15
N PRO L 51 0.80 76.35 10.87
CA PRO L 51 0.02 77.39 11.56
C PRO L 51 -1.50 77.20 11.53
N GLU L 52 -2.08 77.03 10.35
CA GLU L 52 -3.53 76.81 10.26
C GLU L 52 -3.99 75.49 10.89
N LEU L 53 -3.07 74.53 11.01
CA LEU L 53 -3.33 73.25 11.69
C LEU L 53 -3.25 73.39 13.20
N LEU L 54 -2.21 74.06 13.70
CA LEU L 54 -2.08 74.36 15.11
C LEU L 54 -3.31 75.14 15.61
N ASP L 55 -3.80 76.04 14.76
CA ASP L 55 -4.98 76.86 15.03
C ASP L 55 -6.18 75.99 15.35
N SER L 56 -6.48 75.07 14.44
CA SER L 56 -7.62 74.17 14.57
C SER L 56 -7.51 73.28 15.81
N ILE L 57 -6.28 72.86 16.12
CA ILE L 57 -6.03 72.01 17.28
C ILE L 57 -6.26 72.76 18.59
N LEU L 58 -5.70 73.96 18.72
CA LEU L 58 -5.82 74.76 19.96
C LEU L 58 -7.27 75.08 20.30
N TYR L 59 -8.04 75.44 19.28
CA TYR L 59 -9.48 75.62 19.42
C TYR L 59 -10.16 74.40 20.04
N LEU L 60 -9.76 73.20 19.59
CA LEU L 60 -10.38 71.96 20.04
C LEU L 60 -9.73 71.36 21.28
N MET L 61 -8.42 71.46 21.38
CA MET L 61 -7.67 70.72 22.41
C MET L 61 -7.03 71.61 23.47
N PRO L 62 -7.45 71.46 24.74
CA PRO L 62 -6.86 72.17 25.87
C PRO L 62 -5.43 71.73 26.10
N LEU L 63 -4.59 72.65 26.55
CA LEU L 63 -3.17 72.36 26.83
C LEU L 63 -2.95 72.12 28.30
N ASP L 64 -1.93 71.31 28.60
CA ASP L 64 -1.71 70.80 29.95
C ASP L 64 -1.15 71.86 30.90
N SER L 65 -2.01 72.38 31.76
CA SER L 65 -1.61 73.34 32.79
C SER L 65 -0.86 72.73 34.00
N TYR L 66 -0.82 71.39 34.09
CA TYR L 66 -0.17 70.68 35.20
C TYR L 66 1.33 70.48 34.99
N VAL L 67 1.88 71.07 33.94
CA VAL L 67 3.31 71.09 33.72
C VAL L 67 3.74 72.54 33.50
N ASP L 68 5.04 72.82 33.60
CA ASP L 68 5.55 74.17 33.34
C ASP L 68 5.59 74.48 31.83
N SER L 69 5.53 73.44 31.00
CA SER L 69 5.71 73.57 29.56
C SER L 69 4.87 72.55 28.78
N SER L 70 3.76 73.04 28.20
CA SER L 70 2.87 72.20 27.40
C SER L 70 3.20 72.25 25.89
N ILE L 71 3.97 73.27 25.49
CA ILE L 71 4.35 73.49 24.09
C ILE L 71 5.88 73.46 23.95
N GLN L 72 6.39 72.70 22.98
CA GLN L 72 7.84 72.64 22.71
C GLN L 72 8.15 72.83 21.24
N PHE L 73 9.11 73.72 20.95
CA PHE L 73 9.69 73.83 19.61
C PHE L 73 11.04 73.13 19.62
N MET L 74 11.69 73.13 18.47
CA MET L 74 12.99 72.51 18.32
C MET L 74 14.07 73.58 18.14
N ASN L 75 15.16 73.44 18.88
CA ASN L 75 16.31 74.36 18.80
C ASN L 75 17.05 74.26 17.48
N VAL L 76 17.56 75.41 17.03
CA VAL L 76 18.41 75.49 15.84
C VAL L 76 19.82 75.03 16.18
N VAL L 77 20.58 74.60 15.19
CA VAL L 77 21.99 74.24 15.38
C VAL L 77 22.85 75.46 15.03
N SER L 78 24.01 75.57 15.68
CA SER L 78 24.99 76.61 15.34
C SER L 78 25.61 76.33 13.97
N GLY L 79 25.39 77.22 13.00
CA GLY L 79 24.59 78.42 13.18
C GLY L 79 23.62 78.65 12.05
N ASP L 80 22.41 78.11 12.20
CA ASP L 80 21.32 78.36 11.27
C ASP L 80 20.49 79.58 11.69
N ASP L 81 19.67 80.08 10.77
CA ASP L 81 19.08 81.42 10.86
C ASP L 81 18.24 81.78 12.11
N ILE L 82 17.47 80.81 12.61
CA ILE L 82 16.36 81.02 13.57
C ILE L 82 15.07 81.33 12.80
N PRO L 83 14.08 80.42 12.89
CA PRO L 83 12.91 80.47 12.01
C PRO L 83 12.03 81.68 12.22
N LYS L 84 11.52 82.22 11.10
CA LYS L 84 10.52 83.28 11.11
C LYS L 84 9.18 82.75 11.62
N ILE L 85 8.96 81.46 11.43
CA ILE L 85 7.68 80.81 11.76
C ILE L 85 7.34 80.80 13.25
N TRP L 86 8.35 80.93 14.10
CA TRP L 86 8.13 80.99 15.55
C TRP L 86 7.24 82.17 15.92
N GLY L 87 7.43 83.29 15.23
CA GLY L 87 6.59 84.47 15.39
C GLY L 87 5.13 84.23 15.06
N THR L 88 4.86 83.52 13.96
CA THR L 88 3.49 83.19 13.58
C THR L 88 2.83 82.21 14.56
N TYR L 89 3.64 81.36 15.18
CA TYR L 89 3.17 80.42 16.19
C TYR L 89 2.70 81.17 17.43
N ARG L 90 3.60 82.00 17.98
CA ARG L 90 3.32 82.83 19.16
C ARG L 90 2.08 83.70 18.94
N GLN L 91 1.97 84.30 17.75
CA GLN L 91 0.81 85.12 17.37
C GLN L 91 -0.51 84.35 17.52
N MET L 92 -0.44 83.03 17.40
CA MET L 92 -1.61 82.16 17.47
C MET L 92 -1.82 81.56 18.86
N ILE L 93 -0.72 81.13 19.49
CA ILE L 93 -0.72 80.57 20.84
C ILE L 93 -1.31 81.57 21.85
N GLU L 94 -0.74 82.77 21.87
CA GLU L 94 -1.39 83.91 22.50
C GLU L 94 -2.40 84.37 21.47
N GLY L 95 -3.68 84.23 21.80
CA GLY L 95 -4.74 84.42 20.80
C GLY L 95 -5.78 83.34 20.98
N HIS L 96 -5.34 82.21 21.51
CA HIS L 96 -6.23 81.17 22.03
C HIS L 96 -6.31 81.24 23.56
N GLY L 97 -5.40 82.02 24.16
CA GLY L 97 -5.45 82.32 25.59
C GLY L 97 -4.29 81.74 26.36
N THR L 98 -3.47 80.96 25.68
CA THR L 98 -2.30 80.34 26.29
C THR L 98 -1.17 81.36 26.47
N ASP L 99 -0.56 81.33 27.65
CA ASP L 99 0.62 82.13 27.94
C ASP L 99 1.81 81.53 27.21
N LEU L 100 2.75 82.39 26.78
CA LEU L 100 3.94 81.97 26.03
C LEU L 100 5.09 81.46 26.91
N LYS L 101 4.85 81.37 28.21
CA LYS L 101 5.83 80.81 29.15
C LYS L 101 6.00 79.31 28.91
N THR L 102 4.89 78.66 28.58
CA THR L 102 4.88 77.20 28.36
C THR L 102 5.77 76.75 27.20
N ILE L 103 5.99 77.61 26.22
CA ILE L 103 6.87 77.30 25.09
C ILE L 103 8.31 77.16 25.59
N THR L 104 8.90 75.98 25.38
CA THR L 104 10.31 75.77 25.67
C THR L 104 11.04 75.27 24.43
N TYR L 105 12.34 75.03 24.57
CA TYR L 105 13.18 74.63 23.44
C TYR L 105 13.99 73.39 23.78
N LEU L 106 14.01 72.45 22.84
CA LEU L 106 14.73 71.19 22.97
C LEU L 106 15.76 71.12 21.86
N ARG L 107 16.89 70.47 22.15
CA ARG L 107 17.91 70.19 21.13
C ARG L 107 17.35 69.18 20.14
N ARG L 108 17.92 69.14 18.93
CA ARG L 108 17.53 68.20 17.88
C ARG L 108 17.30 66.78 18.40
N GLU L 109 18.34 66.20 19.01
CA GLU L 109 18.31 64.79 19.42
C GLU L 109 17.40 64.55 20.62
N ASP L 110 17.09 65.60 21.37
CA ASP L 110 16.14 65.48 22.46
C ASP L 110 14.73 65.47 21.88
N PHE L 111 14.53 66.30 20.86
CA PHE L 111 13.25 66.39 20.18
C PHE L 111 12.86 65.06 19.56
N TYR L 112 13.78 64.45 18.80
CA TYR L 112 13.53 63.13 18.19
C TYR L 112 13.04 62.16 19.25
N GLU L 113 13.73 62.13 20.38
CA GLU L 113 13.43 61.18 21.45
C GLU L 113 12.05 61.40 22.06
N ARG L 114 11.75 62.64 22.44
CA ARG L 114 10.44 62.94 22.99
C ARG L 114 9.37 62.61 21.97
N SER L 115 9.67 62.78 20.68
CA SER L 115 8.68 62.48 19.65
C SER L 115 8.43 60.98 19.51
N LYS L 116 9.44 60.17 19.82
CA LYS L 116 9.28 58.71 19.82
C LYS L 116 8.32 58.25 20.92
N LYS L 117 8.38 58.91 22.07
CA LYS L 117 7.52 58.60 23.22
C LYS L 117 6.15 59.25 23.10
N ALA L 118 6.00 60.11 22.09
CA ALA L 118 4.74 60.84 21.84
C ALA L 118 3.66 59.91 21.31
N TYR L 119 2.40 60.20 21.65
CA TYR L 119 1.28 59.37 21.23
C TYR L 119 1.15 59.28 19.72
N ALA L 120 1.38 60.42 19.05
CA ALA L 120 1.19 60.54 17.61
C ALA L 120 2.05 61.65 17.04
N ILE L 121 2.38 61.52 15.76
CA ILE L 121 3.09 62.53 15.01
C ILE L 121 2.34 62.72 13.71
N VAL L 122 1.75 63.88 13.51
CA VAL L 122 1.27 64.23 12.19
C VAL L 122 2.40 64.82 11.35
N ALA L 123 2.56 64.26 10.16
CA ALA L 123 3.51 64.77 9.18
C ALA L 123 2.77 65.79 8.33
N THR L 124 3.31 67.00 8.29
CA THR L 124 2.65 68.13 7.62
C THR L 124 3.41 68.53 6.37
N GLY L 125 2.82 69.45 5.60
CA GLY L 125 3.45 69.96 4.39
C GLY L 125 4.30 71.21 4.56
N GLU L 126 4.68 71.50 5.81
CA GLU L 126 5.34 72.74 6.17
C GLU L 126 6.80 72.80 5.71
N THR L 127 7.07 73.71 4.79
CA THR L 127 8.37 73.81 4.13
C THR L 127 9.41 74.52 4.99
N SER L 128 8.92 75.34 5.93
CA SER L 128 9.77 76.07 6.85
C SER L 128 10.64 75.14 7.67
N LEU L 129 11.93 75.47 7.78
CA LEU L 129 12.85 74.70 8.62
C LEU L 129 12.54 74.93 10.09
N TYR L 130 12.88 73.95 10.94
CA TYR L 130 12.61 73.97 12.38
C TYR L 130 11.21 74.48 12.69
N ALA L 131 10.21 73.90 12.03
CA ALA L 131 8.83 74.26 12.27
C ALA L 131 8.10 73.27 13.19
N ASN L 132 8.83 72.27 13.71
CA ASN L 132 8.24 71.20 14.52
C ASN L 132 7.71 71.70 15.88
N ILE L 133 6.48 71.32 16.21
CA ILE L 133 5.91 71.60 17.54
C ILE L 133 5.49 70.32 18.26
N ILE L 134 5.67 70.27 19.58
CA ILE L 134 5.06 69.25 20.44
C ILE L 134 4.01 69.91 21.32
N LEU L 135 2.79 69.40 21.30
CA LEU L 135 1.72 69.87 22.17
C LEU L 135 1.33 68.79 23.20
N LYS L 136 0.97 69.23 24.41
CA LYS L 136 0.56 68.30 25.46
C LYS L 136 -0.90 68.57 25.86
N LYS L 137 -1.72 67.52 25.84
CA LYS L 137 -3.13 67.66 26.14
C LYS L 137 -3.34 67.83 27.64
N GLY L 138 -4.33 68.66 27.97
CA GLY L 138 -4.73 68.89 29.36
C GLY L 138 -6.16 68.45 29.59
N VAL L 139 -6.81 69.09 30.56
CA VAL L 139 -8.10 68.65 31.06
C VAL L 139 -9.26 69.41 30.43
N VAL L 140 -10.31 68.68 30.07
CA VAL L 140 -11.57 69.26 29.62
C VAL L 140 -12.51 69.29 30.82
N VAL L 141 -13.10 70.44 31.09
CA VAL L 141 -14.14 70.58 32.12
C VAL L 141 -14.94 71.85 31.85
N LEU M 2 -29.19 40.80 27.10
CA LEU M 2 -29.62 39.49 27.68
C LEU M 2 -30.17 39.64 29.11
N LYS M 3 -30.87 38.61 29.58
CA LYS M 3 -31.48 38.61 30.91
C LYS M 3 -30.47 38.23 31.99
N HIS M 4 -30.56 38.92 33.14
CA HIS M 4 -29.76 38.67 34.35
C HIS M 4 -28.34 39.25 34.32
N ILE M 5 -27.93 39.70 33.13
CA ILE M 5 -26.72 40.49 32.97
C ILE M 5 -27.12 41.97 33.06
N PRO M 6 -26.40 42.74 33.89
CA PRO M 6 -26.56 44.20 33.92
C PRO M 6 -26.54 44.87 32.53
N LYS M 7 -27.36 45.90 32.35
CA LYS M 7 -27.64 46.51 31.05
C LYS M 7 -26.55 47.43 30.51
N ASN M 8 -25.68 47.90 31.40
CA ASN M 8 -24.57 48.78 31.04
C ASN M 8 -23.24 48.04 30.76
N ILE M 9 -23.29 46.73 30.59
CA ILE M 9 -22.07 46.00 30.25
C ILE M 9 -22.06 45.67 28.76
N SER M 10 -21.04 46.16 28.05
CA SER M 10 -20.92 45.90 26.62
C SER M 10 -20.42 44.47 26.38
N PRO M 11 -20.78 43.87 25.23
CA PRO M 11 -20.31 42.53 24.88
C PRO M 11 -18.80 42.35 25.13
N ASP M 12 -17.99 43.31 24.68
CA ASP M 12 -16.55 43.17 24.84
C ASP M 12 -16.11 43.34 26.30
N LEU M 13 -16.76 44.23 27.05
CA LEU M 13 -16.45 44.36 28.47
C LEU M 13 -16.74 43.07 29.25
N LEU M 14 -17.84 42.39 28.93
CA LEU M 14 -18.19 41.19 29.68
C LEU M 14 -17.22 40.07 29.37
N LYS M 15 -16.82 39.98 28.10
CA LYS M 15 -15.86 38.95 27.67
C LYS M 15 -14.55 39.11 28.45
N THR M 16 -14.08 40.35 28.56
CA THR M 16 -12.82 40.56 29.25
C THR M 16 -12.94 40.34 30.75
N LEU M 17 -14.03 40.78 31.39
CA LEU M 17 -14.26 40.45 32.80
C LEU M 17 -14.25 38.94 33.00
N MET M 18 -14.95 38.23 32.12
CA MET M 18 -15.00 36.77 32.10
C MET M 18 -13.62 36.14 31.99
N GLU M 19 -12.81 36.58 31.02
CA GLU M 19 -11.55 35.90 30.72
C GLU M 19 -10.43 36.29 31.69
N MET M 20 -10.65 37.40 32.40
CA MET M 20 -9.78 37.79 33.51
C MET M 20 -9.79 36.69 34.57
N GLY M 21 -8.73 36.63 35.35
CA GLY M 21 -8.64 35.66 36.42
C GLY M 21 -8.09 36.29 37.68
N HIS M 22 -7.86 35.47 38.69
CA HIS M 22 -7.36 35.90 39.99
C HIS M 22 -6.08 36.71 39.86
N GLY M 23 -6.09 37.94 40.37
CA GLY M 23 -4.92 38.82 40.32
C GLY M 23 -4.92 39.86 39.21
N ASP M 24 -5.67 39.58 38.14
CA ASP M 24 -5.80 40.50 37.00
C ASP M 24 -6.45 41.80 37.47
N GLU M 25 -5.97 42.91 36.91
CA GLU M 25 -6.49 44.23 37.24
C GLU M 25 -7.16 44.90 36.04
N ILE M 26 -8.20 45.68 36.32
CA ILE M 26 -8.92 46.44 35.30
C ILE M 26 -9.06 47.90 35.76
N VAL M 27 -8.68 48.83 34.88
CA VAL M 27 -8.79 50.25 35.16
C VAL M 27 -10.11 50.80 34.63
N LEU M 28 -10.89 51.42 35.51
CA LEU M 28 -12.07 52.17 35.10
C LEU M 28 -11.61 53.60 34.94
N ALA M 29 -11.50 54.06 33.70
CA ALA M 29 -10.87 55.37 33.43
C ALA M 29 -11.91 56.46 33.23
N ASP M 30 -11.68 57.61 33.84
CA ASP M 30 -12.55 58.75 33.60
C ASP M 30 -12.24 59.36 32.22
N ALA M 31 -13.15 60.21 31.73
CA ALA M 31 -13.08 60.74 30.37
C ALA M 31 -11.78 61.49 30.02
N ASN M 32 -11.08 62.02 31.01
CA ASN M 32 -9.89 62.82 30.77
C ASN M 32 -8.60 61.98 30.79
N TYR M 33 -8.74 60.71 31.14
CA TYR M 33 -7.61 59.79 31.29
C TYR M 33 -6.98 59.41 29.96
N PRO M 34 -5.64 59.21 29.95
CA PRO M 34 -4.92 58.73 28.76
C PRO M 34 -5.13 57.23 28.53
N SER M 35 -6.38 56.84 28.32
CA SER M 35 -6.75 55.45 28.17
C SER M 35 -6.13 54.76 26.96
N ALA M 36 -6.31 55.34 25.77
CA ALA M 36 -5.81 54.74 24.54
C ALA M 36 -4.31 54.45 24.59
N SER M 37 -3.53 55.41 25.07
CA SER M 37 -2.07 55.31 25.07
C SER M 37 -1.50 54.41 26.17
N CYS M 38 -2.29 54.18 27.23
CA CYS M 38 -1.87 53.33 28.34
C CYS M 38 -2.30 51.86 28.19
N ALA M 39 -3.46 51.65 27.59
CA ALA M 39 -4.10 50.33 27.55
C ALA M 39 -3.27 49.24 26.87
N ASN M 40 -3.01 48.17 27.61
CA ASN M 40 -2.63 46.90 26.98
C ASN M 40 -3.81 46.44 26.10
N LYS M 41 -5.00 46.51 26.67
CA LYS M 41 -6.24 46.15 26.01
C LYS M 41 -7.24 47.26 26.31
N LEU M 42 -7.90 47.79 25.28
CA LEU M 42 -8.79 48.93 25.43
C LEU M 42 -10.24 48.52 25.22
N ILE M 43 -11.11 48.96 26.12
CA ILE M 43 -12.54 48.91 25.91
C ILE M 43 -13.07 50.32 26.08
N ARG M 44 -13.87 50.75 25.11
CA ARG M 44 -14.45 52.09 25.13
C ARG M 44 -15.89 51.99 25.59
N CYS M 45 -16.26 52.80 26.57
CA CYS M 45 -17.65 52.91 27.00
C CYS M 45 -17.97 54.36 27.23
N ASP M 46 -17.80 55.16 26.17
CA ASP M 46 -17.80 56.62 26.25
C ASP M 46 -19.09 57.25 26.74
N GLY M 47 -20.16 56.47 26.78
CA GLY M 47 -21.45 57.00 27.20
C GLY M 47 -21.90 56.50 28.55
N VAL M 48 -20.95 56.00 29.33
CA VAL M 48 -21.24 55.42 30.62
C VAL M 48 -20.44 56.13 31.72
N ASN M 49 -21.09 56.40 32.84
CA ASN M 49 -20.40 56.96 34.01
C ASN M 49 -19.86 55.86 34.92
N ILE M 50 -18.77 56.15 35.62
CA ILE M 50 -18.07 55.13 36.41
C ILE M 50 -18.86 54.51 37.57
N PRO M 51 -19.57 55.33 38.38
CA PRO M 51 -20.31 54.72 39.49
C PRO M 51 -21.30 53.65 39.02
N GLU M 52 -22.01 53.97 37.94
CA GLU M 52 -22.97 53.08 37.28
C GLU M 52 -22.28 51.79 36.83
N LEU M 53 -21.08 51.92 36.28
CA LEU M 53 -20.31 50.79 35.79
C LEU M 53 -19.70 49.95 36.94
N LEU M 54 -19.17 50.64 37.93
CA LEU M 54 -18.56 50.02 39.11
C LEU M 54 -19.57 49.15 39.86
N ASP M 55 -20.81 49.63 39.92
CA ASP M 55 -21.91 48.88 40.51
C ASP M 55 -22.08 47.51 39.83
N SER M 56 -22.16 47.51 38.51
CA SER M 56 -22.35 46.31 37.71
C SER M 56 -21.17 45.34 37.76
N ILE M 57 -19.96 45.89 37.75
CA ILE M 57 -18.74 45.08 37.80
C ILE M 57 -18.62 44.38 39.15
N LEU M 58 -18.89 45.09 40.25
CA LEU M 58 -18.83 44.48 41.58
C LEU M 58 -19.93 43.41 41.74
N TYR M 59 -21.12 43.68 41.20
CA TYR M 59 -22.15 42.66 41.10
C TYR M 59 -21.57 41.37 40.53
N LEU M 60 -20.88 41.48 39.38
CA LEU M 60 -20.34 40.33 38.66
C LEU M 60 -19.00 39.80 39.18
N MET M 61 -18.09 40.69 39.58
CA MET M 61 -16.70 40.32 39.83
C MET M 61 -16.23 40.58 41.26
N PRO M 62 -15.82 39.51 41.97
CA PRO M 62 -15.22 39.63 43.30
C PRO M 62 -13.82 40.24 43.23
N LEU M 63 -13.35 40.73 44.38
CA LEU M 63 -12.11 41.47 44.46
C LEU M 63 -11.05 40.61 45.14
N ASP M 64 -9.79 40.83 44.78
CA ASP M 64 -8.72 40.03 45.35
C ASP M 64 -8.61 40.22 46.87
N SER M 65 -8.85 39.14 47.60
CA SER M 65 -8.68 39.12 49.06
C SER M 65 -7.28 38.70 49.48
N TYR M 66 -6.44 38.35 48.50
CA TYR M 66 -5.08 37.85 48.74
C TYR M 66 -4.02 38.96 48.67
N VAL M 67 -4.46 40.21 48.73
CA VAL M 67 -3.59 41.37 48.86
C VAL M 67 -4.25 42.31 49.84
N ASP M 68 -3.49 43.25 50.39
CA ASP M 68 -4.08 44.24 51.30
C ASP M 68 -5.02 45.20 50.57
N SER M 69 -4.62 45.60 49.36
CA SER M 69 -5.36 46.60 48.60
C SER M 69 -5.82 46.11 47.22
N SER M 70 -7.14 45.93 47.07
CA SER M 70 -7.70 45.49 45.78
C SER M 70 -8.34 46.62 44.96
N ILE M 71 -8.34 47.84 45.50
CA ILE M 71 -8.87 49.00 44.81
C ILE M 71 -7.93 50.19 44.94
N GLN M 72 -7.56 50.79 43.82
CA GLN M 72 -6.76 52.00 43.85
C GLN M 72 -7.52 53.16 43.22
N PHE M 73 -7.56 54.31 43.90
CA PHE M 73 -7.97 55.56 43.26
C PHE M 73 -6.71 56.34 42.93
N MET M 74 -6.85 57.36 42.08
CA MET M 74 -5.78 58.31 41.80
C MET M 74 -5.86 59.48 42.75
N ASN M 75 -4.77 59.73 43.47
CA ASN M 75 -4.71 60.84 44.42
C ASN M 75 -4.55 62.21 43.74
N VAL M 76 -4.98 63.25 44.44
CA VAL M 76 -4.90 64.64 43.97
C VAL M 76 -3.54 65.28 44.31
N VAL M 77 -3.21 66.36 43.61
CA VAL M 77 -1.94 67.07 43.87
C VAL M 77 -2.16 68.35 44.66
N SER M 78 -1.50 68.46 45.81
CA SER M 78 -1.64 69.65 46.68
C SER M 78 -1.13 70.93 46.01
N GLY M 79 -2.01 71.91 45.79
CA GLY M 79 -3.40 71.84 46.26
C GLY M 79 -4.46 71.63 45.18
N ASP M 80 -5.17 70.50 45.30
CA ASP M 80 -6.39 70.24 44.51
C ASP M 80 -7.49 69.82 45.46
N ASP M 81 -8.75 69.95 44.99
CA ASP M 81 -9.92 69.53 45.77
C ASP M 81 -9.96 68.02 45.87
N ILE M 82 -10.42 67.52 47.01
CA ILE M 82 -10.73 66.10 47.16
C ILE M 82 -11.95 65.79 46.29
N PRO M 83 -11.82 64.82 45.37
CA PRO M 83 -12.83 64.47 44.38
C PRO M 83 -14.16 64.09 45.02
N LYS M 84 -15.18 64.87 44.69
CA LYS M 84 -16.54 64.68 45.19
C LYS M 84 -17.03 63.25 45.00
N ILE M 85 -16.60 62.61 43.92
CA ILE M 85 -17.12 61.29 43.51
C ILE M 85 -16.67 60.15 44.44
N TRP M 86 -15.52 60.33 45.09
CA TRP M 86 -14.97 59.33 46.02
C TRP M 86 -15.97 58.86 47.07
N GLY M 87 -16.83 59.79 47.50
CA GLY M 87 -17.91 59.48 48.42
C GLY M 87 -18.88 58.46 47.85
N THR M 88 -19.33 58.70 46.63
CA THR M 88 -20.23 57.76 45.95
C THR M 88 -19.58 56.39 45.83
N TYR M 89 -18.32 56.34 45.39
CA TYR M 89 -17.58 55.07 45.24
C TYR M 89 -17.54 54.25 46.53
N ARG M 90 -17.17 54.91 47.62
CA ARG M 90 -17.10 54.30 48.95
C ARG M 90 -18.43 53.70 49.38
N GLN M 91 -19.51 54.44 49.16
CA GLN M 91 -20.82 53.96 49.58
C GLN M 91 -21.35 52.86 48.66
N MET M 92 -20.61 52.59 47.59
CA MET M 92 -20.96 51.52 46.66
C MET M 92 -20.06 50.33 46.91
N ILE M 93 -18.80 50.59 47.25
CA ILE M 93 -17.83 49.53 47.56
C ILE M 93 -18.20 48.78 48.85
N GLU M 94 -18.44 49.50 49.95
CA GLU M 94 -19.13 48.90 51.10
C GLU M 94 -20.62 48.97 50.76
N GLY M 95 -21.32 47.85 50.86
CA GLY M 95 -22.65 47.75 50.28
C GLY M 95 -22.67 46.55 49.37
N HIS M 96 -21.60 46.41 48.57
CA HIS M 96 -21.29 45.17 47.85
C HIS M 96 -20.48 44.21 48.73
N GLY M 97 -20.18 44.65 49.96
CA GLY M 97 -19.55 43.82 50.98
C GLY M 97 -18.04 43.88 51.05
N THR M 98 -17.44 44.89 50.42
CA THR M 98 -16.00 45.06 50.51
C THR M 98 -15.64 46.05 51.61
N ASP M 99 -14.60 45.71 52.36
CA ASP M 99 -14.06 46.58 53.40
C ASP M 99 -13.35 47.76 52.74
N LEU M 100 -13.84 48.96 53.02
CA LEU M 100 -13.27 50.18 52.41
C LEU M 100 -11.80 50.42 52.74
N LYS M 101 -11.26 49.67 53.70
CA LYS M 101 -9.86 49.80 54.06
C LYS M 101 -8.95 49.28 52.95
N THR M 102 -9.53 48.49 52.04
CA THR M 102 -8.81 47.95 50.88
C THR M 102 -8.45 49.03 49.84
N ILE M 103 -9.05 50.21 49.96
CA ILE M 103 -8.77 51.31 49.05
C ILE M 103 -7.42 51.96 49.35
N THR M 104 -6.71 52.34 48.31
CA THR M 104 -5.39 52.90 48.42
C THR M 104 -5.25 53.99 47.36
N TYR M 105 -4.34 54.93 47.59
CA TYR M 105 -4.24 56.11 46.76
C TYR M 105 -2.86 56.22 46.13
N LEU M 106 -2.83 56.09 44.82
CA LEU M 106 -1.59 56.18 44.09
C LEU M 106 -1.41 57.59 43.56
N ARG M 107 -0.16 58.04 43.53
CA ARG M 107 0.18 59.31 42.89
C ARG M 107 0.00 59.18 41.38
N ARG M 108 -0.23 60.31 40.73
CA ARG M 108 -0.51 60.36 39.30
C ARG M 108 0.42 59.48 38.45
N GLU M 109 1.71 59.45 38.79
CA GLU M 109 2.70 58.68 38.02
C GLU M 109 2.60 57.17 38.23
N ASP M 110 2.43 56.75 39.49
CA ASP M 110 2.31 55.34 39.83
C ASP M 110 1.07 54.72 39.18
N PHE M 111 -0.04 55.45 39.23
CA PHE M 111 -1.32 55.07 38.63
C PHE M 111 -1.19 54.84 37.11
N TYR M 112 -0.54 55.77 36.41
CA TYR M 112 -0.25 55.58 34.99
C TYR M 112 0.47 54.25 34.80
N GLU M 113 1.55 54.06 35.55
CA GLU M 113 2.41 52.90 35.43
C GLU M 113 1.69 51.60 35.73
N ARG M 114 0.87 51.61 36.78
CA ARG M 114 0.08 50.44 37.14
C ARG M 114 -0.98 50.15 36.07
N SER M 115 -1.62 51.21 35.55
CA SER M 115 -2.67 51.08 34.55
C SER M 115 -2.14 50.51 33.23
N LYS M 116 -0.86 50.77 32.97
CA LYS M 116 -0.13 50.11 31.88
C LYS M 116 0.06 48.60 32.12
N LYS M 117 0.09 48.20 33.39
CA LYS M 117 0.31 46.80 33.80
C LYS M 117 -0.98 45.99 34.01
N ALA M 118 -2.13 46.68 33.96
CA ALA M 118 -3.45 46.05 34.08
C ALA M 118 -3.82 45.28 32.80
N TYR M 119 -4.71 44.31 32.93
CA TYR M 119 -5.16 43.53 31.77
C TYR M 119 -5.86 44.44 30.75
N ALA M 120 -6.69 45.35 31.24
CA ALA M 120 -7.45 46.23 30.37
C ALA M 120 -7.86 47.54 31.07
N ILE M 121 -8.06 48.57 30.26
CA ILE M 121 -8.58 49.86 30.71
C ILE M 121 -9.90 50.10 29.98
N VAL M 122 -10.91 50.54 30.74
CA VAL M 122 -12.21 50.88 30.21
C VAL M 122 -12.31 52.40 30.23
N ALA M 123 -12.40 52.98 29.04
CA ALA M 123 -12.49 54.42 28.88
C ALA M 123 -13.95 54.80 28.92
N THR M 124 -14.29 55.70 29.83
CA THR M 124 -15.69 56.03 30.08
C THR M 124 -15.97 57.50 29.82
N GLY M 125 -17.22 57.89 30.01
CA GLY M 125 -17.65 59.25 29.79
C GLY M 125 -17.67 60.08 31.06
N GLU M 126 -17.13 59.52 32.15
CA GLU M 126 -17.12 60.16 33.47
C GLU M 126 -16.37 61.49 33.48
N THR M 127 -17.12 62.56 33.74
CA THR M 127 -16.61 63.93 33.62
C THR M 127 -15.94 64.42 34.90
N SER M 128 -16.24 63.77 36.03
CA SER M 128 -15.59 64.09 37.31
C SER M 128 -14.09 63.92 37.19
N LEU M 129 -13.34 64.80 37.84
CA LEU M 129 -11.90 64.68 37.87
C LEU M 129 -11.51 63.63 38.89
N TYR M 130 -10.36 63.02 38.68
CA TYR M 130 -9.79 62.03 39.59
C TYR M 130 -10.75 60.89 39.90
N ALA M 131 -11.56 60.52 38.91
CA ALA M 131 -12.57 59.49 39.08
C ALA M 131 -12.04 58.11 38.69
N ASN M 132 -10.75 58.04 38.35
CA ASN M 132 -10.12 56.80 37.92
C ASN M 132 -10.04 55.76 39.05
N ILE M 133 -10.32 54.50 38.73
CA ILE M 133 -10.30 53.38 39.69
C ILE M 133 -9.55 52.18 39.08
N ILE M 134 -8.74 51.49 39.89
CA ILE M 134 -8.22 50.17 39.51
C ILE M 134 -8.81 49.09 40.40
N LEU M 135 -9.34 48.03 39.79
CA LEU M 135 -9.86 46.88 40.53
C LEU M 135 -9.06 45.61 40.24
N LYS M 136 -8.73 44.87 41.30
CA LYS M 136 -8.03 43.60 41.17
C LYS M 136 -9.00 42.42 41.41
N LYS M 137 -9.11 41.53 40.43
CA LYS M 137 -10.09 40.44 40.45
C LYS M 137 -9.77 39.31 41.44
N GLY M 138 -10.80 38.83 42.14
CA GLY M 138 -10.65 37.75 43.12
C GLY M 138 -10.90 36.36 42.55
N VAL M 139 -11.20 35.40 43.45
CA VAL M 139 -11.52 34.03 43.04
C VAL M 139 -13.01 33.76 43.10
N VAL M 140 -13.52 33.02 42.11
CA VAL M 140 -14.91 32.58 42.13
C VAL M 140 -14.95 31.14 42.60
N VAL M 141 -15.42 30.95 43.84
CA VAL M 141 -15.60 29.61 44.41
C VAL M 141 -17.09 29.25 44.55
N LEU N 2 -12.44 12.28 15.50
CA LEU N 2 -11.65 11.21 14.83
C LEU N 2 -11.51 9.96 15.71
N LYS N 3 -11.33 8.81 15.06
CA LYS N 3 -11.07 7.54 15.73
C LYS N 3 -9.68 7.55 16.40
N HIS N 4 -9.54 6.78 17.47
CA HIS N 4 -8.26 6.61 18.21
C HIS N 4 -7.69 7.88 18.82
N ILE N 5 -8.55 8.86 19.09
CA ILE N 5 -8.10 10.12 19.70
C ILE N 5 -9.14 10.54 20.74
N PRO N 6 -8.74 10.55 22.04
CA PRO N 6 -9.65 10.93 23.13
C PRO N 6 -10.49 12.16 22.79
N LYS N 7 -11.79 12.10 23.12
CA LYS N 7 -12.78 13.05 22.61
C LYS N 7 -12.90 14.37 23.37
N ASN N 8 -12.00 14.59 24.33
CA ASN N 8 -11.93 15.88 25.05
C ASN N 8 -10.64 16.66 24.76
N ILE N 9 -10.09 16.46 23.56
CA ILE N 9 -8.93 17.19 23.09
C ILE N 9 -9.35 18.01 21.87
N SER N 10 -9.29 19.32 21.98
CA SER N 10 -9.78 20.18 20.92
C SER N 10 -8.82 20.16 19.73
N PRO N 11 -9.33 20.49 18.53
CA PRO N 11 -8.50 20.48 17.32
C PRO N 11 -7.25 21.31 17.53
N ASP N 12 -7.41 22.44 18.21
CA ASP N 12 -6.31 23.37 18.38
C ASP N 12 -5.34 22.90 19.45
N LEU N 13 -5.86 22.25 20.50
CA LEU N 13 -5.00 21.66 21.54
C LEU N 13 -4.16 20.54 20.94
N LEU N 14 -4.77 19.72 20.10
CA LEU N 14 -4.04 18.65 19.45
C LEU N 14 -2.87 19.21 18.63
N LYS N 15 -3.13 20.24 17.81
CA LYS N 15 -2.06 20.90 17.03
C LYS N 15 -0.94 21.41 17.94
N THR N 16 -1.32 21.97 19.09
CA THR N 16 -0.37 22.57 20.02
C THR N 16 0.53 21.50 20.65
N LEU N 17 -0.09 20.40 21.07
CA LEU N 17 0.62 19.25 21.61
C LEU N 17 1.53 18.64 20.57
N MET N 18 1.04 18.57 19.32
CA MET N 18 1.85 18.10 18.18
C MET N 18 3.09 18.97 17.93
N GLU N 19 2.88 20.28 17.87
CA GLU N 19 3.93 21.21 17.46
C GLU N 19 4.91 21.60 18.59
N MET N 20 4.54 21.23 19.82
CA MET N 20 5.48 21.26 20.93
C MET N 20 6.59 20.23 20.74
N GLY N 21 7.78 20.57 21.19
CA GLY N 21 8.92 19.67 21.10
C GLY N 21 9.48 19.33 22.47
N HIS N 22 10.58 18.58 22.48
CA HIS N 22 11.22 18.17 23.71
C HIS N 22 11.62 19.37 24.53
N GLY N 23 11.04 19.49 25.71
CA GLY N 23 11.34 20.58 26.64
C GLY N 23 10.27 21.66 26.75
N ASP N 24 9.35 21.70 25.80
CA ASP N 24 8.28 22.70 25.82
C ASP N 24 7.34 22.45 26.99
N GLU N 25 6.89 23.52 27.61
CA GLU N 25 5.92 23.38 28.69
C GLU N 25 4.53 23.84 28.31
N ILE N 26 3.54 23.15 28.86
CA ILE N 26 2.15 23.55 28.72
C ILE N 26 1.48 23.58 30.08
N VAL N 27 0.63 24.58 30.29
CA VAL N 27 -0.04 24.80 31.55
C VAL N 27 -1.49 24.37 31.46
N LEU N 28 -1.91 23.54 32.40
CA LEU N 28 -3.32 23.20 32.53
C LEU N 28 -3.86 24.06 33.67
N ALA N 29 -4.53 25.14 33.28
CA ALA N 29 -4.98 26.16 34.21
C ALA N 29 -6.42 25.95 34.64
N ASP N 30 -6.68 26.16 35.94
CA ASP N 30 -8.04 26.05 36.49
C ASP N 30 -8.85 27.29 36.12
N ALA N 31 -10.15 27.23 36.34
CA ALA N 31 -11.05 28.31 35.92
C ALA N 31 -10.72 29.65 36.58
N ASN N 32 -9.95 29.65 37.66
CA ASN N 32 -9.67 30.89 38.40
C ASN N 32 -8.37 31.57 37.98
N TYR N 33 -7.56 30.85 37.22
CA TYR N 33 -6.23 31.29 36.82
C TYR N 33 -6.23 32.38 35.72
N PRO N 34 -5.36 33.39 35.87
CA PRO N 34 -5.26 34.42 34.81
C PRO N 34 -4.62 33.87 33.52
N SER N 35 -5.30 32.97 32.82
CA SER N 35 -4.71 32.29 31.65
C SER N 35 -4.40 33.26 30.50
N ALA N 36 -5.42 34.05 30.11
CA ALA N 36 -5.32 35.01 29.01
C ALA N 36 -4.19 36.03 29.15
N SER N 37 -3.98 36.55 30.38
CA SER N 37 -2.99 37.61 30.60
C SER N 37 -1.57 37.07 30.72
N CYS N 38 -1.48 35.77 31.00
CA CYS N 38 -0.21 35.10 31.12
C CYS N 38 0.23 34.46 29.81
N ALA N 39 -0.74 34.02 29.02
CA ALA N 39 -0.45 33.17 27.86
C ALA N 39 0.36 33.82 26.73
N ASN N 40 1.42 33.12 26.33
CA ASN N 40 2.10 33.33 25.07
C ASN N 40 1.17 32.81 23.97
N LYS N 41 0.52 31.68 24.27
CA LYS N 41 -0.44 31.09 23.37
C LYS N 41 -1.56 30.50 24.21
N LEU N 42 -2.79 30.92 23.94
CA LEU N 42 -3.92 30.49 24.74
C LEU N 42 -4.83 29.51 23.99
N ILE N 43 -5.10 28.35 24.62
CA ILE N 43 -6.17 27.46 24.20
C ILE N 43 -7.26 27.50 25.26
N ARG N 44 -8.51 27.72 24.86
CA ARG N 44 -9.63 27.69 25.81
C ARG N 44 -10.35 26.34 25.78
N CYS N 45 -10.44 25.67 26.92
CA CYS N 45 -11.27 24.46 27.05
C CYS N 45 -12.18 24.61 28.27
N ASP N 46 -13.07 25.60 28.21
CA ASP N 46 -13.81 26.06 29.39
C ASP N 46 -14.83 25.06 29.94
N GLY N 47 -15.15 24.04 29.14
CA GLY N 47 -16.10 23.02 29.57
C GLY N 47 -15.48 21.71 30.01
N VAL N 48 -14.15 21.72 30.15
CA VAL N 48 -13.39 20.51 30.46
C VAL N 48 -12.74 20.72 31.82
N ASN N 49 -12.73 19.66 32.62
CA ASN N 49 -12.04 19.70 33.90
C ASN N 49 -10.61 19.19 33.74
N ILE N 50 -9.78 19.37 34.76
CA ILE N 50 -8.36 19.03 34.58
C ILE N 50 -8.03 17.52 34.64
N PRO N 51 -8.67 16.76 35.56
CA PRO N 51 -8.39 15.31 35.62
C PRO N 51 -8.52 14.63 34.25
N GLU N 52 -9.70 14.76 33.65
CA GLU N 52 -10.02 14.17 32.36
C GLU N 52 -9.05 14.63 31.27
N LEU N 53 -8.83 15.94 31.20
CA LEU N 53 -7.88 16.51 30.26
C LEU N 53 -6.44 15.99 30.46
N LEU N 54 -6.05 15.81 31.72
CA LEU N 54 -4.72 15.29 32.06
C LEU N 54 -4.51 13.87 31.55
N ASP N 55 -5.55 13.05 31.67
CA ASP N 55 -5.52 11.66 31.26
C ASP N 55 -5.20 11.64 29.78
N SER N 56 -6.08 12.23 28.98
CA SER N 56 -5.91 12.33 27.53
C SER N 56 -4.53 12.85 27.14
N ILE N 57 -4.07 13.92 27.78
CA ILE N 57 -2.78 14.50 27.43
C ILE N 57 -1.64 13.53 27.74
N LEU N 58 -1.63 12.96 28.95
CA LEU N 58 -0.58 11.99 29.30
C LEU N 58 -0.58 10.77 28.38
N TYR N 59 -1.77 10.36 27.95
CA TYR N 59 -1.93 9.30 26.97
C TYR N 59 -1.20 9.58 25.66
N LEU N 60 -1.16 10.84 25.23
CA LEU N 60 -0.51 11.19 23.98
C LEU N 60 0.92 11.68 24.15
N MET N 61 1.18 12.39 25.25
CA MET N 61 2.41 13.18 25.37
C MET N 61 3.42 12.67 26.41
N PRO N 62 4.56 12.12 25.95
CA PRO N 62 5.58 11.70 26.91
C PRO N 62 6.06 12.89 27.76
N LEU N 63 6.35 12.63 29.03
CA LEU N 63 6.88 13.67 29.92
C LEU N 63 8.41 13.69 29.88
N ASP N 64 9.00 14.84 30.16
CA ASP N 64 10.43 15.04 30.00
C ASP N 64 11.26 14.30 31.05
N SER N 65 11.85 13.18 30.63
CA SER N 65 12.68 12.35 31.49
C SER N 65 14.09 12.91 31.67
N TYR N 66 14.41 14.00 30.97
CA TYR N 66 15.77 14.54 30.95
C TYR N 66 15.99 15.57 32.05
N VAL N 67 14.96 15.78 32.87
CA VAL N 67 15.10 16.50 34.14
C VAL N 67 14.25 15.85 35.26
N ASP N 68 14.49 16.27 36.50
CA ASP N 68 13.89 15.61 37.68
C ASP N 68 12.43 16.03 37.89
N SER N 69 12.07 17.25 37.49
CA SER N 69 10.69 17.68 37.54
C SER N 69 10.11 18.10 36.18
N SER N 70 9.17 17.28 35.72
CA SER N 70 8.41 17.51 34.50
C SER N 70 6.95 17.89 34.81
N ILE N 71 6.56 17.76 36.08
CA ILE N 71 5.24 18.19 36.55
C ILE N 71 5.41 19.17 37.71
N GLN N 72 4.55 20.18 37.76
CA GLN N 72 4.52 21.10 38.89
C GLN N 72 3.11 21.47 39.28
N PHE N 73 2.86 21.56 40.57
CA PHE N 73 1.62 22.13 41.06
C PHE N 73 1.91 23.51 41.67
N MET N 74 0.85 24.26 41.94
CA MET N 74 0.98 25.51 42.66
C MET N 74 0.73 25.29 44.17
N ASN N 75 1.68 25.72 44.99
CA ASN N 75 1.51 25.72 46.45
C ASN N 75 0.35 26.61 46.90
N VAL N 76 -0.30 26.20 47.98
CA VAL N 76 -1.24 27.06 48.65
C VAL N 76 -0.48 28.10 49.45
N VAL N 77 -1.02 29.31 49.58
CA VAL N 77 -0.52 30.21 50.60
C VAL N 77 -1.16 29.76 51.92
N SER N 78 -0.35 29.18 52.81
CA SER N 78 -0.88 28.59 54.05
C SER N 78 -1.45 29.69 54.95
N GLY N 79 -2.76 29.66 55.16
CA GLY N 79 -3.64 28.64 54.57
C GLY N 79 -5.10 28.87 54.91
N ASP N 80 -6.04 28.59 54.02
CA ASP N 80 -5.89 27.90 52.69
C ASP N 80 -5.60 26.38 52.74
N ASP N 81 -6.62 25.60 52.38
CA ASP N 81 -6.54 24.14 52.41
C ASP N 81 -5.71 23.61 51.26
N ILE N 82 -4.97 22.53 51.50
CA ILE N 82 -4.40 21.73 50.44
C ILE N 82 -5.56 21.06 49.71
N PRO N 83 -5.61 21.23 48.36
CA PRO N 83 -6.77 20.76 47.60
C PRO N 83 -6.84 19.24 47.45
N LYS N 84 -8.06 18.72 47.51
CA LYS N 84 -8.37 17.31 47.29
C LYS N 84 -7.85 16.83 45.93
N ILE N 85 -8.01 17.69 44.92
CA ILE N 85 -7.70 17.34 43.54
C ILE N 85 -6.29 16.76 43.32
N TRP N 86 -5.32 17.16 44.15
CA TRP N 86 -3.96 16.64 44.01
C TRP N 86 -3.87 15.11 44.06
N GLY N 87 -4.65 14.51 44.95
CA GLY N 87 -4.75 13.06 45.05
C GLY N 87 -5.31 12.44 43.78
N THR N 88 -6.39 13.01 43.26
CA THR N 88 -6.93 12.59 41.97
C THR N 88 -5.83 12.66 40.92
N TYR N 89 -5.06 13.74 40.91
CA TYR N 89 -3.97 13.91 39.93
C TYR N 89 -2.97 12.80 40.10
N ARG N 90 -2.48 12.66 41.33
CA ARG N 90 -1.42 11.68 41.63
C ARG N 90 -1.82 10.25 41.26
N GLN N 91 -3.10 9.92 41.40
CA GLN N 91 -3.63 8.65 40.90
C GLN N 91 -3.53 8.54 39.36
N MET N 92 -3.73 9.65 38.65
CA MET N 92 -3.68 9.67 37.18
C MET N 92 -2.27 9.59 36.61
N ILE N 93 -1.35 10.29 37.24
CA ILE N 93 0.06 10.35 36.80
C ILE N 93 0.75 8.98 36.89
N GLU N 94 0.82 8.41 38.10
CA GLU N 94 1.22 7.02 38.25
C GLU N 94 0.03 6.19 37.79
N GLY N 95 0.29 5.18 36.97
CA GLY N 95 -0.80 4.53 36.25
C GLY N 95 -0.82 5.02 34.81
N HIS N 96 0.15 5.87 34.51
CA HIS N 96 0.52 6.23 33.14
C HIS N 96 1.99 5.87 32.95
N GLY N 97 2.63 5.45 34.04
CA GLY N 97 4.03 5.02 34.02
C GLY N 97 5.03 6.11 34.32
N THR N 98 4.58 7.20 34.95
CA THR N 98 5.47 8.27 35.36
C THR N 98 5.64 8.26 36.87
N ASP N 99 6.90 8.38 37.31
CA ASP N 99 7.23 8.36 38.73
C ASP N 99 6.80 9.65 39.41
N LEU N 100 5.95 9.51 40.43
CA LEU N 100 5.38 10.65 41.17
C LEU N 100 6.44 11.55 41.81
N LYS N 101 7.66 11.04 41.95
CA LYS N 101 8.80 11.80 42.47
C LYS N 101 9.05 13.05 41.64
N THR N 102 8.65 13.01 40.37
CA THR N 102 8.90 14.11 39.42
C THR N 102 8.08 15.39 39.69
N ILE N 103 7.11 15.30 40.59
CA ILE N 103 6.27 16.46 40.93
C ILE N 103 7.00 17.42 41.89
N THR N 104 6.98 18.71 41.56
CA THR N 104 7.43 19.72 42.50
C THR N 104 6.36 20.80 42.70
N TYR N 105 6.59 21.69 43.67
CA TYR N 105 5.62 22.70 44.05
C TYR N 105 6.27 24.08 43.97
N LEU N 106 5.59 25.00 43.30
CA LEU N 106 6.05 26.39 43.17
C LEU N 106 5.10 27.33 43.91
N ARG N 107 5.66 28.38 44.51
CA ARG N 107 4.87 29.41 45.16
C ARG N 107 4.04 30.14 44.11
N ARG N 108 2.88 30.65 44.52
CA ARG N 108 1.93 31.26 43.58
C ARG N 108 2.58 32.14 42.52
N GLU N 109 3.59 32.92 42.91
CA GLU N 109 4.22 33.89 42.01
C GLU N 109 5.20 33.21 41.06
N ASP N 110 5.93 32.24 41.57
CA ASP N 110 6.90 31.48 40.77
C ASP N 110 6.15 30.64 39.74
N PHE N 111 4.88 30.37 40.01
CA PHE N 111 4.02 29.64 39.10
C PHE N 111 3.56 30.57 37.98
N TYR N 112 3.23 31.83 38.32
CA TYR N 112 2.84 32.82 37.31
C TYR N 112 3.95 33.04 36.30
N GLU N 113 5.17 33.26 36.78
CA GLU N 113 6.29 33.56 35.89
C GLU N 113 6.61 32.41 34.92
N ARG N 114 6.59 31.18 35.42
CA ARG N 114 6.89 30.02 34.59
C ARG N 114 5.87 29.84 33.48
N SER N 115 4.60 30.04 33.81
CA SER N 115 3.51 29.89 32.85
C SER N 115 3.60 30.90 31.70
N LYS N 116 4.24 32.03 31.97
CA LYS N 116 4.42 33.06 30.95
C LYS N 116 5.47 32.64 29.94
N LYS N 117 6.45 31.86 30.39
CA LYS N 117 7.51 31.34 29.54
C LYS N 117 7.14 29.96 28.99
N ALA N 118 5.92 29.51 29.27
CA ALA N 118 5.42 28.27 28.69
C ALA N 118 5.01 28.51 27.25
N TYR N 119 4.96 27.44 26.45
CA TYR N 119 4.54 27.53 25.06
C TYR N 119 3.05 27.83 24.95
N ALA N 120 2.25 27.25 25.84
CA ALA N 120 0.82 27.44 25.79
C ALA N 120 0.19 27.24 27.15
N ILE N 121 -0.96 27.89 27.34
CA ILE N 121 -1.76 27.74 28.54
C ILE N 121 -3.13 27.32 28.10
N VAL N 122 -3.69 26.34 28.82
CA VAL N 122 -5.04 25.87 28.59
C VAL N 122 -5.97 26.33 29.71
N ALA N 123 -6.90 27.20 29.36
CA ALA N 123 -7.93 27.66 30.30
C ALA N 123 -9.02 26.60 30.38
N THR N 124 -9.13 25.96 31.55
CA THR N 124 -10.11 24.88 31.69
C THR N 124 -11.25 25.36 32.55
N GLY N 125 -12.23 24.48 32.74
CA GLY N 125 -13.37 24.75 33.61
C GLY N 125 -13.27 24.15 35.01
N GLU N 126 -12.05 23.90 35.47
CA GLU N 126 -11.83 23.29 36.77
C GLU N 126 -12.20 24.26 37.88
N THR N 127 -13.19 23.88 38.70
CA THR N 127 -13.65 24.74 39.81
C THR N 127 -12.86 24.50 41.10
N SER N 128 -12.17 23.37 41.16
CA SER N 128 -11.28 23.13 42.27
C SER N 128 -10.23 24.23 42.27
N LEU N 129 -10.00 24.82 43.44
CA LEU N 129 -8.93 25.79 43.62
C LEU N 129 -7.58 25.09 43.54
N TYR N 130 -6.54 25.86 43.27
CA TYR N 130 -5.15 25.37 43.28
C TYR N 130 -4.85 24.14 42.41
N ALA N 131 -5.67 23.94 41.37
CA ALA N 131 -5.65 22.73 40.57
C ALA N 131 -4.75 22.84 39.35
N ASN N 132 -3.98 23.93 39.28
CA ASN N 132 -3.11 24.21 38.15
C ASN N 132 -1.97 23.20 38.01
N ILE N 133 -1.70 22.79 36.78
CA ILE N 133 -0.59 21.88 36.49
C ILE N 133 0.29 22.44 35.36
N ILE N 134 1.61 22.35 35.55
CA ILE N 134 2.55 22.56 34.45
C ILE N 134 3.12 21.19 34.05
N LEU N 135 3.16 20.92 32.74
CA LEU N 135 3.66 19.66 32.19
C LEU N 135 4.72 19.94 31.11
N LYS N 136 5.84 19.21 31.19
CA LYS N 136 6.96 19.36 30.26
C LYS N 136 7.00 18.17 29.28
N LYS N 137 7.18 18.45 28.00
CA LYS N 137 7.14 17.39 26.98
C LYS N 137 8.48 16.64 26.86
N GLY N 138 8.40 15.31 26.76
CA GLY N 138 9.57 14.46 26.55
C GLY N 138 9.77 14.06 25.10
N VAL N 139 10.75 13.20 24.84
CA VAL N 139 11.03 12.72 23.47
C VAL N 139 10.08 11.58 23.10
N VAL N 140 9.81 11.43 21.81
CA VAL N 140 8.91 10.37 21.34
C VAL N 140 9.63 9.02 21.20
N VAL N 141 8.96 7.96 21.67
CA VAL N 141 9.47 6.56 21.82
C VAL N 141 10.68 6.38 22.76
N LEU O 2 9.07 22.08 -10.18
CA LEU O 2 9.76 22.65 -11.36
C LEU O 2 10.97 21.81 -11.74
N LYS O 3 11.36 21.90 -13.02
CA LYS O 3 12.58 21.26 -13.52
C LYS O 3 13.82 21.85 -12.86
N HIS O 4 14.89 21.06 -12.76
CA HIS O 4 16.20 21.55 -12.31
C HIS O 4 16.17 22.21 -10.92
N ILE O 5 15.36 21.66 -10.02
CA ILE O 5 15.26 22.13 -8.65
C ILE O 5 15.02 20.90 -7.77
N PRO O 6 15.85 20.71 -6.72
CA PRO O 6 15.76 19.52 -5.87
C PRO O 6 14.32 19.25 -5.44
N LYS O 7 13.91 17.99 -5.51
CA LYS O 7 12.47 17.64 -5.43
C LYS O 7 11.84 17.78 -4.03
N ASN O 8 12.65 17.74 -2.98
CA ASN O 8 12.15 17.79 -1.60
C ASN O 8 12.39 19.13 -0.89
N ILE O 9 12.51 20.19 -1.66
CA ILE O 9 12.55 21.53 -1.08
C ILE O 9 11.20 22.19 -1.36
N SER O 10 10.55 22.63 -0.29
CA SER O 10 9.22 23.22 -0.38
C SER O 10 9.29 24.64 -0.97
N PRO O 11 8.19 25.08 -1.62
CA PRO O 11 8.15 26.44 -2.16
C PRO O 11 8.62 27.46 -1.12
N ASP O 12 8.10 27.36 0.09
CA ASP O 12 8.43 28.33 1.14
C ASP O 12 9.87 28.20 1.61
N LEU O 13 10.41 26.98 1.64
CA LEU O 13 11.83 26.77 1.96
C LEU O 13 12.79 27.35 0.92
N LEU O 14 12.50 27.20 -0.37
CA LEU O 14 13.38 27.77 -1.40
C LEU O 14 13.46 29.29 -1.26
N LYS O 15 12.29 29.93 -1.14
CA LYS O 15 12.21 31.38 -0.96
C LYS O 15 13.11 31.81 0.19
N THR O 16 12.97 31.14 1.33
CA THR O 16 13.75 31.47 2.51
C THR O 16 15.24 31.15 2.35
N LEU O 17 15.56 30.09 1.62
CA LEU O 17 16.96 29.85 1.22
C LEU O 17 17.50 30.97 0.30
N MET O 18 16.64 31.52 -0.54
CA MET O 18 17.05 32.62 -1.44
C MET O 18 17.16 33.98 -0.78
N GLU O 19 16.26 34.29 0.15
CA GLU O 19 16.30 35.60 0.81
C GLU O 19 17.40 35.69 1.85
N MET O 20 17.91 34.54 2.28
CA MET O 20 19.06 34.49 3.18
C MET O 20 20.29 35.13 2.51
N GLY O 21 21.07 35.85 3.30
CA GLY O 21 22.30 36.48 2.81
C GLY O 21 23.51 35.88 3.48
N HIS O 22 24.68 36.47 3.23
CA HIS O 22 25.91 35.95 3.80
C HIS O 22 25.94 36.11 5.32
N GLY O 23 25.99 34.97 6.01
CA GLY O 23 26.06 34.97 7.47
C GLY O 23 24.80 34.51 8.16
N ASP O 24 23.68 34.48 7.42
CA ASP O 24 22.42 34.02 7.96
C ASP O 24 22.51 32.53 8.27
N GLU O 25 21.77 32.12 9.31
CA GLU O 25 21.79 30.73 9.74
C GLU O 25 20.41 30.09 9.64
N ILE O 26 20.40 28.83 9.25
CA ILE O 26 19.18 28.06 9.16
C ILE O 26 19.40 26.74 9.92
N VAL O 27 18.38 26.31 10.67
CA VAL O 27 18.51 25.06 11.40
C VAL O 27 17.60 23.99 10.85
N LEU O 28 18.14 22.78 10.72
CA LEU O 28 17.35 21.64 10.32
C LEU O 28 17.08 20.86 11.61
N ALA O 29 15.84 20.94 12.06
CA ALA O 29 15.46 20.39 13.36
C ALA O 29 14.77 19.03 13.21
N ASP O 30 15.16 18.07 14.05
CA ASP O 30 14.57 16.73 14.03
C ASP O 30 13.15 16.75 14.56
N ALA O 31 12.46 15.63 14.44
CA ALA O 31 11.06 15.59 14.84
C ALA O 31 10.87 15.89 16.33
N ASN O 32 11.92 15.72 17.13
CA ASN O 32 11.86 15.98 18.58
C ASN O 32 12.19 17.42 19.04
N TYR O 33 12.69 18.26 18.15
CA TYR O 33 13.11 19.62 18.52
C TYR O 33 11.91 20.55 18.78
N PRO O 34 12.05 21.52 19.71
CA PRO O 34 10.95 22.48 19.82
C PRO O 34 11.12 23.54 18.75
N SER O 35 10.68 23.22 17.54
CA SER O 35 10.80 24.13 16.42
C SER O 35 9.92 25.33 16.60
N ALA O 36 8.64 25.09 16.91
CA ALA O 36 7.63 26.17 16.94
C ALA O 36 7.95 27.25 17.97
N SER O 37 8.28 26.82 19.19
CA SER O 37 8.62 27.75 20.28
C SER O 37 9.96 28.51 20.09
N CYS O 38 10.83 27.99 19.22
CA CYS O 38 12.17 28.58 19.05
C CYS O 38 12.30 29.50 17.84
N ALA O 39 11.47 29.26 16.82
CA ALA O 39 11.66 29.85 15.48
C ALA O 39 11.32 31.32 15.34
N ASN O 40 12.28 32.10 14.86
CA ASN O 40 12.00 33.45 14.42
C ASN O 40 11.05 33.33 13.23
N LYS O 41 11.45 32.50 12.25
CA LYS O 41 10.60 32.15 11.13
C LYS O 41 10.55 30.63 11.00
N LEU O 42 9.34 30.08 10.99
CA LEU O 42 9.17 28.63 10.98
C LEU O 42 8.75 28.09 9.62
N ILE O 43 9.48 27.09 9.15
CA ILE O 43 9.11 26.34 7.97
C ILE O 43 8.93 24.90 8.39
N ARG O 44 7.76 24.35 8.08
CA ARG O 44 7.46 22.97 8.43
C ARG O 44 7.67 22.05 7.24
N CYS O 45 8.46 21.01 7.44
CA CYS O 45 8.59 19.93 6.48
C CYS O 45 8.49 18.60 7.23
N ASP O 46 7.37 18.41 7.92
CA ASP O 46 7.14 17.23 8.76
C ASP O 46 7.28 15.89 8.03
N GLY O 47 7.25 15.93 6.70
CA GLY O 47 7.39 14.73 5.89
C GLY O 47 8.82 14.41 5.48
N VAL O 48 9.77 15.29 5.77
CA VAL O 48 11.13 15.10 5.23
C VAL O 48 12.14 14.73 6.32
N ASN O 49 13.09 13.88 5.96
CA ASN O 49 14.23 13.52 6.81
C ASN O 49 15.45 14.39 6.52
N ILE O 50 16.35 14.51 7.49
CA ILE O 50 17.41 15.52 7.39
C ILE O 50 18.55 15.21 6.42
N PRO O 51 18.98 13.93 6.31
CA PRO O 51 20.08 13.67 5.36
C PRO O 51 19.74 14.13 3.93
N GLU O 52 18.52 13.84 3.50
CA GLU O 52 18.04 14.20 2.16
C GLU O 52 17.87 15.72 2.02
N LEU O 53 17.39 16.36 3.08
CA LEU O 53 17.22 17.79 3.09
C LEU O 53 18.56 18.51 3.07
N LEU O 54 19.52 18.00 3.86
CA LEU O 54 20.88 18.54 3.92
C LEU O 54 21.55 18.48 2.55
N ASP O 55 21.35 17.35 1.87
CA ASP O 55 21.84 17.12 0.51
C ASP O 55 21.36 18.20 -0.45
N SER O 56 20.04 18.38 -0.56
CA SER O 56 19.45 19.43 -1.42
C SER O 56 19.91 20.83 -1.03
N ILE O 57 20.01 21.09 0.27
CA ILE O 57 20.42 22.41 0.74
C ILE O 57 21.87 22.71 0.38
N LEU O 58 22.76 21.75 0.64
CA LEU O 58 24.18 21.90 0.30
C LEU O 58 24.44 21.99 -1.22
N TYR O 59 23.58 21.34 -2.00
CA TYR O 59 23.57 21.47 -3.47
C TYR O 59 23.28 22.90 -3.94
N LEU O 60 22.47 23.64 -3.18
CA LEU O 60 22.08 25.01 -3.56
C LEU O 60 22.82 26.10 -2.79
N MET O 61 23.15 25.84 -1.53
CA MET O 61 23.63 26.90 -0.65
C MET O 61 25.09 26.72 -0.25
N PRO O 62 25.96 27.69 -0.61
CA PRO O 62 27.32 27.72 -0.10
C PRO O 62 27.37 27.96 1.41
N LEU O 63 28.38 27.40 2.06
CA LEU O 63 28.56 27.58 3.50
C LEU O 63 29.57 28.69 3.75
N ASP O 64 29.42 29.33 4.91
CA ASP O 64 30.21 30.52 5.23
C ASP O 64 31.69 30.22 5.50
N SER O 65 32.54 30.76 4.64
CA SER O 65 33.98 30.56 4.75
C SER O 65 34.65 31.51 5.75
N TYR O 66 33.96 32.58 6.13
CA TYR O 66 34.51 33.66 6.97
C TYR O 66 34.41 33.41 8.49
N VAL O 67 34.05 32.20 8.88
CA VAL O 67 34.13 31.79 10.30
C VAL O 67 34.71 30.38 10.40
N ASP O 68 35.26 30.05 11.57
CA ASP O 68 35.77 28.70 11.84
C ASP O 68 34.68 27.66 11.62
N SER O 69 33.53 27.89 12.25
CA SER O 69 32.45 26.91 12.31
C SER O 69 31.18 27.35 11.57
N SER O 70 31.01 26.83 10.36
CA SER O 70 29.78 27.05 9.58
C SER O 70 28.66 26.03 9.88
N ILE O 71 29.03 24.89 10.45
CA ILE O 71 28.07 23.86 10.86
C ILE O 71 28.16 23.64 12.36
N GLN O 72 27.02 23.38 12.98
CA GLN O 72 26.95 22.97 14.38
C GLN O 72 25.90 21.88 14.58
N PHE O 73 26.27 20.81 15.31
CA PHE O 73 25.28 19.83 15.78
C PHE O 73 25.06 20.02 17.26
N MET O 74 24.01 19.40 17.79
CA MET O 74 23.77 19.38 19.22
C MET O 74 24.50 18.17 19.79
N ASN O 75 25.50 18.44 20.61
CA ASN O 75 26.28 17.42 21.30
C ASN O 75 25.42 16.68 22.31
N VAL O 76 25.76 15.42 22.56
CA VAL O 76 25.01 14.62 23.54
C VAL O 76 25.41 14.98 24.98
N VAL O 77 24.45 14.82 25.89
CA VAL O 77 24.68 15.09 27.31
C VAL O 77 25.04 13.80 28.03
N SER O 78 25.71 13.92 29.17
CA SER O 78 25.96 12.82 30.13
C SER O 78 26.13 11.44 29.49
N GLY O 79 25.07 10.65 29.50
CA GLY O 79 25.09 9.28 28.95
C GLY O 79 24.28 9.14 27.69
N ASP O 80 24.92 9.12 26.52
CA ASP O 80 26.38 9.12 26.33
C ASP O 80 26.64 8.68 24.88
N ASP O 81 25.66 7.96 24.32
CA ASP O 81 25.77 7.35 22.99
C ASP O 81 25.87 8.40 21.90
N ILE O 82 26.97 8.33 21.13
CA ILE O 82 27.08 9.11 19.91
C ILE O 82 25.96 8.65 18.95
N PRO O 83 25.33 9.62 18.24
CA PRO O 83 24.33 9.24 17.24
C PRO O 83 24.97 8.84 15.92
N LYS O 84 24.53 7.70 15.38
CA LYS O 84 25.02 7.19 14.12
C LYS O 84 24.80 8.20 12.99
N ILE O 85 23.69 8.94 13.07
CA ILE O 85 23.30 9.88 12.03
C ILE O 85 24.37 10.96 11.76
N TRP O 86 25.20 11.26 12.75
CA TRP O 86 26.31 12.19 12.53
C TRP O 86 27.24 11.66 11.44
N GLY O 87 27.42 10.33 11.42
CA GLY O 87 28.19 9.66 10.39
C GLY O 87 27.65 9.96 9.01
N THR O 88 26.36 9.67 8.80
CA THR O 88 25.67 9.96 7.55
C THR O 88 25.90 11.41 7.11
N TYR O 89 25.88 12.32 8.08
CA TYR O 89 26.02 13.75 7.82
C TYR O 89 27.39 14.11 7.27
N ARG O 90 28.45 13.66 7.92
CA ARG O 90 29.82 14.02 7.52
C ARG O 90 30.23 13.44 6.15
N GLN O 91 29.54 12.39 5.70
CA GLN O 91 29.61 11.98 4.28
C GLN O 91 29.09 13.13 3.41
N MET O 92 27.81 13.47 3.58
CA MET O 92 27.15 14.55 2.85
C MET O 92 28.05 15.78 2.73
N ILE O 93 28.61 16.19 3.86
CA ILE O 93 29.35 17.44 3.99
C ILE O 93 30.66 17.44 3.18
N GLU O 94 31.36 16.30 3.13
CA GLU O 94 32.40 16.13 2.12
C GLU O 94 31.79 15.38 0.93
N GLY O 95 31.77 16.05 -0.22
CA GLY O 95 30.98 15.59 -1.36
C GLY O 95 30.33 16.82 -1.97
N HIS O 96 30.16 17.83 -1.14
CA HIS O 96 29.86 19.18 -1.58
C HIS O 96 31.10 20.05 -1.30
N GLY O 97 32.10 19.42 -0.69
CA GLY O 97 33.45 19.95 -0.60
C GLY O 97 33.78 20.87 0.55
N THR O 98 33.14 20.65 1.70
CA THR O 98 33.47 21.42 2.90
C THR O 98 34.18 20.56 3.94
N ASP O 99 35.14 21.16 4.64
CA ASP O 99 36.01 20.41 5.54
C ASP O 99 35.33 20.10 6.86
N LEU O 100 35.30 18.82 7.22
CA LEU O 100 34.63 18.35 8.42
C LEU O 100 35.11 19.05 9.71
N LYS O 101 36.17 19.85 9.59
CA LYS O 101 36.71 20.62 10.70
C LYS O 101 35.88 21.85 11.05
N THR O 102 34.94 22.21 10.19
CA THR O 102 34.06 23.36 10.44
C THR O 102 32.89 22.97 11.36
N ILE O 103 32.68 21.67 11.50
CA ILE O 103 31.66 21.15 12.39
C ILE O 103 32.09 21.33 13.85
N THR O 104 31.34 22.14 14.59
CA THR O 104 31.46 22.18 16.05
C THR O 104 30.21 21.56 16.71
N TYR O 105 30.27 21.41 18.02
CA TYR O 105 29.26 20.71 18.80
C TYR O 105 28.85 21.57 19.99
N LEU O 106 27.58 21.98 19.99
CA LEU O 106 27.03 22.84 21.03
C LEU O 106 26.18 22.03 21.97
N ARG O 107 26.36 22.21 23.27
CA ARG O 107 25.48 21.52 24.21
C ARG O 107 24.03 22.04 24.10
N ARG O 108 23.11 21.20 24.54
CA ARG O 108 21.70 21.42 24.36
C ARG O 108 21.25 22.88 24.52
N GLU O 109 21.57 23.48 25.66
CA GLU O 109 21.09 24.82 26.00
C GLU O 109 21.65 25.92 25.10
N ASP O 110 22.94 25.80 24.74
CA ASP O 110 23.58 26.70 23.78
C ASP O 110 22.96 26.57 22.39
N PHE O 111 22.63 25.34 22.00
CA PHE O 111 21.96 25.07 20.74
C PHE O 111 20.63 25.83 20.62
N TYR O 112 19.73 25.58 21.57
CA TYR O 112 18.43 26.25 21.62
C TYR O 112 18.58 27.74 21.40
N GLU O 113 19.49 28.35 22.17
CA GLU O 113 19.70 29.79 22.14
C GLU O 113 20.17 30.30 20.79
N ARG O 114 21.15 29.63 20.19
CA ARG O 114 21.58 30.03 18.85
C ARG O 114 20.51 29.80 17.78
N SER O 115 19.64 28.79 17.97
CA SER O 115 18.54 28.52 17.05
C SER O 115 17.48 29.65 17.05
N LYS O 116 17.29 30.29 18.20
CA LYS O 116 16.36 31.41 18.32
C LYS O 116 16.80 32.64 17.53
N LYS O 117 18.09 32.66 17.14
CA LYS O 117 18.69 33.76 16.39
C LYS O 117 18.93 33.38 14.93
N ALA O 118 18.62 32.14 14.59
CA ALA O 118 18.71 31.70 13.22
C ALA O 118 17.59 32.40 12.44
N TYR O 119 17.81 32.64 11.16
CA TYR O 119 16.78 33.24 10.34
C TYR O 119 15.53 32.37 10.36
N ALA O 120 15.71 31.07 10.15
CA ALA O 120 14.60 30.11 10.11
C ALA O 120 14.99 28.76 10.70
N ILE O 121 13.97 28.04 11.13
CA ILE O 121 14.11 26.68 11.62
C ILE O 121 13.22 25.82 10.74
N VAL O 122 13.80 24.78 10.15
CA VAL O 122 13.02 23.81 9.39
C VAL O 122 12.68 22.62 10.28
N ALA O 123 11.40 22.45 10.55
CA ALA O 123 10.91 21.34 11.37
C ALA O 123 10.78 20.10 10.51
N THR O 124 11.58 19.08 10.78
CA THR O 124 11.62 17.88 9.95
C THR O 124 11.00 16.67 10.62
N GLY O 125 10.80 15.60 9.85
CA GLY O 125 10.27 14.34 10.38
C GLY O 125 11.36 13.36 10.83
N GLU O 126 12.59 13.85 10.90
CA GLU O 126 13.74 13.03 11.30
C GLU O 126 13.54 12.37 12.67
N THR O 127 13.57 11.04 12.70
CA THR O 127 13.27 10.31 13.94
C THR O 127 14.51 10.17 14.82
N SER O 128 15.68 10.23 14.20
CA SER O 128 16.91 10.02 14.93
C SER O 128 17.17 11.14 15.96
N LEU O 129 17.53 10.74 17.17
CA LEU O 129 17.79 11.67 18.25
C LEU O 129 19.09 12.45 17.97
N TYR O 130 19.23 13.62 18.59
CA TYR O 130 20.34 14.55 18.35
C TYR O 130 20.71 14.68 16.87
N ALA O 131 19.70 14.90 16.03
CA ALA O 131 19.92 15.00 14.59
C ALA O 131 19.99 16.43 14.06
N ASN O 132 19.74 17.40 14.92
CA ASN O 132 19.70 18.83 14.52
C ASN O 132 21.00 19.31 13.86
N ILE O 133 20.88 20.24 12.90
CA ILE O 133 22.04 20.87 12.28
C ILE O 133 21.77 22.36 12.12
N ILE O 134 22.81 23.18 12.29
CA ILE O 134 22.71 24.61 11.97
C ILE O 134 23.71 24.96 10.88
N LEU O 135 23.21 25.47 9.75
CA LEU O 135 24.08 25.89 8.64
C LEU O 135 24.17 27.42 8.54
N LYS O 136 25.38 27.90 8.27
CA LYS O 136 25.61 29.34 8.03
C LYS O 136 25.81 29.52 6.53
N LYS O 137 25.06 30.46 5.95
CA LYS O 137 25.11 30.71 4.50
C LYS O 137 26.35 31.50 4.13
N GLY O 138 27.04 31.06 3.08
CA GLY O 138 28.22 31.73 2.59
C GLY O 138 27.94 32.71 1.47
N VAL O 139 28.95 32.96 0.65
CA VAL O 139 28.86 33.94 -0.42
C VAL O 139 28.75 33.23 -1.76
N VAL O 140 27.71 33.56 -2.51
CA VAL O 140 27.58 33.10 -3.88
C VAL O 140 28.48 34.01 -4.71
N VAL O 141 29.38 33.40 -5.49
CA VAL O 141 30.39 34.16 -6.25
C VAL O 141 30.87 33.42 -7.51
N LEU P 2 10.82 65.29 -1.90
CA LEU P 2 12.06 64.99 -2.66
C LEU P 2 12.30 66.02 -3.76
N LYS P 3 13.49 65.96 -4.37
CA LYS P 3 13.79 66.82 -5.50
C LYS P 3 12.99 66.37 -6.71
N HIS P 4 12.64 67.35 -7.56
CA HIS P 4 11.97 67.11 -8.86
C HIS P 4 10.49 66.69 -8.77
N ILE P 5 10.09 66.13 -7.63
CA ILE P 5 8.70 65.71 -7.44
C ILE P 5 7.87 66.87 -6.87
N PRO P 6 6.70 67.16 -7.48
CA PRO P 6 5.83 68.21 -6.92
C PRO P 6 5.60 68.00 -5.42
N LYS P 7 5.65 69.10 -4.67
CA LYS P 7 5.66 69.04 -3.20
C LYS P 7 4.32 68.67 -2.58
N ASN P 8 3.27 68.61 -3.40
CA ASN P 8 1.93 68.24 -2.89
C ASN P 8 1.43 66.83 -3.28
N ILE P 9 2.37 65.96 -3.64
CA ILE P 9 2.07 64.56 -3.89
C ILE P 9 2.56 63.75 -2.69
N SER P 10 1.62 63.20 -1.93
CA SER P 10 1.95 62.40 -0.73
C SER P 10 2.69 61.10 -1.08
N PRO P 11 3.49 60.57 -0.15
CA PRO P 11 4.17 59.28 -0.32
C PRO P 11 3.30 58.20 -1.00
N ASP P 12 2.14 57.93 -0.42
CA ASP P 12 1.30 56.86 -0.91
C ASP P 12 0.62 57.17 -2.26
N LEU P 13 0.27 58.42 -2.49
CA LEU P 13 -0.29 58.81 -3.78
C LEU P 13 0.72 58.63 -4.92
N LEU P 14 2.00 58.92 -4.66
CA LEU P 14 3.01 58.69 -5.68
C LEU P 14 3.15 57.21 -6.00
N LYS P 15 3.16 56.36 -4.97
CA LYS P 15 3.21 54.91 -5.14
C LYS P 15 2.07 54.43 -6.02
N THR P 16 0.86 54.90 -5.74
CA THR P 16 -0.31 54.45 -6.48
C THR P 16 -0.37 54.99 -7.91
N LEU P 17 0.12 56.21 -8.10
CA LEU P 17 0.27 56.78 -9.44
C LEU P 17 1.26 55.98 -10.29
N MET P 18 2.32 55.48 -9.67
CA MET P 18 3.34 54.70 -10.35
C MET P 18 2.89 53.27 -10.64
N GLU P 19 2.18 52.68 -9.69
CA GLU P 19 1.78 51.28 -9.82
C GLU P 19 0.59 51.16 -10.78
N MET P 20 -0.14 52.26 -10.95
CA MET P 20 -1.18 52.34 -11.99
C MET P 20 -0.57 52.06 -13.36
N GLY P 21 -1.32 51.42 -14.23
CA GLY P 21 -0.92 51.25 -15.62
C GLY P 21 -1.89 51.85 -16.63
N HIS P 22 -1.57 51.70 -17.91
CA HIS P 22 -2.42 52.14 -19.00
C HIS P 22 -3.87 51.71 -18.80
N GLY P 23 -4.76 52.69 -18.85
CA GLY P 23 -6.20 52.45 -18.71
C GLY P 23 -6.74 52.60 -17.30
N ASP P 24 -5.84 52.64 -16.31
CA ASP P 24 -6.25 52.70 -14.91
C ASP P 24 -6.83 54.06 -14.61
N GLU P 25 -7.94 54.03 -13.89
CA GLU P 25 -8.60 55.27 -13.50
C GLU P 25 -8.39 55.63 -12.03
N ILE P 26 -8.31 56.92 -11.78
CA ILE P 26 -8.21 57.46 -10.43
C ILE P 26 -9.15 58.65 -10.31
N VAL P 27 -9.88 58.72 -9.20
CA VAL P 27 -10.80 59.81 -8.94
C VAL P 27 -10.17 60.85 -8.02
N LEU P 28 -10.26 62.11 -8.43
CA LEU P 28 -9.93 63.23 -7.56
C LEU P 28 -11.26 63.71 -6.98
N ALA P 29 -11.52 63.34 -5.74
CA ALA P 29 -12.82 63.58 -5.11
C ALA P 29 -12.83 64.81 -4.23
N ASP P 30 -13.88 65.62 -4.37
CA ASP P 30 -14.02 66.83 -3.57
C ASP P 30 -14.50 66.47 -2.15
N ALA P 31 -14.42 67.46 -1.25
CA ALA P 31 -14.72 67.27 0.18
C ALA P 31 -16.04 66.58 0.45
N ASN P 32 -17.07 66.94 -0.31
CA ASN P 32 -18.43 66.38 -0.20
C ASN P 32 -18.66 64.96 -0.78
N TYR P 33 -17.61 64.35 -1.32
CA TYR P 33 -17.77 63.08 -2.01
C TYR P 33 -17.75 61.89 -1.05
N PRO P 34 -18.58 60.86 -1.32
CA PRO P 34 -18.49 59.63 -0.55
C PRO P 34 -17.25 58.79 -0.94
N SER P 35 -16.05 59.33 -0.67
CA SER P 35 -14.78 58.70 -1.02
C SER P 35 -14.61 57.30 -0.40
N ALA P 36 -14.38 57.28 0.91
CA ALA P 36 -14.21 56.05 1.69
C ALA P 36 -15.13 54.91 1.24
N SER P 37 -16.41 55.20 1.05
CA SER P 37 -17.42 54.18 0.77
C SER P 37 -17.38 53.69 -0.67
N CYS P 38 -16.91 54.53 -1.57
CA CYS P 38 -16.79 54.17 -2.98
C CYS P 38 -15.44 53.52 -3.29
N ALA P 39 -14.41 53.91 -2.54
CA ALA P 39 -13.03 53.55 -2.88
C ALA P 39 -12.69 52.07 -2.74
N ASN P 40 -12.09 51.52 -3.79
CA ASN P 40 -11.44 50.23 -3.67
C ASN P 40 -10.14 50.46 -2.92
N LYS P 41 -9.50 51.59 -3.22
CA LYS P 41 -8.25 51.97 -2.60
C LYS P 41 -8.30 53.48 -2.35
N LEU P 42 -8.21 53.86 -1.07
CA LEU P 42 -8.45 55.23 -0.65
C LEU P 42 -7.16 55.95 -0.31
N ILE P 43 -6.91 57.07 -0.99
CA ILE P 43 -5.87 58.00 -0.57
C ILE P 43 -6.56 59.27 -0.05
N ARG P 44 -6.32 59.60 1.21
CA ARG P 44 -6.87 60.83 1.78
C ARG P 44 -5.85 61.91 1.60
N CYS P 45 -6.27 62.99 0.95
CA CYS P 45 -5.47 64.21 0.84
C CYS P 45 -6.34 65.40 1.28
N ASP P 46 -6.76 65.33 2.55
CA ASP P 46 -7.76 66.23 3.11
C ASP P 46 -7.45 67.72 3.14
N GLY P 47 -6.18 68.10 2.96
CA GLY P 47 -5.81 69.52 2.97
C GLY P 47 -5.43 70.12 1.62
N VAL P 48 -5.68 69.38 0.54
CA VAL P 48 -5.28 69.79 -0.80
C VAL P 48 -6.53 70.06 -1.62
N ASN P 49 -6.52 71.16 -2.37
CA ASN P 49 -7.61 71.45 -3.31
C ASN P 49 -7.34 70.71 -4.61
N ILE P 50 -8.37 70.52 -5.41
CA ILE P 50 -8.24 69.72 -6.64
C ILE P 50 -7.37 70.37 -7.74
N PRO P 51 -7.44 71.72 -7.92
CA PRO P 51 -6.61 72.37 -8.93
C PRO P 51 -5.11 72.16 -8.80
N GLU P 52 -4.54 72.40 -7.63
CA GLU P 52 -3.09 72.23 -7.44
C GLU P 52 -2.69 70.75 -7.53
N LEU P 53 -3.64 69.86 -7.25
CA LEU P 53 -3.41 68.41 -7.33
C LEU P 53 -3.47 67.90 -8.77
N LEU P 54 -4.48 68.35 -9.49
CA LEU P 54 -4.62 68.01 -10.90
C LEU P 54 -3.37 68.47 -11.65
N ASP P 55 -2.93 69.69 -11.37
CA ASP P 55 -1.73 70.26 -11.96
C ASP P 55 -0.57 69.28 -11.81
N SER P 56 -0.34 68.80 -10.58
CA SER P 56 0.78 67.92 -10.28
C SER P 56 0.64 66.52 -10.91
N ILE P 57 -0.57 65.98 -10.89
CA ILE P 57 -0.83 64.68 -11.51
C ILE P 57 -0.65 64.73 -13.03
N LEU P 58 -1.18 65.76 -13.67
CA LEU P 58 -1.03 65.91 -15.13
C LEU P 58 0.42 66.13 -15.55
N TYR P 59 1.21 66.75 -14.67
CA TYR P 59 2.65 66.90 -14.90
C TYR P 59 3.39 65.54 -14.87
N LEU P 60 2.89 64.61 -14.05
CA LEU P 60 3.51 63.29 -13.90
C LEU P 60 2.90 62.23 -14.80
N MET P 61 1.58 62.27 -14.91
CA MET P 61 0.83 61.16 -15.50
C MET P 61 0.24 61.53 -16.85
N PRO P 62 0.64 60.81 -17.91
CA PRO P 62 0.02 60.99 -19.21
C PRO P 62 -1.39 60.44 -19.18
N LEU P 63 -2.25 61.00 -20.03
CA LEU P 63 -3.64 60.59 -20.12
C LEU P 63 -3.86 59.72 -21.35
N ASP P 64 -4.81 58.79 -21.22
CA ASP P 64 -5.11 57.80 -22.25
C ASP P 64 -5.50 58.36 -23.61
N SER P 65 -4.70 58.06 -24.63
CA SER P 65 -5.01 58.45 -26.00
C SER P 65 -5.77 57.34 -26.77
N TYR P 66 -6.10 56.26 -26.09
CA TYR P 66 -6.77 55.12 -26.71
C TYR P 66 -8.29 55.13 -26.50
N VAL P 67 -8.79 56.20 -25.88
CA VAL P 67 -10.23 56.41 -25.68
C VAL P 67 -10.59 57.85 -26.00
N ASP P 68 -11.84 58.09 -26.39
CA ASP P 68 -12.31 59.45 -26.70
C ASP P 68 -12.26 60.31 -25.44
N SER P 69 -12.69 59.76 -24.32
CA SER P 69 -12.72 60.49 -23.05
C SER P 69 -11.81 59.87 -22.01
N SER P 70 -10.80 60.64 -21.62
CA SER P 70 -9.86 60.28 -20.55
C SER P 70 -10.11 61.09 -19.28
N ILE P 71 -11.02 62.05 -19.35
CA ILE P 71 -11.38 62.88 -18.21
C ILE P 71 -12.90 62.90 -18.07
N GLN P 72 -13.42 62.56 -16.89
CA GLN P 72 -14.84 62.73 -16.63
C GLN P 72 -15.08 63.66 -15.47
N PHE P 73 -15.96 64.63 -15.68
CA PHE P 73 -16.47 65.49 -14.61
C PHE P 73 -17.86 64.98 -14.19
N MET P 74 -18.35 65.48 -13.05
CA MET P 74 -19.71 65.18 -12.63
C MET P 74 -20.66 66.29 -13.09
N ASN P 75 -21.71 65.89 -13.80
CA ASN P 75 -22.74 66.82 -14.24
C ASN P 75 -23.60 67.27 -13.04
N VAL P 76 -24.08 68.51 -13.08
CA VAL P 76 -24.87 69.09 -11.99
C VAL P 76 -26.36 68.77 -12.12
N VAL P 77 -27.04 68.69 -10.98
CA VAL P 77 -28.45 68.21 -10.93
C VAL P 77 -29.46 69.09 -11.67
N SER P 78 -29.57 70.37 -11.32
CA SER P 78 -30.64 71.23 -11.90
C SER P 78 -30.16 72.51 -12.62
N GLY P 79 -29.32 73.33 -11.98
CA GLY P 79 -28.85 73.07 -10.62
C GLY P 79 -29.37 74.08 -9.62
N ASP P 80 -28.52 74.48 -8.68
CA ASP P 80 -27.09 74.18 -8.65
C ASP P 80 -26.33 74.86 -9.78
N ASP P 81 -25.43 75.75 -9.40
CA ASP P 81 -24.65 76.50 -10.39
C ASP P 81 -23.77 75.57 -11.21
N ILE P 82 -23.67 75.85 -12.51
CA ILE P 82 -22.59 75.30 -13.31
C ILE P 82 -21.34 75.79 -12.59
N PRO P 83 -20.52 74.85 -12.05
CA PRO P 83 -19.43 75.23 -11.16
C PRO P 83 -18.37 76.07 -11.86
N LYS P 84 -17.99 77.18 -11.21
CA LYS P 84 -16.94 78.07 -11.69
C LYS P 84 -15.61 77.32 -11.83
N ILE P 85 -15.42 76.31 -10.98
CA ILE P 85 -14.17 75.56 -10.92
C ILE P 85 -13.85 74.81 -12.23
N TRP P 86 -14.89 74.44 -12.97
CA TRP P 86 -14.72 73.82 -14.28
C TRP P 86 -13.86 74.69 -15.20
N GLY P 87 -14.09 76.00 -15.16
CA GLY P 87 -13.25 76.96 -15.85
C GLY P 87 -11.76 76.78 -15.58
N THR P 88 -11.42 76.53 -14.32
CA THR P 88 -10.02 76.38 -13.91
C THR P 88 -9.45 75.04 -14.39
N TYR P 89 -10.27 74.00 -14.34
CA TYR P 89 -9.84 72.69 -14.79
C TYR P 89 -9.53 72.74 -16.28
N ARG P 90 -10.46 73.27 -17.06
CA ARG P 90 -10.34 73.35 -18.52
C ARG P 90 -9.06 74.07 -18.91
N GLN P 91 -8.78 75.17 -18.20
CA GLN P 91 -7.64 76.04 -18.45
C GLN P 91 -6.31 75.33 -18.16
N MET P 92 -6.35 74.39 -17.20
CA MET P 92 -5.17 73.69 -16.75
C MET P 92 -4.93 72.46 -17.62
N ILE P 93 -6.01 71.80 -18.01
CA ILE P 93 -5.94 70.62 -18.87
C ILE P 93 -5.25 70.95 -20.20
N GLU P 94 -5.80 71.92 -20.95
CA GLU P 94 -5.03 72.50 -22.06
C GLU P 94 -4.01 73.44 -21.41
N GLY P 95 -2.76 73.32 -21.82
CA GLY P 95 -1.70 73.91 -21.01
C GLY P 95 -0.84 72.79 -20.49
N HIS P 96 -1.47 71.63 -20.26
CA HIS P 96 -0.73 70.36 -20.12
C HIS P 96 -0.75 69.58 -21.45
N GLY P 97 -1.32 70.20 -22.48
CA GLY P 97 -1.29 69.69 -23.86
C GLY P 97 -2.39 68.71 -24.21
N THR P 98 -3.44 68.66 -23.39
CA THR P 98 -4.57 67.77 -23.63
C THR P 98 -5.77 68.53 -24.21
N ASP P 99 -6.47 67.90 -25.16
CA ASP P 99 -7.64 68.48 -25.81
C ASP P 99 -8.90 68.36 -24.98
N LEU P 100 -9.54 69.50 -24.73
CA LEU P 100 -10.75 69.58 -23.88
C LEU P 100 -11.93 68.73 -24.38
N LYS P 101 -11.89 68.37 -25.67
CA LYS P 101 -12.89 67.45 -26.23
C LYS P 101 -12.91 66.10 -25.50
N THR P 102 -11.82 65.77 -24.82
CA THR P 102 -11.71 64.52 -24.02
C THR P 102 -12.59 64.51 -22.75
N ILE P 103 -12.99 65.69 -22.30
CA ILE P 103 -13.82 65.80 -21.10
C ILE P 103 -15.24 65.35 -21.40
N THR P 104 -15.74 64.44 -20.60
CA THR P 104 -17.17 64.12 -20.62
C THR P 104 -17.79 64.34 -19.23
N TYR P 105 -19.13 64.38 -19.19
CA TYR P 105 -19.85 64.72 -18.00
C TYR P 105 -20.84 63.62 -17.75
N LEU P 106 -20.81 63.07 -16.53
CA LEU P 106 -21.63 61.92 -16.18
C LEU P 106 -22.65 62.29 -15.11
N ARG P 107 -23.89 61.84 -15.27
CA ARG P 107 -24.90 61.97 -14.22
C ARG P 107 -24.34 61.41 -12.89
N ARG P 108 -24.82 61.95 -11.77
CA ARG P 108 -24.31 61.58 -10.42
C ARG P 108 -24.17 60.09 -10.17
N GLU P 109 -25.26 59.35 -10.31
CA GLU P 109 -25.26 57.92 -10.05
C GLU P 109 -24.21 57.24 -10.92
N ASP P 110 -24.17 57.60 -12.19
CA ASP P 110 -23.16 57.07 -13.13
C ASP P 110 -21.73 57.29 -12.66
N PHE P 111 -21.46 58.49 -12.18
CA PHE P 111 -20.14 58.86 -11.68
C PHE P 111 -19.82 58.05 -10.42
N TYR P 112 -20.85 57.78 -9.62
CA TYR P 112 -20.68 56.99 -8.39
C TYR P 112 -20.20 55.59 -8.70
N GLU P 113 -20.77 54.99 -9.74
CA GLU P 113 -20.44 53.63 -10.13
C GLU P 113 -19.07 53.51 -10.77
N ARG P 114 -18.70 54.47 -11.62
CA ARG P 114 -17.39 54.45 -12.28
C ARG P 114 -16.24 54.67 -11.29
N SER P 115 -16.50 55.45 -10.24
CA SER P 115 -15.50 55.66 -9.19
C SER P 115 -15.21 54.38 -8.40
N LYS P 116 -16.22 53.52 -8.27
CA LYS P 116 -16.09 52.23 -7.62
C LYS P 116 -15.19 51.28 -8.43
N LYS P 117 -15.27 51.37 -9.76
CA LYS P 117 -14.42 50.58 -10.65
C LYS P 117 -12.99 51.11 -10.82
N ALA P 118 -12.72 52.32 -10.33
CA ALA P 118 -11.40 52.93 -10.48
C ALA P 118 -10.41 52.33 -9.49
N TYR P 119 -9.12 52.47 -9.78
CA TYR P 119 -8.09 51.87 -8.95
C TYR P 119 -8.01 52.51 -7.57
N ALA P 120 -8.08 53.84 -7.54
CA ALA P 120 -7.97 54.60 -6.32
C ALA P 120 -8.80 55.89 -6.34
N ILE P 121 -9.32 56.27 -5.17
CA ILE P 121 -9.95 57.56 -5.01
C ILE P 121 -9.09 58.33 -4.06
N VAL P 122 -8.79 59.58 -4.39
CA VAL P 122 -8.12 60.47 -3.46
C VAL P 122 -9.12 61.49 -2.92
N ALA P 123 -9.37 61.42 -1.61
CA ALA P 123 -10.25 62.35 -0.93
C ALA P 123 -9.52 63.67 -0.78
N THR P 124 -10.17 64.78 -1.13
CA THR P 124 -9.52 66.09 -1.03
C THR P 124 -10.27 67.00 -0.08
N GLY P 125 -9.73 68.19 0.16
CA GLY P 125 -10.41 69.18 0.96
C GLY P 125 -10.99 70.27 0.10
N GLU P 126 -11.39 69.92 -1.12
CA GLU P 126 -11.92 70.85 -2.11
C GLU P 126 -13.34 71.24 -1.75
N THR P 127 -13.57 72.53 -1.52
CA THR P 127 -14.86 72.96 -1.00
C THR P 127 -15.96 73.20 -2.05
N SER P 128 -15.55 73.41 -3.31
CA SER P 128 -16.53 73.58 -4.41
C SER P 128 -17.40 72.35 -4.59
N LEU P 129 -18.65 72.58 -4.94
CA LEU P 129 -19.52 71.48 -5.28
C LEU P 129 -19.16 70.97 -6.68
N TYR P 130 -19.50 69.71 -6.96
CA TYR P 130 -19.24 69.05 -8.26
C TYR P 130 -17.84 69.29 -8.83
N ALA P 131 -16.81 69.20 -8.01
CA ALA P 131 -15.46 69.48 -8.48
C ALA P 131 -14.68 68.18 -8.80
N ASN P 132 -15.36 67.06 -8.64
CA ASN P 132 -14.81 65.73 -8.86
C ASN P 132 -14.29 65.51 -10.27
N ILE P 133 -13.15 64.81 -10.37
CA ILE P 133 -12.53 64.49 -11.66
C ILE P 133 -12.08 63.04 -11.66
N ILE P 134 -12.34 62.35 -12.78
CA ILE P 134 -11.78 61.03 -13.05
C ILE P 134 -10.75 61.15 -14.17
N LEU P 135 -9.56 60.59 -13.95
CA LEU P 135 -8.51 60.56 -14.95
C LEU P 135 -8.16 59.12 -15.30
N LYS P 136 -7.99 58.88 -16.60
CA LYS P 136 -7.55 57.58 -17.11
C LYS P 136 -6.07 57.68 -17.53
N LYS P 137 -5.23 56.81 -16.97
CA LYS P 137 -3.79 56.87 -17.23
C LYS P 137 -3.47 56.34 -18.62
N GLY P 138 -2.57 57.03 -19.31
CA GLY P 138 -2.14 56.62 -20.64
C GLY P 138 -0.81 55.88 -20.65
N VAL P 139 -0.19 55.83 -21.83
CA VAL P 139 1.08 55.12 -22.04
C VAL P 139 2.29 56.03 -21.74
N VAL P 140 3.22 55.49 -20.96
CA VAL P 140 4.47 56.17 -20.64
C VAL P 140 5.57 55.78 -21.63
N VAL P 141 5.86 56.67 -22.59
CA VAL P 141 7.00 56.52 -23.49
C VAL P 141 7.38 57.83 -24.18
N LEU Q 2 -12.73 66.48 23.71
CA LEU Q 2 -12.24 67.80 23.20
C LEU Q 2 -13.23 68.94 23.49
N LYS Q 3 -12.74 70.18 23.40
CA LYS Q 3 -13.61 71.36 23.49
C LYS Q 3 -14.52 71.48 22.26
N HIS Q 4 -15.68 72.12 22.45
CA HIS Q 4 -16.62 72.49 21.37
C HIS Q 4 -17.16 71.32 20.54
N ILE Q 5 -17.14 70.12 21.11
CA ILE Q 5 -17.55 68.92 20.39
C ILE Q 5 -18.52 68.12 21.24
N PRO Q 6 -19.71 67.79 20.69
CA PRO Q 6 -20.78 67.09 21.43
C PRO Q 6 -20.22 65.96 22.27
N LYS Q 7 -20.69 65.84 23.51
CA LYS Q 7 -19.99 65.02 24.50
C LYS Q 7 -20.22 63.53 24.37
N ASN Q 8 -21.28 63.14 23.68
CA ASN Q 8 -21.64 61.73 23.55
C ASN Q 8 -21.35 61.16 22.15
N ILE Q 9 -20.36 61.74 21.49
CA ILE Q 9 -19.83 61.23 20.23
C ILE Q 9 -18.47 60.58 20.48
N SER Q 10 -18.38 59.28 20.26
CA SER Q 10 -17.14 58.54 20.47
C SER Q 10 -16.12 58.85 19.38
N PRO Q 11 -14.81 58.76 19.70
CA PRO Q 11 -13.77 59.11 18.74
C PRO Q 11 -13.99 58.43 17.39
N ASP Q 12 -14.39 57.17 17.41
CA ASP Q 12 -14.60 56.43 16.18
C ASP Q 12 -15.87 56.87 15.45
N LEU Q 13 -16.93 57.16 16.19
CA LEU Q 13 -18.16 57.65 15.59
C LEU Q 13 -17.89 58.97 14.86
N LEU Q 14 -17.13 59.85 15.49
CA LEU Q 14 -16.82 61.12 14.86
C LEU Q 14 -16.11 60.86 13.54
N LYS Q 15 -15.00 60.12 13.60
CA LYS Q 15 -14.23 59.78 12.40
C LYS Q 15 -15.16 59.27 11.29
N THR Q 16 -16.00 58.30 11.65
CA THR Q 16 -16.97 57.74 10.73
C THR Q 16 -17.87 58.80 10.11
N LEU Q 17 -18.43 59.68 10.95
CA LEU Q 17 -19.29 60.77 10.47
C LEU Q 17 -18.54 61.71 9.52
N MET Q 18 -17.25 61.90 9.80
CA MET Q 18 -16.40 62.79 9.02
C MET Q 18 -16.05 62.22 7.64
N GLU Q 19 -15.82 60.91 7.59
CA GLU Q 19 -15.44 60.26 6.34
C GLU Q 19 -16.64 59.90 5.45
N MET Q 20 -17.85 59.94 6.03
CA MET Q 20 -19.06 59.82 5.23
C MET Q 20 -19.18 61.01 4.28
N GLY Q 21 -19.74 60.76 3.09
CA GLY Q 21 -19.92 61.80 2.08
C GLY Q 21 -21.37 61.95 1.70
N HIS Q 22 -21.64 62.84 0.74
CA HIS Q 22 -22.99 63.09 0.26
C HIS Q 22 -23.62 61.78 -0.22
N GLY Q 23 -24.76 61.43 0.36
CA GLY Q 23 -25.48 60.21 0.00
C GLY Q 23 -25.24 58.99 0.88
N ASP Q 24 -24.15 59.00 1.67
CA ASP Q 24 -23.84 57.87 2.57
C ASP Q 24 -24.88 57.78 3.70
N GLU Q 25 -25.30 56.55 4.02
CA GLU Q 25 -26.25 56.35 5.10
C GLU Q 25 -25.65 55.74 6.37
N ILE Q 26 -26.15 56.20 7.51
CA ILE Q 26 -25.77 55.69 8.83
C ILE Q 26 -27.02 55.26 9.58
N VAL Q 27 -26.98 54.09 10.20
CA VAL Q 27 -28.11 53.68 11.04
C VAL Q 27 -27.83 53.83 12.55
N LEU Q 28 -28.83 54.34 13.24
CA LEU Q 28 -28.83 54.40 14.70
C LEU Q 28 -29.75 53.28 15.18
N ALA Q 29 -29.14 52.18 15.61
CA ALA Q 29 -29.87 50.97 15.99
C ALA Q 29 -30.19 50.91 17.49
N ASP Q 30 -31.39 50.47 17.82
CA ASP Q 30 -31.75 50.25 19.22
C ASP Q 30 -31.06 48.99 19.75
N ALA Q 31 -31.12 48.82 21.06
CA ALA Q 31 -30.46 47.71 21.73
C ALA Q 31 -30.86 46.35 21.16
N ASN Q 32 -32.08 46.25 20.65
CA ASN Q 32 -32.60 44.97 20.13
C ASN Q 32 -32.27 44.70 18.67
N TYR Q 33 -31.64 45.66 18.01
CA TYR Q 33 -31.36 45.52 16.60
C TYR Q 33 -30.18 44.57 16.36
N PRO Q 34 -30.26 43.72 15.31
CA PRO Q 34 -29.09 42.91 15.03
C PRO Q 34 -28.01 43.76 14.34
N SER Q 35 -27.39 44.66 15.10
CA SER Q 35 -26.39 45.57 14.57
C SER Q 35 -25.16 44.83 14.09
N ALA Q 36 -24.54 44.07 14.99
CA ALA Q 36 -23.31 43.33 14.71
C ALA Q 36 -23.44 42.54 13.42
N SER Q 37 -24.57 41.84 13.30
CA SER Q 37 -24.85 40.95 12.19
C SER Q 37 -25.06 41.67 10.87
N CYS Q 38 -25.69 42.86 10.93
CA CYS Q 38 -26.02 43.61 9.73
C CYS Q 38 -24.93 44.56 9.22
N ALA Q 39 -24.04 45.00 10.11
CA ALA Q 39 -23.11 46.12 9.82
C ALA Q 39 -21.98 45.80 8.84
N ASN Q 40 -21.84 46.67 7.83
CA ASN Q 40 -20.62 46.75 7.02
C ASN Q 40 -19.47 47.23 7.91
N LYS Q 41 -19.79 48.21 8.74
CA LYS Q 41 -18.85 48.81 9.69
C LYS Q 41 -19.62 49.10 10.97
N LEU Q 42 -19.18 48.48 12.07
CA LEU Q 42 -19.90 48.50 13.36
C LEU Q 42 -19.32 49.51 14.36
N ILE Q 43 -20.20 50.31 14.95
CA ILE Q 43 -19.80 51.23 16.02
C ILE Q 43 -20.72 51.00 17.23
N ARG Q 44 -20.14 50.56 18.33
CA ARG Q 44 -20.90 50.30 19.54
C ARG Q 44 -20.92 51.53 20.43
N CYS Q 45 -22.12 51.91 20.87
CA CYS Q 45 -22.31 52.99 21.82
C CYS Q 45 -23.36 52.55 22.85
N ASP Q 46 -23.18 51.33 23.38
CA ASP Q 46 -24.17 50.66 24.24
C ASP Q 46 -24.66 51.47 25.44
N GLY Q 47 -23.84 52.42 25.91
CA GLY Q 47 -24.26 53.28 27.02
C GLY Q 47 -25.04 54.52 26.65
N VAL Q 48 -25.23 54.73 25.35
CA VAL Q 48 -25.89 55.94 24.84
C VAL Q 48 -27.28 55.58 24.35
N ASN Q 49 -28.23 56.52 24.47
CA ASN Q 49 -29.56 56.36 23.89
C ASN Q 49 -29.70 57.18 22.62
N ILE Q 50 -30.69 56.83 21.81
CA ILE Q 50 -30.85 57.44 20.49
C ILE Q 50 -31.25 58.94 20.48
N PRO Q 51 -32.29 59.34 21.24
CA PRO Q 51 -32.67 60.76 21.17
C PRO Q 51 -31.48 61.68 21.36
N GLU Q 52 -30.72 61.47 22.43
CA GLU Q 52 -29.57 62.31 22.72
C GLU Q 52 -28.50 62.18 21.63
N LEU Q 53 -28.35 60.98 21.07
CA LEU Q 53 -27.38 60.75 20.02
C LEU Q 53 -27.82 61.39 18.71
N LEU Q 54 -29.13 61.27 18.40
CA LEU Q 54 -29.68 61.86 17.18
C LEU Q 54 -29.45 63.37 17.19
N ASP Q 55 -29.65 63.98 18.36
CA ASP Q 55 -29.41 65.40 18.58
C ASP Q 55 -27.99 65.78 18.13
N SER Q 56 -27.00 65.14 18.74
CA SER Q 56 -25.58 65.42 18.49
C SER Q 56 -25.14 65.23 17.03
N ILE Q 57 -25.71 64.25 16.34
CA ILE Q 57 -25.35 63.98 14.95
C ILE Q 57 -25.98 65.03 14.03
N LEU Q 58 -27.24 65.37 14.30
CA LEU Q 58 -27.94 66.42 13.56
C LEU Q 58 -27.25 67.79 13.70
N TYR Q 59 -26.59 68.00 14.85
CA TYR Q 59 -25.86 69.24 15.08
C TYR Q 59 -24.64 69.32 14.17
N LEU Q 60 -24.06 68.16 13.86
CA LEU Q 60 -22.82 68.09 13.10
C LEU Q 60 -23.00 67.81 11.61
N MET Q 61 -24.03 67.03 11.28
CA MET Q 61 -24.14 66.46 9.95
C MET Q 61 -25.40 66.91 9.22
N PRO Q 62 -25.24 67.58 8.06
CA PRO Q 62 -26.38 67.96 7.23
C PRO Q 62 -27.07 66.72 6.66
N LEU Q 63 -28.39 66.80 6.47
CA LEU Q 63 -29.11 65.69 5.87
C LEU Q 63 -29.24 65.87 4.36
N ASP Q 64 -29.37 64.76 3.64
CA ASP Q 64 -29.37 64.77 2.18
C ASP Q 64 -30.57 65.53 1.61
N SER Q 65 -30.29 66.69 1.02
CA SER Q 65 -31.34 67.53 0.43
C SER Q 65 -31.77 67.06 -0.97
N TYR Q 66 -31.04 66.09 -1.53
CA TYR Q 66 -31.23 65.67 -2.93
C TYR Q 66 -32.09 64.42 -3.08
N VAL Q 67 -32.79 64.04 -2.02
CA VAL Q 67 -33.72 62.91 -2.07
C VAL Q 67 -35.02 63.27 -1.37
N ASP Q 68 -36.09 62.53 -1.66
CA ASP Q 68 -37.36 62.70 -0.97
C ASP Q 68 -37.22 62.37 0.52
N SER Q 69 -36.75 61.15 0.81
CA SER Q 69 -36.59 60.73 2.21
C SER Q 69 -35.13 60.56 2.61
N SER Q 70 -34.72 61.35 3.61
CA SER Q 70 -33.38 61.27 4.15
C SER Q 70 -33.38 60.57 5.51
N ILE Q 71 -34.59 60.29 6.03
CA ILE Q 71 -34.78 59.67 7.33
C ILE Q 71 -35.79 58.53 7.26
N GLN Q 72 -35.43 57.38 7.83
CA GLN Q 72 -36.32 56.23 7.84
C GLN Q 72 -36.45 55.68 9.26
N PHE Q 73 -37.68 55.45 9.70
CA PHE Q 73 -37.90 54.69 10.92
C PHE Q 73 -38.28 53.27 10.51
N MET Q 74 -38.12 52.32 11.43
CA MET Q 74 -38.61 50.96 11.17
C MET Q 74 -40.08 50.94 11.51
N ASN Q 75 -40.90 50.55 10.53
CA ASN Q 75 -42.33 50.51 10.74
C ASN Q 75 -42.75 49.34 11.59
N VAL Q 76 -43.70 49.62 12.47
CA VAL Q 76 -44.33 48.64 13.33
C VAL Q 76 -45.15 47.66 12.48
N VAL Q 77 -45.08 46.38 12.82
CA VAL Q 77 -45.90 45.36 12.18
C VAL Q 77 -47.17 45.13 13.00
N SER Q 78 -48.22 44.66 12.33
CA SER Q 78 -49.46 44.28 13.00
C SER Q 78 -49.29 42.95 13.73
N GLY Q 79 -49.63 42.90 15.03
CA GLY Q 79 -50.12 44.05 15.79
C GLY Q 79 -49.20 44.38 16.96
N ASP Q 80 -48.52 45.52 16.84
CA ASP Q 80 -47.58 45.99 17.85
C ASP Q 80 -47.87 47.45 18.15
N ASP Q 81 -47.52 47.90 19.35
CA ASP Q 81 -47.71 49.30 19.75
C ASP Q 81 -46.95 50.28 18.88
N ILE Q 82 -47.56 51.45 18.65
CA ILE Q 82 -46.92 52.57 17.99
C ILE Q 82 -45.93 53.16 19.00
N PRO Q 83 -44.64 53.29 18.61
CA PRO Q 83 -43.62 53.68 19.58
C PRO Q 83 -43.75 55.14 19.99
N LYS Q 84 -43.81 55.37 21.30
CA LYS Q 84 -43.89 56.71 21.87
C LYS Q 84 -42.69 57.56 21.44
N ILE Q 85 -41.55 56.90 21.24
CA ILE Q 85 -40.28 57.57 20.95
C ILE Q 85 -40.29 58.38 19.64
N TRP Q 86 -41.13 58.00 18.68
CA TRP Q 86 -41.18 58.71 17.39
C TRP Q 86 -41.49 60.19 17.57
N GLY Q 87 -42.33 60.49 18.56
CA GLY Q 87 -42.64 61.87 18.93
C GLY Q 87 -41.40 62.65 19.35
N THR Q 88 -40.59 62.04 20.20
CA THR Q 88 -39.35 62.65 20.70
C THR Q 88 -38.39 62.96 19.56
N TYR Q 89 -38.37 62.09 18.54
CA TYR Q 89 -37.59 62.29 17.31
C TYR Q 89 -38.13 63.45 16.49
N ARG Q 90 -39.44 63.48 16.30
CA ARG Q 90 -40.09 64.60 15.61
C ARG Q 90 -39.84 65.91 16.36
N GLN Q 91 -40.02 65.89 17.68
CA GLN Q 91 -39.70 67.04 18.54
C GLN Q 91 -38.18 67.19 18.72
N MET Q 92 -37.45 67.00 17.62
CA MET Q 92 -35.99 66.97 17.61
C MET Q 92 -35.50 67.29 16.21
N ILE Q 93 -35.92 66.44 15.26
CA ILE Q 93 -35.62 66.62 13.84
C ILE Q 93 -36.20 67.95 13.40
N GLU Q 94 -37.51 68.13 13.55
CA GLU Q 94 -38.09 69.46 13.53
C GLU Q 94 -37.75 70.08 14.89
N GLY Q 95 -37.15 71.26 14.84
CA GLY Q 95 -36.39 71.78 15.97
C GLY Q 95 -35.00 72.05 15.44
N HIS Q 96 -34.46 71.06 14.73
CA HIS Q 96 -33.40 71.30 13.75
C HIS Q 96 -34.11 71.63 12.44
N GLY Q 97 -33.37 72.06 11.42
CA GLY Q 97 -33.99 72.60 10.21
C GLY Q 97 -34.51 71.60 9.18
N THR Q 98 -35.20 70.56 9.64
CA THR Q 98 -35.63 69.49 8.72
C THR Q 98 -37.15 69.30 8.66
N ASP Q 99 -37.64 69.15 7.43
CA ASP Q 99 -39.06 68.96 7.15
C ASP Q 99 -39.52 67.54 7.50
N LEU Q 100 -40.47 67.44 8.42
CA LEU Q 100 -40.97 66.16 8.92
C LEU Q 100 -41.43 65.20 7.82
N LYS Q 101 -41.70 65.73 6.63
CA LYS Q 101 -42.13 64.89 5.50
C LYS Q 101 -40.98 64.08 4.90
N THR Q 102 -39.75 64.36 5.32
CA THR Q 102 -38.60 63.57 4.88
C THR Q 102 -38.54 62.21 5.60
N ILE Q 103 -39.34 62.06 6.66
CA ILE Q 103 -39.36 60.81 7.43
C ILE Q 103 -40.28 59.74 6.83
N THR Q 104 -39.67 58.69 6.29
CA THR Q 104 -40.39 57.55 5.70
C THR Q 104 -40.33 56.35 6.65
N TYR Q 105 -41.19 55.36 6.41
CA TYR Q 105 -41.28 54.19 7.24
C TYR Q 105 -41.05 52.95 6.39
N LEU Q 106 -40.21 52.04 6.90
CA LEU Q 106 -39.86 50.83 6.17
C LEU Q 106 -40.32 49.60 6.95
N ARG Q 107 -40.97 48.66 6.26
CA ARG Q 107 -41.29 47.36 6.86
C ARG Q 107 -40.00 46.68 7.30
N ARG Q 108 -40.09 45.75 8.25
CA ARG Q 108 -38.91 45.13 8.89
C ARG Q 108 -37.85 44.61 7.90
N GLU Q 109 -38.20 43.60 7.10
CA GLU Q 109 -37.27 43.00 6.15
C GLU Q 109 -36.62 44.04 5.23
N ASP Q 110 -37.36 45.08 4.88
CA ASP Q 110 -36.85 46.19 4.07
C ASP Q 110 -35.79 47.01 4.83
N PHE Q 111 -36.06 47.30 6.10
CA PHE Q 111 -35.14 48.07 6.93
C PHE Q 111 -33.81 47.34 7.08
N TYR Q 112 -33.89 46.03 7.31
CA TYR Q 112 -32.68 45.18 7.42
C TYR Q 112 -31.77 45.33 6.22
N GLU Q 113 -32.38 45.31 5.03
CA GLU Q 113 -31.63 45.30 3.78
C GLU Q 113 -30.95 46.62 3.50
N ARG Q 114 -31.60 47.73 3.87
CA ARG Q 114 -31.01 49.05 3.67
C ARG Q 114 -29.86 49.26 4.66
N SER Q 115 -30.01 48.74 5.88
CA SER Q 115 -28.99 48.88 6.91
C SER Q 115 -27.69 48.13 6.58
N LYS Q 116 -27.80 47.03 5.83
CA LYS Q 116 -26.65 46.26 5.35
C LYS Q 116 -25.86 47.03 4.30
N LYS Q 117 -26.58 47.90 3.59
CA LYS Q 117 -26.04 48.70 2.51
C LYS Q 117 -25.55 50.04 3.03
N ALA Q 118 -25.90 50.35 4.28
CA ALA Q 118 -25.46 51.59 4.90
C ALA Q 118 -23.97 51.56 5.17
N TYR Q 119 -23.32 52.73 5.13
CA TYR Q 119 -21.90 52.84 5.41
C TYR Q 119 -21.54 52.37 6.81
N ALA Q 120 -22.41 52.63 7.79
CA ALA Q 120 -22.16 52.26 9.17
C ALA Q 120 -23.45 52.03 9.94
N ILE Q 121 -23.35 51.20 10.98
CA ILE Q 121 -24.43 51.00 11.93
C ILE Q 121 -23.85 51.31 13.29
N VAL Q 122 -24.54 52.13 14.07
CA VAL Q 122 -24.15 52.34 15.46
C VAL Q 122 -25.12 51.70 16.44
N ALA Q 123 -24.61 50.76 17.21
CA ALA Q 123 -25.38 50.01 18.19
C ALA Q 123 -25.50 50.81 19.47
N THR Q 124 -26.72 51.11 19.89
CA THR Q 124 -26.95 51.95 21.07
C THR Q 124 -27.55 51.13 22.21
N GLY Q 125 -27.76 51.76 23.35
CA GLY Q 125 -28.41 51.10 24.50
C GLY Q 125 -29.89 51.41 24.63
N GLU Q 126 -30.47 51.99 23.57
CA GLU Q 126 -31.88 52.39 23.53
C GLU Q 126 -32.81 51.21 23.79
N THR Q 127 -33.43 51.27 24.97
CA THR Q 127 -34.24 50.18 25.52
C THR Q 127 -35.62 50.12 24.90
N SER Q 128 -36.01 51.19 24.20
CA SER Q 128 -37.37 51.27 23.66
C SER Q 128 -37.47 50.57 22.31
N LEU Q 129 -38.56 49.85 22.11
CA LEU Q 129 -38.79 49.11 20.87
C LEU Q 129 -39.02 50.03 19.68
N TYR Q 130 -38.81 49.49 18.48
CA TYR Q 130 -38.95 50.19 17.20
C TYR Q 130 -38.34 51.61 17.16
N ALA Q 131 -37.12 51.74 17.67
CA ALA Q 131 -36.46 53.03 17.80
C ALA Q 131 -35.28 53.26 16.82
N ASN Q 132 -35.18 52.38 15.82
CA ASN Q 132 -34.13 52.49 14.80
C ASN Q 132 -34.35 53.68 13.86
N ILE Q 133 -33.25 54.34 13.49
CA ILE Q 133 -33.27 55.42 12.52
C ILE Q 133 -32.14 55.23 11.49
N ILE Q 134 -32.44 55.48 10.20
CA ILE Q 134 -31.42 55.59 9.17
C ILE Q 134 -31.31 57.06 8.76
N LEU Q 135 -30.09 57.59 8.78
CA LEU Q 135 -29.85 58.97 8.37
C LEU Q 135 -28.97 59.01 7.12
N LYS Q 136 -29.27 59.95 6.22
CA LYS Q 136 -28.55 60.14 4.96
C LYS Q 136 -27.85 61.50 4.95
N LYS Q 137 -26.53 61.49 4.85
CA LYS Q 137 -25.72 62.71 4.89
C LYS Q 137 -25.86 63.55 3.62
N GLY Q 138 -26.01 64.87 3.80
CA GLY Q 138 -26.09 65.84 2.70
C GLY Q 138 -24.77 66.52 2.41
N VAL Q 139 -24.83 67.65 1.69
CA VAL Q 139 -23.62 68.39 1.37
C VAL Q 139 -23.38 69.45 2.45
N VAL Q 140 -22.12 69.66 2.80
CA VAL Q 140 -21.74 70.63 3.80
C VAL Q 140 -21.55 71.99 3.13
N VAL Q 141 -22.16 73.03 3.74
CA VAL Q 141 -21.84 74.44 3.46
C VAL Q 141 -22.87 75.39 4.09
N LEU R 2 -17.23 34.35 36.74
CA LEU R 2 -18.00 35.51 37.29
C LEU R 2 -19.27 35.08 38.01
N LYS R 3 -19.63 35.84 39.03
CA LYS R 3 -20.86 35.61 39.78
C LYS R 3 -22.10 35.86 38.91
N HIS R 4 -23.17 35.13 39.21
CA HIS R 4 -24.48 35.31 38.55
C HIS R 4 -24.51 34.96 37.05
N ILE R 5 -23.45 34.33 36.57
CA ILE R 5 -23.39 33.91 35.17
C ILE R 5 -23.15 32.40 35.07
N PRO R 6 -24.04 31.69 34.35
CA PRO R 6 -23.94 30.24 34.14
C PRO R 6 -22.51 29.81 33.86
N LYS R 7 -22.05 28.79 34.59
CA LYS R 7 -20.64 28.41 34.57
C LYS R 7 -20.19 27.79 33.23
N ASN R 8 -21.15 27.40 32.40
CA ASN R 8 -20.85 26.73 31.12
C ASN R 8 -20.93 27.62 29.86
N ILE R 9 -21.04 28.93 30.04
CA ILE R 9 -20.95 29.88 28.93
C ILE R 9 -19.56 30.51 28.90
N SER R 10 -18.81 30.23 27.84
CA SER R 10 -17.45 30.75 27.70
C SER R 10 -17.43 32.24 27.35
N PRO R 11 -16.32 32.95 27.65
CA PRO R 11 -16.18 34.37 27.38
C PRO R 11 -16.62 34.80 25.97
N ASP R 12 -16.22 34.06 24.94
CA ASP R 12 -16.59 34.36 23.55
C ASP R 12 -18.07 34.15 23.27
N LEU R 13 -18.61 33.06 23.80
CA LEU R 13 -20.02 32.75 23.59
C LEU R 13 -20.89 33.82 24.22
N LEU R 14 -20.54 34.27 25.41
CA LEU R 14 -21.34 35.30 26.06
C LEU R 14 -21.31 36.59 25.22
N LYS R 15 -20.14 36.95 24.72
CA LYS R 15 -20.02 38.15 23.88
C LYS R 15 -20.90 38.04 22.65
N THR R 16 -20.87 36.90 21.97
CA THR R 16 -21.66 36.74 20.75
C THR R 16 -23.15 36.60 21.02
N LEU R 17 -23.50 36.07 22.18
CA LEU R 17 -24.90 36.03 22.62
C LEU R 17 -25.42 37.44 22.89
N MET R 18 -24.58 38.30 23.44
CA MET R 18 -24.98 39.67 23.72
C MET R 18 -25.08 40.55 22.47
N GLU R 19 -24.17 40.36 21.53
CA GLU R 19 -24.12 41.18 20.33
C GLU R 19 -25.11 40.76 19.25
N MET R 20 -25.62 39.53 19.35
CA MET R 20 -26.76 39.09 18.55
C MET R 20 -27.95 40.00 18.84
N GLY R 21 -28.64 40.44 17.80
CA GLY R 21 -29.87 41.22 17.97
C GLY R 21 -31.10 40.38 17.68
N HIS R 22 -32.28 40.99 17.86
CA HIS R 22 -33.54 40.34 17.56
C HIS R 22 -33.58 39.85 16.12
N GLY R 23 -33.69 38.54 15.96
CA GLY R 23 -33.77 37.94 14.64
C GLY R 23 -32.60 37.02 14.34
N ASP R 24 -31.45 37.29 14.95
CA ASP R 24 -30.22 36.53 14.68
C ASP R 24 -30.36 35.10 15.16
N GLU R 25 -29.71 34.19 14.44
CA GLU R 25 -29.73 32.78 14.81
C GLU R 25 -28.33 32.24 15.19
N ILE R 26 -28.31 31.36 16.19
CA ILE R 26 -27.10 30.64 16.65
C ILE R 26 -27.36 29.14 16.59
N VAL R 27 -26.39 28.38 16.08
CA VAL R 27 -26.56 26.94 15.94
C VAL R 27 -25.74 26.22 16.99
N LEU R 28 -26.40 25.42 17.82
CA LEU R 28 -25.71 24.55 18.76
C LEU R 28 -25.56 23.22 18.05
N ALA R 29 -24.31 22.85 17.75
CA ALA R 29 -24.03 21.72 16.87
C ALA R 29 -23.33 20.55 17.58
N ASP R 30 -23.60 19.32 17.14
CA ASP R 30 -22.99 18.16 17.76
C ASP R 30 -21.58 17.95 17.22
N ALA R 31 -20.86 16.99 17.80
CA ALA R 31 -19.45 16.80 17.47
C ALA R 31 -19.26 16.30 16.04
N ASN R 32 -20.34 15.80 15.47
CA ASN R 32 -20.29 15.23 14.13
C ASN R 32 -20.63 16.28 13.08
N TYR R 33 -21.21 17.40 13.50
CA TYR R 33 -21.60 18.46 12.57
C TYR R 33 -20.37 19.13 11.94
N PRO R 34 -20.48 19.58 10.67
CA PRO R 34 -19.39 20.33 10.04
C PRO R 34 -19.48 21.82 10.37
N SER R 35 -19.17 22.16 11.62
CA SER R 35 -19.30 23.52 12.16
C SER R 35 -18.32 24.48 11.52
N ALA R 36 -17.03 24.12 11.54
CA ALA R 36 -15.97 24.94 10.97
C ALA R 36 -16.25 25.34 9.52
N SER R 37 -16.61 24.36 8.68
CA SER R 37 -16.84 24.62 7.26
C SER R 37 -18.10 25.43 6.98
N CYS R 38 -19.07 25.39 7.89
CA CYS R 38 -20.36 26.05 7.73
C CYS R 38 -20.48 27.42 8.39
N ALA R 39 -19.63 27.71 9.39
CA ALA R 39 -19.84 28.88 10.26
C ALA R 39 -19.39 30.22 9.67
N ASN R 40 -20.27 31.22 9.79
CA ASN R 40 -19.90 32.60 9.53
C ASN R 40 -18.99 33.04 10.66
N LYS R 41 -19.39 32.66 11.87
CA LYS R 41 -18.60 32.88 13.08
C LYS R 41 -18.59 31.60 13.90
N LEU R 42 -17.39 31.09 14.19
CA LEU R 42 -17.23 29.82 14.87
C LEU R 42 -16.88 30.04 16.34
N ILE R 43 -17.66 29.43 17.22
CA ILE R 43 -17.35 29.34 18.65
C ILE R 43 -17.18 27.85 18.99
N ARG R 44 -16.02 27.49 19.54
CA ARG R 44 -15.73 26.10 19.89
C ARG R 44 -15.95 25.82 21.37
N CYS R 45 -16.79 24.84 21.68
CA CYS R 45 -16.97 24.37 23.06
C CYS R 45 -16.91 22.85 23.06
N ASP R 46 -15.78 22.30 22.64
CA ASP R 46 -15.70 20.87 22.37
C ASP R 46 -15.97 20.00 23.59
N GLY R 47 -15.79 20.56 24.79
CA GLY R 47 -16.01 19.83 26.03
C GLY R 47 -17.39 19.97 26.68
N VAL R 48 -18.34 20.56 25.96
CA VAL R 48 -19.67 20.83 26.49
C VAL R 48 -20.74 20.03 25.73
N ASN R 49 -21.74 19.54 26.45
CA ASN R 49 -22.88 18.86 25.84
C ASN R 49 -24.01 19.85 25.56
N ILE R 50 -24.86 19.53 24.59
CA ILE R 50 -25.89 20.46 24.15
C ILE R 50 -27.02 20.73 25.17
N PRO R 51 -27.51 19.70 25.91
CA PRO R 51 -28.52 19.97 26.94
C PRO R 51 -28.09 21.02 27.97
N GLU R 52 -26.96 20.81 28.63
CA GLU R 52 -26.46 21.75 29.62
C GLU R 52 -26.23 23.13 28.98
N LEU R 53 -25.83 23.15 27.71
CA LEU R 53 -25.59 24.40 27.00
C LEU R 53 -26.89 25.10 26.60
N LEU R 54 -27.89 24.30 26.22
CA LEU R 54 -29.21 24.82 25.88
C LEU R 54 -29.91 25.44 27.08
N ASP R 55 -29.83 24.79 28.24
CA ASP R 55 -30.42 25.30 29.48
C ASP R 55 -29.90 26.71 29.74
N SER R 56 -28.58 26.86 29.74
CA SER R 56 -27.92 28.13 29.99
C SER R 56 -28.29 29.22 28.97
N ILE R 57 -28.38 28.86 27.69
CA ILE R 57 -28.70 29.85 26.67
C ILE R 57 -30.14 30.35 26.78
N LEU R 58 -31.08 29.45 27.03
CA LEU R 58 -32.48 29.82 27.17
C LEU R 58 -32.77 30.68 28.39
N TYR R 59 -31.90 30.56 29.39
CA TYR R 59 -31.95 31.36 30.62
C TYR R 59 -31.63 32.84 30.39
N LEU R 60 -30.77 33.14 29.43
CA LEU R 60 -30.31 34.51 29.15
C LEU R 60 -30.95 35.10 27.90
N MET R 61 -31.34 34.23 26.97
CA MET R 61 -31.75 34.66 25.65
C MET R 61 -33.22 34.33 25.34
N PRO R 62 -34.07 35.38 25.25
CA PRO R 62 -35.45 35.19 24.78
C PRO R 62 -35.46 34.62 23.39
N LEU R 63 -36.47 33.80 23.09
CA LEU R 63 -36.66 33.27 21.74
C LEU R 63 -37.66 34.14 20.98
N ASP R 64 -37.63 34.03 19.66
CA ASP R 64 -38.43 34.89 18.78
C ASP R 64 -39.90 34.45 18.66
N SER R 65 -40.81 35.41 18.93
CA SER R 65 -42.26 35.17 18.84
C SER R 65 -42.82 35.63 17.49
N TYR R 66 -42.09 36.52 16.83
CA TYR R 66 -42.48 37.08 15.53
C TYR R 66 -42.35 36.08 14.38
N VAL R 67 -41.95 34.85 14.72
CA VAL R 67 -41.90 33.77 13.75
C VAL R 67 -42.67 32.58 14.29
N ASP R 68 -43.24 31.79 13.37
CA ASP R 68 -43.85 30.51 13.70
C ASP R 68 -42.84 29.64 14.43
N SER R 69 -41.71 29.37 13.76
CA SER R 69 -40.65 28.50 14.29
C SER R 69 -39.38 29.25 14.72
N SER R 70 -39.08 29.23 16.01
CA SER R 70 -37.87 29.84 16.57
C SER R 70 -36.82 28.78 16.99
N ILE R 71 -37.20 27.51 16.89
CA ILE R 71 -36.30 26.39 17.15
C ILE R 71 -36.38 25.41 15.99
N GLN R 72 -35.23 24.92 15.53
CA GLN R 72 -35.17 23.92 14.47
C GLN R 72 -34.26 22.79 14.86
N PHE R 73 -34.75 21.56 14.72
CA PHE R 73 -33.90 20.36 14.79
C PHE R 73 -33.61 19.85 13.39
N MET R 74 -32.56 19.06 13.25
CA MET R 74 -32.27 18.38 11.99
C MET R 74 -33.05 17.09 11.95
N ASN R 75 -33.91 16.93 10.95
CA ASN R 75 -34.72 15.72 10.80
C ASN R 75 -33.83 14.53 10.44
N VAL R 76 -34.29 13.34 10.80
CA VAL R 76 -33.53 12.11 10.60
C VAL R 76 -33.64 11.58 9.15
N VAL R 77 -32.53 11.03 8.64
CA VAL R 77 -32.49 10.30 7.36
C VAL R 77 -33.03 8.89 7.59
N SER R 78 -33.97 8.42 6.76
CA SER R 78 -34.44 7.04 6.90
C SER R 78 -33.35 6.05 6.48
N GLY R 79 -32.98 5.10 7.35
CA GLY R 79 -33.33 5.08 8.77
C GLY R 79 -32.42 4.07 9.45
N ASP R 80 -31.59 4.44 10.44
CA ASP R 80 -31.51 5.74 11.14
C ASP R 80 -32.76 6.15 11.88
N ASP R 81 -32.67 6.05 13.20
CA ASP R 81 -33.83 6.20 14.08
C ASP R 81 -33.72 7.43 14.99
N ILE R 82 -34.88 7.97 15.33
CA ILE R 82 -35.03 9.11 16.21
C ILE R 82 -34.06 9.06 17.40
N PRO R 83 -33.40 10.20 17.69
CA PRO R 83 -32.53 10.25 18.85
C PRO R 83 -33.32 10.62 20.11
N LYS R 84 -33.00 9.97 21.22
CA LYS R 84 -33.69 10.20 22.48
C LYS R 84 -33.46 11.60 23.04
N ILE R 85 -32.33 12.22 22.66
CA ILE R 85 -31.94 13.53 23.16
C ILE R 85 -32.95 14.65 22.86
N TRP R 86 -33.78 14.45 21.85
CA TRP R 86 -34.84 15.40 21.55
C TRP R 86 -35.80 15.48 22.72
N GLY R 87 -36.05 14.35 23.36
CA GLY R 87 -36.85 14.29 24.57
C GLY R 87 -36.29 15.22 25.64
N THR R 88 -34.99 15.10 25.88
CA THR R 88 -34.32 15.97 26.84
C THR R 88 -34.43 17.45 26.44
N TYR R 89 -34.36 17.72 25.13
CA TYR R 89 -34.46 19.09 24.64
C TYR R 89 -35.85 19.68 24.88
N ARG R 90 -36.88 18.93 24.49
CA ARG R 90 -38.28 19.39 24.62
C ARG R 90 -38.66 19.63 26.07
N GLN R 91 -38.25 18.72 26.94
CA GLN R 91 -38.45 18.85 28.39
C GLN R 91 -37.83 20.14 28.92
N MET R 92 -36.61 20.42 28.47
CA MET R 92 -35.86 21.63 28.80
C MET R 92 -36.58 22.92 28.35
N ILE R 93 -36.96 22.95 27.07
CA ILE R 93 -37.60 24.11 26.45
C ILE R 93 -38.84 24.57 27.23
N GLU R 94 -39.71 23.62 27.60
CA GLU R 94 -40.73 23.87 28.61
C GLU R 94 -40.06 23.97 29.98
N GLY R 95 -40.48 24.94 30.79
CA GLY R 95 -39.81 25.20 32.06
C GLY R 95 -38.98 26.46 31.94
N HIS R 96 -38.58 26.72 30.69
CA HIS R 96 -38.16 28.06 30.27
C HIS R 96 -39.38 28.73 29.63
N GLY R 97 -40.45 27.94 29.55
CA GLY R 97 -41.78 28.45 29.20
C GLY R 97 -41.86 28.90 27.76
N THR R 98 -41.71 27.95 26.86
CA THR R 98 -41.83 28.20 25.43
C THR R 98 -42.68 27.08 24.82
N ASP R 99 -43.68 27.48 24.05
CA ASP R 99 -44.59 26.52 23.41
C ASP R 99 -43.81 25.63 22.44
N LEU R 100 -43.85 24.33 22.68
CA LEU R 100 -43.12 23.33 21.88
C LEU R 100 -43.61 23.23 20.43
N LYS R 101 -44.65 23.98 20.09
CA LYS R 101 -45.16 24.05 18.73
C LYS R 101 -44.22 24.79 17.78
N THR R 102 -43.34 25.63 18.35
CA THR R 102 -42.39 26.44 17.57
C THR R 102 -41.20 25.62 17.03
N ILE R 103 -41.19 24.32 17.35
CA ILE R 103 -40.15 23.41 16.91
C ILE R 103 -40.51 22.78 15.55
N THR R 104 -39.68 23.01 14.54
CA THR R 104 -39.82 22.35 13.23
C THR R 104 -38.59 21.49 12.90
N TYR R 105 -38.69 20.73 11.82
CA TYR R 105 -37.70 19.71 11.50
C TYR R 105 -37.23 19.83 10.05
N LEU R 106 -36.12 20.55 9.87
CA LEU R 106 -35.53 20.77 8.56
C LEU R 106 -34.80 19.52 8.08
N ARG R 107 -34.92 19.24 6.79
CA ARG R 107 -34.15 18.16 6.16
C ARG R 107 -32.66 18.51 6.18
N ARG R 108 -31.81 17.48 6.28
CA ARG R 108 -30.35 17.64 6.34
C ARG R 108 -29.82 18.84 5.57
N GLU R 109 -30.02 18.82 4.25
CA GLU R 109 -29.46 19.81 3.35
C GLU R 109 -30.00 21.22 3.66
N ASP R 110 -31.28 21.29 4.02
CA ASP R 110 -31.91 22.55 4.40
C ASP R 110 -31.38 23.10 5.72
N PHE R 111 -30.92 22.20 6.60
CA PHE R 111 -30.34 22.59 7.89
C PHE R 111 -28.98 23.25 7.69
N TYR R 112 -28.10 22.59 6.92
CA TYR R 112 -26.78 23.13 6.58
C TYR R 112 -26.87 24.56 6.05
N GLU R 113 -27.73 24.77 5.06
CA GLU R 113 -27.92 26.09 4.44
C GLU R 113 -28.28 27.19 5.44
N ARG R 114 -29.22 26.89 6.34
CA ARG R 114 -29.63 27.88 7.34
C ARG R 114 -28.48 28.20 8.31
N SER R 115 -27.70 27.19 8.69
CA SER R 115 -26.58 27.39 9.61
C SER R 115 -25.47 28.27 9.00
N LYS R 116 -25.33 28.22 7.68
CA LYS R 116 -24.40 29.10 6.97
C LYS R 116 -24.85 30.55 7.14
N LYS R 117 -26.16 30.75 7.07
CA LYS R 117 -26.80 32.05 7.23
C LYS R 117 -27.02 32.45 8.69
N ALA R 118 -26.77 31.53 9.62
CA ALA R 118 -26.89 31.83 11.05
C ALA R 118 -25.76 32.76 11.48
N TYR R 119 -25.98 33.55 12.53
CA TYR R 119 -24.92 34.44 13.01
C TYR R 119 -23.67 33.71 13.50
N ALA R 120 -23.86 32.63 14.25
CA ALA R 120 -22.76 31.85 14.80
C ALA R 120 -23.13 30.38 14.89
N ILE R 121 -22.13 29.51 14.78
CA ILE R 121 -22.32 28.11 15.11
C ILE R 121 -21.40 27.84 16.29
N VAL R 122 -21.94 27.18 17.32
CA VAL R 122 -21.10 26.74 18.43
C VAL R 122 -20.91 25.24 18.38
N ALA R 123 -19.66 24.84 18.13
CA ALA R 123 -19.28 23.44 18.00
C ALA R 123 -19.11 22.81 19.37
N THR R 124 -20.01 21.91 19.73
CA THR R 124 -19.96 21.27 21.04
C THR R 124 -19.40 19.85 20.95
N GLY R 125 -19.39 19.16 22.09
CA GLY R 125 -18.91 17.79 22.17
C GLY R 125 -20.02 16.76 22.26
N GLU R 126 -21.25 17.18 22.02
CA GLU R 126 -22.40 16.26 22.02
C GLU R 126 -22.13 15.08 21.09
N THR R 127 -22.20 13.86 21.64
CA THR R 127 -21.82 12.65 20.91
C THR R 127 -23.04 11.93 20.32
N SER R 128 -24.21 12.42 20.69
CA SER R 128 -25.45 11.85 20.21
C SER R 128 -25.75 12.38 18.82
N LEU R 129 -26.28 11.50 17.97
CA LEU R 129 -26.55 11.84 16.57
C LEU R 129 -27.77 12.72 16.44
N TYR R 130 -27.89 13.41 15.30
CA TYR R 130 -28.99 14.36 15.06
C TYR R 130 -29.31 15.20 16.30
N ALA R 131 -28.28 15.77 16.91
CA ALA R 131 -28.40 16.52 18.15
C ALA R 131 -28.44 18.04 17.97
N ASN R 132 -28.28 18.51 16.74
CA ASN R 132 -28.14 19.94 16.45
C ASN R 132 -29.41 20.73 16.70
N ILE R 133 -29.24 22.00 17.07
CA ILE R 133 -30.39 22.89 17.31
C ILE R 133 -30.06 24.28 16.78
N ILE R 134 -31.05 24.90 16.14
CA ILE R 134 -30.96 26.32 15.74
C ILE R 134 -31.94 27.17 16.56
N LEU R 135 -31.40 28.23 17.16
CA LEU R 135 -32.17 29.11 18.06
C LEU R 135 -32.21 30.52 17.48
N LYS R 136 -33.40 31.11 17.45
CA LYS R 136 -33.57 32.49 16.99
C LYS R 136 -33.79 33.45 18.17
N LYS R 137 -32.99 34.51 18.22
CA LYS R 137 -33.05 35.46 19.33
C LYS R 137 -34.32 36.30 19.29
N GLY R 138 -34.92 36.49 20.46
CA GLY R 138 -36.10 37.33 20.63
C GLY R 138 -35.74 38.69 21.19
N VAL R 139 -36.76 39.42 21.61
CA VAL R 139 -36.64 40.78 22.11
C VAL R 139 -36.32 40.77 23.61
N VAL R 140 -35.32 41.55 24.01
CA VAL R 140 -35.01 41.69 25.42
C VAL R 140 -35.77 42.91 25.94
N VAL R 141 -36.51 42.70 27.03
CA VAL R 141 -37.39 43.73 27.60
C VAL R 141 -36.72 44.49 28.75
N LEU S 2 3.80 12.90 18.61
CA LEU S 2 2.96 12.31 19.69
C LEU S 2 2.79 10.77 19.59
N LYS S 3 2.34 10.17 20.69
CA LYS S 3 2.04 8.74 20.79
C LYS S 3 0.68 8.41 20.20
N HIS S 4 0.54 7.20 19.65
CA HIS S 4 -0.72 6.68 19.07
C HIS S 4 -1.28 7.43 17.84
N ILE S 5 -0.67 8.56 17.48
CA ILE S 5 -1.04 9.29 16.27
C ILE S 5 0.00 9.00 15.20
N PRO S 6 -0.42 8.61 13.98
CA PRO S 6 0.51 8.31 12.87
C PRO S 6 1.50 9.44 12.63
N LYS S 7 2.77 9.10 12.39
CA LYS S 7 3.85 10.11 12.34
C LYS S 7 3.94 10.95 11.05
N ASN S 8 3.17 10.58 10.03
CA ASN S 8 3.20 11.29 8.75
C ASN S 8 2.13 12.37 8.65
N ILE S 9 1.38 12.57 9.73
CA ILE S 9 0.36 13.60 9.75
C ILE S 9 0.80 14.86 10.50
N SER S 10 0.89 15.96 9.76
CA SER S 10 1.33 17.23 10.32
C SER S 10 0.33 17.79 11.35
N PRO S 11 0.80 18.68 12.25
CA PRO S 11 -0.04 19.31 13.26
C PRO S 11 -1.29 20.00 12.70
N ASP S 12 -1.10 20.77 11.63
CA ASP S 12 -2.20 21.50 11.01
C ASP S 12 -3.17 20.58 10.27
N LEU S 13 -2.64 19.49 9.71
CA LEU S 13 -3.50 18.50 9.05
C LEU S 13 -4.34 17.76 10.08
N LEU S 14 -3.74 17.43 11.21
CA LEU S 14 -4.46 16.77 12.28
C LEU S 14 -5.62 17.65 12.77
N LYS S 15 -5.32 18.92 13.04
CA LYS S 15 -6.33 19.92 13.35
C LYS S 15 -7.46 19.94 12.31
N THR S 16 -7.08 20.04 11.04
CA THR S 16 -8.04 20.10 9.93
C THR S 16 -8.96 18.88 9.95
N LEU S 17 -8.36 17.70 10.12
CA LEU S 17 -9.13 16.45 10.14
C LEU S 17 -10.10 16.36 11.31
N MET S 18 -9.66 16.89 12.45
CA MET S 18 -10.47 16.93 13.66
C MET S 18 -11.63 17.92 13.59
N GLU S 19 -11.38 19.08 12.97
CA GLU S 19 -12.41 20.11 12.90
C GLU S 19 -13.42 19.86 11.77
N MET S 20 -13.04 19.01 10.80
CA MET S 20 -13.97 18.55 9.78
C MET S 20 -15.13 17.80 10.42
N GLY S 21 -16.33 18.06 9.92
CA GLY S 21 -17.52 17.34 10.36
C GLY S 21 -18.00 16.41 9.26
N HIS S 22 -19.26 16.02 9.33
CA HIS S 22 -19.75 14.96 8.47
C HIS S 22 -20.20 15.56 7.15
N GLY S 23 -19.68 15.02 6.04
CA GLY S 23 -19.97 15.57 4.72
C GLY S 23 -18.84 16.39 4.11
N ASP S 24 -17.94 16.88 4.97
CA ASP S 24 -16.82 17.68 4.55
C ASP S 24 -15.79 16.86 3.78
N GLU S 25 -15.23 17.48 2.75
CA GLU S 25 -14.32 16.80 1.83
C GLU S 25 -12.91 17.37 1.91
N ILE S 26 -11.93 16.50 1.68
CA ILE S 26 -10.53 16.88 1.69
C ILE S 26 -9.84 16.28 0.47
N VAL S 27 -8.90 17.04 -0.10
CA VAL S 27 -8.22 16.62 -1.31
C VAL S 27 -6.76 16.27 -1.03
N LEU S 28 -6.40 15.03 -1.36
CA LEU S 28 -5.02 14.62 -1.32
C LEU S 28 -4.50 14.83 -2.72
N ALA S 29 -3.73 15.90 -2.91
CA ALA S 29 -3.34 16.34 -4.24
C ALA S 29 -1.92 15.91 -4.59
N ASP S 30 -1.72 15.46 -5.83
CA ASP S 30 -0.38 15.09 -6.25
C ASP S 30 0.48 16.33 -6.52
N ALA S 31 1.77 16.10 -6.73
CA ALA S 31 2.72 17.19 -6.90
C ALA S 31 2.37 18.12 -8.06
N ASN S 32 1.76 17.57 -9.11
CA ASN S 32 1.40 18.39 -10.28
C ASN S 32 0.03 19.09 -10.17
N TYR S 33 -0.64 18.99 -9.02
CA TYR S 33 -1.97 19.57 -8.88
C TYR S 33 -1.96 21.09 -8.61
N PRO S 34 -2.96 21.83 -9.15
CA PRO S 34 -3.10 23.24 -8.79
C PRO S 34 -3.68 23.43 -7.39
N SER S 35 -2.93 23.04 -6.37
CA SER S 35 -3.45 22.97 -5.00
C SER S 35 -3.65 24.38 -4.40
N ALA S 36 -2.60 25.20 -4.46
CA ALA S 36 -2.66 26.56 -3.92
C ALA S 36 -3.72 27.43 -4.59
N SER S 37 -3.92 27.26 -5.90
CA SER S 37 -4.91 28.06 -6.64
C SER S 37 -6.34 27.60 -6.38
N CYS S 38 -6.53 26.29 -6.21
CA CYS S 38 -7.86 25.73 -5.92
C CYS S 38 -8.27 25.80 -4.45
N ALA S 39 -7.33 25.51 -3.55
CA ALA S 39 -7.60 25.38 -2.11
C ALA S 39 -8.39 26.52 -1.47
N ASN S 40 -9.33 26.14 -0.62
CA ASN S 40 -10.05 27.08 0.24
C ASN S 40 -9.23 27.16 1.53
N LYS S 41 -8.60 26.04 1.86
CA LYS S 41 -7.66 25.94 2.96
C LYS S 41 -6.53 25.03 2.49
N LEU S 42 -5.30 25.53 2.53
CA LEU S 42 -4.15 24.76 2.06
C LEU S 42 -3.30 24.18 3.20
N ILE S 43 -3.01 22.88 3.11
CA ILE S 43 -1.99 22.25 3.94
C ILE S 43 -0.93 21.73 2.99
N ARG S 44 0.32 22.12 3.21
CA ARG S 44 1.39 21.64 2.34
C ARG S 44 2.11 20.51 3.05
N CYS S 45 2.27 19.41 2.35
CA CYS S 45 3.00 18.26 2.82
C CYS S 45 3.90 17.80 1.69
N ASP S 46 4.66 18.76 1.15
CA ASP S 46 5.49 18.55 -0.04
C ASP S 46 6.50 17.36 0.04
N GLY S 47 6.68 16.78 1.23
CA GLY S 47 7.59 15.64 1.37
C GLY S 47 6.92 14.28 1.59
N VAL S 48 5.59 14.28 1.56
CA VAL S 48 4.81 13.08 1.81
C VAL S 48 4.15 12.59 0.52
N ASN S 49 4.13 11.26 0.35
CA ASN S 49 3.45 10.61 -0.77
C ASN S 49 2.04 10.27 -0.36
N ILE S 50 1.21 9.88 -1.32
CA ILE S 50 -0.21 9.74 -1.04
C ILE S 50 -0.63 8.40 -0.40
N PRO S 51 -0.09 7.26 -0.90
CA PRO S 51 -0.40 5.97 -0.24
C PRO S 51 -0.22 6.03 1.30
N GLU S 52 0.93 6.51 1.76
CA GLU S 52 1.22 6.66 3.18
C GLU S 52 0.23 7.55 3.92
N LEU S 53 -0.09 8.69 3.31
CA LEU S 53 -1.01 9.68 3.88
C LEU S 53 -2.43 9.13 3.92
N LEU S 54 -2.84 8.47 2.85
CA LEU S 54 -4.18 7.91 2.73
C LEU S 54 -4.42 6.86 3.78
N ASP S 55 -3.38 6.05 4.04
CA ASP S 55 -3.40 5.02 5.06
C ASP S 55 -3.74 5.62 6.43
N SER S 56 -2.98 6.65 6.81
CA SER S 56 -3.11 7.30 8.09
C SER S 56 -4.44 8.05 8.27
N ILE S 57 -4.93 8.63 7.18
CA ILE S 57 -6.18 9.37 7.24
C ILE S 57 -7.36 8.38 7.39
N LEU S 58 -7.34 7.29 6.63
CA LEU S 58 -8.39 6.26 6.74
C LEU S 58 -8.37 5.60 8.13
N TYR S 59 -7.17 5.57 8.73
CA TYR S 59 -6.99 5.11 10.08
C TYR S 59 -7.73 5.98 11.10
N LEU S 60 -7.73 7.29 10.90
CA LEU S 60 -8.33 8.23 11.84
C LEU S 60 -9.73 8.74 11.47
N MET S 61 -10.04 8.77 10.19
CA MET S 61 -11.26 9.42 9.72
C MET S 61 -12.18 8.43 9.00
N PRO S 62 -13.37 8.20 9.57
CA PRO S 62 -14.34 7.36 8.87
C PRO S 62 -14.79 8.04 7.57
N LEU S 63 -15.19 7.24 6.58
CA LEU S 63 -15.72 7.79 5.34
C LEU S 63 -17.23 7.91 5.43
N ASP S 64 -17.80 8.83 4.66
CA ASP S 64 -19.24 9.08 4.63
C ASP S 64 -19.96 7.89 3.98
N SER S 65 -20.83 7.25 4.75
CA SER S 65 -21.63 6.13 4.27
C SER S 65 -23.04 6.57 3.87
N TYR S 66 -23.28 7.87 3.93
CA TYR S 66 -24.57 8.44 3.58
C TYR S 66 -24.67 8.82 2.10
N VAL S 67 -23.57 8.69 1.38
CA VAL S 67 -23.55 8.85 -0.09
C VAL S 67 -23.08 7.57 -0.77
N ASP S 68 -23.34 7.47 -2.09
CA ASP S 68 -22.88 6.33 -2.90
C ASP S 68 -21.35 6.32 -3.12
N SER S 69 -20.73 7.49 -3.01
CA SER S 69 -19.30 7.64 -3.29
C SER S 69 -18.60 8.60 -2.31
N SER S 70 -17.74 8.05 -1.47
CA SER S 70 -17.03 8.86 -0.48
C SER S 70 -15.62 9.15 -0.96
N ILE S 71 -15.26 8.54 -2.09
CA ILE S 71 -13.94 8.64 -2.66
C ILE S 71 -14.04 8.94 -4.15
N GLN S 72 -13.25 9.94 -4.60
CA GLN S 72 -13.13 10.21 -6.02
C GLN S 72 -11.67 10.26 -6.47
N PHE S 73 -11.41 9.64 -7.62
CA PHE S 73 -10.13 9.70 -8.31
C PHE S 73 -10.32 10.64 -9.48
N MET S 74 -9.22 11.20 -10.00
CA MET S 74 -9.27 12.00 -11.21
C MET S 74 -9.02 11.11 -12.41
N ASN S 75 -10.01 11.03 -13.29
CA ASN S 75 -9.90 10.17 -14.45
C ASN S 75 -8.89 10.66 -15.46
N VAL S 76 -8.37 9.74 -16.25
CA VAL S 76 -7.40 10.04 -17.31
C VAL S 76 -8.04 10.59 -18.59
N VAL S 77 -7.27 11.43 -19.28
CA VAL S 77 -7.65 12.02 -20.56
C VAL S 77 -7.22 11.06 -21.67
N SER S 78 -7.99 11.00 -22.76
CA SER S 78 -7.73 10.15 -23.94
C SER S 78 -6.34 9.48 -24.02
N GLY S 79 -5.28 10.29 -24.17
CA GLY S 79 -3.89 9.80 -24.10
C GLY S 79 -3.58 9.38 -22.67
N ASP S 80 -3.95 8.14 -22.35
CA ASP S 80 -3.93 7.59 -20.99
C ASP S 80 -2.54 7.68 -20.29
N ASP S 81 -2.07 6.68 -19.55
CA ASP S 81 -2.71 5.37 -19.36
C ASP S 81 -3.23 5.25 -17.93
N ILE S 82 -4.05 4.22 -17.69
CA ILE S 82 -4.55 3.91 -16.35
C ILE S 82 -3.37 3.86 -15.35
N PRO S 83 -3.33 4.81 -14.41
CA PRO S 83 -2.15 4.96 -13.55
C PRO S 83 -1.95 3.81 -12.56
N LYS S 84 -0.71 3.34 -12.47
CA LYS S 84 -0.34 2.24 -11.59
C LYS S 84 -0.75 2.41 -10.12
N ILE S 85 -0.70 3.65 -9.64
CA ILE S 85 -0.95 3.99 -8.22
C ILE S 85 -2.38 3.72 -7.71
N TRP S 86 -3.35 3.74 -8.61
CA TRP S 86 -4.73 3.45 -8.25
C TRP S 86 -4.79 2.06 -7.65
N GLY S 87 -4.03 1.14 -8.25
CA GLY S 87 -3.89 -0.20 -7.71
C GLY S 87 -3.52 -0.11 -6.25
N THR S 88 -2.40 0.55 -5.98
CA THR S 88 -1.90 0.82 -4.62
C THR S 88 -2.95 1.49 -3.72
N TYR S 89 -3.79 2.36 -4.27
CA TYR S 89 -4.85 2.99 -3.50
C TYR S 89 -5.95 2.00 -3.17
N ARG S 90 -6.39 1.27 -4.20
CA ARG S 90 -7.50 0.32 -4.05
C ARG S 90 -7.15 -0.70 -2.99
N GLN S 91 -5.90 -1.15 -3.02
CA GLN S 91 -5.33 -2.00 -1.98
C GLN S 91 -5.36 -1.33 -0.59
N MET S 92 -4.97 -0.05 -0.54
CA MET S 92 -4.91 0.65 0.73
C MET S 92 -6.31 0.87 1.31
N ILE S 93 -7.27 1.21 0.45
CA ILE S 93 -8.65 1.47 0.86
C ILE S 93 -9.32 0.20 1.38
N GLU S 94 -9.33 -0.84 0.56
CA GLU S 94 -9.79 -2.16 0.96
C GLU S 94 -8.75 -2.78 1.91
N GLY S 95 -9.11 -2.94 3.17
CA GLY S 95 -8.09 -3.26 4.17
C GLY S 95 -8.20 -2.27 5.32
N HIS S 96 -8.88 -1.16 5.04
CA HIS S 96 -9.45 -0.33 6.07
C HIS S 96 -10.96 -0.61 6.13
N GLY S 97 -11.39 -1.55 5.27
CA GLY S 97 -12.75 -2.08 5.31
C GLY S 97 -13.79 -1.37 4.46
N THR S 98 -13.36 -0.37 3.70
CA THR S 98 -14.26 0.37 2.82
C THR S 98 -14.53 -0.43 1.55
N ASP S 99 -15.79 -0.46 1.13
CA ASP S 99 -16.15 -1.13 -0.11
C ASP S 99 -15.66 -0.29 -1.30
N LEU S 100 -14.90 -0.94 -2.19
CA LEU S 100 -14.28 -0.27 -3.32
C LEU S 100 -15.27 0.29 -4.33
N LYS S 101 -16.52 -0.18 -4.28
CA LYS S 101 -17.58 0.37 -5.12
C LYS S 101 -17.87 1.85 -4.81
N THR S 102 -17.35 2.36 -3.69
CA THR S 102 -17.54 3.78 -3.29
C THR S 102 -16.62 4.75 -4.06
N ILE S 103 -15.61 4.22 -4.71
CA ILE S 103 -14.72 5.02 -5.55
C ILE S 103 -15.44 5.36 -6.85
N THR S 104 -15.47 6.65 -7.19
CA THR S 104 -15.89 7.10 -8.52
C THR S 104 -14.81 7.93 -9.20
N TYR S 105 -14.98 8.12 -10.50
CA TYR S 105 -13.95 8.75 -11.33
C TYR S 105 -14.49 10.03 -11.94
N LEU S 106 -13.72 11.10 -11.78
CA LEU S 106 -14.15 12.43 -12.20
C LEU S 106 -13.27 12.91 -13.34
N ARG S 107 -13.89 13.54 -14.32
CA ARG S 107 -13.19 14.18 -15.40
C ARG S 107 -12.43 15.39 -14.82
N ARG S 108 -11.24 15.67 -15.37
CA ARG S 108 -10.33 16.71 -14.86
C ARG S 108 -10.99 18.01 -14.36
N GLU S 109 -11.94 18.52 -15.14
CA GLU S 109 -12.61 19.78 -14.84
C GLU S 109 -13.57 19.64 -13.68
N ASP S 110 -14.25 18.50 -13.60
CA ASP S 110 -15.18 18.23 -12.53
C ASP S 110 -14.46 18.05 -11.20
N PHE S 111 -13.25 17.50 -11.27
CA PHE S 111 -12.39 17.29 -10.11
C PHE S 111 -11.90 18.66 -9.61
N TYR S 112 -11.49 19.52 -10.54
CA TYR S 112 -11.10 20.88 -10.19
C TYR S 112 -12.20 21.58 -9.41
N GLU S 113 -13.42 21.53 -9.93
CA GLU S 113 -14.52 22.27 -9.33
C GLU S 113 -14.91 21.71 -7.98
N ARG S 114 -14.79 20.39 -7.81
CA ARG S 114 -15.10 19.79 -6.52
C ARG S 114 -14.02 20.09 -5.47
N SER S 115 -12.76 20.20 -5.90
CA SER S 115 -11.67 20.52 -4.99
C SER S 115 -11.81 21.94 -4.45
N LYS S 116 -12.51 22.79 -5.20
CA LYS S 116 -12.75 24.17 -4.77
C LYS S 116 -13.77 24.22 -3.64
N LYS S 117 -14.77 23.34 -3.71
CA LYS S 117 -15.82 23.27 -2.70
C LYS S 117 -15.37 22.45 -1.48
N ALA S 118 -14.22 21.79 -1.59
CA ALA S 118 -13.67 21.00 -0.49
C ALA S 118 -13.29 21.92 0.66
N TYR S 119 -13.26 21.37 1.87
CA TYR S 119 -12.84 22.12 3.04
C TYR S 119 -11.34 22.42 3.02
N ALA S 120 -10.55 21.47 2.52
CA ALA S 120 -9.09 21.62 2.46
C ALA S 120 -8.48 20.78 1.35
N ILE S 121 -7.33 21.23 0.86
CA ILE S 121 -6.55 20.46 -0.11
C ILE S 121 -5.19 20.31 0.51
N VAL S 122 -4.64 19.10 0.42
CA VAL S 122 -3.27 18.89 0.86
C VAL S 122 -2.33 18.59 -0.32
N ALA S 123 -1.37 19.50 -0.48
CA ALA S 123 -0.35 19.41 -1.52
C ALA S 123 0.69 18.42 -1.06
N THR S 124 0.80 17.31 -1.79
CA THR S 124 1.72 16.25 -1.42
C THR S 124 2.90 16.25 -2.39
N GLY S 125 3.90 15.43 -2.08
CA GLY S 125 5.04 15.24 -2.99
C GLY S 125 4.80 14.18 -4.06
N GLU S 126 3.63 13.55 -4.03
CA GLU S 126 3.33 12.43 -4.93
C GLU S 126 3.67 12.69 -6.40
N THR S 127 4.70 12.01 -6.88
CA THR S 127 5.19 12.18 -8.26
C THR S 127 4.34 11.48 -9.32
N SER S 128 3.50 10.51 -8.93
CA SER S 128 2.61 9.84 -9.88
C SER S 128 1.63 10.82 -10.49
N LEU S 129 1.36 10.67 -11.79
CA LEU S 129 0.35 11.45 -12.47
C LEU S 129 -1.03 10.86 -12.19
N TYR S 130 -2.04 11.71 -12.15
CA TYR S 130 -3.42 11.31 -11.81
C TYR S 130 -3.52 10.52 -10.50
N ALA S 131 -2.78 10.97 -9.49
CA ALA S 131 -2.76 10.35 -8.17
C ALA S 131 -3.69 11.07 -7.17
N ASN S 132 -4.54 11.95 -7.66
CA ASN S 132 -5.35 12.81 -6.79
C ASN S 132 -6.48 12.04 -6.13
N ILE S 133 -6.74 12.34 -4.86
CA ILE S 133 -7.86 11.75 -4.14
C ILE S 133 -8.73 12.81 -3.46
N ILE S 134 -10.05 12.64 -3.55
CA ILE S 134 -10.99 13.37 -2.69
C ILE S 134 -11.63 12.39 -1.72
N LEU S 135 -11.65 12.76 -0.44
CA LEU S 135 -12.28 11.94 0.59
C LEU S 135 -13.37 12.72 1.30
N LYS S 136 -14.47 12.03 1.58
CA LYS S 136 -15.61 12.60 2.29
C LYS S 136 -15.77 11.96 3.69
N LYS S 137 -15.71 12.80 4.73
CA LYS S 137 -15.75 12.35 6.12
C LYS S 137 -17.11 11.84 6.55
N GLY S 138 -17.11 10.74 7.30
CA GLY S 138 -18.33 10.17 7.86
C GLY S 138 -18.62 10.54 9.30
N VAL S 139 -19.47 9.74 9.93
CA VAL S 139 -19.85 9.94 11.32
C VAL S 139 -18.95 9.11 12.24
N VAL S 140 -18.61 9.68 13.41
CA VAL S 140 -17.87 8.96 14.43
C VAL S 140 -18.86 8.41 15.47
N VAL S 141 -18.84 7.08 15.61
CA VAL S 141 -19.81 6.31 16.44
C VAL S 141 -21.24 6.45 15.93
N LEU T 2 21.55 31.79 -4.92
CA LEU T 2 21.77 30.32 -4.81
C LEU T 2 22.38 29.73 -6.08
N LYS T 3 22.95 28.53 -5.95
CA LYS T 3 23.55 27.83 -7.08
C LYS T 3 22.47 27.16 -7.91
N HIS T 4 22.73 27.02 -9.21
CA HIS T 4 21.86 26.29 -10.15
C HIS T 4 20.44 26.85 -10.25
N ILE T 5 20.25 28.06 -9.75
CA ILE T 5 18.99 28.77 -9.86
C ILE T 5 19.24 30.04 -10.66
N PRO T 6 18.46 30.23 -11.75
CA PRO T 6 18.65 31.43 -12.59
C PRO T 6 18.62 32.70 -11.74
N LYS T 7 19.60 33.58 -11.96
CA LYS T 7 19.84 34.73 -11.10
C LYS T 7 18.77 35.81 -11.22
N ASN T 8 17.90 35.70 -12.22
CA ASN T 8 16.90 36.74 -12.46
C ASN T 8 15.48 36.42 -12.00
N ILE T 9 15.33 35.32 -11.28
CA ILE T 9 14.04 34.99 -10.69
C ILE T 9 14.14 35.29 -9.21
N SER T 10 13.33 36.24 -8.74
CA SER T 10 13.32 36.69 -7.34
C SER T 10 12.83 35.57 -6.41
N PRO T 11 13.02 35.74 -5.09
CA PRO T 11 12.54 34.73 -4.13
C PRO T 11 11.02 34.53 -4.13
N ASP T 12 10.24 35.61 -4.21
CA ASP T 12 8.79 35.44 -4.23
C ASP T 12 8.29 34.84 -5.56
N LEU T 13 8.91 35.21 -6.66
CA LEU T 13 8.57 34.62 -7.94
C LEU T 13 8.89 33.11 -8.00
N LEU T 14 9.98 32.71 -7.35
CA LEU T 14 10.36 31.29 -7.39
C LEU T 14 9.38 30.47 -6.57
N LYS T 15 9.08 30.92 -5.35
CA LYS T 15 8.00 30.34 -4.56
C LYS T 15 6.70 30.19 -5.38
N THR T 16 6.37 31.23 -6.15
CA THR T 16 5.12 31.26 -6.87
C THR T 16 5.08 30.18 -7.96
N LEU T 17 6.10 30.17 -8.81
CA LEU T 17 6.19 29.21 -9.92
C LEU T 17 6.13 27.80 -9.40
N MET T 18 6.64 27.61 -8.18
CA MET T 18 6.68 26.31 -7.53
C MET T 18 5.31 25.85 -7.04
N GLU T 19 4.56 26.76 -6.46
CA GLU T 19 3.25 26.41 -5.91
C GLU T 19 2.17 26.39 -6.99
N MET T 20 2.50 26.93 -8.16
CA MET T 20 1.64 26.74 -9.34
C MET T 20 1.68 25.26 -9.70
N GLY T 21 0.54 24.75 -10.16
CA GLY T 21 0.41 23.38 -10.62
C GLY T 21 -0.04 23.37 -12.06
N HIS T 22 -0.64 22.27 -12.48
CA HIS T 22 -1.00 22.07 -13.89
C HIS T 22 -2.26 22.84 -14.26
N GLY T 23 -2.11 23.77 -15.20
CA GLY T 23 -3.21 24.61 -15.65
C GLY T 23 -3.21 26.02 -15.08
N ASP T 24 -2.40 26.25 -14.06
CA ASP T 24 -2.24 27.59 -13.49
C ASP T 24 -1.55 28.47 -14.52
N GLU T 25 -2.01 29.71 -14.59
CA GLU T 25 -1.44 30.66 -15.53
C GLU T 25 -0.78 31.81 -14.80
N ILE T 26 0.28 32.34 -15.42
CA ILE T 26 1.05 33.46 -14.88
C ILE T 26 1.27 34.45 -16.00
N VAL T 27 1.12 35.72 -15.65
CA VAL T 27 1.20 36.84 -16.59
C VAL T 27 2.54 37.51 -16.39
N LEU T 28 3.31 37.62 -17.47
CA LEU T 28 4.49 38.46 -17.49
C LEU T 28 4.01 39.73 -18.15
N ALA T 29 3.97 40.82 -17.38
CA ALA T 29 3.36 42.04 -17.87
C ALA T 29 4.41 43.14 -18.06
N ASP T 30 4.33 43.85 -19.18
CA ASP T 30 5.27 44.93 -19.46
C ASP T 30 5.01 46.13 -18.53
N ALA T 31 5.85 47.16 -18.64
CA ALA T 31 5.82 48.27 -17.68
C ALA T 31 4.55 49.13 -17.75
N ASN T 32 3.84 49.08 -18.88
CA ASN T 32 2.64 49.88 -19.04
C ASN T 32 1.40 49.18 -18.56
N TYR T 33 1.51 47.86 -18.36
CA TYR T 33 0.36 47.04 -18.04
C TYR T 33 -0.18 47.41 -16.64
N PRO T 34 -1.51 47.40 -16.47
CA PRO T 34 -2.11 47.60 -15.16
C PRO T 34 -2.03 46.32 -14.32
N SER T 35 -0.81 45.92 -14.00
CA SER T 35 -0.54 44.71 -13.24
C SER T 35 -1.19 44.78 -11.86
N ALA T 36 -0.85 45.84 -11.11
CA ALA T 36 -1.35 45.99 -9.74
C ALA T 36 -2.89 45.94 -9.64
N SER T 37 -3.58 46.67 -10.51
CA SER T 37 -5.04 46.68 -10.47
C SER T 37 -5.65 45.35 -10.90
N CYS T 38 -5.00 44.63 -11.83
CA CYS T 38 -5.52 43.34 -12.30
C CYS T 38 -5.10 42.13 -11.45
N ALA T 39 -4.00 42.22 -10.72
CA ALA T 39 -3.40 41.02 -10.12
C ALA T 39 -4.16 40.41 -8.95
N ASN T 40 -4.53 39.14 -9.08
CA ASN T 40 -5.03 38.36 -7.94
C ASN T 40 -3.90 38.22 -6.93
N LYS T 41 -2.70 38.00 -7.47
CA LYS T 41 -1.45 37.93 -6.72
C LYS T 41 -0.42 38.72 -7.53
N LEU T 42 0.24 39.67 -6.86
CA LEU T 42 1.23 40.55 -7.48
C LEU T 42 2.66 40.27 -7.03
N ILE T 43 3.54 40.09 -8.02
CA ILE T 43 4.99 40.03 -7.84
C ILE T 43 5.60 41.14 -8.68
N ARG T 44 6.37 42.02 -8.06
CA ARG T 44 7.02 43.11 -8.77
C ARG T 44 8.45 42.77 -9.16
N CYS T 45 8.81 43.05 -10.41
CA CYS T 45 10.18 42.93 -10.89
C CYS T 45 10.49 44.06 -11.89
N ASP T 46 10.31 45.30 -11.43
CA ASP T 46 10.44 46.52 -12.23
C ASP T 46 11.81 46.66 -12.89
N GLY T 47 12.82 46.01 -12.32
CA GLY T 47 14.18 46.08 -12.88
C GLY T 47 14.49 45.09 -13.98
N VAL T 48 13.52 44.23 -14.28
CA VAL T 48 13.73 43.09 -15.18
C VAL T 48 12.93 43.26 -16.47
N ASN T 49 13.57 42.92 -17.59
CA ASN T 49 12.91 42.93 -18.90
C ASN T 49 12.25 41.57 -19.16
N ILE T 50 11.30 41.50 -20.08
CA ILE T 50 10.56 40.25 -20.28
C ILE T 50 11.37 39.06 -20.87
N PRO T 51 12.03 39.25 -22.03
CA PRO T 51 12.76 38.14 -22.69
C PRO T 51 13.70 37.36 -21.76
N GLU T 52 14.50 38.06 -20.97
CA GLU T 52 15.45 37.39 -20.08
C GLU T 52 14.70 36.58 -19.02
N LEU T 53 13.55 37.11 -18.60
CA LEU T 53 12.71 36.47 -17.60
C LEU T 53 11.92 35.29 -18.17
N LEU T 54 11.39 35.45 -19.37
CA LEU T 54 10.73 34.35 -20.07
C LEU T 54 11.66 33.15 -20.20
N ASP T 55 12.92 33.43 -20.56
CA ASP T 55 13.93 32.41 -20.85
C ASP T 55 14.17 31.54 -19.63
N SER T 56 14.36 32.18 -18.48
CA SER T 56 14.54 31.50 -17.20
C SER T 56 13.29 30.76 -16.76
N ILE T 57 12.13 31.39 -16.87
CA ILE T 57 10.87 30.73 -16.51
C ILE T 57 10.64 29.45 -17.32
N LEU T 58 10.78 29.55 -18.65
CA LEU T 58 10.63 28.40 -19.55
C LEU T 58 11.67 27.31 -19.33
N TYR T 59 12.82 27.68 -18.76
CA TYR T 59 13.82 26.71 -18.38
C TYR T 59 13.41 25.87 -17.18
N LEU T 60 12.67 26.48 -16.25
CA LEU T 60 12.25 25.81 -15.01
C LEU T 60 10.85 25.22 -15.13
N MET T 61 9.99 25.85 -15.93
CA MET T 61 8.56 25.50 -15.93
C MET T 61 8.06 24.98 -17.28
N PRO T 62 7.62 23.71 -17.32
CA PRO T 62 7.05 23.19 -18.55
C PRO T 62 5.72 23.85 -18.82
N LEU T 63 5.38 23.98 -20.11
CA LEU T 63 4.15 24.59 -20.55
C LEU T 63 3.05 23.55 -20.79
N ASP T 64 1.81 23.96 -20.58
CA ASP T 64 0.67 23.04 -20.62
C ASP T 64 0.45 22.44 -22.01
N SER T 65 0.78 21.16 -22.13
CA SER T 65 0.60 20.42 -23.38
C SER T 65 -0.85 19.95 -23.57
N TYR T 66 -1.62 19.93 -22.48
CA TYR T 66 -2.99 19.40 -22.45
C TYR T 66 -4.04 20.34 -23.03
N VAL T 67 -3.58 21.47 -23.58
CA VAL T 67 -4.48 22.44 -24.21
C VAL T 67 -3.84 22.88 -25.53
N ASP T 68 -4.65 23.38 -26.46
CA ASP T 68 -4.14 23.84 -27.76
C ASP T 68 -3.22 25.05 -27.64
N SER T 69 -3.56 25.96 -26.72
CA SER T 69 -2.80 27.18 -26.53
C SER T 69 -2.35 27.38 -25.09
N SER T 70 -1.04 27.43 -24.88
CA SER T 70 -0.48 27.66 -23.55
C SER T 70 0.27 29.01 -23.39
N ILE T 71 0.33 29.80 -24.48
CA ILE T 71 0.96 31.12 -24.46
C ILE T 71 0.04 32.12 -25.15
N GLN T 72 -0.13 33.30 -24.56
CA GLN T 72 -0.93 34.35 -25.20
C GLN T 72 -0.28 35.73 -25.13
N PHE T 73 -0.28 36.42 -26.26
CA PHE T 73 0.15 37.81 -26.28
C PHE T 73 -1.10 38.67 -26.39
N MET T 74 -0.96 39.95 -26.08
CA MET T 74 -1.99 40.94 -26.31
C MET T 74 -1.87 41.47 -27.74
N ASN T 75 -2.95 41.36 -28.50
CA ASN T 75 -2.95 41.78 -29.90
C ASN T 75 -2.87 43.29 -30.08
N VAL T 76 -2.28 43.71 -31.19
CA VAL T 76 -2.16 45.12 -31.54
C VAL T 76 -3.52 45.64 -32.00
N VAL T 77 -3.64 46.96 -32.13
CA VAL T 77 -4.83 47.60 -32.74
C VAL T 77 -5.42 46.93 -34.00
N SER T 78 -4.61 46.11 -34.69
CA SER T 78 -5.03 45.13 -35.75
C SER T 78 -3.83 44.33 -36.36
N GLY T 79 -2.75 45.00 -36.76
CA GLY T 79 -2.59 46.46 -36.62
C GLY T 79 -1.28 47.02 -37.14
N ASP T 80 -0.42 46.14 -37.65
CA ASP T 80 0.89 46.49 -38.26
C ASP T 80 1.93 47.05 -37.27
N ASP T 81 1.46 47.71 -36.20
CA ASP T 81 2.35 48.10 -35.07
C ASP T 81 2.88 46.83 -34.41
N ILE T 82 2.86 45.72 -35.15
CA ILE T 82 3.34 44.41 -34.70
C ILE T 82 4.66 44.57 -33.96
N PRO T 83 4.71 44.14 -32.69
CA PRO T 83 5.91 44.42 -31.89
C PRO T 83 7.09 43.54 -32.31
N LYS T 84 8.24 44.17 -32.48
CA LYS T 84 9.50 43.49 -32.82
C LYS T 84 9.87 42.43 -31.79
N ILE T 85 9.58 42.72 -30.51
CA ILE T 85 9.90 41.82 -29.40
C ILE T 85 9.32 40.42 -29.55
N TRP T 86 8.22 40.29 -30.27
CA TRP T 86 7.58 38.98 -30.48
C TRP T 86 8.54 37.98 -31.10
N GLY T 87 9.30 38.41 -32.10
CA GLY T 87 10.37 37.60 -32.67
C GLY T 87 11.34 37.07 -31.64
N THR T 88 11.74 37.93 -30.71
CA THR T 88 12.55 37.52 -29.56
C THR T 88 11.83 36.48 -28.68
N TYR T 89 10.54 36.68 -28.44
CA TYR T 89 9.75 35.70 -27.71
C TYR T 89 9.66 34.37 -28.46
N ARG T 90 9.47 34.41 -29.79
CA ARG T 90 9.29 33.18 -30.56
C ARG T 90 10.57 32.34 -30.53
N GLN T 91 11.70 33.04 -30.61
CA GLN T 91 13.03 32.42 -30.57
C GLN T 91 13.18 31.57 -29.31
N MET T 92 12.79 32.15 -28.19
CA MET T 92 12.94 31.51 -26.89
C MET T 92 11.98 30.36 -26.66
N ILE T 93 10.74 30.53 -27.13
CA ILE T 93 9.73 29.48 -27.05
C ILE T 93 10.17 28.23 -27.80
N GLU T 94 10.48 28.35 -29.09
CA GLU T 94 10.97 27.21 -29.90
C GLU T 94 12.28 26.68 -29.32
N GLY T 95 13.17 27.59 -28.94
CA GLY T 95 14.44 27.20 -28.35
C GLY T 95 14.24 26.34 -27.12
N HIS T 96 13.10 26.50 -26.46
CA HIS T 96 12.77 25.70 -25.29
C HIS T 96 11.93 24.48 -25.64
N GLY T 97 11.72 24.25 -26.93
CA GLY T 97 11.13 22.99 -27.39
C GLY T 97 9.63 23.02 -27.46
N THR T 98 9.07 24.21 -27.65
CA THR T 98 7.62 24.36 -27.69
C THR T 98 7.19 24.81 -29.06
N ASP T 99 6.27 24.05 -29.65
CA ASP T 99 5.68 24.36 -30.95
C ASP T 99 5.03 25.75 -30.90
N LEU T 100 5.47 26.62 -31.82
CA LEU T 100 5.04 28.03 -31.90
C LEU T 100 3.57 28.25 -32.29
N LYS T 101 2.88 27.17 -32.67
CA LYS T 101 1.45 27.26 -32.99
C LYS T 101 0.59 27.35 -31.72
N THR T 102 1.21 27.11 -30.56
CA THR T 102 0.52 27.23 -29.26
C THR T 102 0.30 28.71 -28.87
N ILE T 103 1.08 29.61 -29.47
CA ILE T 103 0.91 31.04 -29.28
C ILE T 103 -0.43 31.47 -29.86
N THR T 104 -1.24 32.20 -29.08
CA THR T 104 -2.46 32.83 -29.58
C THR T 104 -2.56 34.30 -29.18
N TYR T 105 -3.43 35.04 -29.86
CA TYR T 105 -3.49 36.49 -29.72
C TYR T 105 -4.87 36.93 -29.27
N LEU T 106 -4.90 37.78 -28.25
CA LEU T 106 -6.15 38.19 -27.63
C LEU T 106 -6.30 39.71 -27.66
N ARG T 107 -7.52 40.16 -27.93
CA ARG T 107 -7.88 41.57 -27.84
C ARG T 107 -7.68 42.09 -26.41
N ARG T 108 -7.41 43.39 -26.29
CA ARG T 108 -7.08 43.99 -24.99
C ARG T 108 -8.04 43.59 -23.87
N GLU T 109 -9.34 43.76 -24.11
CA GLU T 109 -10.38 43.48 -23.11
C GLU T 109 -10.38 42.01 -22.67
N ASP T 110 -10.16 41.10 -23.61
CA ASP T 110 -10.03 39.67 -23.30
C ASP T 110 -8.74 39.35 -22.54
N PHE T 111 -7.67 40.08 -22.85
CA PHE T 111 -6.41 39.88 -22.16
C PHE T 111 -6.51 40.35 -20.71
N TYR T 112 -7.15 41.50 -20.48
CA TYR T 112 -7.36 41.99 -19.12
C TYR T 112 -8.04 40.92 -18.29
N GLU T 113 -9.08 40.32 -18.89
CA GLU T 113 -9.93 39.36 -18.22
C GLU T 113 -9.24 38.05 -17.87
N ARG T 114 -8.42 37.53 -18.79
CA ARG T 114 -7.68 36.31 -18.49
C ARG T 114 -6.67 36.59 -17.38
N SER T 115 -5.97 37.72 -17.47
CA SER T 115 -4.98 38.12 -16.45
C SER T 115 -5.57 38.19 -15.05
N LYS T 116 -6.84 38.53 -14.95
CA LYS T 116 -7.54 38.59 -13.66
C LYS T 116 -7.71 37.19 -13.05
N LYS T 117 -7.94 36.21 -13.93
CA LYS T 117 -8.10 34.79 -13.54
C LYS T 117 -6.77 34.04 -13.41
N ALA T 118 -5.66 34.70 -13.75
CA ALA T 118 -4.35 34.10 -13.60
C ALA T 118 -3.97 34.01 -12.13
N TYR T 119 -3.18 32.99 -11.79
CA TYR T 119 -2.71 32.81 -10.43
C TYR T 119 -1.89 34.01 -9.98
N ALA T 120 -1.00 34.47 -10.86
CA ALA T 120 -0.09 35.56 -10.53
C ALA T 120 0.22 36.43 -11.74
N ILE T 121 0.47 37.70 -11.49
CA ILE T 121 0.99 38.61 -12.49
C ILE T 121 2.30 39.17 -11.99
N VAL T 122 3.32 39.12 -12.84
CA VAL T 122 4.56 39.77 -12.53
C VAL T 122 4.70 41.05 -13.36
N ALA T 123 4.87 42.15 -12.63
CA ALA T 123 4.99 43.48 -13.19
C ALA T 123 6.45 43.74 -13.44
N THR T 124 6.80 43.94 -14.71
CA THR T 124 8.18 44.05 -15.14
C THR T 124 8.49 45.44 -15.66
N GLY T 125 9.76 45.72 -15.87
CA GLY T 125 10.19 46.98 -16.45
C GLY T 125 10.36 46.96 -17.96
N GLU T 126 9.67 46.05 -18.64
CA GLU T 126 9.77 45.97 -20.09
C GLU T 126 9.13 47.22 -20.71
N THR T 127 9.89 47.91 -21.57
CA THR T 127 9.43 49.19 -22.12
C THR T 127 8.74 49.05 -23.48
N SER T 128 8.86 47.88 -24.12
CA SER T 128 8.14 47.61 -25.36
C SER T 128 6.63 47.62 -25.10
N LEU T 129 5.88 48.18 -26.04
CA LEU T 129 4.44 48.12 -26.05
C LEU T 129 3.98 46.71 -26.44
N TYR T 130 2.86 46.28 -25.89
CA TYR T 130 2.30 44.97 -26.24
C TYR T 130 3.28 43.80 -26.03
N ALA T 131 3.98 43.83 -24.90
CA ALA T 131 5.01 42.84 -24.64
C ALA T 131 4.53 41.78 -23.62
N ASN T 132 3.27 41.90 -23.23
CA ASN T 132 2.66 41.00 -22.28
C ASN T 132 2.60 39.56 -22.75
N ILE T 133 2.85 38.64 -21.84
CA ILE T 133 2.74 37.21 -22.11
C ILE T 133 1.95 36.54 -20.98
N ILE T 134 1.13 35.55 -21.36
CA ILE T 134 0.49 34.66 -20.38
C ILE T 134 0.99 33.24 -20.62
N LEU T 135 1.56 32.61 -19.59
CA LEU T 135 2.05 31.24 -19.71
C LEU T 135 1.17 30.30 -18.88
N LYS T 136 0.78 29.17 -19.49
CA LYS T 136 0.01 28.13 -18.80
C LYS T 136 0.95 27.00 -18.43
N LYS T 137 0.95 26.63 -17.13
CA LYS T 137 1.90 25.64 -16.60
C LYS T 137 1.51 24.20 -16.93
N GLY T 138 2.50 23.40 -17.31
CA GLY T 138 2.28 21.99 -17.63
C GLY T 138 2.80 21.02 -16.60
N VAL T 139 2.97 19.76 -17.02
CA VAL T 139 3.26 18.66 -16.11
C VAL T 139 4.77 18.44 -15.93
N VAL T 140 5.19 18.22 -14.69
CA VAL T 140 6.60 17.90 -14.40
C VAL T 140 6.79 16.39 -14.32
N VAL T 141 7.23 15.79 -15.43
CA VAL T 141 7.56 14.37 -15.47
C VAL T 141 9.06 14.16 -15.30
#